data_6TWM
#
_entry.id   6TWM
#
_cell.length_a   76.667
_cell.length_b   145.949
_cell.length_c   164.116
_cell.angle_alpha   90.000
_cell.angle_beta   92.301
_cell.angle_gamma   90.000
#
_symmetry.space_group_name_H-M   'P 1 21 1'
#
loop_
_entity.id
_entity.type
_entity.pdbx_description
1 polymer 'N-acetyl-L-2,4-diaminobutyric acid deacetylase'
2 non-polymer 'ZINC ION'
3 non-polymer '2,4-DIAMINOBUTYRIC ACID'
4 non-polymer 'ACETATE ION'
5 water water
#
_entity_poly.entity_id   1
_entity_poly.type   'polypeptide(L)'
_entity_poly.pdbx_seq_one_letter_code
;MGHHHHHHQKNPISPTIPLDRDGVFHGFLKLPHSRDDSAWGSVMIPLTVIKNGAGPTALLTGANHGDEYEGPVALHELAA
TTSAEDVTGRLIIVPAFNYPAFRAGSRTSPIDRGNLNRSFPGRPDGTVTEKIADYFQRTLLPMADLAVDFHSGGKTLDFV
PFAAAHILEDKATQAACFAAMKAFNAPYSVELLEIDSAGMYDTAVEEMGKVLVTTELGGGGSSSARSNAIAKKGLRNVLI
HAGILKGEMQLDETVNLTMPDDDCFVFSEGDGLFEMMIDLGAPVAKGDLLARVWPLDRTGQPPVEYRARRAGLVISRHFP
GLIKSGDCVAVVGVTGA
;
_entity_poly.pdbx_strand_id   A,B,C,D,E,F,G,H,I,J,K,L
#
# COMPACT_ATOMS: atom_id res chain seq x y z
N LYS A 10 -23.12 -39.95 -16.31
CA LYS A 10 -24.12 -40.02 -15.25
C LYS A 10 -23.76 -39.08 -14.10
N ASN A 11 -24.49 -37.97 -14.01
CA ASN A 11 -24.29 -37.03 -12.90
C ASN A 11 -24.81 -37.65 -11.62
N PRO A 12 -24.03 -37.63 -10.53
CA PRO A 12 -24.46 -38.30 -9.29
C PRO A 12 -25.67 -37.68 -8.61
N ILE A 13 -26.12 -36.49 -9.02
CA ILE A 13 -27.30 -35.90 -8.41
C ILE A 13 -28.54 -36.69 -8.79
N SER A 14 -29.42 -36.91 -7.81
CA SER A 14 -30.70 -37.55 -8.05
C SER A 14 -31.72 -36.85 -7.15
N PRO A 15 -32.88 -36.47 -7.69
CA PRO A 15 -33.88 -35.79 -6.88
C PRO A 15 -34.49 -36.71 -5.84
N THR A 16 -34.95 -36.11 -4.74
CA THR A 16 -35.71 -36.82 -3.72
C THR A 16 -37.20 -36.86 -4.02
N ILE A 17 -37.64 -36.22 -5.10
CA ILE A 17 -39.04 -36.16 -5.47
C ILE A 17 -39.14 -36.45 -6.96
N PRO A 18 -40.30 -36.90 -7.44
CA PRO A 18 -40.47 -37.06 -8.88
C PRO A 18 -40.47 -35.71 -9.58
N LEU A 19 -40.06 -35.73 -10.84
CA LEU A 19 -40.03 -34.54 -11.67
C LEU A 19 -41.13 -34.53 -12.72
N ASP A 20 -41.93 -35.60 -12.81
CA ASP A 20 -42.84 -35.78 -13.93
C ASP A 20 -44.25 -36.21 -13.49
N ARG A 21 -44.59 -36.01 -12.22
CA ARG A 21 -45.90 -36.40 -11.71
C ARG A 21 -46.72 -35.16 -11.38
N ASP A 22 -48.03 -35.28 -11.54
CA ASP A 22 -48.94 -34.21 -11.15
C ASP A 22 -48.91 -34.01 -9.65
N GLY A 23 -48.93 -32.75 -9.22
CA GLY A 23 -49.00 -32.40 -7.82
C GLY A 23 -47.97 -31.37 -7.43
N VAL A 24 -47.86 -31.13 -6.14
CA VAL A 24 -46.89 -30.21 -5.57
C VAL A 24 -45.91 -31.02 -4.74
N PHE A 25 -44.62 -30.90 -5.07
CA PHE A 25 -43.59 -31.68 -4.41
C PHE A 25 -42.54 -30.75 -3.83
N HIS A 26 -42.19 -30.98 -2.56
CA HIS A 26 -41.10 -30.27 -1.90
C HIS A 26 -40.05 -31.30 -1.51
N GLY A 27 -38.88 -31.21 -2.14
CA GLY A 27 -37.81 -32.14 -1.88
C GLY A 27 -36.46 -31.52 -2.16
N PHE A 28 -35.45 -32.33 -2.45
CA PHE A 28 -34.11 -31.81 -2.67
C PHE A 28 -33.43 -32.52 -3.83
N LEU A 29 -32.51 -31.81 -4.46
CA LEU A 29 -31.53 -32.41 -5.36
C LEU A 29 -30.34 -32.82 -4.49
N LYS A 30 -30.17 -34.12 -4.29
CA LYS A 30 -29.19 -34.65 -3.36
C LYS A 30 -27.87 -34.88 -4.09
N LEU A 31 -26.91 -33.99 -3.88
CA LEU A 31 -25.59 -34.09 -4.48
C LEU A 31 -24.63 -34.68 -3.46
N PRO A 32 -24.13 -35.90 -3.68
CA PRO A 32 -23.20 -36.49 -2.70
C PRO A 32 -21.96 -35.63 -2.54
N HIS A 33 -21.51 -35.51 -1.29
CA HIS A 33 -20.35 -34.66 -0.98
C HIS A 33 -19.65 -35.26 0.24
N SER A 34 -18.56 -35.99 -0.01
CA SER A 34 -17.71 -36.50 1.07
C SER A 34 -16.71 -35.42 1.46
N ARG A 35 -16.65 -35.10 2.75
CA ARG A 35 -15.83 -33.99 3.21
C ARG A 35 -15.47 -34.21 4.68
N ASP A 36 -14.69 -33.27 5.23
CA ASP A 36 -14.16 -33.44 6.58
C ASP A 36 -15.29 -33.54 7.60
N ASP A 37 -16.30 -32.66 7.50
CA ASP A 37 -17.35 -32.64 8.50
C ASP A 37 -18.52 -33.56 8.16
N SER A 38 -18.47 -34.29 7.04
CA SER A 38 -19.49 -35.30 6.75
C SER A 38 -18.92 -36.28 5.74
N ALA A 39 -18.62 -37.51 6.18
CA ALA A 39 -17.95 -38.48 5.32
C ALA A 39 -18.90 -39.07 4.28
N TRP A 40 -20.15 -39.32 4.66
CA TRP A 40 -21.19 -39.79 3.75
C TRP A 40 -22.23 -38.71 3.55
N GLY A 41 -21.79 -37.46 3.47
CA GLY A 41 -22.69 -36.32 3.43
C GLY A 41 -23.17 -36.00 2.04
N SER A 42 -24.05 -35.00 1.98
CA SER A 42 -24.66 -34.57 0.73
C SER A 42 -24.94 -33.09 0.79
N VAL A 43 -25.00 -32.47 -0.39
CA VAL A 43 -25.58 -31.14 -0.52
C VAL A 43 -27.04 -31.34 -0.90
N MET A 44 -27.95 -30.87 -0.03
CA MET A 44 -29.38 -31.05 -0.22
C MET A 44 -29.93 -29.75 -0.80
N ILE A 45 -29.90 -29.64 -2.13
CA ILE A 45 -30.36 -28.44 -2.83
C ILE A 45 -31.88 -28.42 -2.82
N PRO A 46 -32.51 -27.50 -2.09
CA PRO A 46 -33.97 -27.50 -2.00
C PRO A 46 -34.60 -27.15 -3.34
N LEU A 47 -35.67 -27.86 -3.67
CA LEU A 47 -36.42 -27.55 -4.88
C LEU A 47 -37.88 -27.95 -4.71
N THR A 48 -38.73 -27.34 -5.53
CA THR A 48 -40.15 -27.64 -5.57
C THR A 48 -40.54 -27.89 -7.02
N VAL A 49 -41.24 -28.99 -7.26
CA VAL A 49 -41.84 -29.28 -8.55
C VAL A 49 -43.35 -29.17 -8.40
N ILE A 50 -43.97 -28.36 -9.26
CA ILE A 50 -45.42 -28.25 -9.35
C ILE A 50 -45.80 -28.55 -10.79
N LYS A 51 -46.58 -29.61 -10.99
CA LYS A 51 -46.98 -30.06 -12.31
C LYS A 51 -48.47 -30.34 -12.34
N ASN A 52 -49.10 -29.97 -13.45
CA ASN A 52 -50.53 -30.24 -13.62
C ASN A 52 -50.80 -30.36 -15.12
N GLY A 53 -51.05 -31.59 -15.57
CA GLY A 53 -51.39 -31.84 -16.95
C GLY A 53 -50.27 -31.48 -17.90
N ALA A 54 -50.66 -31.16 -19.13
CA ALA A 54 -49.72 -30.87 -20.20
C ALA A 54 -49.56 -29.37 -20.38
N GLY A 55 -48.33 -28.95 -20.68
CA GLY A 55 -48.02 -27.56 -20.90
C GLY A 55 -46.52 -27.35 -20.86
N PRO A 56 -46.07 -26.12 -21.14
CA PRO A 56 -44.63 -25.84 -21.11
C PRO A 56 -44.06 -25.97 -19.70
N THR A 57 -42.75 -26.19 -19.64
CA THR A 57 -42.02 -26.36 -18.40
C THR A 57 -41.07 -25.19 -18.20
N ALA A 58 -41.15 -24.55 -17.04
CA ALA A 58 -40.26 -23.45 -16.67
C ALA A 58 -39.30 -23.91 -15.60
N LEU A 59 -38.00 -23.66 -15.81
CA LEU A 59 -36.97 -23.96 -14.84
C LEU A 59 -36.56 -22.64 -14.18
N LEU A 60 -36.88 -22.51 -12.90
CA LEU A 60 -36.79 -21.23 -12.19
C LEU A 60 -35.68 -21.30 -11.15
N THR A 61 -34.66 -20.46 -11.32
CA THR A 61 -33.48 -20.50 -10.47
C THR A 61 -33.25 -19.15 -9.83
N GLY A 62 -32.94 -19.17 -8.53
CA GLY A 62 -32.47 -17.99 -7.84
C GLY A 62 -31.17 -18.31 -7.13
N ALA A 63 -30.45 -17.25 -6.78
CA ALA A 63 -29.16 -17.37 -6.09
C ALA A 63 -28.16 -18.20 -6.90
N ASN A 64 -28.16 -18.00 -8.22
CA ASN A 64 -27.02 -18.42 -9.03
C ASN A 64 -25.73 -17.94 -8.38
N HIS A 65 -25.68 -16.66 -8.03
CA HIS A 65 -24.70 -16.14 -7.09
C HIS A 65 -25.37 -16.01 -5.72
N GLY A 66 -24.64 -16.38 -4.67
CA GLY A 66 -25.28 -16.65 -3.39
C GLY A 66 -25.84 -15.43 -2.69
N ASP A 67 -25.25 -14.26 -2.89
CA ASP A 67 -25.60 -13.06 -2.14
C ASP A 67 -26.57 -12.16 -2.89
N GLU A 68 -27.50 -12.76 -3.64
CA GLU A 68 -28.48 -12.03 -4.42
C GLU A 68 -29.86 -12.60 -4.13
N TYR A 69 -30.76 -11.77 -3.61
CA TYR A 69 -31.87 -12.27 -2.79
C TYR A 69 -33.27 -12.02 -3.35
N GLU A 70 -33.46 -11.06 -4.25
CA GLU A 70 -34.81 -10.82 -4.77
C GLU A 70 -35.40 -12.07 -5.40
N GLY A 71 -34.58 -12.82 -6.14
CA GLY A 71 -35.00 -14.05 -6.75
C GLY A 71 -35.42 -15.12 -5.76
N PRO A 72 -34.51 -15.52 -4.86
CA PRO A 72 -34.87 -16.54 -3.86
C PRO A 72 -36.11 -16.21 -3.06
N VAL A 73 -36.36 -14.91 -2.80
CA VAL A 73 -37.57 -14.51 -2.08
C VAL A 73 -38.81 -14.82 -2.92
N ALA A 74 -38.78 -14.47 -4.20
CA ALA A 74 -39.93 -14.72 -5.07
C ALA A 74 -40.15 -16.20 -5.28
N LEU A 75 -39.07 -16.96 -5.48
CA LEU A 75 -39.21 -18.39 -5.77
C LEU A 75 -39.67 -19.16 -4.53
N HIS A 76 -39.22 -18.74 -3.35
CA HIS A 76 -39.72 -19.37 -2.12
C HIS A 76 -41.22 -19.13 -1.96
N GLU A 77 -41.68 -17.91 -2.24
CA GLU A 77 -43.10 -17.63 -2.16
C GLU A 77 -43.87 -18.44 -3.20
N LEU A 78 -43.35 -18.50 -4.43
CA LEU A 78 -44.01 -19.26 -5.48
C LEU A 78 -44.09 -20.74 -5.12
N ALA A 79 -43.02 -21.29 -4.58
CA ALA A 79 -43.02 -22.71 -4.22
C ALA A 79 -44.00 -23.00 -3.09
N ALA A 80 -44.31 -22.01 -2.26
CA ALA A 80 -45.10 -22.21 -1.05
C ALA A 80 -46.54 -21.76 -1.20
N THR A 81 -46.88 -20.98 -2.23
CA THR A 81 -48.22 -20.41 -2.36
C THR A 81 -48.91 -20.81 -3.66
N THR A 82 -48.31 -21.68 -4.47
CA THR A 82 -48.88 -22.07 -5.75
C THR A 82 -49.48 -23.46 -5.65
N SER A 83 -50.76 -23.58 -5.99
CA SER A 83 -51.39 -24.88 -6.07
C SER A 83 -51.15 -25.49 -7.44
N ALA A 84 -51.22 -26.82 -7.49
CA ALA A 84 -51.09 -27.52 -8.78
C ALA A 84 -52.17 -27.07 -9.75
N GLU A 85 -53.38 -26.80 -9.23
CA GLU A 85 -54.48 -26.41 -10.11
C GLU A 85 -54.24 -25.08 -10.80
N ASP A 86 -53.38 -24.22 -10.23
CA ASP A 86 -53.06 -22.95 -10.86
C ASP A 86 -52.17 -23.11 -12.08
N VAL A 87 -51.62 -24.29 -12.32
CA VAL A 87 -50.58 -24.50 -13.31
C VAL A 87 -51.13 -25.35 -14.45
N THR A 88 -50.83 -24.95 -15.68
CA THR A 88 -50.99 -25.78 -16.87
C THR A 88 -49.59 -25.98 -17.45
N GLY A 89 -48.96 -27.09 -17.10
CA GLY A 89 -47.56 -27.30 -17.43
C GLY A 89 -46.75 -27.75 -16.23
N ARG A 90 -45.55 -27.21 -16.08
CA ARG A 90 -44.68 -27.65 -15.00
C ARG A 90 -43.76 -26.52 -14.56
N LEU A 91 -43.64 -26.36 -13.24
CA LEU A 91 -42.69 -25.43 -12.64
C LEU A 91 -41.63 -26.23 -11.88
N ILE A 92 -40.37 -25.98 -12.21
CA ILE A 92 -39.25 -26.56 -11.47
C ILE A 92 -38.55 -25.40 -10.77
N ILE A 93 -38.68 -25.34 -9.44
CA ILE A 93 -38.38 -24.15 -8.65
C ILE A 93 -37.15 -24.44 -7.78
N VAL A 94 -36.08 -23.69 -8.01
CA VAL A 94 -34.84 -23.83 -7.24
C VAL A 94 -34.47 -22.45 -6.70
N PRO A 95 -34.93 -22.07 -5.50
CA PRO A 95 -34.66 -20.71 -5.01
C PRO A 95 -33.21 -20.43 -4.73
N ALA A 96 -32.40 -21.45 -4.43
CA ALA A 96 -30.96 -21.29 -4.18
C ALA A 96 -30.22 -22.18 -5.18
N PHE A 97 -29.72 -21.57 -6.26
CA PHE A 97 -29.14 -22.32 -7.36
C PHE A 97 -27.75 -22.82 -7.02
N ASN A 98 -26.82 -21.90 -6.74
CA ASN A 98 -25.55 -22.29 -6.12
C ASN A 98 -25.76 -22.33 -4.60
N TYR A 99 -26.47 -23.38 -4.19
CA TYR A 99 -26.90 -23.52 -2.80
C TYR A 99 -25.77 -23.38 -1.78
N PRO A 100 -24.59 -24.00 -1.95
CA PRO A 100 -23.52 -23.77 -0.96
C PRO A 100 -23.12 -22.31 -0.84
N ALA A 101 -23.08 -21.58 -1.95
CA ALA A 101 -22.80 -20.15 -1.89
C ALA A 101 -23.93 -19.40 -1.18
N PHE A 102 -25.18 -19.79 -1.45
CA PHE A 102 -26.31 -19.15 -0.79
C PHE A 102 -26.24 -19.34 0.72
N ARG A 103 -25.94 -20.56 1.16
CA ARG A 103 -25.82 -20.82 2.59
C ARG A 103 -24.67 -20.05 3.22
N ALA A 104 -23.60 -19.81 2.44
CA ALA A 104 -22.46 -19.05 2.94
C ALA A 104 -22.64 -17.55 2.80
N GLY A 105 -23.70 -17.09 2.12
CA GLY A 105 -23.92 -15.67 1.94
C GLY A 105 -22.93 -15.00 1.01
N SER A 106 -22.37 -15.75 0.07
CA SER A 106 -21.31 -15.23 -0.79
C SER A 106 -21.62 -15.55 -2.24
N ARG A 107 -21.11 -14.68 -3.13
CA ARG A 107 -21.26 -14.88 -4.56
C ARG A 107 -20.83 -16.27 -4.99
N THR A 108 -19.65 -16.70 -4.55
CA THR A 108 -19.09 -18.00 -4.93
C THR A 108 -19.23 -18.98 -3.79
N SER A 109 -19.02 -20.26 -4.13
CA SER A 109 -19.20 -21.32 -3.15
C SER A 109 -18.04 -21.35 -2.16
N PRO A 110 -18.30 -21.57 -0.88
CA PRO A 110 -17.21 -21.74 0.08
C PRO A 110 -16.42 -23.01 -0.13
N ILE A 111 -17.01 -24.02 -0.79
CA ILE A 111 -16.33 -25.30 -0.96
C ILE A 111 -15.19 -25.15 -1.96
N ASP A 112 -15.50 -24.67 -3.16
CA ASP A 112 -14.55 -24.69 -4.27
C ASP A 112 -14.31 -23.31 -4.87
N ARG A 113 -14.79 -22.24 -4.22
CA ARG A 113 -14.67 -20.88 -4.75
C ARG A 113 -15.25 -20.79 -6.16
N GLY A 114 -16.25 -21.63 -6.44
CA GLY A 114 -16.76 -21.75 -7.80
C GLY A 114 -17.80 -20.70 -8.10
N ASN A 115 -17.59 -19.97 -9.19
CA ASN A 115 -18.59 -19.08 -9.75
C ASN A 115 -19.52 -19.92 -10.64
N LEU A 116 -20.76 -20.12 -10.18
CA LEU A 116 -21.67 -20.99 -10.93
C LEU A 116 -21.98 -20.42 -12.30
N ASN A 117 -22.04 -19.10 -12.44
CA ASN A 117 -22.33 -18.49 -13.73
C ASN A 117 -21.10 -18.39 -14.62
N ARG A 118 -20.01 -19.07 -14.27
CA ARG A 118 -18.87 -19.26 -15.16
C ARG A 118 -18.50 -20.73 -15.27
N SER A 119 -19.35 -21.63 -14.78
CA SER A 119 -19.03 -23.05 -14.68
C SER A 119 -19.73 -23.92 -15.71
N PHE A 120 -20.48 -23.34 -16.63
CA PHE A 120 -21.09 -24.25 -17.59
C PHE A 120 -20.15 -24.47 -18.77
N PRO A 121 -20.27 -25.62 -19.46
CA PRO A 121 -21.24 -26.71 -19.29
C PRO A 121 -21.02 -27.58 -18.05
N GLY A 122 -19.92 -27.38 -17.35
CA GLY A 122 -19.65 -28.20 -16.19
C GLY A 122 -19.26 -29.63 -16.56
N ARG A 123 -19.25 -30.48 -15.55
CA ARG A 123 -18.82 -31.86 -15.72
C ARG A 123 -19.34 -32.68 -14.56
N PRO A 124 -19.75 -33.94 -14.79
CA PRO A 124 -20.33 -34.74 -13.71
C PRO A 124 -19.32 -35.25 -12.69
N ASP A 125 -18.02 -35.01 -12.90
CA ASP A 125 -16.99 -35.51 -11.99
C ASP A 125 -16.06 -34.40 -11.50
N GLY A 126 -16.48 -33.15 -11.59
CA GLY A 126 -15.68 -32.02 -11.18
C GLY A 126 -16.01 -31.55 -9.78
N THR A 127 -15.89 -30.24 -9.58
CA THR A 127 -16.17 -29.65 -8.28
C THR A 127 -17.68 -29.71 -7.98
N VAL A 128 -18.01 -29.37 -6.74
CA VAL A 128 -19.41 -29.30 -6.33
C VAL A 128 -20.18 -28.38 -7.26
N THR A 129 -19.61 -27.22 -7.57
CA THR A 129 -20.26 -26.27 -8.46
C THR A 129 -20.36 -26.83 -9.88
N GLU A 130 -19.28 -27.45 -10.37
CA GLU A 130 -19.30 -28.02 -11.71
C GLU A 130 -20.32 -29.14 -11.81
N LYS A 131 -20.49 -29.91 -10.74
CA LYS A 131 -21.52 -30.95 -10.73
C LYS A 131 -22.92 -30.35 -10.77
N ILE A 132 -23.12 -29.19 -10.13
CA ILE A 132 -24.41 -28.51 -10.22
C ILE A 132 -24.65 -28.06 -11.66
N ALA A 133 -23.64 -27.44 -12.28
CA ALA A 133 -23.81 -26.91 -13.63
C ALA A 133 -24.05 -28.03 -14.63
N ASP A 134 -23.36 -29.16 -14.48
CA ASP A 134 -23.58 -30.29 -15.38
C ASP A 134 -24.99 -30.82 -15.29
N TYR A 135 -25.54 -30.88 -14.07
CA TYR A 135 -26.88 -31.43 -13.88
C TYR A 135 -27.93 -30.55 -14.57
N PHE A 136 -27.81 -29.24 -14.46
CA PHE A 136 -28.73 -28.37 -15.18
C PHE A 136 -28.44 -28.37 -16.67
N GLN A 137 -27.16 -28.52 -17.04
CA GLN A 137 -26.79 -28.53 -18.46
C GLN A 137 -27.42 -29.72 -19.17
N ARG A 138 -27.27 -30.92 -18.61
CA ARG A 138 -27.62 -32.13 -19.33
C ARG A 138 -28.93 -32.76 -18.89
N THR A 139 -29.44 -32.43 -17.71
CA THR A 139 -30.65 -33.07 -17.20
C THR A 139 -31.84 -32.13 -17.10
N LEU A 140 -31.66 -30.93 -16.55
CA LEU A 140 -32.82 -30.08 -16.30
C LEU A 140 -33.18 -29.20 -17.48
N LEU A 141 -32.21 -28.50 -18.06
CA LEU A 141 -32.50 -27.62 -19.19
C LEU A 141 -33.19 -28.32 -20.36
N PRO A 142 -32.80 -29.54 -20.78
CA PRO A 142 -33.57 -30.22 -21.84
C PRO A 142 -35.02 -30.47 -21.47
N MET A 143 -35.36 -30.53 -20.18
CA MET A 143 -36.75 -30.65 -19.75
C MET A 143 -37.51 -29.33 -19.83
N ALA A 144 -36.81 -28.21 -19.96
CA ALA A 144 -37.40 -26.89 -19.80
C ALA A 144 -37.62 -26.22 -21.15
N ASP A 145 -38.70 -25.45 -21.24
CA ASP A 145 -38.96 -24.54 -22.35
C ASP A 145 -38.58 -23.11 -22.04
N LEU A 146 -38.67 -22.72 -20.77
CA LEU A 146 -38.37 -21.38 -20.31
C LEU A 146 -37.46 -21.47 -19.10
N ALA A 147 -36.47 -20.59 -19.04
CA ALA A 147 -35.56 -20.52 -17.90
C ALA A 147 -35.50 -19.09 -17.39
N VAL A 148 -35.90 -18.89 -16.14
CA VAL A 148 -35.78 -17.61 -15.46
C VAL A 148 -34.69 -17.74 -14.41
N ASP A 149 -33.62 -16.97 -14.57
CA ASP A 149 -32.43 -17.06 -13.71
C ASP A 149 -32.21 -15.70 -13.08
N PHE A 150 -32.61 -15.55 -11.82
CA PHE A 150 -32.57 -14.26 -11.15
C PHE A 150 -31.15 -13.86 -10.80
N HIS A 151 -30.89 -12.56 -10.88
CA HIS A 151 -29.60 -11.99 -10.51
C HIS A 151 -29.80 -10.60 -9.92
N SER A 152 -28.91 -10.24 -9.00
CA SER A 152 -28.86 -8.91 -8.43
C SER A 152 -27.40 -8.50 -8.28
N GLY A 153 -27.16 -7.33 -7.71
CA GLY A 153 -25.81 -6.78 -7.68
C GLY A 153 -24.86 -7.55 -6.78
N GLY A 154 -25.39 -8.17 -5.72
CA GLY A 154 -24.53 -8.75 -4.70
C GLY A 154 -23.98 -7.68 -3.78
N LYS A 155 -23.11 -8.12 -2.86
CA LYS A 155 -22.56 -7.21 -1.86
C LYS A 155 -21.67 -6.12 -2.45
N THR A 156 -21.20 -6.29 -3.70
CA THR A 156 -20.24 -5.37 -4.30
C THR A 156 -20.83 -4.47 -5.36
N LEU A 157 -22.05 -4.74 -5.84
CA LEU A 157 -22.65 -3.96 -6.91
C LEU A 157 -24.10 -3.63 -6.55
N ASP A 158 -24.60 -2.56 -7.16
CA ASP A 158 -26.00 -2.19 -7.03
C ASP A 158 -26.51 -1.76 -8.41
N PHE A 159 -27.68 -2.26 -8.79
CA PHE A 159 -28.24 -2.01 -10.11
C PHE A 159 -29.59 -1.32 -10.00
N VAL A 160 -29.95 -0.60 -11.04
CA VAL A 160 -31.37 -0.26 -11.21
C VAL A 160 -32.13 -1.54 -11.53
N PRO A 161 -33.36 -1.71 -11.04
CA PRO A 161 -34.04 -3.00 -11.23
C PRO A 161 -34.46 -3.17 -12.69
N PHE A 162 -34.00 -4.24 -13.30
CA PHE A 162 -34.18 -4.39 -14.73
C PHE A 162 -34.10 -5.85 -15.14
N ALA A 163 -34.78 -6.17 -16.23
CA ALA A 163 -34.66 -7.45 -16.91
C ALA A 163 -33.94 -7.26 -18.23
N ALA A 164 -33.17 -8.27 -18.63
CA ALA A 164 -32.27 -8.12 -19.76
C ALA A 164 -32.45 -9.26 -20.76
N ALA A 165 -31.94 -9.02 -21.96
CA ALA A 165 -31.85 -10.02 -23.02
C ALA A 165 -30.63 -9.68 -23.86
N HIS A 166 -29.98 -10.70 -24.41
CA HIS A 166 -28.72 -10.50 -25.12
C HIS A 166 -28.94 -10.33 -26.61
N ILE A 167 -28.12 -9.47 -27.21
CA ILE A 167 -28.01 -9.45 -28.67
C ILE A 167 -27.25 -10.70 -29.02
N LEU A 168 -27.96 -11.73 -29.46
CA LEU A 168 -27.34 -12.99 -29.80
C LEU A 168 -27.61 -13.29 -31.27
N GLU A 169 -27.00 -14.37 -31.75
CA GLU A 169 -26.87 -14.57 -33.18
C GLU A 169 -28.11 -15.23 -33.78
N ASP A 170 -28.73 -16.16 -33.06
CA ASP A 170 -30.03 -16.70 -33.45
C ASP A 170 -31.09 -15.64 -33.16
N LYS A 171 -31.55 -14.95 -34.21
CA LYS A 171 -32.54 -13.91 -34.03
C LYS A 171 -33.91 -14.44 -33.67
N ALA A 172 -34.19 -15.71 -33.98
CA ALA A 172 -35.49 -16.29 -33.63
C ALA A 172 -35.66 -16.38 -32.13
N THR A 173 -34.71 -17.01 -31.44
CA THR A 173 -34.78 -17.10 -29.99
C THR A 173 -34.31 -15.82 -29.31
N GLN A 174 -33.57 -14.95 -30.01
CA GLN A 174 -33.38 -13.61 -29.49
C GLN A 174 -34.73 -12.90 -29.36
N ALA A 175 -35.58 -13.03 -30.37
CA ALA A 175 -36.91 -12.44 -30.31
C ALA A 175 -37.73 -13.02 -29.17
N ALA A 176 -37.63 -14.34 -28.96
CA ALA A 176 -38.37 -14.97 -27.87
C ALA A 176 -37.87 -14.44 -26.52
N CYS A 177 -36.56 -14.24 -26.39
CA CYS A 177 -36.01 -13.72 -25.15
C CYS A 177 -36.47 -12.30 -24.90
N PHE A 178 -36.53 -11.48 -25.95
CA PHE A 178 -36.99 -10.11 -25.80
C PHE A 178 -38.47 -10.06 -25.47
N ALA A 179 -39.25 -10.98 -26.04
CA ALA A 179 -40.68 -11.03 -25.74
C ALA A 179 -40.91 -11.35 -24.27
N ALA A 180 -40.11 -12.28 -23.72
CA ALA A 180 -40.23 -12.60 -22.30
C ALA A 180 -39.72 -11.46 -21.42
N MET A 181 -38.71 -10.73 -21.87
CA MET A 181 -38.25 -9.57 -21.12
C MET A 181 -39.33 -8.49 -21.07
N LYS A 182 -39.97 -8.23 -22.23
CA LYS A 182 -41.10 -7.31 -22.25
C LYS A 182 -42.19 -7.75 -21.29
N ALA A 183 -42.50 -9.04 -21.28
CA ALA A 183 -43.50 -9.57 -20.35
C ALA A 183 -43.08 -9.37 -18.90
N PHE A 184 -41.79 -9.56 -18.61
CA PHE A 184 -41.32 -9.38 -17.24
C PHE A 184 -41.64 -7.99 -16.71
N ASN A 185 -41.46 -6.97 -17.55
CA ASN A 185 -41.83 -5.60 -17.24
C ASN A 185 -41.16 -5.10 -15.95
N ALA A 186 -39.84 -5.21 -15.92
CA ALA A 186 -39.09 -4.52 -14.89
C ALA A 186 -39.12 -3.03 -15.18
N PRO A 187 -38.94 -2.19 -14.16
CA PRO A 187 -38.95 -0.73 -14.40
C PRO A 187 -37.97 -0.29 -15.47
N TYR A 188 -36.88 -1.03 -15.66
CA TYR A 188 -36.00 -0.82 -16.80
C TYR A 188 -35.87 -2.13 -17.59
N SER A 189 -35.58 -1.98 -18.88
CA SER A 189 -35.40 -3.11 -19.77
C SER A 189 -34.10 -2.91 -20.53
N VAL A 190 -33.31 -3.97 -20.60
CA VAL A 190 -31.91 -3.85 -20.96
C VAL A 190 -31.55 -4.89 -22.00
N GLU A 191 -30.68 -4.52 -22.94
CA GLU A 191 -29.96 -5.49 -23.75
C GLU A 191 -28.51 -5.46 -23.30
N LEU A 192 -28.11 -6.47 -22.54
CA LEU A 192 -26.85 -6.46 -21.81
C LEU A 192 -25.67 -6.67 -22.75
N LEU A 193 -24.61 -5.89 -22.55
CA LEU A 193 -23.32 -6.17 -23.18
C LEU A 193 -22.57 -7.17 -22.30
N GLU A 194 -23.04 -8.41 -22.32
CA GLU A 194 -22.35 -9.50 -21.64
C GLU A 194 -21.52 -10.30 -22.63
N ILE A 195 -20.65 -9.58 -23.34
CA ILE A 195 -19.48 -10.23 -23.93
C ILE A 195 -18.47 -10.46 -22.82
N ASP A 196 -17.59 -11.47 -22.99
CA ASP A 196 -17.16 -12.34 -21.91
C ASP A 196 -18.32 -13.28 -21.60
N SER A 197 -18.72 -14.04 -22.63
CA SER A 197 -19.93 -14.87 -22.62
C SER A 197 -19.68 -16.33 -22.26
N ALA A 198 -18.43 -16.73 -22.08
CA ALA A 198 -18.13 -18.15 -21.89
C ALA A 198 -18.45 -18.60 -20.47
N GLY A 199 -19.04 -19.79 -20.34
CA GLY A 199 -19.26 -20.41 -19.07
C GLY A 199 -20.55 -20.05 -18.36
N MET A 200 -21.36 -19.16 -18.92
CA MET A 200 -22.54 -18.67 -18.24
C MET A 200 -23.74 -19.60 -18.46
N TYR A 201 -24.66 -19.59 -17.49
CA TYR A 201 -25.93 -20.27 -17.64
C TYR A 201 -26.76 -19.60 -18.74
N ASP A 202 -26.64 -18.27 -18.85
CA ASP A 202 -27.18 -17.53 -19.98
C ASP A 202 -26.84 -18.22 -21.30
N THR A 203 -25.54 -18.42 -21.53
CA THR A 203 -25.09 -19.02 -22.79
C THR A 203 -25.59 -20.45 -22.95
N ALA A 204 -25.74 -21.18 -21.85
CA ALA A 204 -26.23 -22.55 -21.95
C ALA A 204 -27.69 -22.58 -22.40
N VAL A 205 -28.52 -21.72 -21.82
CA VAL A 205 -29.93 -21.68 -22.18
C VAL A 205 -30.10 -21.20 -23.62
N GLU A 206 -29.42 -20.10 -23.97
CA GLU A 206 -29.60 -19.48 -25.27
C GLU A 206 -29.12 -20.40 -26.39
N GLU A 207 -27.97 -21.05 -26.21
CA GLU A 207 -27.45 -21.92 -27.26
C GLU A 207 -28.28 -23.18 -27.45
N MET A 208 -29.13 -23.52 -26.48
CA MET A 208 -30.12 -24.58 -26.68
C MET A 208 -31.38 -24.08 -27.37
N GLY A 209 -31.44 -22.80 -27.75
CA GLY A 209 -32.62 -22.24 -28.35
C GLY A 209 -33.78 -22.02 -27.41
N LYS A 210 -33.56 -22.11 -26.11
CA LYS A 210 -34.61 -21.95 -25.12
C LYS A 210 -34.82 -20.47 -24.80
N VAL A 211 -35.92 -20.19 -24.12
CA VAL A 211 -36.21 -18.83 -23.67
C VAL A 211 -35.49 -18.56 -22.36
N LEU A 212 -34.76 -17.45 -22.30
CA LEU A 212 -34.04 -17.05 -21.10
C LEU A 212 -34.59 -15.73 -20.59
N VAL A 213 -34.84 -15.67 -19.29
CA VAL A 213 -35.09 -14.41 -18.59
C VAL A 213 -33.99 -14.24 -17.55
N THR A 214 -33.28 -13.13 -17.63
CA THR A 214 -32.27 -12.77 -16.64
C THR A 214 -32.52 -11.34 -16.17
N THR A 215 -32.08 -11.05 -14.95
CA THR A 215 -32.41 -9.77 -14.31
C THR A 215 -31.17 -9.21 -13.62
N GLU A 216 -31.29 -7.96 -13.20
CA GLU A 216 -30.41 -7.36 -12.20
C GLU A 216 -31.31 -6.46 -11.36
N LEU A 217 -31.74 -6.97 -10.21
CA LEU A 217 -32.74 -6.31 -9.37
C LEU A 217 -32.05 -5.80 -8.11
N GLY A 218 -31.53 -4.58 -8.19
CA GLY A 218 -30.88 -3.96 -7.04
C GLY A 218 -29.52 -4.55 -6.72
N GLY A 219 -29.23 -4.75 -5.44
CA GLY A 219 -27.96 -5.31 -5.04
C GLY A 219 -27.66 -5.01 -3.58
N GLY A 220 -26.37 -4.87 -3.29
CA GLY A 220 -25.91 -4.54 -1.95
C GLY A 220 -25.94 -5.68 -0.95
N GLY A 221 -26.32 -6.89 -1.37
CA GLY A 221 -26.49 -7.98 -0.44
C GLY A 221 -27.78 -7.90 0.34
N SER A 222 -28.81 -7.28 -0.24
CA SER A 222 -30.09 -7.12 0.44
C SER A 222 -31.17 -6.90 -0.61
N SER A 223 -32.41 -7.15 -0.20
CA SER A 223 -33.57 -6.86 -1.02
C SER A 223 -34.57 -6.06 -0.20
N SER A 224 -35.30 -5.18 -0.88
CA SER A 224 -36.30 -4.32 -0.28
C SER A 224 -37.70 -4.84 -0.65
N ALA A 225 -38.72 -4.16 -0.11
CA ALA A 225 -40.09 -4.52 -0.48
C ALA A 225 -40.39 -4.14 -1.93
N ARG A 226 -39.88 -3.00 -2.42
CA ARG A 226 -40.02 -2.69 -3.83
C ARG A 226 -39.29 -3.70 -4.70
N SER A 227 -38.10 -4.12 -4.28
CA SER A 227 -37.29 -4.98 -5.12
C SER A 227 -37.80 -6.41 -5.10
N ASN A 228 -38.29 -6.87 -3.95
CA ASN A 228 -38.96 -8.16 -3.92
C ASN A 228 -40.20 -8.15 -4.81
N ALA A 229 -40.95 -7.04 -4.78
CA ALA A 229 -42.19 -6.97 -5.56
C ALA A 229 -41.90 -7.03 -7.05
N ILE A 230 -40.85 -6.35 -7.50
CA ILE A 230 -40.48 -6.38 -8.91
C ILE A 230 -40.19 -7.81 -9.35
N ALA A 231 -39.51 -8.58 -8.49
CA ALA A 231 -39.20 -9.96 -8.82
C ALA A 231 -40.46 -10.81 -8.87
N LYS A 232 -41.40 -10.57 -7.95
CA LYS A 232 -42.64 -11.33 -7.94
C LYS A 232 -43.50 -11.01 -9.16
N LYS A 233 -43.60 -9.72 -9.50
CA LYS A 233 -44.38 -9.32 -10.67
C LYS A 233 -43.83 -9.95 -11.94
N GLY A 234 -42.54 -9.76 -12.19
CA GLY A 234 -41.97 -10.27 -13.43
C GLY A 234 -42.07 -11.78 -13.55
N LEU A 235 -41.86 -12.50 -12.45
CA LEU A 235 -42.00 -13.94 -12.47
C LEU A 235 -43.41 -14.35 -12.86
N ARG A 236 -44.40 -13.73 -12.23
CA ARG A 236 -45.79 -14.05 -12.54
C ARG A 236 -46.13 -13.74 -13.99
N ASN A 237 -45.74 -12.54 -14.45
CA ASN A 237 -45.96 -12.16 -15.85
C ASN A 237 -45.34 -13.17 -16.80
N VAL A 238 -44.08 -13.56 -16.53
CA VAL A 238 -43.36 -14.44 -17.45
C VAL A 238 -44.02 -15.80 -17.51
N LEU A 239 -44.55 -16.29 -16.38
CA LEU A 239 -45.22 -17.59 -16.39
C LEU A 239 -46.57 -17.51 -17.12
N ILE A 240 -47.28 -16.40 -16.95
CA ILE A 240 -48.52 -16.19 -17.71
C ILE A 240 -48.21 -16.08 -19.19
N HIS A 241 -47.18 -15.30 -19.53
CA HIS A 241 -46.77 -15.14 -20.92
C HIS A 241 -46.38 -16.46 -21.55
N ALA A 242 -45.83 -17.38 -20.76
CA ALA A 242 -45.46 -18.69 -21.27
C ALA A 242 -46.64 -19.65 -21.38
N GLY A 243 -47.76 -19.34 -20.72
CA GLY A 243 -48.91 -20.22 -20.72
C GLY A 243 -49.00 -21.16 -19.55
N ILE A 244 -48.16 -20.99 -18.53
CA ILE A 244 -48.15 -21.89 -17.39
C ILE A 244 -49.12 -21.41 -16.31
N LEU A 245 -49.27 -20.10 -16.14
CA LEU A 245 -50.18 -19.54 -15.15
C LEU A 245 -51.28 -18.75 -15.84
N LYS A 246 -52.43 -18.68 -15.19
CA LYS A 246 -53.56 -17.89 -15.67
C LYS A 246 -53.51 -16.47 -15.09
N GLY A 247 -54.38 -15.62 -15.60
CA GLY A 247 -54.63 -14.32 -15.01
C GLY A 247 -54.23 -13.19 -15.94
N GLU A 248 -54.34 -11.98 -15.40
CA GLU A 248 -54.00 -10.76 -16.13
C GLU A 248 -52.60 -10.32 -15.73
N MET A 249 -51.77 -10.04 -16.73
CA MET A 249 -50.43 -9.55 -16.46
C MET A 249 -50.48 -8.11 -15.95
N GLN A 250 -49.51 -7.78 -15.10
CA GLN A 250 -49.36 -6.41 -14.62
C GLN A 250 -48.39 -5.68 -15.52
N LEU A 251 -48.87 -4.65 -16.21
CA LEU A 251 -48.05 -3.84 -17.11
C LEU A 251 -47.92 -2.43 -16.56
N ASP A 252 -46.69 -2.06 -16.20
CA ASP A 252 -46.34 -0.73 -15.76
C ASP A 252 -45.40 -0.11 -16.80
N GLU A 253 -44.89 1.09 -16.50
CA GLU A 253 -43.94 1.71 -17.41
C GLU A 253 -42.58 1.06 -17.27
N THR A 254 -41.86 1.00 -18.39
CA THR A 254 -40.49 0.53 -18.41
C THR A 254 -39.66 1.48 -19.26
N VAL A 255 -38.38 1.58 -18.91
CA VAL A 255 -37.42 2.41 -19.65
C VAL A 255 -36.43 1.47 -20.33
N ASN A 256 -36.30 1.62 -21.65
CA ASN A 256 -35.41 0.78 -22.44
C ASN A 256 -34.00 1.36 -22.41
N LEU A 257 -33.02 0.49 -22.16
CA LEU A 257 -31.61 0.89 -22.11
C LEU A 257 -30.76 -0.13 -22.84
N THR A 258 -29.65 0.33 -23.39
CA THR A 258 -28.69 -0.53 -24.07
C THR A 258 -27.29 -0.26 -23.54
N MET A 259 -26.40 -1.20 -23.79
CA MET A 259 -24.98 -1.06 -23.51
C MET A 259 -24.23 -1.41 -24.78
N PRO A 260 -24.00 -0.43 -25.66
CA PRO A 260 -23.35 -0.74 -26.94
C PRO A 260 -21.84 -0.85 -26.87
N ASP A 261 -21.19 -0.34 -25.83
CA ASP A 261 -19.76 -0.06 -25.89
C ASP A 261 -19.08 -0.46 -24.59
N ASP A 262 -17.75 -0.63 -24.70
CA ASP A 262 -16.90 -0.72 -23.52
C ASP A 262 -16.98 0.54 -22.68
N ASP A 263 -17.20 1.68 -23.33
CA ASP A 263 -17.20 2.98 -22.66
C ASP A 263 -18.47 3.24 -21.86
N CYS A 264 -19.37 2.27 -21.79
CA CYS A 264 -20.42 2.27 -20.77
C CYS A 264 -19.87 1.94 -19.39
N PHE A 265 -18.69 1.33 -19.32
CA PHE A 265 -18.09 0.87 -18.08
C PHE A 265 -16.98 1.80 -17.65
N VAL A 266 -16.82 1.92 -16.33
CA VAL A 266 -15.71 2.65 -15.73
C VAL A 266 -15.17 1.81 -14.58
N PHE A 267 -13.88 1.49 -14.63
CA PHE A 267 -13.22 0.75 -13.56
C PHE A 267 -12.24 1.66 -12.83
N SER A 268 -12.05 1.38 -11.54
CA SER A 268 -11.11 2.14 -10.73
C SER A 268 -9.71 1.58 -10.89
N GLU A 269 -8.73 2.46 -10.74
CA GLU A 269 -7.32 2.08 -10.84
C GLU A 269 -6.60 2.21 -9.50
N GLY A 270 -7.33 2.35 -8.40
CA GLY A 270 -6.71 2.46 -7.09
C GLY A 270 -7.70 2.21 -5.99
N ASP A 271 -7.18 1.77 -4.84
CA ASP A 271 -8.00 1.57 -3.65
C ASP A 271 -8.30 2.90 -2.97
N GLY A 272 -9.38 2.90 -2.19
CA GLY A 272 -9.68 4.06 -1.39
C GLY A 272 -11.11 4.03 -0.89
N LEU A 273 -11.54 5.18 -0.37
CA LEU A 273 -12.88 5.38 0.15
C LEU A 273 -13.78 5.89 -0.97
N PHE A 274 -14.87 5.18 -1.23
CA PHE A 274 -15.69 5.43 -2.41
C PHE A 274 -16.75 6.50 -2.09
N GLU A 275 -16.78 7.55 -2.90
CA GLU A 275 -17.81 8.59 -2.81
C GLU A 275 -18.52 8.67 -4.15
N MET A 276 -19.72 8.10 -4.22
CA MET A 276 -20.56 8.24 -5.41
C MET A 276 -21.14 9.65 -5.46
N MET A 277 -20.98 10.30 -6.61
CA MET A 277 -21.43 11.68 -6.76
C MET A 277 -22.80 11.80 -7.39
N ILE A 278 -23.24 10.82 -8.17
CA ILE A 278 -24.57 10.82 -8.78
C ILE A 278 -25.23 9.48 -8.47
N ASP A 279 -26.49 9.53 -8.03
CA ASP A 279 -27.16 8.33 -7.56
C ASP A 279 -27.54 7.40 -8.72
N LEU A 280 -27.83 6.15 -8.37
CA LEU A 280 -28.32 5.17 -9.32
C LEU A 280 -29.56 5.71 -10.04
N GLY A 281 -29.67 5.39 -11.32
CA GLY A 281 -30.81 5.79 -12.12
C GLY A 281 -30.82 7.23 -12.58
N ALA A 282 -29.91 8.06 -12.07
CA ALA A 282 -29.90 9.46 -12.44
C ALA A 282 -29.19 9.66 -13.78
N PRO A 283 -29.65 10.63 -14.58
CA PRO A 283 -28.99 10.88 -15.87
C PRO A 283 -27.58 11.42 -15.70
N VAL A 284 -26.75 11.15 -16.71
CA VAL A 284 -25.36 11.57 -16.71
C VAL A 284 -24.99 11.97 -18.13
N ALA A 285 -24.19 13.03 -18.25
CA ALA A 285 -23.63 13.41 -19.54
C ALA A 285 -22.19 12.95 -19.63
N LYS A 286 -21.70 12.86 -20.86
CA LYS A 286 -20.33 12.45 -21.11
C LYS A 286 -19.37 13.42 -20.42
N GLY A 287 -18.50 12.88 -19.57
CA GLY A 287 -17.56 13.67 -18.83
C GLY A 287 -18.01 14.11 -17.46
N ASP A 288 -19.29 13.92 -17.12
CA ASP A 288 -19.75 14.27 -15.78
C ASP A 288 -19.05 13.41 -14.74
N LEU A 289 -18.86 13.99 -13.56
CA LEU A 289 -18.18 13.31 -12.47
C LEU A 289 -19.09 12.23 -11.89
N LEU A 290 -18.70 10.97 -12.07
CA LEU A 290 -19.47 9.85 -11.53
C LEU A 290 -19.14 9.62 -10.05
N ALA A 291 -17.86 9.53 -9.73
CA ALA A 291 -17.43 9.16 -8.39
C ALA A 291 -16.04 9.72 -8.15
N ARG A 292 -15.73 9.92 -6.86
CA ARG A 292 -14.40 10.30 -6.41
C ARG A 292 -13.97 9.34 -5.32
N VAL A 293 -12.70 8.95 -5.34
CA VAL A 293 -12.16 7.99 -4.39
C VAL A 293 -11.10 8.69 -3.55
N TRP A 294 -11.30 8.70 -2.22
CA TRP A 294 -10.48 9.31 -1.19
C TRP A 294 -9.43 8.32 -0.68
N PRO A 295 -8.28 8.82 -0.23
CA PRO A 295 -7.23 7.92 0.25
C PRO A 295 -7.62 7.21 1.54
N LEU A 296 -7.29 5.93 1.62
CA LEU A 296 -7.38 5.20 2.88
C LEU A 296 -6.29 5.59 3.85
N ASP A 297 -5.14 6.05 3.34
CA ASP A 297 -3.94 6.24 4.14
C ASP A 297 -3.83 7.62 4.76
N ARG A 298 -4.37 8.66 4.11
CA ARG A 298 -4.01 10.02 4.48
C ARG A 298 -5.21 10.94 4.33
N THR A 299 -4.99 12.20 4.71
CA THR A 299 -5.96 13.27 4.60
C THR A 299 -5.35 14.43 3.84
N GLY A 300 -6.22 15.31 3.35
CA GLY A 300 -5.77 16.51 2.66
C GLY A 300 -5.33 16.33 1.23
N GLN A 301 -5.43 15.15 0.68
CA GLN A 301 -5.07 14.98 -0.71
C GLN A 301 -6.30 15.09 -1.60
N PRO A 302 -6.14 15.64 -2.80
CA PRO A 302 -7.27 15.71 -3.74
C PRO A 302 -7.76 14.31 -4.07
N PRO A 303 -9.07 14.14 -4.24
CA PRO A 303 -9.60 12.81 -4.55
C PRO A 303 -9.34 12.41 -5.99
N VAL A 304 -9.33 11.10 -6.21
CA VAL A 304 -9.20 10.54 -7.55
C VAL A 304 -10.57 10.57 -8.21
N GLU A 305 -10.68 11.25 -9.34
CA GLU A 305 -11.96 11.48 -9.99
C GLU A 305 -12.19 10.49 -11.12
N TYR A 306 -13.40 9.97 -11.22
CA TYR A 306 -13.81 9.06 -12.28
C TYR A 306 -15.01 9.67 -13.00
N ARG A 307 -14.89 9.86 -14.30
CA ARG A 307 -15.88 10.58 -15.08
C ARG A 307 -16.52 9.66 -16.11
N ALA A 308 -17.79 9.95 -16.40
CA ALA A 308 -18.52 9.18 -17.41
C ALA A 308 -17.92 9.41 -18.78
N ARG A 309 -17.79 8.33 -19.55
CA ARG A 309 -17.34 8.41 -20.92
C ARG A 309 -18.48 8.23 -21.91
N ARG A 310 -19.71 8.15 -21.40
CA ARG A 310 -20.90 7.99 -22.23
C ARG A 310 -22.09 8.57 -21.49
N ALA A 311 -22.99 9.20 -22.23
CA ALA A 311 -24.18 9.82 -21.65
C ALA A 311 -25.31 8.78 -21.54
N GLY A 312 -26.13 8.96 -20.52
CA GLY A 312 -27.26 8.08 -20.30
C GLY A 312 -27.72 8.04 -18.86
N LEU A 313 -27.92 6.85 -18.32
CA LEU A 313 -28.35 6.66 -16.93
C LEU A 313 -27.32 5.81 -16.19
N VAL A 314 -27.13 6.13 -14.92
CA VAL A 314 -26.28 5.30 -14.06
C VAL A 314 -27.09 4.05 -13.71
N ILE A 315 -26.75 2.93 -14.34
CA ILE A 315 -27.50 1.69 -14.14
C ILE A 315 -26.80 0.74 -13.20
N SER A 316 -25.54 0.97 -12.86
CA SER A 316 -24.84 0.17 -11.88
C SER A 316 -23.74 1.01 -11.24
N ARG A 317 -23.46 0.74 -9.98
CA ARG A 317 -22.38 1.42 -9.29
C ARG A 317 -21.73 0.48 -8.29
N HIS A 318 -20.44 0.71 -8.05
CA HIS A 318 -19.72 0.03 -6.98
C HIS A 318 -20.43 0.28 -5.66
N PHE A 319 -20.84 -0.79 -4.99
CA PHE A 319 -21.62 -0.64 -3.76
C PHE A 319 -20.76 -0.31 -2.53
N PRO A 320 -19.77 -1.11 -2.17
CA PRO A 320 -19.17 -0.96 -0.83
C PRO A 320 -18.44 0.37 -0.67
N GLY A 321 -18.35 0.82 0.59
CA GLY A 321 -17.64 2.04 0.89
C GLY A 321 -16.16 1.96 0.57
N LEU A 322 -15.59 0.77 0.58
CA LEU A 322 -14.21 0.55 0.20
C LEU A 322 -14.15 0.04 -1.24
N ILE A 323 -13.32 0.68 -2.05
CA ILE A 323 -13.12 0.25 -3.43
C ILE A 323 -11.68 -0.22 -3.59
N LYS A 324 -11.49 -1.14 -4.53
CA LYS A 324 -10.18 -1.69 -4.83
C LYS A 324 -9.83 -1.39 -6.28
N SER A 325 -8.55 -1.53 -6.61
CA SER A 325 -8.13 -1.41 -7.99
C SER A 325 -8.77 -2.52 -8.81
N GLY A 326 -9.33 -2.17 -9.96
CA GLY A 326 -10.01 -3.12 -10.82
C GLY A 326 -11.49 -3.25 -10.60
N ASP A 327 -12.04 -2.67 -9.53
CA ASP A 327 -13.47 -2.68 -9.33
C ASP A 327 -14.16 -1.78 -10.35
N CYS A 328 -15.39 -2.13 -10.72
CA CYS A 328 -16.15 -1.35 -11.68
C CYS A 328 -16.84 -0.20 -10.94
N VAL A 329 -16.39 1.02 -11.21
CA VAL A 329 -16.93 2.19 -10.51
C VAL A 329 -18.40 2.39 -10.85
N ALA A 330 -18.72 2.40 -12.14
CA ALA A 330 -20.09 2.68 -12.57
C ALA A 330 -20.29 2.20 -14.00
N VAL A 331 -21.56 2.01 -14.34
CA VAL A 331 -21.97 1.63 -15.69
C VAL A 331 -23.05 2.59 -16.15
N VAL A 332 -22.92 3.09 -17.37
CA VAL A 332 -23.89 3.99 -17.97
C VAL A 332 -24.73 3.22 -18.98
N GLY A 333 -26.05 3.27 -18.81
CA GLY A 333 -26.98 2.75 -19.81
C GLY A 333 -27.49 3.90 -20.66
N VAL A 334 -27.66 3.64 -21.95
CA VAL A 334 -27.95 4.70 -22.92
C VAL A 334 -29.46 4.79 -23.13
N THR A 335 -29.91 5.99 -23.51
CA THR A 335 -31.32 6.37 -23.58
C THR A 335 -32.00 6.19 -22.23
N LYS B 10 73.11 23.04 18.61
CA LYS B 10 72.31 23.64 17.54
C LYS B 10 72.42 22.85 16.25
N ASN B 11 71.26 22.61 15.61
CA ASN B 11 71.21 21.84 14.39
C ASN B 11 71.91 22.59 13.25
N PRO B 12 72.72 21.91 12.44
CA PRO B 12 73.45 22.59 11.36
C PRO B 12 72.61 22.92 10.13
N ILE B 13 71.35 22.52 10.08
CA ILE B 13 70.54 22.75 8.88
C ILE B 13 70.12 24.20 8.82
N SER B 14 70.31 24.84 7.67
CA SER B 14 69.90 26.22 7.46
C SER B 14 69.05 26.30 6.19
N PRO B 15 67.88 26.93 6.27
CA PRO B 15 67.10 27.16 5.03
C PRO B 15 67.80 28.16 4.13
N THR B 16 67.54 28.03 2.83
CA THR B 16 67.96 29.01 1.85
C THR B 16 66.90 30.07 1.59
N ILE B 17 65.72 29.88 2.18
CA ILE B 17 64.60 30.82 2.03
C ILE B 17 64.08 31.15 3.43
N PRO B 18 63.39 32.27 3.59
CA PRO B 18 62.77 32.56 4.88
C PRO B 18 61.61 31.61 5.14
N LEU B 19 61.32 31.41 6.42
CA LEU B 19 60.20 30.60 6.85
C LEU B 19 59.05 31.43 7.41
N ASP B 20 59.24 32.74 7.59
CA ASP B 20 58.26 33.58 8.26
C ASP B 20 57.90 34.86 7.52
N ARG B 21 58.27 34.99 6.24
CA ARG B 21 57.89 36.12 5.42
C ARG B 21 56.75 35.72 4.49
N ASP B 22 55.72 36.56 4.43
CA ASP B 22 54.60 36.37 3.51
C ASP B 22 55.10 36.12 2.10
N GLY B 23 54.73 35.00 1.53
CA GLY B 23 55.02 34.75 0.13
C GLY B 23 55.26 33.29 -0.16
N VAL B 24 55.22 32.96 -1.44
CA VAL B 24 55.68 31.67 -1.93
C VAL B 24 57.20 31.72 -2.08
N PHE B 25 57.89 30.76 -1.46
CA PHE B 25 59.34 30.66 -1.55
C PHE B 25 59.71 29.22 -1.85
N HIS B 26 60.58 29.03 -2.83
CA HIS B 26 61.08 27.72 -3.21
C HIS B 26 62.57 27.68 -2.94
N GLY B 27 63.00 26.75 -2.13
CA GLY B 27 64.40 26.66 -1.74
C GLY B 27 64.77 25.28 -1.26
N PHE B 28 65.72 25.24 -0.32
CA PHE B 28 66.28 23.98 0.15
C PHE B 28 66.58 24.12 1.63
N LEU B 29 66.53 22.98 2.33
CA LEU B 29 67.10 22.86 3.66
C LEU B 29 68.51 22.32 3.48
N LYS B 30 69.51 23.18 3.67
CA LYS B 30 70.90 22.82 3.41
C LYS B 30 71.46 22.08 4.62
N LEU B 31 71.66 20.78 4.47
CA LEU B 31 72.28 19.97 5.52
C LEU B 31 73.72 19.70 5.14
N PRO B 32 74.70 20.31 5.81
CA PRO B 32 76.11 20.01 5.51
C PRO B 32 76.43 18.53 5.58
N HIS B 33 76.95 17.98 4.48
CA HIS B 33 77.24 16.55 4.38
C HIS B 33 78.61 16.40 3.73
N SER B 34 79.63 16.14 4.56
CA SER B 34 80.99 15.94 4.08
C SER B 34 81.22 14.45 3.84
N ARG B 35 81.70 14.12 2.64
CA ARG B 35 81.77 12.73 2.19
C ARG B 35 82.84 12.61 1.11
N ASP B 36 83.20 11.37 0.81
CA ASP B 36 84.12 11.10 -0.31
C ASP B 36 83.62 11.74 -1.60
N ASP B 37 82.29 11.73 -1.81
CA ASP B 37 81.68 12.44 -2.94
C ASP B 37 82.07 13.91 -2.96
N SER B 38 82.04 14.56 -1.80
CA SER B 38 82.07 16.02 -1.76
C SER B 38 82.54 16.44 -0.38
N ALA B 39 83.73 17.04 -0.31
CA ALA B 39 84.27 17.45 0.99
C ALA B 39 83.41 18.53 1.63
N TRP B 40 82.94 19.49 0.84
CA TRP B 40 82.10 20.58 1.33
C TRP B 40 80.69 20.51 0.76
N GLY B 41 80.25 19.33 0.40
CA GLY B 41 78.91 19.14 -0.13
C GLY B 41 77.86 19.29 0.95
N SER B 42 76.61 19.19 0.51
CA SER B 42 75.48 19.32 1.42
C SER B 42 74.31 18.53 0.86
N VAL B 43 73.42 18.11 1.76
CA VAL B 43 72.14 17.55 1.38
C VAL B 43 71.18 18.73 1.23
N MET B 44 70.73 18.99 0.00
CA MET B 44 69.85 20.10 -0.30
C MET B 44 68.42 19.56 -0.34
N ILE B 45 67.75 19.58 0.80
CA ILE B 45 66.40 19.05 0.91
C ILE B 45 65.42 20.06 0.37
N PRO B 46 64.78 19.81 -0.78
CA PRO B 46 63.88 20.81 -1.36
C PRO B 46 62.68 21.06 -0.47
N LEU B 47 62.24 22.32 -0.47
CA LEU B 47 61.04 22.68 0.28
C LEU B 47 60.46 23.96 -0.30
N THR B 48 59.15 24.11 -0.11
CA THR B 48 58.43 25.33 -0.47
C THR B 48 57.74 25.86 0.76
N VAL B 49 57.86 27.17 0.99
CA VAL B 49 57.15 27.86 2.06
C VAL B 49 56.18 28.83 1.41
N ILE B 50 54.90 28.70 1.76
CA ILE B 50 53.86 29.62 1.30
C ILE B 50 53.19 30.20 2.54
N LYS B 51 53.29 31.52 2.69
CA LYS B 51 52.75 32.21 3.86
C LYS B 51 51.97 33.44 3.42
N ASN B 52 50.82 33.65 4.05
CA ASN B 52 49.99 34.81 3.75
C ASN B 52 49.11 35.10 4.96
N GLY B 53 49.30 36.27 5.57
CA GLY B 53 48.49 36.65 6.69
C GLY B 53 48.67 35.76 7.91
N ALA B 54 47.74 35.90 8.85
CA ALA B 54 47.77 35.16 10.10
C ALA B 54 46.81 33.98 10.01
N GLY B 55 47.29 32.81 10.41
CA GLY B 55 46.50 31.60 10.39
C GLY B 55 47.34 30.40 10.77
N PRO B 56 46.74 29.22 10.78
CA PRO B 56 47.48 28.01 11.18
C PRO B 56 48.63 27.71 10.22
N THR B 57 49.59 26.94 10.74
CA THR B 57 50.73 26.48 9.95
C THR B 57 50.65 24.97 9.78
N ALA B 58 50.77 24.51 8.54
CA ALA B 58 50.77 23.09 8.24
C ALA B 58 52.16 22.67 7.78
N LEU B 59 52.72 21.66 8.45
CA LEU B 59 54.00 21.06 8.06
C LEU B 59 53.70 19.78 7.29
N LEU B 60 53.96 19.80 5.99
CA LEU B 60 53.52 18.75 5.06
C LEU B 60 54.73 18.01 4.53
N THR B 61 54.82 16.72 4.83
CA THR B 61 55.97 15.90 4.47
C THR B 61 55.54 14.68 3.66
N GLY B 62 56.37 14.35 2.66
CA GLY B 62 56.22 13.11 1.94
C GLY B 62 57.58 12.43 1.83
N ALA B 63 57.53 11.14 1.50
CA ALA B 63 58.74 10.32 1.36
C ALA B 63 59.54 10.29 2.67
N ASN B 64 58.82 10.26 3.80
CA ASN B 64 59.45 9.87 5.06
C ASN B 64 60.24 8.57 4.86
N HIS B 65 59.64 7.62 4.14
CA HIS B 65 60.37 6.52 3.52
C HIS B 65 60.42 6.78 2.02
N GLY B 66 61.59 6.57 1.43
CA GLY B 66 61.86 7.12 0.11
C GLY B 66 61.06 6.49 -1.01
N ASP B 67 60.62 5.24 -0.83
CA ASP B 67 59.96 4.49 -1.90
C ASP B 67 58.45 4.52 -1.78
N GLU B 68 57.89 5.64 -1.34
CA GLU B 68 56.45 5.82 -1.18
C GLU B 68 56.08 7.15 -1.82
N TYR B 69 55.20 7.12 -2.83
CA TYR B 69 55.17 8.17 -3.83
C TYR B 69 53.87 8.97 -3.90
N GLU B 70 52.76 8.48 -3.35
CA GLU B 70 51.53 9.27 -3.38
C GLU B 70 51.73 10.64 -2.74
N GLY B 71 52.38 10.67 -1.58
CA GLY B 71 52.69 11.91 -0.90
C GLY B 71 53.54 12.86 -1.71
N PRO B 72 54.75 12.42 -2.09
CA PRO B 72 55.61 13.29 -2.90
C PRO B 72 54.95 13.84 -4.15
N VAL B 73 54.07 13.06 -4.78
CA VAL B 73 53.34 13.58 -5.94
C VAL B 73 52.42 14.72 -5.51
N ALA B 74 51.57 14.47 -4.51
CA ALA B 74 50.58 15.47 -4.11
C ALA B 74 51.26 16.74 -3.61
N LEU B 75 52.34 16.60 -2.84
CA LEU B 75 53.02 17.77 -2.31
C LEU B 75 53.74 18.58 -3.38
N HIS B 76 54.28 17.90 -4.41
CA HIS B 76 54.93 18.63 -5.50
C HIS B 76 53.92 19.49 -6.26
N GLU B 77 52.74 18.93 -6.55
CA GLU B 77 51.71 19.73 -7.20
C GLU B 77 51.26 20.88 -6.30
N LEU B 78 51.07 20.61 -5.01
CA LEU B 78 50.67 21.67 -4.09
C LEU B 78 51.72 22.78 -4.03
N ALA B 79 53.01 22.41 -4.00
CA ALA B 79 54.07 23.41 -3.92
C ALA B 79 54.13 24.27 -5.16
N ALA B 80 53.70 23.75 -6.31
CA ALA B 80 53.86 24.43 -7.59
C ALA B 80 52.61 25.16 -8.07
N THR B 81 51.44 24.89 -7.49
CA THR B 81 50.19 25.45 -7.99
C THR B 81 49.40 26.21 -6.93
N THR B 82 50.00 26.52 -5.78
CA THR B 82 49.30 27.23 -4.70
C THR B 82 49.81 28.65 -4.60
N SER B 83 48.88 29.60 -4.59
CA SER B 83 49.19 31.00 -4.37
C SER B 83 49.29 31.30 -2.88
N ALA B 84 49.96 32.40 -2.56
CA ALA B 84 49.85 32.94 -1.21
C ALA B 84 48.43 33.43 -0.95
N GLU B 85 47.82 34.07 -1.97
CA GLU B 85 46.45 34.54 -1.84
C GLU B 85 45.48 33.40 -1.54
N ASP B 86 45.84 32.16 -1.89
CA ASP B 86 45.02 31.01 -1.54
C ASP B 86 45.16 30.63 -0.07
N VAL B 87 46.17 31.16 0.62
CA VAL B 87 46.54 30.71 1.96
C VAL B 87 46.12 31.75 2.99
N THR B 88 45.51 31.30 4.07
CA THR B 88 45.34 32.08 5.29
C THR B 88 46.11 31.31 6.37
N GLY B 89 47.37 31.67 6.56
CA GLY B 89 48.25 30.93 7.43
C GLY B 89 49.60 30.66 6.79
N ARG B 90 50.07 29.42 6.86
CA ARG B 90 51.38 29.10 6.31
C ARG B 90 51.44 27.62 5.94
N LEU B 91 52.00 27.33 4.77
CA LEU B 91 52.30 25.97 4.33
C LEU B 91 53.80 25.79 4.26
N ILE B 92 54.31 24.76 4.94
CA ILE B 92 55.71 24.36 4.84
C ILE B 92 55.71 22.99 4.18
N ILE B 93 56.20 22.93 2.95
CA ILE B 93 56.00 21.79 2.05
C ILE B 93 57.34 21.13 1.79
N VAL B 94 57.51 19.91 2.29
CA VAL B 94 58.72 19.12 2.08
C VAL B 94 58.33 17.82 1.38
N PRO B 95 58.29 17.80 0.04
CA PRO B 95 57.78 16.60 -0.66
C PRO B 95 58.62 15.35 -0.44
N ALA B 96 59.91 15.49 -0.19
CA ALA B 96 60.81 14.37 0.08
C ALA B 96 61.44 14.59 1.45
N PHE B 97 60.99 13.81 2.43
CA PHE B 97 61.35 14.04 3.83
C PHE B 97 62.69 13.41 4.17
N ASN B 98 62.82 12.10 4.02
CA ASN B 98 64.13 11.47 4.00
C ASN B 98 64.67 11.54 2.57
N TYR B 99 65.04 12.77 2.19
CA TYR B 99 65.39 13.04 0.81
C TYR B 99 66.51 12.17 0.28
N PRO B 100 67.58 11.85 1.02
CA PRO B 100 68.56 10.90 0.48
C PRO B 100 67.96 9.55 0.14
N ALA B 101 67.07 9.02 0.99
CA ALA B 101 66.37 7.79 0.66
C ALA B 101 65.54 7.95 -0.59
N PHE B 102 64.86 9.09 -0.73
CA PHE B 102 63.99 9.33 -1.88
C PHE B 102 64.79 9.29 -3.19
N ARG B 103 65.94 9.97 -3.21
CA ARG B 103 66.76 9.96 -4.42
C ARG B 103 67.26 8.57 -4.75
N ALA B 104 67.49 7.74 -3.73
CA ALA B 104 67.93 6.36 -3.93
C ALA B 104 66.78 5.40 -4.20
N GLY B 105 65.54 5.88 -4.17
CA GLY B 105 64.40 5.02 -4.41
C GLY B 105 64.20 3.94 -3.38
N SER B 106 64.77 4.10 -2.20
CA SER B 106 64.73 3.06 -1.18
C SER B 106 64.06 3.58 0.08
N ARG B 107 63.67 2.63 0.93
CA ARG B 107 62.99 3.00 2.17
C ARG B 107 63.90 3.83 3.07
N THR B 108 65.15 3.40 3.23
CA THR B 108 66.09 4.02 4.13
C THR B 108 67.15 4.78 3.34
N SER B 109 67.93 5.57 4.08
CA SER B 109 68.94 6.40 3.45
C SER B 109 70.06 5.54 2.90
N PRO B 110 70.61 5.90 1.72
CA PRO B 110 71.84 5.22 1.29
C PRO B 110 73.04 5.64 2.10
N ILE B 111 73.00 6.84 2.70
CA ILE B 111 74.13 7.35 3.47
C ILE B 111 74.38 6.48 4.69
N ASP B 112 73.39 6.44 5.59
CA ASP B 112 73.54 5.84 6.90
C ASP B 112 72.55 4.72 7.14
N ARG B 113 71.83 4.30 6.11
CA ARG B 113 70.83 3.22 6.23
C ARG B 113 69.77 3.57 7.26
N GLY B 114 69.53 4.87 7.45
CA GLY B 114 68.69 5.34 8.53
C GLY B 114 67.22 5.31 8.19
N ASN B 115 66.43 4.70 9.06
CA ASN B 115 64.98 4.77 8.98
C ASN B 115 64.54 6.06 9.66
N LEU B 116 64.11 7.03 8.86
CA LEU B 116 63.77 8.35 9.41
C LEU B 116 62.63 8.24 10.41
N ASN B 117 61.62 7.44 10.10
CA ASN B 117 60.47 7.29 10.97
C ASN B 117 60.72 6.31 12.11
N ARG B 118 61.98 6.10 12.46
CA ARG B 118 62.37 5.46 13.72
C ARG B 118 63.49 6.23 14.40
N SER B 119 63.82 7.43 13.91
CA SER B 119 64.98 8.17 14.36
C SER B 119 64.62 9.41 15.18
N PHE B 120 63.38 9.55 15.60
CA PHE B 120 63.13 10.73 16.40
C PHE B 120 63.35 10.42 17.88
N PRO B 121 63.69 11.42 18.70
CA PRO B 121 63.83 12.85 18.38
C PRO B 121 65.08 13.20 17.57
N GLY B 122 65.98 12.24 17.38
CA GLY B 122 67.21 12.53 16.66
C GLY B 122 68.13 13.42 17.48
N ARG B 123 69.20 13.87 16.82
CA ARG B 123 70.19 14.69 17.50
C ARG B 123 70.94 15.52 16.47
N PRO B 124 71.41 16.71 16.85
CA PRO B 124 71.98 17.64 15.85
C PRO B 124 73.35 17.24 15.33
N ASP B 125 74.07 16.36 16.03
CA ASP B 125 75.41 15.97 15.60
C ASP B 125 75.50 14.47 15.29
N GLY B 126 74.37 13.84 14.98
CA GLY B 126 74.35 12.43 14.65
C GLY B 126 74.45 12.20 13.16
N THR B 127 73.81 11.12 12.71
CA THR B 127 73.77 10.80 11.30
C THR B 127 72.99 11.85 10.52
N VAL B 128 73.14 11.81 9.20
CA VAL B 128 72.34 12.68 8.32
C VAL B 128 70.86 12.52 8.64
N THR B 129 70.41 11.28 8.80
CA THR B 129 69.01 11.02 9.12
C THR B 129 68.66 11.53 10.51
N GLU B 130 69.57 11.35 11.48
CA GLU B 130 69.33 11.89 12.81
C GLU B 130 69.33 13.41 12.81
N LYS B 131 70.15 14.02 11.93
CA LYS B 131 70.15 15.47 11.83
C LYS B 131 68.86 15.99 11.22
N ILE B 132 68.28 15.24 10.27
CA ILE B 132 66.98 15.64 9.72
C ILE B 132 65.91 15.57 10.80
N ALA B 133 65.89 14.47 11.55
CA ALA B 133 64.91 14.30 12.61
C ALA B 133 64.99 15.43 13.65
N ASP B 134 66.22 15.79 14.05
CA ASP B 134 66.37 16.83 15.06
C ASP B 134 65.92 18.19 14.55
N TYR B 135 66.03 18.44 13.24
CA TYR B 135 65.60 19.74 12.72
C TYR B 135 64.08 19.85 12.75
N PHE B 136 63.37 18.80 12.35
CA PHE B 136 61.91 18.85 12.44
C PHE B 136 61.46 18.79 13.90
N GLN B 137 62.18 18.02 14.72
CA GLN B 137 61.77 17.86 16.12
C GLN B 137 61.77 19.19 16.86
N ARG B 138 62.88 19.93 16.79
CA ARG B 138 63.04 21.10 17.64
C ARG B 138 62.82 22.43 16.92
N THR B 139 62.88 22.46 15.59
CA THR B 139 62.76 23.70 14.85
C THR B 139 61.46 23.82 14.07
N LEU B 140 61.13 22.82 13.24
CA LEU B 140 59.97 22.96 12.37
C LEU B 140 58.66 22.64 13.09
N LEU B 141 58.58 21.48 13.74
CA LEU B 141 57.35 21.08 14.44
C LEU B 141 56.84 22.12 15.43
N PRO B 142 57.67 22.76 16.26
CA PRO B 142 57.13 23.82 17.14
C PRO B 142 56.45 24.94 16.37
N MET B 143 56.89 25.21 15.14
CA MET B 143 56.26 26.25 14.34
C MET B 143 54.90 25.83 13.79
N ALA B 144 54.62 24.53 13.74
CA ALA B 144 53.47 24.02 13.02
C ALA B 144 52.32 23.67 13.95
N ASP B 145 51.10 23.88 13.46
CA ASP B 145 49.88 23.46 14.12
C ASP B 145 49.45 22.07 13.68
N LEU B 146 49.66 21.76 12.40
CA LEU B 146 49.18 20.54 11.78
C LEU B 146 50.33 19.89 11.03
N ALA B 147 50.51 18.58 11.22
CA ALA B 147 51.56 17.82 10.56
C ALA B 147 50.92 16.74 9.70
N VAL B 148 51.14 16.83 8.38
CA VAL B 148 50.69 15.83 7.43
C VAL B 148 51.92 15.07 6.96
N ASP B 149 51.96 13.78 7.26
CA ASP B 149 53.13 12.93 6.97
C ASP B 149 52.65 11.72 6.17
N PHE B 150 52.81 11.80 4.85
CA PHE B 150 52.32 10.76 3.97
C PHE B 150 53.15 9.49 4.11
N HIS B 151 52.48 8.34 3.98
CA HIS B 151 53.17 7.05 3.95
C HIS B 151 52.44 6.13 3.01
N SER B 152 53.15 5.10 2.55
CA SER B 152 52.58 4.05 1.71
C SER B 152 53.36 2.76 1.98
N GLY B 153 53.06 1.72 1.22
CA GLY B 153 53.59 0.41 1.52
C GLY B 153 55.06 0.25 1.19
N GLY B 154 55.56 1.00 0.21
CA GLY B 154 56.91 0.79 -0.25
C GLY B 154 57.00 -0.45 -1.12
N LYS B 155 58.24 -0.76 -1.50
CA LYS B 155 58.48 -1.88 -2.41
C LYS B 155 58.11 -3.23 -1.81
N THR B 156 57.88 -3.31 -0.50
CA THR B 156 57.60 -4.58 0.15
C THR B 156 56.16 -4.76 0.62
N LEU B 157 55.39 -3.68 0.69
CA LEU B 157 54.02 -3.75 1.21
C LEU B 157 53.07 -3.01 0.28
N ASP B 158 51.82 -3.49 0.26
CA ASP B 158 50.72 -2.82 -0.41
C ASP B 158 49.60 -2.65 0.61
N PHE B 159 48.89 -1.53 0.53
CA PHE B 159 47.81 -1.21 1.45
C PHE B 159 46.59 -0.80 0.66
N VAL B 160 45.40 -0.97 1.23
CA VAL B 160 44.27 -0.24 0.64
C VAL B 160 44.31 1.20 1.14
N PRO B 161 43.94 2.19 0.33
CA PRO B 161 44.26 3.59 0.65
C PRO B 161 43.50 4.06 1.88
N PHE B 162 44.24 4.54 2.88
CA PHE B 162 43.58 4.87 4.13
C PHE B 162 44.41 5.89 4.92
N ALA B 163 43.70 6.76 5.64
CA ALA B 163 44.29 7.67 6.61
C ALA B 163 44.09 7.11 8.01
N ALA B 164 44.97 7.51 8.93
CA ALA B 164 45.03 6.82 10.21
C ALA B 164 45.23 7.80 11.36
N ALA B 165 44.94 7.31 12.56
CA ALA B 165 45.29 7.95 13.81
C ALA B 165 45.33 6.86 14.88
N HIS B 166 46.11 7.08 15.92
CA HIS B 166 46.29 6.09 16.97
C HIS B 166 45.36 6.36 18.15
N ILE B 167 45.18 5.33 18.99
CA ILE B 167 44.59 5.56 20.31
C ILE B 167 45.68 6.18 21.18
N LEU B 168 45.45 7.41 21.60
CA LEU B 168 46.39 8.14 22.44
C LEU B 168 45.83 8.16 23.86
N GLU B 169 46.67 8.49 24.83
CA GLU B 169 46.09 8.75 26.14
C GLU B 169 45.62 10.20 26.25
N ASP B 170 46.35 11.13 25.64
CA ASP B 170 45.86 12.50 25.52
C ASP B 170 44.71 12.51 24.53
N LYS B 171 43.49 12.54 25.04
CA LYS B 171 42.31 12.39 24.19
C LYS B 171 41.92 13.70 23.51
N ALA B 172 42.24 14.84 24.11
CA ALA B 172 42.02 16.11 23.43
C ALA B 172 42.79 16.16 22.12
N THR B 173 44.05 15.70 22.13
CA THR B 173 44.82 15.58 20.90
C THR B 173 44.27 14.45 20.03
N GLN B 174 43.84 13.35 20.65
CA GLN B 174 43.26 12.25 19.89
C GLN B 174 42.04 12.70 19.09
N ALA B 175 41.16 13.48 19.73
CA ALA B 175 39.98 13.98 19.03
C ALA B 175 40.36 14.89 17.87
N ALA B 176 41.40 15.70 18.05
CA ALA B 176 41.81 16.62 16.98
C ALA B 176 42.34 15.85 15.77
N CYS B 177 43.02 14.72 16.02
CA CYS B 177 43.58 13.95 14.91
C CYS B 177 42.50 13.13 14.20
N PHE B 178 41.51 12.62 14.95
CA PHE B 178 40.42 11.90 14.31
C PHE B 178 39.59 12.83 13.44
N ALA B 179 39.40 14.08 13.89
CA ALA B 179 38.73 15.06 13.06
C ALA B 179 39.47 15.27 11.75
N ALA B 180 40.80 15.42 11.83
CA ALA B 180 41.59 15.67 10.62
C ALA B 180 41.61 14.44 9.71
N MET B 181 41.63 13.23 10.30
CA MET B 181 41.52 12.03 9.48
C MET B 181 40.18 11.98 8.77
N LYS B 182 39.10 12.25 9.51
CA LYS B 182 37.76 12.23 8.92
C LYS B 182 37.64 13.20 7.76
N ALA B 183 38.27 14.37 7.90
CA ALA B 183 38.29 15.33 6.79
C ALA B 183 39.07 14.79 5.60
N PHE B 184 40.24 14.20 5.86
CA PHE B 184 41.06 13.62 4.79
C PHE B 184 40.26 12.62 3.95
N ASN B 185 39.39 11.84 4.60
CA ASN B 185 38.38 11.01 3.94
C ASN B 185 38.96 10.11 2.85
N ALA B 186 39.97 9.33 3.24
CA ALA B 186 40.46 8.28 2.39
C ALA B 186 39.37 7.20 2.24
N PRO B 187 39.48 6.33 1.23
CA PRO B 187 38.45 5.28 1.07
C PRO B 187 38.28 4.43 2.31
N TYR B 188 39.33 4.27 3.12
CA TYR B 188 39.22 3.64 4.44
C TYR B 188 39.85 4.56 5.47
N SER B 189 39.40 4.40 6.71
CA SER B 189 39.86 5.21 7.82
C SER B 189 40.22 4.25 8.95
N VAL B 190 41.50 4.19 9.28
CA VAL B 190 42.03 3.12 10.11
C VAL B 190 42.62 3.71 11.38
N GLU B 191 42.42 2.99 12.47
CA GLU B 191 42.97 3.37 13.76
C GLU B 191 44.11 2.39 14.02
N LEU B 192 45.33 2.85 13.76
CA LEU B 192 46.47 1.96 13.59
C LEU B 192 46.96 1.41 14.92
N LEU B 193 47.40 0.16 14.91
CA LEU B 193 47.98 -0.48 16.09
C LEU B 193 49.49 -0.30 16.04
N GLU B 194 50.00 0.68 16.78
CA GLU B 194 51.43 0.84 17.00
C GLU B 194 51.64 0.94 18.51
N ILE B 195 52.15 -0.14 19.10
CA ILE B 195 52.74 -0.09 20.44
C ILE B 195 54.25 -0.04 20.35
N ASP B 196 54.81 -0.27 19.17
CA ASP B 196 56.18 0.04 18.82
C ASP B 196 56.30 1.50 18.43
N SER B 197 55.81 2.40 19.28
CA SER B 197 55.66 3.81 18.91
C SER B 197 56.93 4.62 19.11
N ALA B 198 58.01 4.00 19.57
CA ALA B 198 59.23 4.74 19.88
C ALA B 198 59.95 5.19 18.62
N GLY B 199 60.43 6.43 18.64
CA GLY B 199 61.32 6.94 17.61
C GLY B 199 60.65 7.48 16.36
N MET B 200 59.35 7.31 16.19
CA MET B 200 58.72 7.71 14.95
C MET B 200 58.22 9.14 14.99
N TYR B 201 58.17 9.75 13.80
CA TYR B 201 57.64 11.10 13.64
C TYR B 201 56.22 11.20 14.18
N ASP B 202 55.45 10.12 14.03
CA ASP B 202 54.08 10.06 14.55
C ASP B 202 54.04 10.48 16.02
N THR B 203 54.85 9.83 16.85
CA THR B 203 54.91 10.08 18.27
C THR B 203 55.58 11.42 18.60
N ALA B 204 56.45 11.91 17.72
CA ALA B 204 57.01 13.24 17.92
C ALA B 204 55.92 14.31 17.82
N VAL B 205 55.02 14.17 16.83
CA VAL B 205 53.92 15.12 16.67
C VAL B 205 52.90 14.94 17.79
N GLU B 206 52.53 13.69 18.07
CA GLU B 206 51.45 13.44 19.02
C GLU B 206 51.81 13.89 20.42
N GLU B 207 53.03 13.61 20.87
CA GLU B 207 53.42 14.01 22.21
C GLU B 207 53.58 15.52 22.35
N MET B 208 53.67 16.25 21.24
CA MET B 208 53.70 17.70 21.27
C MET B 208 52.31 18.32 21.32
N GLY B 209 51.26 17.51 21.31
CA GLY B 209 49.91 18.03 21.28
C GLY B 209 49.48 18.58 19.94
N LYS B 210 50.21 18.30 18.87
CA LYS B 210 49.87 18.79 17.55
C LYS B 210 48.92 17.83 16.84
N VAL B 211 48.31 18.32 15.77
CA VAL B 211 47.40 17.52 14.96
C VAL B 211 48.23 16.74 13.93
N LEU B 212 48.08 15.41 13.94
CA LEU B 212 48.78 14.54 13.02
C LEU B 212 47.79 13.82 12.12
N VAL B 213 48.08 13.81 10.82
CA VAL B 213 47.47 12.88 9.90
C VAL B 213 48.59 12.06 9.26
N THR B 214 48.37 10.75 9.19
CA THR B 214 49.30 9.84 8.54
C THR B 214 48.47 8.87 7.71
N THR B 215 49.09 8.35 6.64
CA THR B 215 48.36 7.58 5.64
C THR B 215 49.09 6.29 5.33
N GLU B 216 48.38 5.43 4.60
CA GLU B 216 48.97 4.30 3.87
C GLU B 216 48.16 4.24 2.57
N LEU B 217 48.67 4.92 1.54
CA LEU B 217 47.94 5.04 0.27
C LEU B 217 48.58 4.09 -0.75
N GLY B 218 48.15 2.83 -0.69
CA GLY B 218 48.67 1.86 -1.63
C GLY B 218 50.09 1.43 -1.28
N GLY B 219 50.87 1.13 -2.32
CA GLY B 219 52.24 0.71 -2.10
C GLY B 219 52.85 0.11 -3.36
N GLY B 220 53.84 -0.75 -3.14
CA GLY B 220 54.53 -1.43 -4.22
C GLY B 220 55.67 -0.66 -4.85
N GLY B 221 56.04 0.50 -4.29
CA GLY B 221 57.03 1.34 -4.91
C GLY B 221 56.53 2.09 -6.12
N SER B 222 55.23 2.40 -6.15
CA SER B 222 54.64 3.06 -7.31
C SER B 222 53.28 3.63 -6.90
N SER B 223 52.83 4.61 -7.67
CA SER B 223 51.54 5.25 -7.43
C SER B 223 50.77 5.36 -8.74
N SER B 224 49.47 5.13 -8.66
CA SER B 224 48.58 5.26 -9.81
C SER B 224 47.90 6.62 -9.80
N ALA B 225 47.26 6.95 -10.92
CA ALA B 225 46.48 8.19 -10.96
C ALA B 225 45.37 8.18 -9.93
N ARG B 226 44.81 7.00 -9.65
CA ARG B 226 43.77 6.88 -8.63
C ARG B 226 44.33 7.13 -7.24
N SER B 227 45.48 6.54 -6.93
CA SER B 227 46.07 6.72 -5.61
C SER B 227 46.68 8.11 -5.44
N ASN B 228 47.16 8.73 -6.53
CA ASN B 228 47.58 10.12 -6.46
C ASN B 228 46.41 11.03 -6.12
N ALA B 229 45.24 10.75 -6.71
CA ALA B 229 44.07 11.58 -6.48
C ALA B 229 43.60 11.49 -5.03
N ILE B 230 43.70 10.30 -4.43
CA ILE B 230 43.34 10.17 -3.02
C ILE B 230 44.24 11.05 -2.15
N ALA B 231 45.53 11.09 -2.48
CA ALA B 231 46.44 11.95 -1.72
C ALA B 231 46.13 13.42 -1.92
N LYS B 232 45.78 13.81 -3.16
CA LYS B 232 45.48 15.21 -3.43
C LYS B 232 44.19 15.63 -2.74
N LYS B 233 43.15 14.79 -2.82
CA LYS B 233 41.87 15.13 -2.22
C LYS B 233 42.01 15.36 -0.72
N GLY B 234 42.70 14.45 -0.03
CA GLY B 234 42.80 14.55 1.41
C GLY B 234 43.76 15.63 1.90
N LEU B 235 44.81 15.91 1.13
CA LEU B 235 45.64 17.07 1.45
C LEU B 235 44.79 18.34 1.41
N ARG B 236 43.99 18.50 0.36
CA ARG B 236 43.15 19.68 0.24
C ARG B 236 42.11 19.73 1.36
N ASN B 237 41.45 18.61 1.62
CA ASN B 237 40.43 18.56 2.67
C ASN B 237 41.02 18.97 4.02
N VAL B 238 42.15 18.37 4.39
CA VAL B 238 42.73 18.64 5.71
C VAL B 238 43.14 20.09 5.82
N LEU B 239 43.68 20.66 4.74
CA LEU B 239 44.05 22.08 4.77
C LEU B 239 42.81 22.97 4.89
N ILE B 240 41.72 22.59 4.22
CA ILE B 240 40.47 23.32 4.37
C ILE B 240 39.91 23.11 5.77
N HIS B 241 39.94 21.87 6.26
CA HIS B 241 39.48 21.59 7.62
C HIS B 241 40.28 22.35 8.66
N ALA B 242 41.56 22.61 8.39
CA ALA B 242 42.41 23.34 9.34
C ALA B 242 42.27 24.85 9.22
N GLY B 243 41.65 25.35 8.15
CA GLY B 243 41.45 26.77 7.99
C GLY B 243 42.53 27.50 7.21
N ILE B 244 43.38 26.78 6.50
CA ILE B 244 44.47 27.41 5.75
C ILE B 244 44.07 27.68 4.30
N LEU B 245 43.29 26.77 3.71
CA LEU B 245 42.81 26.95 2.35
C LEU B 245 41.30 27.17 2.36
N LYS B 246 40.84 28.06 1.48
CA LYS B 246 39.41 28.27 1.31
C LYS B 246 38.83 27.20 0.38
N GLY B 247 37.54 26.96 0.56
CA GLY B 247 36.80 26.00 -0.24
C GLY B 247 35.99 25.06 0.63
N GLU B 248 35.16 24.28 -0.05
CA GLU B 248 34.32 23.30 0.61
C GLU B 248 34.88 21.91 0.34
N MET B 249 34.94 21.10 1.39
CA MET B 249 35.62 19.81 1.31
C MET B 249 34.86 18.84 0.40
N GLN B 250 35.63 18.01 -0.30
CA GLN B 250 35.08 16.92 -1.10
C GLN B 250 35.01 15.66 -0.24
N LEU B 251 33.80 15.23 0.10
CA LEU B 251 33.62 14.10 0.99
C LEU B 251 32.87 12.98 0.28
N ASP B 252 33.49 11.80 0.24
CA ASP B 252 32.95 10.59 -0.35
C ASP B 252 32.77 9.56 0.77
N GLU B 253 32.38 8.34 0.41
CA GLU B 253 32.21 7.30 1.42
C GLU B 253 33.56 6.86 1.96
N THR B 254 33.56 6.39 3.21
CA THR B 254 34.77 5.80 3.79
C THR B 254 34.39 4.65 4.71
N VAL B 255 35.26 3.64 4.75
CA VAL B 255 35.08 2.46 5.58
C VAL B 255 35.96 2.60 6.81
N ASN B 256 35.39 2.36 7.99
CA ASN B 256 36.10 2.51 9.25
C ASN B 256 36.59 1.14 9.72
N LEU B 257 37.89 1.05 10.01
CA LEU B 257 38.51 -0.20 10.45
C LEU B 257 39.40 0.06 11.66
N THR B 258 39.68 -1.02 12.39
CA THR B 258 40.48 -0.94 13.59
C THR B 258 41.46 -2.10 13.64
N MET B 259 42.49 -1.95 14.45
CA MET B 259 43.54 -2.95 14.62
C MET B 259 43.71 -3.22 16.12
N PRO B 260 42.95 -4.16 16.66
CA PRO B 260 42.96 -4.36 18.13
C PRO B 260 44.12 -5.17 18.71
N ASP B 261 44.57 -6.23 18.05
CA ASP B 261 45.59 -7.09 18.65
C ASP B 261 46.74 -7.41 17.71
N ASP B 262 47.63 -8.30 18.18
CA ASP B 262 48.65 -8.86 17.31
C ASP B 262 48.03 -9.71 16.20
N ASP B 263 46.88 -10.32 16.46
CA ASP B 263 46.31 -11.31 15.55
C ASP B 263 45.83 -10.73 14.23
N CYS B 264 45.95 -9.43 14.00
CA CYS B 264 45.66 -8.92 12.66
C CYS B 264 46.85 -9.05 11.72
N PHE B 265 48.05 -9.30 12.26
CA PHE B 265 49.21 -9.59 11.44
C PHE B 265 49.46 -11.08 11.39
N VAL B 266 49.91 -11.54 10.23
CA VAL B 266 50.48 -12.87 10.05
C VAL B 266 51.83 -12.70 9.38
N PHE B 267 52.84 -13.35 9.94
CA PHE B 267 54.21 -13.19 9.47
C PHE B 267 54.73 -14.47 8.83
N SER B 268 55.64 -14.31 7.88
CA SER B 268 56.25 -15.46 7.23
C SER B 268 57.25 -16.13 8.16
N GLU B 269 57.28 -17.46 8.11
CA GLU B 269 58.25 -18.24 8.86
C GLU B 269 59.26 -18.94 7.95
N GLY B 270 59.23 -18.65 6.65
CA GLY B 270 60.16 -19.26 5.72
C GLY B 270 60.22 -18.50 4.42
N ASP B 271 61.24 -18.80 3.63
CA ASP B 271 61.44 -18.19 2.33
C ASP B 271 60.67 -18.95 1.26
N GLY B 272 60.33 -18.27 0.19
CA GLY B 272 59.69 -18.94 -0.93
C GLY B 272 59.00 -17.97 -1.86
N LEU B 273 58.28 -18.56 -2.82
CA LEU B 273 57.50 -17.83 -3.80
C LEU B 273 56.14 -17.51 -3.21
N PHE B 274 55.79 -16.23 -3.19
CA PHE B 274 54.58 -15.75 -2.51
C PHE B 274 53.39 -15.81 -3.46
N GLU B 275 52.34 -16.51 -3.04
CA GLU B 275 51.10 -16.58 -3.81
C GLU B 275 49.96 -16.06 -2.94
N MET B 276 49.55 -14.82 -3.19
CA MET B 276 48.41 -14.27 -2.49
C MET B 276 47.14 -14.99 -2.93
N MET B 277 46.31 -15.37 -1.97
CA MET B 277 45.10 -16.11 -2.28
C MET B 277 43.84 -15.25 -2.35
N ILE B 278 43.77 -14.16 -1.58
CA ILE B 278 42.67 -13.19 -1.66
C ILE B 278 43.27 -11.78 -1.56
N ASP B 279 42.75 -10.87 -2.36
CA ASP B 279 43.42 -9.60 -2.63
C ASP B 279 43.12 -8.55 -1.54
N LEU B 280 43.77 -7.41 -1.69
CA LEU B 280 43.54 -6.27 -0.80
C LEU B 280 42.08 -5.85 -0.83
N GLY B 281 41.54 -5.52 0.34
CA GLY B 281 40.18 -5.06 0.47
C GLY B 281 39.12 -6.15 0.37
N ALA B 282 39.52 -7.39 0.18
CA ALA B 282 38.47 -8.39 0.07
C ALA B 282 38.15 -8.98 1.44
N PRO B 283 36.90 -9.41 1.65
CA PRO B 283 36.53 -9.95 2.96
C PRO B 283 37.30 -11.21 3.30
N VAL B 284 37.69 -11.32 4.57
CA VAL B 284 38.40 -12.47 5.09
C VAL B 284 37.76 -12.90 6.40
N ALA B 285 37.52 -14.19 6.55
CA ALA B 285 37.07 -14.77 7.81
C ALA B 285 38.26 -15.40 8.53
N LYS B 286 38.11 -15.56 9.84
CA LYS B 286 39.17 -16.20 10.61
C LYS B 286 39.33 -17.65 10.17
N GLY B 287 40.57 -18.02 9.84
CA GLY B 287 40.87 -19.35 9.35
C GLY B 287 40.98 -19.46 7.84
N ASP B 288 40.52 -18.45 7.11
CA ASP B 288 40.60 -18.50 5.65
C ASP B 288 42.05 -18.43 5.19
N LEU B 289 42.34 -19.13 4.10
CA LEU B 289 43.69 -19.11 3.54
C LEU B 289 43.99 -17.74 2.94
N LEU B 290 45.00 -17.07 3.48
CA LEU B 290 45.40 -15.76 2.98
C LEU B 290 46.40 -15.89 1.83
N ALA B 291 47.39 -16.77 1.98
CA ALA B 291 48.43 -16.90 0.97
C ALA B 291 49.12 -18.24 1.12
N ARG B 292 49.70 -18.71 0.03
CA ARG B 292 50.54 -19.89 0.00
C ARG B 292 51.93 -19.49 -0.45
N VAL B 293 52.94 -20.19 0.05
CA VAL B 293 54.33 -19.88 -0.27
C VAL B 293 55.00 -21.15 -0.78
N TRP B 294 55.32 -21.17 -2.08
CA TRP B 294 55.94 -22.27 -2.81
C TRP B 294 57.45 -22.27 -2.63
N PRO B 295 58.09 -23.45 -2.65
CA PRO B 295 59.53 -23.50 -2.44
C PRO B 295 60.30 -22.89 -3.60
N LEU B 296 61.43 -22.26 -3.27
CA LEU B 296 62.27 -21.61 -4.27
C LEU B 296 63.20 -22.60 -4.97
N ASP B 297 63.61 -23.65 -4.26
CA ASP B 297 64.59 -24.59 -4.78
C ASP B 297 63.99 -25.95 -5.10
N ARG B 298 62.67 -26.07 -5.17
CA ARG B 298 62.03 -27.36 -5.39
C ARG B 298 60.72 -27.16 -6.14
N THR B 299 60.20 -28.26 -6.66
CA THR B 299 58.85 -28.30 -7.22
C THR B 299 58.16 -29.57 -6.74
N GLY B 300 56.83 -29.56 -6.83
CA GLY B 300 56.04 -30.72 -6.47
C GLY B 300 55.73 -30.88 -5.00
N GLN B 301 56.16 -29.94 -4.16
CA GLN B 301 55.95 -29.88 -2.72
C GLN B 301 54.64 -29.18 -2.39
N PRO B 302 53.92 -29.66 -1.38
CA PRO B 302 52.77 -28.90 -0.88
C PRO B 302 53.20 -27.53 -0.39
N PRO B 303 52.50 -26.48 -0.78
CA PRO B 303 52.92 -25.13 -0.38
C PRO B 303 52.68 -24.89 1.10
N VAL B 304 53.47 -23.99 1.67
CA VAL B 304 53.27 -23.55 3.04
C VAL B 304 52.09 -22.59 3.07
N GLU B 305 51.12 -22.86 3.93
CA GLU B 305 49.88 -22.11 3.96
C GLU B 305 49.87 -21.15 5.15
N TYR B 306 49.37 -19.94 4.91
CA TYR B 306 49.23 -18.92 5.95
C TYR B 306 47.77 -18.49 6.01
N ARG B 307 47.17 -18.64 7.18
CA ARG B 307 45.75 -18.39 7.37
C ARG B 307 45.54 -17.24 8.35
N ALA B 308 44.36 -16.64 8.27
CA ALA B 308 44.05 -15.45 9.05
C ALA B 308 43.76 -15.81 10.49
N ARG B 309 44.31 -15.00 11.40
CA ARG B 309 44.03 -15.14 12.83
C ARG B 309 42.79 -14.35 13.26
N ARG B 310 42.18 -13.59 12.36
CA ARG B 310 41.16 -12.63 12.75
C ARG B 310 40.38 -12.22 11.50
N ALA B 311 39.07 -12.03 11.66
CA ALA B 311 38.19 -11.75 10.55
C ALA B 311 38.12 -10.26 10.25
N GLY B 312 37.94 -9.92 8.97
CA GLY B 312 37.80 -8.55 8.54
C GLY B 312 38.12 -8.34 7.07
N LEU B 313 38.94 -7.34 6.77
CA LEU B 313 39.37 -7.05 5.40
C LEU B 313 40.89 -7.16 5.31
N VAL B 314 41.38 -7.57 4.15
CA VAL B 314 42.82 -7.60 3.90
C VAL B 314 43.25 -6.17 3.59
N ILE B 315 43.84 -5.50 4.59
CA ILE B 315 44.23 -4.09 4.43
C ILE B 315 45.70 -3.93 4.05
N SER B 316 46.51 -4.96 4.18
CA SER B 316 47.88 -4.93 3.68
C SER B 316 48.31 -6.35 3.33
N ARG B 317 49.29 -6.44 2.44
CA ARG B 317 49.87 -7.73 2.09
C ARG B 317 51.31 -7.55 1.63
N HIS B 318 52.07 -8.64 1.71
CA HIS B 318 53.41 -8.69 1.16
C HIS B 318 53.37 -8.43 -0.34
N PHE B 319 54.09 -7.40 -0.78
CA PHE B 319 54.05 -7.08 -2.21
C PHE B 319 54.93 -8.00 -3.06
N PRO B 320 56.24 -8.12 -2.80
CA PRO B 320 57.12 -8.76 -3.78
C PRO B 320 56.79 -10.24 -3.99
N GLY B 321 57.19 -10.75 -5.16
CA GLY B 321 56.92 -12.13 -5.49
C GLY B 321 57.75 -13.11 -4.70
N LEU B 322 58.93 -12.69 -4.25
CA LEU B 322 59.72 -13.48 -3.31
C LEU B 322 59.41 -13.00 -1.89
N ILE B 323 59.07 -13.94 -1.02
CA ILE B 323 58.85 -13.65 0.39
C ILE B 323 60.00 -14.24 1.19
N LYS B 324 60.41 -13.53 2.23
CA LYS B 324 61.47 -13.97 3.12
C LYS B 324 60.89 -14.29 4.50
N SER B 325 61.63 -15.09 5.25
CA SER B 325 61.26 -15.37 6.63
C SER B 325 61.13 -14.07 7.42
N GLY B 326 60.01 -13.92 8.12
CA GLY B 326 59.77 -12.76 8.95
C GLY B 326 58.99 -11.65 8.29
N ASP B 327 58.78 -11.70 6.98
CA ASP B 327 58.02 -10.66 6.30
C ASP B 327 56.55 -10.71 6.71
N CYS B 328 55.89 -9.56 6.58
CA CYS B 328 54.48 -9.44 6.95
C CYS B 328 53.63 -9.98 5.81
N VAL B 329 53.05 -11.17 6.01
CA VAL B 329 52.24 -11.78 4.96
C VAL B 329 51.04 -10.90 4.62
N ALA B 330 50.24 -10.58 5.63
CA ALA B 330 49.02 -9.80 5.43
C ALA B 330 48.58 -9.18 6.75
N VAL B 331 47.76 -8.16 6.65
CA VAL B 331 47.20 -7.48 7.81
C VAL B 331 45.69 -7.34 7.61
N VAL B 332 44.92 -7.71 8.61
CA VAL B 332 43.46 -7.70 8.55
C VAL B 332 42.94 -6.55 9.40
N GLY B 333 42.09 -5.72 8.82
CA GLY B 333 41.35 -4.72 9.55
C GLY B 333 39.96 -5.24 9.90
N VAL B 334 39.47 -4.85 11.06
CA VAL B 334 38.24 -5.42 11.62
C VAL B 334 37.05 -4.56 11.24
N THR B 335 35.90 -5.22 11.08
CA THR B 335 34.64 -4.61 10.62
C THR B 335 34.80 -4.00 9.23
N LYS C 10 -32.65 36.57 -62.82
CA LYS C 10 -33.53 37.73 -62.80
C LYS C 10 -34.01 38.02 -61.38
N ASN C 11 -33.65 37.14 -60.46
CA ASN C 11 -34.05 37.30 -59.06
C ASN C 11 -33.32 38.49 -58.45
N PRO C 12 -34.02 39.39 -57.75
CA PRO C 12 -33.35 40.61 -57.24
C PRO C 12 -32.45 40.36 -56.04
N ILE C 13 -32.43 39.16 -55.47
CA ILE C 13 -31.60 38.92 -54.29
C ILE C 13 -30.13 38.97 -54.67
N SER C 14 -29.33 39.62 -53.81
CA SER C 14 -27.91 39.75 -53.99
C SER C 14 -27.26 39.48 -52.64
N PRO C 15 -26.22 38.65 -52.58
CA PRO C 15 -25.50 38.49 -51.32
C PRO C 15 -24.55 39.64 -51.07
N THR C 16 -24.30 39.91 -49.79
CA THR C 16 -23.31 40.90 -49.39
C THR C 16 -21.91 40.31 -49.30
N ILE C 17 -21.77 39.00 -49.48
CA ILE C 17 -20.49 38.31 -49.38
C ILE C 17 -20.33 37.39 -50.58
N PRO C 18 -19.11 37.06 -50.99
CA PRO C 18 -18.95 36.05 -52.05
C PRO C 18 -19.40 34.68 -51.58
N LEU C 19 -19.85 33.87 -52.53
CA LEU C 19 -20.35 32.54 -52.23
C LEU C 19 -19.35 31.43 -52.53
N ASP C 20 -18.25 31.75 -53.22
CA ASP C 20 -17.33 30.73 -53.70
C ASP C 20 -15.88 31.01 -53.30
N ARG C 21 -15.66 31.77 -52.24
CA ARG C 21 -14.32 32.18 -51.85
C ARG C 21 -13.90 31.51 -50.54
N ASP C 22 -12.66 31.05 -50.50
CA ASP C 22 -12.14 30.37 -49.32
C ASP C 22 -12.13 31.30 -48.12
N GLY C 23 -12.40 30.74 -46.95
CA GLY C 23 -12.44 31.48 -45.71
C GLY C 23 -13.81 31.42 -45.07
N VAL C 24 -13.93 32.13 -43.95
CA VAL C 24 -15.19 32.26 -43.22
C VAL C 24 -15.75 33.65 -43.49
N PHE C 25 -17.01 33.71 -43.89
CA PHE C 25 -17.62 34.98 -44.26
C PHE C 25 -19.05 35.04 -43.72
N HIS C 26 -19.39 36.18 -43.13
CA HIS C 26 -20.71 36.41 -42.56
C HIS C 26 -21.33 37.61 -43.24
N GLY C 27 -22.54 37.42 -43.76
CA GLY C 27 -23.21 38.46 -44.51
C GLY C 27 -24.70 38.23 -44.59
N PHE C 28 -25.30 38.71 -45.67
CA PHE C 28 -26.75 38.70 -45.82
C PHE C 28 -27.13 38.44 -47.27
N LEU C 29 -28.22 37.70 -47.45
CA LEU C 29 -28.91 37.62 -48.72
C LEU C 29 -29.86 38.82 -48.76
N LYS C 30 -29.52 39.81 -49.57
CA LYS C 30 -30.22 41.09 -49.57
C LYS C 30 -31.37 41.03 -50.55
N LEU C 31 -32.59 41.03 -50.03
CA LEU C 31 -33.79 40.95 -50.85
C LEU C 31 -34.51 42.29 -50.85
N PRO C 32 -34.54 43.01 -51.97
CA PRO C 32 -35.20 44.32 -51.99
C PRO C 32 -36.69 44.22 -51.69
N HIS C 33 -37.15 45.10 -50.80
CA HIS C 33 -38.55 45.07 -50.35
C HIS C 33 -38.98 46.52 -50.10
N SER C 34 -39.69 47.10 -51.06
CA SER C 34 -40.27 48.43 -50.88
C SER C 34 -41.61 48.29 -50.17
N ARG C 35 -41.79 49.06 -49.11
CA ARG C 35 -42.93 48.89 -48.21
C ARG C 35 -43.19 50.22 -47.54
N ASP C 36 -44.31 50.30 -46.82
CA ASP C 36 -44.72 51.56 -46.23
C ASP C 36 -43.65 52.11 -45.30
N ASP C 37 -43.13 51.27 -44.41
CA ASP C 37 -42.18 51.73 -43.41
C ASP C 37 -40.75 51.75 -43.92
N SER C 38 -40.52 51.40 -45.20
CA SER C 38 -39.19 51.52 -45.78
C SER C 38 -39.33 51.51 -47.30
N ALA C 39 -39.08 52.67 -47.93
CA ALA C 39 -39.31 52.81 -49.36
C ALA C 39 -38.22 52.15 -50.18
N TRP C 40 -36.97 52.23 -49.73
CA TRP C 40 -35.84 51.61 -50.39
C TRP C 40 -35.21 50.54 -49.51
N GLY C 41 -36.05 49.78 -48.80
CA GLY C 41 -35.56 48.82 -47.84
C GLY C 41 -35.25 47.47 -48.46
N SER C 42 -34.88 46.53 -47.59
CA SER C 42 -34.62 45.18 -48.05
C SER C 42 -34.67 44.24 -46.84
N VAL C 43 -35.00 42.98 -47.13
CA VAL C 43 -34.91 41.92 -46.13
C VAL C 43 -33.47 41.40 -46.15
N MET C 44 -32.81 41.46 -44.99
CA MET C 44 -31.40 41.08 -44.87
C MET C 44 -31.34 39.70 -44.23
N ILE C 45 -31.41 38.67 -45.06
CA ILE C 45 -31.40 37.30 -44.57
C ILE C 45 -29.97 36.90 -44.20
N PRO C 46 -29.67 36.71 -42.91
CA PRO C 46 -28.29 36.37 -42.52
C PRO C 46 -27.86 35.04 -43.09
N LEU C 47 -26.63 34.98 -43.57
CA LEU C 47 -26.03 33.72 -44.00
C LEU C 47 -24.53 33.79 -43.82
N THR C 48 -23.94 32.62 -43.56
CA THR C 48 -22.50 32.46 -43.46
C THR C 48 -22.05 31.42 -44.48
N VAL C 49 -21.00 31.75 -45.22
CA VAL C 49 -20.37 30.82 -46.16
C VAL C 49 -18.98 30.49 -45.63
N ILE C 50 -18.66 29.20 -45.56
CA ILE C 50 -17.34 28.72 -45.18
C ILE C 50 -16.84 27.80 -46.29
N LYS C 51 -15.72 28.15 -46.89
CA LYS C 51 -15.17 27.39 -48.01
C LYS C 51 -13.68 27.17 -47.80
N ASN C 52 -13.21 25.98 -48.18
CA ASN C 52 -11.78 25.67 -48.12
C ASN C 52 -11.51 24.55 -49.10
N GLY C 53 -10.69 24.82 -50.11
CA GLY C 53 -10.28 23.80 -51.05
C GLY C 53 -11.42 23.27 -51.90
N ALA C 54 -11.22 22.06 -52.40
CA ALA C 54 -12.16 21.40 -53.29
C ALA C 54 -12.95 20.35 -52.51
N GLY C 55 -14.26 20.34 -52.70
CA GLY C 55 -15.12 19.39 -52.03
C GLY C 55 -16.58 19.67 -52.27
N PRO C 56 -17.44 18.82 -51.74
CA PRO C 56 -18.88 19.00 -51.96
C PRO C 56 -19.45 20.17 -51.15
N THR C 57 -20.56 20.71 -51.63
CA THR C 57 -21.22 21.85 -51.02
C THR C 57 -22.49 21.38 -50.32
N ALA C 58 -22.66 21.80 -49.07
CA ALA C 58 -23.88 21.55 -48.32
C ALA C 58 -24.63 22.87 -48.14
N LEU C 59 -25.90 22.87 -48.53
CA LEU C 59 -26.79 24.02 -48.33
C LEU C 59 -27.63 23.75 -47.09
N LEU C 60 -27.33 24.47 -46.01
CA LEU C 60 -27.89 24.19 -44.70
C LEU C 60 -28.85 25.31 -44.30
N THR C 61 -30.11 24.96 -44.07
CA THR C 61 -31.14 25.94 -43.77
C THR C 61 -31.88 25.56 -42.49
N GLY C 62 -32.17 26.56 -41.66
CA GLY C 62 -33.06 26.40 -40.54
C GLY C 62 -34.16 27.43 -40.59
N ALA C 63 -35.23 27.16 -39.83
CA ALA C 63 -36.38 28.05 -39.74
C ALA C 63 -37.05 28.24 -41.10
N ASN C 64 -37.15 27.14 -41.86
CA ASN C 64 -38.07 27.11 -42.99
C ASN C 64 -39.45 27.59 -42.55
N HIS C 65 -39.94 27.04 -41.46
CA HIS C 65 -41.03 27.63 -40.70
C HIS C 65 -40.44 28.32 -39.47
N GLY C 66 -40.93 29.53 -39.18
CA GLY C 66 -40.21 30.42 -38.29
C GLY C 66 -40.14 29.98 -36.84
N ASP C 67 -41.10 29.18 -36.39
CA ASP C 67 -41.23 28.84 -34.97
C ASP C 67 -40.68 27.46 -34.66
N GLU C 68 -39.58 27.08 -35.30
CA GLU C 68 -38.90 25.81 -35.07
C GLU C 68 -37.42 26.11 -34.90
N TYR C 69 -36.84 25.70 -33.77
CA TYR C 69 -35.63 26.33 -33.29
C TYR C 69 -34.41 25.43 -33.15
N GLU C 70 -34.57 24.10 -33.20
CA GLU C 70 -33.40 23.23 -33.10
C GLU C 70 -32.42 23.52 -34.23
N GLY C 71 -32.92 23.68 -35.44
CA GLY C 71 -32.09 23.99 -36.59
C GLY C 71 -31.30 25.28 -36.44
N PRO C 72 -31.98 26.41 -36.33
CA PRO C 72 -31.27 27.70 -36.19
C PRO C 72 -30.21 27.69 -35.09
N VAL C 73 -30.45 26.97 -33.98
CA VAL C 73 -29.45 26.90 -32.92
C VAL C 73 -28.21 26.15 -33.40
N ALA C 74 -28.41 24.96 -33.97
CA ALA C 74 -27.28 24.20 -34.48
C ALA C 74 -26.56 24.94 -35.60
N LEU C 75 -27.29 25.73 -36.39
CA LEU C 75 -26.69 26.42 -37.52
C LEU C 75 -25.96 27.68 -37.11
N HIS C 76 -26.45 28.37 -36.06
CA HIS C 76 -25.73 29.54 -35.56
C HIS C 76 -24.39 29.14 -34.95
N GLU C 77 -24.40 28.10 -34.11
CA GLU C 77 -23.15 27.61 -33.53
C GLU C 77 -22.21 27.12 -34.62
N LEU C 78 -22.73 26.42 -35.62
CA LEU C 78 -21.90 25.97 -36.72
C LEU C 78 -21.29 27.14 -37.47
N ALA C 79 -22.10 28.18 -37.73
CA ALA C 79 -21.59 29.34 -38.47
C ALA C 79 -20.50 30.07 -37.71
N ALA C 80 -20.56 30.08 -36.39
CA ALA C 80 -19.71 30.94 -35.59
C ALA C 80 -18.48 30.26 -35.03
N THR C 81 -18.43 28.92 -35.01
CA THR C 81 -17.30 28.23 -34.41
C THR C 81 -16.64 27.20 -35.33
N THR C 82 -16.93 27.24 -36.63
CA THR C 82 -16.31 26.33 -37.59
C THR C 82 -15.18 27.06 -38.31
N SER C 83 -13.96 26.51 -38.21
CA SER C 83 -12.82 27.07 -38.93
C SER C 83 -12.85 26.65 -40.38
N ALA C 84 -12.24 27.47 -41.23
CA ALA C 84 -12.10 27.10 -42.64
C ALA C 84 -11.23 25.87 -42.80
N GLU C 85 -10.16 25.78 -42.00
CA GLU C 85 -9.25 24.65 -42.07
C GLU C 85 -9.94 23.32 -41.78
N ASP C 86 -11.09 23.35 -41.11
CA ASP C 86 -11.85 22.14 -40.81
C ASP C 86 -12.69 21.66 -41.98
N VAL C 87 -12.81 22.46 -43.04
CA VAL C 87 -13.78 22.22 -44.11
C VAL C 87 -13.04 21.73 -45.35
N THR C 88 -13.52 20.62 -45.92
CA THR C 88 -13.11 20.16 -47.25
C THR C 88 -14.36 20.23 -48.11
N GLY C 89 -14.59 21.40 -48.69
CA GLY C 89 -15.81 21.65 -49.43
C GLY C 89 -16.34 23.05 -49.12
N ARG C 90 -17.64 23.17 -48.90
CA ARG C 90 -18.25 24.46 -48.68
C ARG C 90 -19.54 24.30 -47.89
N LEU C 91 -19.74 25.19 -46.91
CA LEU C 91 -20.96 25.28 -46.14
C LEU C 91 -21.67 26.59 -46.48
N ILE C 92 -22.93 26.50 -46.90
CA ILE C 92 -23.78 27.66 -47.10
C ILE C 92 -24.82 27.64 -46.01
N ILE C 93 -24.60 28.41 -44.95
CA ILE C 93 -25.34 28.32 -43.71
C ILE C 93 -26.39 29.43 -43.68
N VAL C 94 -27.66 29.04 -43.67
CA VAL C 94 -28.77 30.00 -43.53
C VAL C 94 -29.56 29.62 -42.29
N PRO C 95 -29.27 30.21 -41.12
CA PRO C 95 -29.95 29.77 -39.90
C PRO C 95 -31.43 30.10 -39.87
N ALA C 96 -31.85 31.20 -40.50
CA ALA C 96 -33.25 31.60 -40.56
C ALA C 96 -33.67 31.66 -42.02
N PHE C 97 -34.31 30.59 -42.49
CA PHE C 97 -34.62 30.42 -43.92
C PHE C 97 -35.75 31.35 -44.34
N ASN C 98 -36.93 31.20 -43.74
CA ASN C 98 -38.00 32.20 -43.92
C ASN C 98 -37.78 33.28 -42.87
N TYR C 99 -36.77 34.11 -43.13
CA TYR C 99 -36.31 35.08 -42.14
C TYR C 99 -37.42 36.00 -41.63
N PRO C 100 -38.30 36.56 -42.45
CA PRO C 100 -39.41 37.35 -41.88
C PRO C 100 -40.26 36.55 -40.92
N ALA C 101 -40.62 35.31 -41.28
CA ALA C 101 -41.38 34.48 -40.36
C ALA C 101 -40.60 34.17 -39.09
N PHE C 102 -39.29 33.95 -39.23
CA PHE C 102 -38.46 33.68 -38.06
C PHE C 102 -38.48 34.85 -37.09
N ARG C 103 -38.23 36.07 -37.61
CA ARG C 103 -38.23 37.24 -36.75
C ARG C 103 -39.58 37.48 -36.10
N ALA C 104 -40.67 37.06 -36.76
CA ALA C 104 -41.99 37.17 -36.17
C ALA C 104 -42.35 36.00 -35.25
N GLY C 105 -41.45 35.02 -35.13
CA GLY C 105 -41.73 33.87 -34.29
C GLY C 105 -42.94 33.07 -34.71
N SER C 106 -43.25 33.04 -36.01
CA SER C 106 -44.44 32.36 -36.50
C SER C 106 -44.09 31.45 -37.67
N ARG C 107 -44.97 30.47 -37.89
CA ARG C 107 -44.76 29.50 -38.95
C ARG C 107 -44.65 30.17 -40.32
N THR C 108 -45.60 31.03 -40.66
CA THR C 108 -45.61 31.73 -41.93
C THR C 108 -45.13 33.17 -41.77
N SER C 109 -44.71 33.76 -42.87
CA SER C 109 -44.17 35.11 -42.84
C SER C 109 -45.29 36.12 -42.57
N PRO C 110 -45.07 37.08 -41.68
CA PRO C 110 -46.13 38.06 -41.38
C PRO C 110 -46.46 38.97 -42.55
N ILE C 111 -45.52 39.14 -43.48
CA ILE C 111 -45.75 40.04 -44.62
C ILE C 111 -46.88 39.51 -45.49
N ASP C 112 -46.84 38.22 -45.84
CA ASP C 112 -47.70 37.67 -46.87
C ASP C 112 -48.31 36.33 -46.47
N ARG C 113 -48.24 35.96 -45.19
CA ARG C 113 -48.71 34.66 -44.71
C ARG C 113 -48.05 33.51 -45.46
N GLY C 114 -46.87 33.76 -46.02
CA GLY C 114 -46.24 32.80 -46.89
C GLY C 114 -45.74 31.58 -46.13
N ASN C 115 -46.23 30.40 -46.51
CA ASN C 115 -45.64 29.14 -46.05
C ASN C 115 -44.53 28.79 -47.02
N LEU C 116 -43.28 28.95 -46.58
CA LEU C 116 -42.15 28.77 -47.48
C LEU C 116 -42.07 27.35 -48.01
N ASN C 117 -42.39 26.37 -47.18
CA ASN C 117 -42.34 24.97 -47.61
C ASN C 117 -43.49 24.59 -48.52
N ARG C 118 -44.31 25.55 -48.95
CA ARG C 118 -45.27 25.33 -50.02
C ARG C 118 -45.14 26.42 -51.09
N SER C 119 -44.00 27.11 -51.14
CA SER C 119 -43.81 28.23 -52.04
C SER C 119 -42.92 27.90 -53.23
N PHE C 120 -42.41 26.68 -53.33
CA PHE C 120 -41.49 26.41 -54.42
C PHE C 120 -42.25 26.00 -55.67
N PRO C 121 -41.66 26.20 -56.87
CA PRO C 121 -40.32 26.72 -57.15
C PRO C 121 -40.17 28.23 -56.89
N GLY C 122 -41.28 28.91 -56.65
CA GLY C 122 -41.24 30.35 -56.44
C GLY C 122 -41.27 31.11 -57.75
N ARG C 123 -41.13 32.43 -57.63
CA ARG C 123 -41.08 33.31 -58.78
C ARG C 123 -40.28 34.53 -58.36
N PRO C 124 -39.45 35.09 -59.24
CA PRO C 124 -38.61 36.23 -58.85
C PRO C 124 -39.36 37.54 -58.69
N ASP C 125 -40.62 37.61 -59.14
CA ASP C 125 -41.40 38.84 -59.09
C ASP C 125 -42.70 38.64 -58.32
N GLY C 126 -42.68 37.75 -57.33
CA GLY C 126 -43.86 37.54 -56.52
C GLY C 126 -43.69 38.07 -55.12
N THR C 127 -44.30 37.39 -54.15
CA THR C 127 -44.18 37.80 -52.77
C THR C 127 -42.74 37.64 -52.28
N VAL C 128 -42.45 38.20 -51.11
CA VAL C 128 -41.14 38.06 -50.50
C VAL C 128 -40.83 36.57 -50.29
N THR C 129 -41.82 35.80 -49.86
CA THR C 129 -41.62 34.37 -49.64
C THR C 129 -41.34 33.65 -50.95
N GLU C 130 -42.09 34.00 -52.00
CA GLU C 130 -41.85 33.39 -53.31
C GLU C 130 -40.49 33.79 -53.87
N LYS C 131 -40.03 35.01 -53.58
CA LYS C 131 -38.72 35.44 -54.04
C LYS C 131 -37.61 34.67 -53.34
N ILE C 132 -37.77 34.39 -52.06
CA ILE C 132 -36.81 33.56 -51.34
C ILE C 132 -36.74 32.17 -51.97
N ALA C 133 -37.91 31.57 -52.22
CA ALA C 133 -37.95 30.24 -52.79
C ALA C 133 -37.27 30.20 -54.16
N ASP C 134 -37.51 31.23 -54.98
CA ASP C 134 -36.91 31.26 -56.30
C ASP C 134 -35.39 31.39 -56.22
N TYR C 135 -34.88 32.10 -55.23
CA TYR C 135 -33.42 32.23 -55.12
C TYR C 135 -32.78 30.89 -54.79
N PHE C 136 -33.36 30.16 -53.83
CA PHE C 136 -32.80 28.84 -53.52
C PHE C 136 -33.07 27.85 -54.65
N GLN C 137 -34.20 28.00 -55.35
CA GLN C 137 -34.55 27.07 -56.41
C GLN C 137 -33.57 27.14 -57.56
N ARG C 138 -33.30 28.36 -58.08
CA ARG C 138 -32.53 28.52 -59.29
C ARG C 138 -31.08 28.92 -59.07
N THR C 139 -30.73 29.46 -57.90
CA THR C 139 -29.38 29.95 -57.66
C THR C 139 -28.62 29.14 -56.63
N LEU C 140 -29.20 28.87 -55.45
CA LEU C 140 -28.43 28.22 -54.40
C LEU C 140 -28.41 26.70 -54.57
N LEU C 141 -29.58 26.08 -54.70
CA LEU C 141 -29.65 24.63 -54.87
C LEU C 141 -28.75 24.09 -55.98
N PRO C 142 -28.67 24.69 -57.18
CA PRO C 142 -27.74 24.17 -58.19
C PRO C 142 -26.29 24.17 -57.73
N MET C 143 -25.94 25.01 -56.76
CA MET C 143 -24.60 25.02 -56.20
C MET C 143 -24.37 23.92 -55.17
N ALA C 144 -25.42 23.24 -54.73
CA ALA C 144 -25.35 22.35 -53.59
C ALA C 144 -25.31 20.89 -54.02
N ASP C 145 -24.49 20.11 -53.32
CA ASP C 145 -24.52 18.66 -53.44
C ASP C 145 -25.47 18.04 -52.43
N LEU C 146 -25.73 18.72 -51.32
CA LEU C 146 -26.53 18.20 -50.24
C LEU C 146 -27.28 19.35 -49.60
N ALA C 147 -28.54 19.12 -49.23
CA ALA C 147 -29.36 20.12 -48.57
C ALA C 147 -29.88 19.54 -47.26
N VAL C 148 -29.59 20.21 -46.16
CA VAL C 148 -30.14 19.88 -44.85
C VAL C 148 -31.13 20.98 -44.49
N ASP C 149 -32.40 20.61 -44.34
CA ASP C 149 -33.47 21.55 -44.06
C ASP C 149 -34.16 21.13 -42.76
N PHE C 150 -33.83 21.84 -41.67
CA PHE C 150 -34.33 21.46 -40.35
C PHE C 150 -35.80 21.83 -40.18
N HIS C 151 -36.52 20.98 -39.45
CA HIS C 151 -37.92 21.23 -39.14
C HIS C 151 -38.22 20.72 -37.73
N SER C 152 -39.24 21.31 -37.12
CA SER C 152 -39.74 20.86 -35.83
C SER C 152 -41.25 21.02 -35.83
N GLY C 153 -41.87 20.70 -34.69
CA GLY C 153 -43.32 20.75 -34.62
C GLY C 153 -43.91 22.14 -34.71
N GLY C 154 -43.14 23.15 -34.30
CA GLY C 154 -43.68 24.49 -34.21
C GLY C 154 -44.56 24.64 -32.98
N LYS C 155 -45.20 25.81 -32.89
CA LYS C 155 -46.01 26.12 -31.71
C LYS C 155 -47.23 25.22 -31.59
N THR C 156 -47.64 24.55 -32.68
CA THR C 156 -48.88 23.79 -32.66
C THR C 156 -48.67 22.29 -32.59
N LEU C 157 -47.46 21.79 -32.85
CA LEU C 157 -47.23 20.34 -32.85
C LEU C 157 -45.98 20.02 -32.06
N ASP C 158 -45.94 18.78 -31.58
CA ASP C 158 -44.77 18.20 -30.93
C ASP C 158 -44.51 16.84 -31.55
N PHE C 159 -43.24 16.56 -31.85
CA PHE C 159 -42.83 15.33 -32.51
C PHE C 159 -41.81 14.58 -31.68
N VAL C 160 -41.71 13.28 -31.90
CA VAL C 160 -40.49 12.58 -31.48
C VAL C 160 -39.35 13.02 -32.38
N PRO C 161 -38.13 13.23 -31.87
CA PRO C 161 -37.07 13.73 -32.73
C PRO C 161 -36.67 12.69 -33.76
N PHE C 162 -36.76 13.05 -35.04
CA PHE C 162 -36.50 12.07 -36.07
C PHE C 162 -36.08 12.75 -37.37
N ALA C 163 -35.26 12.05 -38.15
CA ALA C 163 -34.89 12.46 -39.50
C ALA C 163 -35.71 11.64 -40.49
N ALA C 164 -35.97 12.24 -41.65
CA ALA C 164 -36.90 11.66 -42.60
C ALA C 164 -36.33 11.67 -44.01
N ALA C 165 -36.92 10.81 -44.85
CA ALA C 165 -36.59 10.73 -46.26
C ALA C 165 -37.74 10.01 -46.95
N HIS C 166 -38.10 10.48 -48.14
CA HIS C 166 -39.28 10.00 -48.82
C HIS C 166 -38.97 8.83 -49.74
N ILE C 167 -40.03 8.15 -50.16
CA ILE C 167 -39.92 7.18 -51.25
C ILE C 167 -40.01 7.95 -52.56
N LEU C 168 -38.95 7.90 -53.34
CA LEU C 168 -38.85 8.60 -54.62
C LEU C 168 -39.08 7.62 -55.77
N GLU C 169 -39.50 8.16 -56.92
CA GLU C 169 -39.49 7.37 -58.15
C GLU C 169 -38.06 7.14 -58.62
N ASP C 170 -37.17 8.09 -58.33
CA ASP C 170 -35.73 7.90 -58.53
C ASP C 170 -35.18 7.15 -57.32
N LYS C 171 -34.78 5.90 -57.52
CA LYS C 171 -34.29 5.09 -56.42
C LYS C 171 -32.81 5.32 -56.12
N ALA C 172 -32.04 5.82 -57.09
CA ALA C 172 -30.67 6.22 -56.79
C ALA C 172 -30.65 7.42 -55.84
N THR C 173 -31.54 8.39 -56.07
CA THR C 173 -31.61 9.54 -55.17
C THR C 173 -32.28 9.16 -53.85
N GLN C 174 -33.28 8.28 -53.90
CA GLN C 174 -33.90 7.79 -52.68
C GLN C 174 -32.86 7.15 -51.76
N ALA C 175 -32.01 6.30 -52.34
CA ALA C 175 -30.99 5.62 -51.55
C ALA C 175 -29.97 6.61 -50.99
N ALA C 176 -29.61 7.63 -51.78
CA ALA C 176 -28.63 8.61 -51.31
C ALA C 176 -29.15 9.35 -50.08
N CYS C 177 -30.45 9.65 -50.05
CA CYS C 177 -31.03 10.36 -48.91
C CYS C 177 -31.21 9.43 -47.72
N PHE C 178 -31.57 8.16 -47.97
CA PHE C 178 -31.66 7.20 -46.88
C PHE C 178 -30.31 7.00 -46.22
N ALA C 179 -29.24 7.00 -47.02
CA ALA C 179 -27.90 6.96 -46.45
C ALA C 179 -27.64 8.18 -45.58
N ALA C 180 -28.05 9.37 -46.05
CA ALA C 180 -27.83 10.59 -45.27
C ALA C 180 -28.69 10.60 -44.02
N MET C 181 -29.91 10.08 -44.10
CA MET C 181 -30.77 10.04 -42.92
C MET C 181 -30.17 9.15 -41.85
N LYS C 182 -29.70 7.96 -42.24
CA LYS C 182 -29.11 7.03 -41.29
C LYS C 182 -27.84 7.61 -40.66
N ALA C 183 -27.07 8.37 -41.45
CA ALA C 183 -25.91 9.05 -40.90
C ALA C 183 -26.32 10.05 -39.83
N PHE C 184 -27.39 10.82 -40.11
CA PHE C 184 -27.89 11.82 -39.18
C PHE C 184 -28.29 11.20 -37.84
N ASN C 185 -28.76 9.95 -37.86
CA ASN C 185 -28.91 9.10 -36.67
C ASN C 185 -29.71 9.78 -35.56
N ALA C 186 -30.89 10.26 -35.90
CA ALA C 186 -31.82 10.72 -34.90
C ALA C 186 -32.31 9.52 -34.09
N PRO C 187 -32.90 9.75 -32.90
CA PRO C 187 -33.47 8.61 -32.16
C PRO C 187 -34.51 7.84 -32.94
N TYR C 188 -35.18 8.50 -33.89
CA TYR C 188 -36.14 7.85 -34.77
C TYR C 188 -35.82 8.23 -36.21
N SER C 189 -36.39 7.47 -37.14
CA SER C 189 -36.13 7.68 -38.56
C SER C 189 -37.33 7.17 -39.36
N VAL C 190 -37.89 8.05 -40.19
CA VAL C 190 -39.26 7.95 -40.68
C VAL C 190 -39.26 8.02 -42.20
N GLU C 191 -40.29 7.42 -42.82
CA GLU C 191 -40.42 7.43 -44.28
C GLU C 191 -41.42 8.48 -44.79
N LEU C 192 -42.24 9.09 -43.93
CA LEU C 192 -42.80 10.43 -44.15
C LEU C 192 -43.77 10.65 -45.33
N LEU C 193 -45.04 10.24 -45.20
CA LEU C 193 -46.09 10.56 -46.18
C LEU C 193 -46.46 12.05 -46.20
N GLU C 194 -46.53 12.65 -47.41
CA GLU C 194 -46.58 14.11 -47.54
C GLU C 194 -47.70 14.81 -48.35
N ASP C 196 -47.90 14.47 -49.63
CA ASP C 196 -48.29 15.41 -50.71
C ASP C 196 -47.21 16.44 -51.04
N SER C 197 -46.19 16.00 -51.79
CA SER C 197 -44.92 16.70 -52.02
C SER C 197 -45.03 18.09 -52.67
N ALA C 198 -46.21 18.53 -53.11
CA ALA C 198 -46.29 19.70 -53.98
C ALA C 198 -45.80 20.96 -53.29
N GLY C 199 -44.92 21.70 -53.98
CA GLY C 199 -44.43 22.99 -53.50
C GLY C 199 -43.35 22.94 -52.45
N MET C 200 -43.00 21.76 -51.95
CA MET C 200 -42.08 21.65 -50.84
C MET C 200 -40.64 21.90 -51.27
N TYR C 201 -39.85 22.44 -50.34
CA TYR C 201 -38.40 22.49 -50.51
C TYR C 201 -37.83 21.09 -50.65
N ASP C 202 -38.41 20.11 -49.94
CA ASP C 202 -38.01 18.72 -50.09
C ASP C 202 -38.12 18.27 -51.54
N THR C 203 -39.28 18.53 -52.16
CA THR C 203 -39.48 18.15 -53.55
C THR C 203 -38.50 18.87 -54.47
N ALA C 204 -38.25 20.15 -54.20
CA ALA C 204 -37.29 20.89 -55.00
C ALA C 204 -35.90 20.26 -54.93
N VAL C 205 -35.50 19.83 -53.74
CA VAL C 205 -34.21 19.17 -53.59
C VAL C 205 -34.23 17.79 -54.23
N GLU C 206 -35.23 16.98 -53.88
CA GLU C 206 -35.27 15.60 -54.33
C GLU C 206 -35.37 15.51 -55.85
N GLU C 207 -36.22 16.33 -56.47
CA GLU C 207 -36.40 16.28 -57.91
C GLU C 207 -35.16 16.74 -58.67
N MET C 208 -34.19 17.37 -58.01
CA MET C 208 -32.92 17.71 -58.63
C MET C 208 -31.91 16.58 -58.57
N GLY C 209 -32.27 15.44 -57.99
CA GLY C 209 -31.33 14.36 -57.80
C GLY C 209 -30.33 14.58 -56.69
N LYS C 210 -30.49 15.63 -55.89
CA LYS C 210 -29.59 15.94 -54.81
C LYS C 210 -30.10 15.33 -53.50
N VAL C 211 -29.18 15.07 -52.58
CA VAL C 211 -29.53 14.39 -51.34
C VAL C 211 -30.12 15.39 -50.36
N LEU C 212 -31.20 14.97 -49.69
CA LEU C 212 -31.98 15.84 -48.82
C LEU C 212 -32.02 15.27 -47.41
N VAL C 213 -31.81 16.13 -46.42
CA VAL C 213 -31.94 15.79 -45.02
C VAL C 213 -33.08 16.63 -44.45
N THR C 214 -34.12 15.95 -43.95
CA THR C 214 -35.22 16.61 -43.28
C THR C 214 -35.41 15.99 -41.90
N THR C 215 -35.80 16.82 -40.94
CA THR C 215 -35.97 16.40 -39.56
C THR C 215 -37.32 16.85 -39.04
N GLU C 216 -37.72 16.27 -37.91
CA GLU C 216 -38.77 16.81 -37.04
C GLU C 216 -38.24 16.61 -35.62
N LEU C 217 -37.54 17.62 -35.11
CA LEU C 217 -36.85 17.52 -33.82
C LEU C 217 -37.69 18.27 -32.78
N GLY C 218 -38.62 17.55 -32.16
CA GLY C 218 -39.43 18.16 -31.10
C GLY C 218 -40.45 19.14 -31.66
N GLY C 219 -40.69 20.20 -30.90
CA GLY C 219 -41.64 21.22 -31.29
C GLY C 219 -42.03 22.10 -30.12
N GLY C 220 -43.25 22.62 -30.17
CA GLY C 220 -43.77 23.47 -29.13
C GLY C 220 -43.36 24.92 -29.21
N GLY C 221 -42.61 25.32 -30.22
CA GLY C 221 -42.05 26.66 -30.25
C GLY C 221 -40.89 26.82 -29.30
N SER C 222 -40.15 25.74 -29.05
CA SER C 222 -39.08 25.73 -28.07
C SER C 222 -38.07 24.68 -28.47
N SER C 223 -36.92 24.70 -27.82
CA SER C 223 -35.90 23.68 -28.05
C SER C 223 -35.17 23.41 -26.74
N SER C 224 -34.94 22.13 -26.47
CA SER C 224 -34.22 21.68 -25.30
C SER C 224 -32.73 21.62 -25.59
N ALA C 225 -31.94 21.44 -24.53
CA ALA C 225 -30.52 21.18 -24.72
C ALA C 225 -30.30 19.84 -25.40
N ARG C 226 -31.15 18.86 -25.10
CA ARG C 226 -30.94 17.54 -25.68
C ARG C 226 -31.46 17.49 -27.12
N SER C 227 -32.55 18.19 -27.42
CA SER C 227 -32.98 18.27 -28.82
C SER C 227 -32.06 19.18 -29.63
N ASN C 228 -31.41 20.15 -28.98
CA ASN C 228 -30.39 20.94 -29.67
C ASN C 228 -29.17 20.08 -30.00
N ALA C 229 -28.80 19.18 -29.09
CA ALA C 229 -27.67 18.29 -29.35
C ALA C 229 -27.98 17.32 -30.48
N ILE C 230 -29.24 16.85 -30.56
CA ILE C 230 -29.62 15.96 -31.65
C ILE C 230 -29.42 16.63 -33.00
N ALA C 231 -29.73 17.93 -33.08
CA ALA C 231 -29.49 18.66 -34.32
C ALA C 231 -28.00 18.76 -34.62
N LYS C 232 -27.19 18.98 -33.58
CA LYS C 232 -25.76 19.14 -33.79
C LYS C 232 -25.10 17.81 -34.18
N LYS C 233 -25.45 16.74 -33.48
CA LYS C 233 -24.89 15.43 -33.80
C LYS C 233 -25.21 15.05 -35.25
N GLY C 234 -26.47 15.19 -35.64
CA GLY C 234 -26.87 14.78 -36.98
C GLY C 234 -26.29 15.67 -38.06
N LEU C 235 -26.17 16.96 -37.79
CA LEU C 235 -25.53 17.86 -38.75
C LEU C 235 -24.06 17.50 -38.93
N ARG C 236 -23.36 17.23 -37.84
CA ARG C 236 -21.95 16.87 -37.94
C ARG C 236 -21.79 15.54 -38.65
N ASN C 237 -22.61 14.55 -38.30
CA ASN C 237 -22.50 13.24 -38.93
C ASN C 237 -22.66 13.34 -40.44
N VAL C 238 -23.70 14.03 -40.92
CA VAL C 238 -23.97 14.04 -42.35
C VAL C 238 -22.91 14.85 -43.10
N LEU C 239 -22.36 15.88 -42.45
CA LEU C 239 -21.21 16.56 -43.03
C LEU C 239 -20.00 15.64 -43.07
N ILE C 240 -19.80 14.83 -42.03
CA ILE C 240 -18.77 13.81 -42.07
C ILE C 240 -19.08 12.78 -43.14
N HIS C 241 -20.33 12.31 -43.16
CA HIS C 241 -20.78 11.39 -44.20
C HIS C 241 -20.63 12.01 -45.59
N ALA C 242 -20.89 13.31 -45.70
CA ALA C 242 -20.76 14.00 -46.97
C ALA C 242 -19.31 14.22 -47.38
N GLY C 243 -18.35 14.00 -46.48
CA GLY C 243 -16.97 14.25 -46.77
C GLY C 243 -16.52 15.69 -46.59
N ILE C 244 -17.34 16.51 -45.94
CA ILE C 244 -16.99 17.91 -45.76
C ILE C 244 -16.24 18.14 -44.43
N LEU C 245 -16.57 17.37 -43.40
CA LEU C 245 -15.89 17.47 -42.11
C LEU C 245 -15.22 16.15 -41.77
N LYS C 246 -14.18 16.23 -40.95
CA LYS C 246 -13.51 15.06 -40.40
C LYS C 246 -13.65 15.05 -38.88
N GLY C 247 -13.45 13.87 -38.31
CA GLY C 247 -13.64 13.67 -36.88
C GLY C 247 -14.80 12.73 -36.62
N GLU C 248 -14.52 11.53 -36.11
CA GLU C 248 -15.37 10.35 -36.25
C GLU C 248 -16.86 10.62 -36.02
N MET C 249 -17.68 9.77 -36.61
CA MET C 249 -19.13 9.92 -36.51
C MET C 249 -19.65 9.44 -35.16
N GLN C 250 -20.76 10.03 -34.75
CA GLN C 250 -21.42 9.72 -33.48
C GLN C 250 -22.64 8.85 -33.80
N LEU C 251 -22.60 7.59 -33.38
CA LEU C 251 -23.55 6.58 -33.85
C LEU C 251 -24.27 5.94 -32.67
N ASP C 252 -25.59 6.00 -32.67
CA ASP C 252 -26.41 5.49 -31.58
C ASP C 252 -27.60 4.72 -32.16
N GLU C 253 -28.28 3.98 -31.28
CA GLU C 253 -29.44 3.21 -31.71
C GLU C 253 -30.55 4.14 -32.19
N THR C 254 -31.33 3.65 -33.14
CA THR C 254 -32.44 4.40 -33.72
C THR C 254 -33.60 3.47 -33.99
N VAL C 255 -34.81 3.99 -33.88
CA VAL C 255 -36.03 3.23 -34.11
C VAL C 255 -36.59 3.63 -35.48
N ASN C 256 -36.75 2.64 -36.37
CA ASN C 256 -37.24 2.87 -37.71
C ASN C 256 -38.77 2.82 -37.73
N LEU C 257 -39.39 3.87 -38.25
CA LEU C 257 -40.84 3.99 -38.26
C LEU C 257 -41.33 4.28 -39.67
N THR C 258 -42.61 3.99 -39.89
CA THR C 258 -43.26 4.23 -41.17
C THR C 258 -44.53 5.02 -40.97
N MET C 259 -44.88 5.81 -41.99
CA MET C 259 -46.19 6.47 -42.09
C MET C 259 -46.86 5.98 -43.38
N PRO C 260 -47.34 4.73 -43.40
CA PRO C 260 -47.82 4.17 -44.67
C PRO C 260 -49.11 4.80 -45.17
N ASP C 261 -49.95 5.34 -44.31
CA ASP C 261 -51.32 5.63 -44.69
C ASP C 261 -51.77 6.94 -44.06
N ASP C 262 -53.06 7.22 -44.24
CA ASP C 262 -53.72 8.39 -43.67
C ASP C 262 -54.41 8.08 -42.35
N ASP C 263 -54.67 6.80 -42.04
CA ASP C 263 -55.17 6.42 -40.72
C ASP C 263 -54.07 6.41 -39.66
N CYS C 264 -52.82 6.74 -40.02
CA CYS C 264 -51.86 7.15 -39.02
C CYS C 264 -52.28 8.47 -38.36
N PHE C 265 -53.04 9.28 -39.07
CA PHE C 265 -53.55 10.55 -38.58
C PHE C 265 -54.96 10.39 -38.00
N VAL C 266 -55.26 11.22 -37.01
CA VAL C 266 -56.61 11.42 -36.49
C VAL C 266 -56.78 12.91 -36.27
N PHE C 267 -57.86 13.49 -36.76
CA PHE C 267 -58.07 14.92 -36.63
C PHE C 267 -59.27 15.22 -35.75
N SER C 268 -59.24 16.39 -35.14
CA SER C 268 -60.30 16.82 -34.23
C SER C 268 -61.50 17.33 -35.01
N GLU C 269 -62.68 17.10 -34.44
CA GLU C 269 -63.93 17.57 -35.02
C GLU C 269 -64.61 18.61 -34.14
N GLY C 270 -63.87 19.26 -33.24
CA GLY C 270 -64.46 20.25 -32.36
C GLY C 270 -63.41 20.99 -31.58
N ASP C 271 -63.80 22.16 -31.08
CA ASP C 271 -62.94 22.99 -30.24
C ASP C 271 -63.04 22.53 -28.79
N GLY C 272 -62.01 22.82 -28.02
CA GLY C 272 -62.05 22.51 -26.60
C GLY C 272 -60.67 22.51 -25.97
N LEU C 273 -60.67 22.09 -24.70
CA LEU C 273 -59.44 21.91 -23.93
C LEU C 273 -58.89 20.52 -24.19
N PHE C 274 -57.62 20.45 -24.57
CA PHE C 274 -57.01 19.22 -25.07
C PHE C 274 -56.40 18.43 -23.92
N GLU C 275 -56.90 17.23 -23.67
CA GLU C 275 -56.32 16.32 -22.68
C GLU C 275 -55.72 15.13 -23.40
N MET C 276 -54.40 15.15 -23.55
CA MET C 276 -53.68 13.99 -24.08
C MET C 276 -53.64 12.89 -23.04
N MET C 277 -53.96 11.67 -23.45
CA MET C 277 -54.06 10.56 -22.52
C MET C 277 -52.81 9.70 -22.47
N ILE C 278 -52.03 9.64 -23.53
CA ILE C 278 -50.76 8.93 -23.52
C ILE C 278 -49.72 9.81 -24.20
N ASP C 279 -48.48 9.72 -23.73
CA ASP C 279 -47.46 10.71 -24.06
C ASP C 279 -46.76 10.38 -25.37
N LEU C 280 -45.99 11.35 -25.87
CA LEU C 280 -45.23 11.18 -27.10
C LEU C 280 -44.34 9.96 -27.03
N GLY C 281 -44.25 9.23 -28.15
CA GLY C 281 -43.40 8.07 -28.25
C GLY C 281 -43.93 6.81 -27.59
N ALA C 282 -44.99 6.92 -26.79
CA ALA C 282 -45.50 5.75 -26.09
C ALA C 282 -46.24 4.84 -27.07
N PRO C 283 -46.16 3.52 -26.87
CA PRO C 283 -46.87 2.60 -27.76
C PRO C 283 -48.38 2.73 -27.62
N VAL C 284 -49.07 2.42 -28.71
CA VAL C 284 -50.52 2.53 -28.78
C VAL C 284 -51.04 1.41 -29.67
N ALA C 285 -52.18 0.85 -29.31
CA ALA C 285 -52.83 -0.17 -30.13
C ALA C 285 -54.00 0.45 -30.89
N LYS C 286 -54.50 -0.28 -31.89
CA LYS C 286 -55.72 0.14 -32.58
C LYS C 286 -56.85 0.31 -31.57
N GLY C 287 -57.48 1.48 -31.59
CA GLY C 287 -58.60 1.75 -30.72
C GLY C 287 -58.25 2.31 -29.35
N ASP C 288 -56.97 2.31 -28.96
CA ASP C 288 -56.59 2.90 -27.68
C ASP C 288 -56.95 4.38 -27.66
N LEU C 289 -57.41 4.84 -26.50
CA LEU C 289 -57.76 6.25 -26.34
C LEU C 289 -56.50 7.11 -26.40
N LEU C 290 -56.42 7.96 -27.42
CA LEU C 290 -55.29 8.88 -27.58
C LEU C 290 -55.49 10.14 -26.77
N ALA C 291 -56.67 10.75 -26.85
CA ALA C 291 -56.90 12.03 -26.20
C ALA C 291 -58.39 12.23 -25.96
N ARG C 292 -58.69 13.03 -24.93
CA ARG C 292 -60.02 13.48 -24.59
C ARG C 292 -60.07 14.99 -24.72
N VAL C 293 -61.18 15.52 -25.23
CA VAL C 293 -61.33 16.96 -25.40
C VAL C 293 -62.50 17.45 -24.55
N TRP C 294 -62.23 18.39 -23.66
CA TRP C 294 -63.24 18.97 -22.79
C TRP C 294 -63.77 20.28 -23.39
N PRO C 295 -65.06 20.55 -23.24
CA PRO C 295 -65.62 21.75 -23.85
C PRO C 295 -65.06 23.02 -23.24
N LEU C 296 -64.96 24.05 -24.08
CA LEU C 296 -64.50 25.36 -23.62
C LEU C 296 -65.55 26.12 -22.83
N ASP C 297 -66.82 25.74 -22.97
CA ASP C 297 -67.92 26.59 -22.53
C ASP C 297 -68.75 26.00 -21.40
N ARG C 298 -68.38 24.85 -20.84
CA ARG C 298 -69.25 24.23 -19.85
C ARG C 298 -68.47 23.45 -18.80
N THR C 299 -69.25 22.88 -17.90
CA THR C 299 -68.81 21.99 -16.84
C THR C 299 -69.68 20.73 -16.90
N GLY C 300 -69.14 19.62 -16.42
CA GLY C 300 -69.96 18.43 -16.21
C GLY C 300 -70.40 17.68 -17.45
N GLN C 301 -69.91 18.03 -18.63
CA GLN C 301 -70.32 17.22 -19.76
C GLN C 301 -69.21 16.26 -20.17
N PRO C 302 -69.54 15.05 -20.60
CA PRO C 302 -68.50 14.07 -20.95
C PRO C 302 -67.63 14.59 -22.07
N PRO C 303 -66.35 14.21 -22.08
CA PRO C 303 -65.44 14.72 -23.12
C PRO C 303 -65.56 13.93 -24.42
N VAL C 304 -65.15 14.57 -25.49
CA VAL C 304 -65.07 13.92 -26.80
C VAL C 304 -63.76 13.15 -26.86
N GLU C 305 -63.85 11.86 -27.20
CA GLU C 305 -62.70 10.97 -27.22
C GLU C 305 -62.19 10.76 -28.64
N TYR C 306 -60.87 10.66 -28.77
CA TYR C 306 -60.21 10.37 -30.02
C TYR C 306 -59.31 9.16 -29.83
N ARG C 307 -59.51 8.15 -30.67
CA ARG C 307 -58.84 6.87 -30.50
C ARG C 307 -57.95 6.57 -31.70
N ALA C 308 -56.93 5.75 -31.47
CA ALA C 308 -55.96 5.46 -32.51
C ALA C 308 -56.54 4.55 -33.58
N ARG C 309 -56.27 4.88 -34.84
CA ARG C 309 -56.68 4.05 -35.96
C ARG C 309 -55.66 2.96 -36.29
N ARG C 310 -54.47 3.03 -35.71
CA ARG C 310 -53.40 2.09 -36.01
C ARG C 310 -52.57 1.84 -34.75
N ALA C 311 -51.95 0.67 -34.69
CA ALA C 311 -51.03 0.36 -33.62
C ALA C 311 -49.63 0.81 -34.00
N GLY C 312 -48.88 1.25 -32.98
CA GLY C 312 -47.51 1.70 -33.18
C GLY C 312 -47.03 2.64 -32.11
N LEU C 313 -46.34 3.70 -32.51
CA LEU C 313 -45.81 4.70 -31.59
C LEU C 313 -46.42 6.06 -31.90
N VAL C 314 -46.62 6.84 -30.84
CA VAL C 314 -47.18 8.18 -30.95
C VAL C 314 -46.03 9.13 -31.29
N ILE C 315 -45.89 9.42 -32.58
CA ILE C 315 -44.76 10.20 -33.04
C ILE C 315 -45.11 11.67 -33.25
N SER C 316 -46.36 12.06 -33.01
CA SER C 316 -46.73 13.47 -33.00
C SER C 316 -48.04 13.64 -32.25
N ARG C 317 -48.24 14.85 -31.74
CA ARG C 317 -49.49 15.19 -31.07
C ARG C 317 -49.75 16.67 -31.17
N HIS C 318 -51.02 17.04 -31.06
CA HIS C 318 -51.41 18.45 -30.95
C HIS C 318 -50.81 19.05 -29.70
N PHE C 319 -49.98 20.07 -29.86
CA PHE C 319 -49.28 20.64 -28.71
C PHE C 319 -50.19 21.51 -27.85
N PRO C 320 -50.80 22.58 -28.37
CA PRO C 320 -51.40 23.59 -27.49
C PRO C 320 -52.52 23.04 -26.61
N GLY C 321 -52.78 23.76 -25.52
CA GLY C 321 -53.85 23.38 -24.62
C GLY C 321 -55.22 23.48 -25.24
N LEU C 322 -55.42 24.46 -26.13
CA LEU C 322 -56.66 24.58 -26.88
C LEU C 322 -56.51 23.86 -28.22
N ILE C 323 -57.51 23.06 -28.57
CA ILE C 323 -57.54 22.40 -29.87
C ILE C 323 -58.72 22.96 -30.65
N LYS C 324 -58.56 22.99 -31.97
CA LYS C 324 -59.60 23.49 -32.86
C LYS C 324 -60.08 22.37 -33.77
N SER C 325 -61.29 22.56 -34.31
CA SER C 325 -61.80 21.68 -35.35
C SER C 325 -60.79 21.56 -36.48
N GLY C 326 -60.45 20.34 -36.84
CA GLY C 326 -59.53 20.08 -37.91
C GLY C 326 -58.07 19.97 -37.52
N ASP C 327 -57.70 20.36 -36.30
CA ASP C 327 -56.33 20.13 -35.84
C ASP C 327 -56.06 18.62 -35.80
N CYS C 328 -54.81 18.24 -36.07
CA CYS C 328 -54.43 16.84 -36.10
C CYS C 328 -54.17 16.36 -34.67
N VAL C 329 -55.07 15.50 -34.18
CA VAL C 329 -55.02 15.03 -32.78
C VAL C 329 -53.63 14.47 -32.46
N ALA C 330 -53.20 13.47 -33.23
CA ALA C 330 -51.96 12.76 -32.99
C ALA C 330 -51.68 11.93 -34.23
N VAL C 331 -50.42 11.52 -34.39
CA VAL C 331 -50.00 10.71 -35.52
C VAL C 331 -49.28 9.48 -34.99
N VAL C 332 -49.60 8.33 -35.59
CA VAL C 332 -49.02 7.04 -35.21
C VAL C 332 -47.93 6.68 -36.19
N GLY C 333 -46.75 6.32 -35.68
CA GLY C 333 -45.71 5.72 -36.48
C GLY C 333 -45.74 4.21 -36.32
N VAL C 334 -45.47 3.50 -37.41
CA VAL C 334 -45.65 2.05 -37.47
C VAL C 334 -44.30 1.35 -37.31
N THR C 335 -44.31 0.24 -36.57
CA THR C 335 -43.13 -0.58 -36.29
C THR C 335 -42.01 0.25 -35.66
N HIS D 8 -5.55 -13.04 43.28
CA HIS D 8 -4.10 -13.09 43.09
C HIS D 8 -3.55 -14.39 43.66
N GLN D 9 -4.12 -15.50 43.21
CA GLN D 9 -3.81 -16.82 43.74
C GLN D 9 -2.44 -17.27 43.23
N LYS D 10 -2.09 -18.53 43.52
CA LYS D 10 -0.81 -19.06 43.10
C LYS D 10 -0.84 -19.47 41.63
N ASN D 11 0.30 -19.27 40.96
CA ASN D 11 0.42 -19.56 39.54
C ASN D 11 0.31 -21.06 39.30
N PRO D 12 -0.50 -21.50 38.33
CA PRO D 12 -0.72 -22.95 38.15
C PRO D 12 0.44 -23.70 37.50
N ILE D 13 1.51 -23.03 37.10
CA ILE D 13 2.64 -23.70 36.47
C ILE D 13 3.46 -24.42 37.53
N SER D 14 3.77 -25.69 37.29
CA SER D 14 4.63 -26.45 38.18
C SER D 14 5.69 -27.17 37.35
N PRO D 15 6.97 -27.04 37.69
CA PRO D 15 8.01 -27.73 36.91
C PRO D 15 7.96 -29.24 37.12
N THR D 16 8.31 -29.96 36.06
CA THR D 16 8.40 -31.42 36.10
C THR D 16 9.74 -31.91 36.61
N ILE D 17 10.68 -31.01 36.87
CA ILE D 17 11.98 -31.38 37.44
C ILE D 17 12.26 -30.46 38.61
N PRO D 18 13.11 -30.89 39.54
CA PRO D 18 13.48 -30.01 40.64
C PRO D 18 14.37 -28.87 40.18
N LEU D 19 14.23 -27.72 40.84
CA LEU D 19 14.97 -26.52 40.48
C LEU D 19 16.14 -26.23 41.42
N ASP D 20 16.24 -26.92 42.56
CA ASP D 20 17.22 -26.57 43.58
C ASP D 20 18.06 -27.77 44.02
N ARG D 21 18.10 -28.85 43.23
CA ARG D 21 18.96 -29.97 43.52
C ARG D 21 20.18 -29.96 42.60
N ASP D 22 21.28 -30.52 43.09
CA ASP D 22 22.48 -30.65 42.28
C ASP D 22 22.25 -31.63 41.12
N GLY D 23 22.98 -31.44 40.05
CA GLY D 23 22.93 -32.31 38.89
C GLY D 23 22.33 -31.63 37.67
N VAL D 24 22.15 -32.43 36.63
CA VAL D 24 21.61 -31.98 35.35
C VAL D 24 20.21 -32.56 35.20
N PHE D 25 19.23 -31.68 34.97
CA PHE D 25 17.83 -32.08 34.86
C PHE D 25 17.23 -31.46 33.61
N HIS D 26 16.57 -32.30 32.81
CA HIS D 26 15.84 -31.84 31.63
C HIS D 26 14.36 -32.16 31.84
N GLY D 27 13.53 -31.14 31.79
CA GLY D 27 12.11 -31.30 32.07
C GLY D 27 11.27 -30.24 31.40
N PHE D 28 10.16 -29.90 32.05
CA PHE D 28 9.20 -28.97 31.47
C PHE D 28 8.55 -28.14 32.57
N LEU D 29 8.19 -26.91 32.20
CA LEU D 29 7.28 -26.10 33.01
C LEU D 29 5.86 -26.43 32.54
N LYS D 30 5.18 -27.26 33.32
CA LYS D 30 3.86 -27.76 32.94
C LYS D 30 2.83 -26.68 33.23
N LEU D 31 2.28 -26.09 32.16
CA LEU D 31 1.24 -25.07 32.30
C LEU D 31 -0.10 -25.68 31.89
N PRO D 32 -1.02 -25.91 32.82
CA PRO D 32 -2.33 -26.46 32.44
C PRO D 32 -3.06 -25.52 31.50
N HIS D 33 -3.54 -26.08 30.39
CA HIS D 33 -4.22 -25.29 29.36
C HIS D 33 -5.25 -26.21 28.69
N SER D 34 -6.46 -26.18 29.21
CA SER D 34 -7.55 -27.00 28.68
C SER D 34 -8.27 -26.24 27.57
N ARG D 35 -8.34 -26.86 26.40
CA ARG D 35 -8.73 -26.19 25.18
C ARG D 35 -9.59 -27.15 24.36
N ASP D 36 -10.04 -26.68 23.20
CA ASP D 36 -10.94 -27.49 22.38
C ASP D 36 -10.30 -28.82 21.98
N ASP D 37 -9.01 -28.82 21.66
CA ASP D 37 -8.34 -30.04 21.21
C ASP D 37 -7.63 -30.80 22.32
N SER D 38 -7.73 -30.36 23.57
CA SER D 38 -7.20 -31.14 24.69
C SER D 38 -7.86 -30.66 25.98
N ALA D 39 -8.70 -31.51 26.57
CA ALA D 39 -9.50 -31.11 27.72
C ALA D 39 -8.70 -31.09 29.03
N TRP D 40 -7.66 -31.91 29.15
CA TRP D 40 -6.80 -31.90 30.33
C TRP D 40 -5.34 -31.70 29.93
N GLY D 41 -5.11 -30.94 28.86
CA GLY D 41 -3.79 -30.79 28.32
C GLY D 41 -2.97 -29.72 29.02
N SER D 42 -1.76 -29.53 28.49
CA SER D 42 -0.82 -28.59 29.06
C SER D 42 0.02 -27.97 27.95
N VAL D 43 0.57 -26.80 28.26
CA VAL D 43 1.72 -26.27 27.55
C VAL D 43 2.95 -26.79 28.28
N MET D 44 3.77 -27.57 27.59
CA MET D 44 4.94 -28.20 28.18
C MET D 44 6.18 -27.43 27.73
N ILE D 45 6.51 -26.36 28.46
CA ILE D 45 7.65 -25.51 28.12
C ILE D 45 8.93 -26.22 28.49
N PRO D 46 9.80 -26.52 27.53
CA PRO D 46 11.05 -27.21 27.87
C PRO D 46 11.98 -26.33 28.68
N LEU D 47 12.68 -26.95 29.65
CA LEU D 47 13.72 -26.24 30.37
C LEU D 47 14.70 -27.25 30.95
N THR D 48 15.94 -26.79 31.13
CA THR D 48 17.00 -27.57 31.76
C THR D 48 17.52 -26.82 32.97
N VAL D 49 17.72 -27.54 34.07
CA VAL D 49 18.33 -27.00 35.27
C VAL D 49 19.64 -27.73 35.49
N ILE D 50 20.73 -26.97 35.60
CA ILE D 50 22.05 -27.50 35.92
C ILE D 50 22.55 -26.76 37.15
N LYS D 51 22.79 -27.50 38.23
CA LYS D 51 23.19 -26.94 39.51
C LYS D 51 24.39 -27.69 40.05
N ASN D 52 25.26 -26.96 40.76
CA ASN D 52 26.40 -27.59 41.42
C ASN D 52 26.83 -26.71 42.58
N GLY D 53 26.52 -27.14 43.80
CA GLY D 53 26.95 -26.46 45.00
C GLY D 53 26.42 -25.04 45.09
N ALA D 54 27.18 -24.19 45.77
CA ALA D 54 26.80 -22.81 46.00
C ALA D 54 27.30 -21.92 44.86
N GLY D 55 26.61 -20.79 44.69
CA GLY D 55 26.95 -19.86 43.64
C GLY D 55 25.73 -19.17 43.07
N PRO D 56 25.95 -18.18 42.21
CA PRO D 56 24.83 -17.42 41.66
C PRO D 56 23.99 -18.23 40.69
N THR D 57 22.77 -17.74 40.47
CA THR D 57 21.80 -18.37 39.59
C THR D 57 21.57 -17.49 38.37
N ALA D 58 21.72 -18.07 37.19
CA ALA D 58 21.41 -17.37 35.94
C ALA D 58 20.11 -17.91 35.38
N LEU D 59 19.15 -17.02 35.16
CA LEU D 59 17.90 -17.36 34.49
C LEU D 59 18.07 -17.02 33.01
N LEU D 60 18.17 -18.05 32.18
CA LEU D 60 18.50 -17.88 30.77
C LEU D 60 17.28 -18.19 29.92
N THR D 61 16.78 -17.18 29.20
CA THR D 61 15.61 -17.31 28.34
C THR D 61 15.98 -16.93 26.91
N GLY D 62 15.39 -17.62 25.95
CA GLY D 62 15.81 -17.45 24.57
C GLY D 62 14.77 -17.00 23.57
N ALA D 63 13.50 -17.33 23.79
CA ALA D 63 12.47 -17.04 22.80
C ALA D 63 11.32 -16.26 23.41
N ASN D 64 11.66 -15.17 24.12
CA ASN D 64 10.66 -14.21 24.55
C ASN D 64 9.71 -13.86 23.40
N HIS D 65 10.27 -13.62 22.21
CA HIS D 65 9.52 -13.57 20.97
C HIS D 65 9.90 -14.78 20.13
N GLY D 66 8.92 -15.36 19.44
CA GLY D 66 9.09 -16.69 18.89
C GLY D 66 9.95 -16.78 17.64
N ASP D 67 10.04 -15.69 16.87
CA ASP D 67 10.73 -15.72 15.58
C ASP D 67 12.16 -15.22 15.66
N GLU D 68 12.83 -15.46 16.79
CA GLU D 68 14.17 -14.93 17.04
C GLU D 68 15.01 -16.06 17.61
N TYR D 69 16.08 -16.43 16.90
CA TYR D 69 16.62 -17.77 17.00
C TYR D 69 18.05 -17.90 17.52
N GLU D 70 18.84 -16.82 17.51
CA GLU D 70 20.21 -16.92 18.03
C GLU D 70 20.22 -17.45 19.46
N GLY D 71 19.33 -16.91 20.30
CA GLY D 71 19.24 -17.31 21.68
C GLY D 71 18.87 -18.76 21.89
N PRO D 72 17.72 -19.19 21.36
CA PRO D 72 17.34 -20.61 21.50
C PRO D 72 18.39 -21.57 20.98
N VAL D 73 19.19 -21.15 19.99
CA VAL D 73 20.26 -22.01 19.50
C VAL D 73 21.37 -22.12 20.52
N ALA D 74 21.81 -20.98 21.06
CA ALA D 74 22.87 -21.00 22.08
C ALA D 74 22.42 -21.78 23.31
N LEU D 75 21.16 -21.62 23.71
CA LEU D 75 20.69 -22.22 24.95
C LEU D 75 20.42 -23.71 24.83
N HIS D 76 19.96 -24.17 23.65
CA HIS D 76 19.82 -25.60 23.42
C HIS D 76 21.17 -26.30 23.52
N GLU D 77 22.22 -25.69 22.96
CA GLU D 77 23.54 -26.29 23.06
C GLU D 77 24.08 -26.22 24.48
N LEU D 78 23.88 -25.09 25.16
CA LEU D 78 24.32 -24.98 26.54
C LEU D 78 23.68 -26.04 27.42
N ALA D 79 22.37 -26.26 27.24
CA ALA D 79 21.67 -27.23 28.07
C ALA D 79 22.13 -28.66 27.78
N ALA D 80 22.62 -28.91 26.57
CA ALA D 80 22.96 -30.26 26.13
C ALA D 80 24.44 -30.58 26.29
N THR D 81 25.30 -29.59 26.58
CA THR D 81 26.74 -29.81 26.60
C THR D 81 27.40 -29.36 27.90
N THR D 82 26.64 -28.99 28.92
CA THR D 82 27.21 -28.48 30.16
C THR D 82 27.03 -29.52 31.27
N SER D 83 28.14 -29.95 31.85
CA SER D 83 28.11 -30.86 32.97
C SER D 83 28.00 -30.08 34.28
N ALA D 84 27.44 -30.74 35.31
CA ALA D 84 27.29 -30.07 36.59
C ALA D 84 28.62 -29.67 37.18
N GLU D 85 29.65 -30.51 37.01
CA GLU D 85 30.96 -30.20 37.54
C GLU D 85 31.58 -28.96 36.88
N ASP D 86 31.02 -28.52 35.76
CA ASP D 86 31.47 -27.28 35.13
C ASP D 86 30.89 -26.04 35.79
N VAL D 87 29.83 -26.20 36.59
CA VAL D 87 29.08 -25.07 37.12
C VAL D 87 29.45 -24.87 38.59
N THR D 88 29.52 -23.60 38.99
CA THR D 88 29.51 -23.20 40.39
C THR D 88 28.31 -22.29 40.57
N GLY D 89 27.19 -22.84 41.01
CA GLY D 89 25.95 -22.11 41.05
C GLY D 89 24.83 -22.86 40.35
N ARG D 90 24.03 -22.16 39.55
CA ARG D 90 22.90 -22.79 38.89
C ARG D 90 22.57 -22.10 37.58
N LEU D 91 22.20 -22.91 36.59
CA LEU D 91 21.69 -22.44 35.31
C LEU D 91 20.24 -22.92 35.16
N ILE D 92 19.32 -21.99 34.96
CA ILE D 92 17.94 -22.31 34.64
C ILE D 92 17.71 -21.90 33.19
N ILE D 93 17.72 -22.88 32.29
CA ILE D 93 17.81 -22.65 30.86
C ILE D 93 16.44 -22.90 30.23
N VAL D 94 15.88 -21.86 29.62
CA VAL D 94 14.60 -21.96 28.91
C VAL D 94 14.83 -21.50 27.48
N PRO D 95 15.13 -22.40 26.55
CA PRO D 95 15.43 -21.97 25.17
C PRO D 95 14.25 -21.33 24.47
N ALA D 96 13.03 -21.77 24.75
CA ALA D 96 11.83 -21.22 24.15
C ALA D 96 10.99 -20.62 25.27
N PHE D 97 11.04 -19.29 25.39
CA PHE D 97 10.42 -18.61 26.53
C PHE D 97 8.91 -18.46 26.32
N ASN D 98 8.50 -17.73 25.29
CA ASN D 98 7.11 -17.77 24.85
C ASN D 98 6.96 -18.99 23.95
N TYR D 99 6.82 -20.14 24.61
CA TYR D 99 6.87 -21.41 23.89
C TYR D 99 5.78 -21.56 22.82
N PRO D 100 4.50 -21.22 23.07
CA PRO D 100 3.54 -21.26 21.96
C PRO D 100 3.97 -20.42 20.77
N ALA D 101 4.53 -19.23 21.02
CA ALA D 101 5.00 -18.39 19.92
C ALA D 101 6.16 -19.04 19.19
N PHE D 102 7.06 -19.70 19.93
CA PHE D 102 8.20 -20.35 19.31
C PHE D 102 7.74 -21.45 18.36
N ARG D 103 6.80 -22.30 18.81
CA ARG D 103 6.33 -23.39 17.97
C ARG D 103 5.55 -22.88 16.77
N ALA D 104 4.93 -21.70 16.88
CA ALA D 104 4.21 -21.11 15.76
C ALA D 104 5.12 -20.31 14.84
N GLY D 105 6.39 -20.16 15.19
CA GLY D 105 7.30 -19.37 14.37
C GLY D 105 6.97 -17.91 14.29
N SER D 106 6.27 -17.37 15.29
CA SER D 106 5.72 -16.04 15.25
C SER D 106 6.16 -15.23 16.46
N ARG D 107 6.14 -13.90 16.31
CA ARG D 107 6.53 -13.01 17.39
C ARG D 107 5.66 -13.21 18.63
N THR D 108 4.34 -13.18 18.45
CA THR D 108 3.39 -13.36 19.53
C THR D 108 2.82 -14.77 19.54
N SER D 109 2.05 -15.07 20.57
CA SER D 109 1.50 -16.40 20.74
C SER D 109 0.30 -16.60 19.82
N PRO D 110 0.13 -17.79 19.24
CA PRO D 110 -1.09 -18.04 18.46
C PRO D 110 -2.32 -18.23 19.34
N ILE D 111 -2.13 -18.64 20.59
CA ILE D 111 -3.26 -18.86 21.48
C ILE D 111 -3.99 -17.55 21.74
N ASP D 112 -3.22 -16.48 22.03
CA ASP D 112 -3.82 -15.26 22.52
C ASP D 112 -3.20 -13.98 21.94
N ARG D 113 -2.44 -14.09 20.85
CA ARG D 113 -1.72 -12.95 20.26
C ARG D 113 -0.82 -12.26 21.28
N GLY D 114 -0.45 -12.98 22.33
CA GLY D 114 0.22 -12.36 23.47
C GLY D 114 1.65 -11.99 23.16
N ASN D 115 1.97 -10.69 23.26
CA ASN D 115 3.36 -10.24 23.25
C ASN D 115 3.92 -10.43 24.66
N LEU D 116 4.80 -11.42 24.83
CA LEU D 116 5.31 -11.72 26.16
C LEU D 116 6.09 -10.54 26.73
N ASN D 117 6.88 -9.88 25.90
CA ASN D 117 7.68 -8.75 26.36
C ASN D 117 6.87 -7.47 26.56
N ARG D 118 5.53 -7.56 26.54
CA ARG D 118 4.68 -6.46 26.97
C ARG D 118 3.63 -6.94 27.95
N SER D 119 3.83 -8.12 28.54
CA SER D 119 2.82 -8.75 29.39
C SER D 119 3.23 -8.80 30.86
N PHE D 120 4.31 -8.15 31.23
CA PHE D 120 4.68 -8.27 32.63
C PHE D 120 4.03 -7.14 33.45
N PRO D 121 3.80 -7.37 34.75
CA PRO D 121 4.15 -8.55 35.55
C PRO D 121 3.31 -9.80 35.29
N GLY D 122 2.32 -9.70 34.42
CA GLY D 122 1.44 -10.83 34.16
C GLY D 122 0.50 -11.07 35.33
N ARG D 123 -0.23 -12.18 35.23
CA ARG D 123 -1.16 -12.55 36.28
C ARG D 123 -1.37 -14.06 36.23
N PRO D 124 -1.67 -14.69 37.37
CA PRO D 124 -1.78 -16.16 37.41
C PRO D 124 -3.10 -16.71 36.91
N ASP D 125 -4.12 -15.86 36.73
CA ASP D 125 -5.42 -16.29 36.24
C ASP D 125 -5.74 -15.68 34.89
N GLY D 126 -4.74 -15.18 34.19
CA GLY D 126 -4.90 -14.57 32.89
C GLY D 126 -4.61 -15.52 31.75
N THR D 127 -4.20 -14.96 30.62
CA THR D 127 -3.92 -15.77 29.44
C THR D 127 -2.67 -16.63 29.67
N VAL D 128 -2.48 -17.59 28.76
CA VAL D 128 -1.29 -18.43 28.80
C VAL D 128 -0.03 -17.56 28.79
N THR D 129 0.00 -16.58 27.91
CA THR D 129 1.12 -15.63 27.89
C THR D 129 1.24 -14.91 29.23
N GLU D 130 0.10 -14.53 29.82
CA GLU D 130 0.13 -13.82 31.10
C GLU D 130 0.52 -14.75 32.24
N LYS D 131 0.12 -16.01 32.18
CA LYS D 131 0.52 -16.97 33.22
C LYS D 131 2.02 -17.22 33.18
N ILE D 132 2.59 -17.31 31.98
CA ILE D 132 4.04 -17.49 31.84
C ILE D 132 4.77 -16.30 32.46
N ALA D 133 4.45 -15.10 31.99
CA ALA D 133 5.08 -13.88 32.50
C ALA D 133 4.98 -13.79 34.01
N ASP D 134 3.81 -14.14 34.56
CA ASP D 134 3.63 -14.10 36.00
C ASP D 134 4.51 -15.12 36.71
N TYR D 135 4.76 -16.27 36.07
CA TYR D 135 5.58 -17.30 36.70
C TYR D 135 7.05 -16.92 36.72
N PHE D 136 7.53 -16.21 35.70
CA PHE D 136 8.89 -15.70 35.75
C PHE D 136 9.01 -14.46 36.62
N GLN D 137 7.95 -13.63 36.64
CA GLN D 137 7.98 -12.41 37.44
C GLN D 137 8.17 -12.70 38.93
N ARG D 138 7.32 -13.54 39.51
CA ARG D 138 7.34 -13.73 40.97
C ARG D 138 7.96 -15.05 41.42
N THR D 139 8.17 -16.03 40.54
CA THR D 139 8.78 -17.30 40.96
C THR D 139 10.22 -17.47 40.48
N LEU D 140 10.50 -17.26 39.19
CA LEU D 140 11.84 -17.57 38.69
C LEU D 140 12.81 -16.42 38.91
N LEU D 141 12.45 -15.21 38.50
CA LEU D 141 13.33 -14.05 38.67
C LEU D 141 13.87 -13.91 40.09
N PRO D 142 13.07 -13.98 41.15
CA PRO D 142 13.65 -13.84 42.50
C PRO D 142 14.73 -14.87 42.80
N MET D 143 14.71 -16.03 42.14
CA MET D 143 15.77 -17.01 42.31
C MET D 143 17.06 -16.59 41.63
N ALA D 144 16.99 -15.67 40.66
CA ALA D 144 18.10 -15.40 39.77
C ALA D 144 18.92 -14.22 40.26
N ASP D 145 20.25 -14.35 40.11
CA ASP D 145 21.15 -13.21 40.25
C ASP D 145 21.42 -12.54 38.92
N LEU D 146 21.10 -13.22 37.82
CA LEU D 146 21.40 -12.75 36.48
C LEU D 146 20.32 -13.25 35.54
N ALA D 147 19.79 -12.37 34.70
CA ALA D 147 18.79 -12.74 33.70
C ALA D 147 19.32 -12.34 32.33
N VAL D 148 19.59 -13.33 31.49
CA VAL D 148 19.99 -13.12 30.11
C VAL D 148 18.80 -13.48 29.23
N ASP D 149 18.27 -12.50 28.51
CA ASP D 149 17.03 -12.65 27.73
C ASP D 149 17.32 -12.25 26.29
N PHE D 150 17.52 -13.24 25.43
CA PHE D 150 17.94 -12.99 24.05
C PHE D 150 16.83 -12.41 23.19
N HIS D 151 17.21 -11.57 22.23
CA HIS D 151 16.28 -11.00 21.27
C HIS D 151 16.99 -10.78 19.96
N SER D 152 16.23 -10.80 18.87
CA SER D 152 16.72 -10.46 17.54
C SER D 152 15.62 -9.71 16.81
N GLY D 153 15.89 -9.38 15.54
CA GLY D 153 14.95 -8.56 14.80
C GLY D 153 13.64 -9.23 14.46
N GLY D 154 13.60 -10.55 14.49
CA GLY D 154 12.41 -11.25 14.05
C GLY D 154 12.22 -11.13 12.55
N LYS D 155 11.04 -11.57 12.10
CA LYS D 155 10.77 -11.60 10.67
C LYS D 155 10.62 -10.21 10.06
N THR D 156 10.44 -9.18 10.88
CA THR D 156 10.20 -7.83 10.39
C THR D 156 11.36 -6.88 10.53
N LEU D 157 12.34 -7.19 11.39
CA LEU D 157 13.45 -6.29 11.65
C LEU D 157 14.78 -7.03 11.52
N ASP D 158 15.83 -6.27 11.25
CA ASP D 158 17.19 -6.77 11.22
C ASP D 158 18.07 -5.78 11.96
N PHE D 159 19.00 -6.30 12.76
CA PHE D 159 19.88 -5.48 13.58
C PHE D 159 21.34 -5.82 13.30
N VAL D 160 22.21 -4.86 13.56
CA VAL D 160 23.60 -5.25 13.78
C VAL D 160 23.67 -6.02 15.09
N PRO D 161 24.53 -7.05 15.22
CA PRO D 161 24.52 -7.86 16.44
C PRO D 161 25.07 -7.07 17.62
N PHE D 162 24.24 -6.91 18.65
CA PHE D 162 24.66 -6.07 19.77
C PHE D 162 23.96 -6.49 21.05
N ALA D 163 24.65 -6.30 22.16
CA ALA D 163 24.09 -6.39 23.50
C ALA D 163 23.76 -4.98 24.00
N ALA D 164 22.71 -4.88 24.80
CA ALA D 164 22.17 -3.58 25.17
C ALA D 164 21.93 -3.49 26.66
N ALA D 165 21.77 -2.25 27.13
CA ALA D 165 21.42 -1.98 28.52
C ALA D 165 20.79 -0.59 28.56
N HIS D 166 19.77 -0.43 29.38
CA HIS D 166 19.03 0.83 29.43
C HIS D 166 19.74 1.82 30.35
N ILE D 167 19.29 3.08 30.28
CA ILE D 167 19.89 4.09 31.13
C ILE D 167 19.38 3.97 32.57
N LEU D 168 18.15 3.52 32.78
CA LEU D 168 17.84 2.58 33.86
C LEU D 168 17.95 3.11 35.30
N GLU D 169 18.23 4.39 35.51
CA GLU D 169 19.10 4.76 36.62
C GLU D 169 18.50 5.44 37.86
N ASP D 170 19.39 6.12 38.58
CA ASP D 170 19.55 6.32 40.02
C ASP D 170 19.56 5.00 40.78
N LYS D 171 19.78 3.89 40.08
CA LYS D 171 20.18 2.63 40.69
C LYS D 171 21.54 2.22 40.15
N ALA D 172 22.37 1.67 41.04
CA ALA D 172 23.66 1.10 40.67
C ALA D 172 23.52 -0.13 39.78
N THR D 173 22.30 -0.60 39.53
CA THR D 173 22.12 -1.74 38.65
C THR D 173 22.42 -1.40 37.20
N GLN D 174 22.43 -0.12 36.80
CA GLN D 174 22.91 0.18 35.46
C GLN D 174 24.38 -0.20 35.33
N ALA D 175 25.18 0.16 36.34
CA ALA D 175 26.59 -0.22 36.31
C ALA D 175 26.75 -1.73 36.25
N ALA D 176 25.93 -2.46 37.02
CA ALA D 176 26.00 -3.92 36.98
C ALA D 176 25.60 -4.46 35.61
N CYS D 177 24.60 -3.83 34.98
CA CYS D 177 24.15 -4.30 33.67
C CYS D 177 25.12 -3.88 32.57
N PHE D 178 25.66 -2.66 32.66
CA PHE D 178 26.66 -2.22 31.69
C PHE D 178 27.88 -3.11 31.73
N ALA D 179 28.27 -3.57 32.92
CA ALA D 179 29.40 -4.48 33.04
C ALA D 179 29.12 -5.79 32.32
N ALA D 180 27.89 -6.30 32.43
CA ALA D 180 27.55 -7.55 31.77
C ALA D 180 27.46 -7.39 30.26
N MET D 181 27.06 -6.20 29.79
CA MET D 181 26.96 -5.97 28.35
C MET D 181 28.33 -6.07 27.69
N LYS D 182 29.32 -5.35 28.21
CA LYS D 182 30.66 -5.39 27.62
C LYS D 182 31.34 -6.73 27.84
N ALA D 183 30.96 -7.44 28.90
CA ALA D 183 31.43 -8.82 29.07
C ALA D 183 30.91 -9.70 27.94
N PHE D 184 29.59 -9.63 27.67
CA PHE D 184 29.01 -10.33 26.54
C PHE D 184 29.74 -10.01 25.24
N ASN D 185 30.23 -8.77 25.12
CA ASN D 185 31.19 -8.41 24.07
C ASN D 185 30.66 -8.66 22.67
N ALA D 186 29.43 -8.19 22.44
CA ALA D 186 28.89 -8.25 21.09
C ALA D 186 29.67 -7.31 20.18
N PRO D 187 29.67 -7.56 18.88
CA PRO D 187 30.39 -6.65 17.96
C PRO D 187 29.96 -5.20 18.10
N TYR D 188 28.75 -4.96 18.63
CA TYR D 188 28.29 -3.63 18.98
C TYR D 188 27.74 -3.66 20.39
N SER D 189 27.82 -2.53 21.08
CA SER D 189 27.26 -2.39 22.42
C SER D 189 26.44 -1.11 22.44
N VAL D 190 25.17 -1.22 22.81
CA VAL D 190 24.21 -0.15 22.66
C VAL D 190 23.62 0.17 24.04
N GLU D 191 23.53 1.45 24.37
CA GLU D 191 22.69 1.88 25.48
C GLU D 191 21.32 2.23 24.87
N LEU D 192 20.35 1.37 25.11
CA LEU D 192 19.10 1.38 24.35
C LEU D 192 18.17 2.49 24.83
N LEU D 193 17.54 3.15 23.87
CA LEU D 193 16.46 4.11 24.16
C LEU D 193 15.14 3.39 23.97
N GLU D 194 14.44 3.13 25.06
CA GLU D 194 13.14 2.49 25.00
C GLU D 194 12.05 3.53 25.20
N ILE D 195 11.13 3.59 24.24
CA ILE D 195 9.95 4.43 24.22
C ILE D 195 9.23 4.39 25.56
N ASP D 196 8.96 3.18 26.04
CA ASP D 196 7.97 2.95 27.09
C ASP D 196 8.35 1.63 27.75
N SER D 197 8.88 1.73 28.98
CA SER D 197 9.42 0.57 29.70
C SER D 197 8.35 -0.42 30.11
N ALA D 198 7.07 -0.10 29.94
CA ALA D 198 6.00 -0.83 30.61
C ALA D 198 5.78 -2.21 30.01
N GLY D 199 5.60 -3.20 30.88
CA GLY D 199 5.29 -4.56 30.48
C GLY D 199 6.46 -5.40 30.04
N MET D 200 7.65 -4.84 29.91
CA MET D 200 8.78 -5.57 29.37
C MET D 200 9.43 -6.43 30.44
N TYR D 201 9.91 -7.60 30.02
CA TYR D 201 10.75 -8.42 30.89
C TYR D 201 12.00 -7.66 31.33
N ASP D 202 12.52 -6.78 30.47
CA ASP D 202 13.62 -5.91 30.85
C ASP D 202 13.28 -5.12 32.11
N THR D 203 12.13 -4.45 32.08
CA THR D 203 11.72 -3.63 33.22
C THR D 203 11.53 -4.48 34.47
N ALA D 204 10.97 -5.68 34.30
CA ALA D 204 10.79 -6.59 35.44
C ALA D 204 12.13 -6.91 36.09
N VAL D 205 13.12 -7.27 35.27
CA VAL D 205 14.46 -7.58 35.78
C VAL D 205 15.07 -6.34 36.41
N GLU D 206 15.11 -5.25 35.66
CA GLU D 206 15.81 -4.05 36.10
C GLU D 206 15.21 -3.49 37.38
N GLU D 207 13.87 -3.37 37.44
CA GLU D 207 13.21 -2.83 38.61
C GLU D 207 13.33 -3.73 39.83
N MET D 208 13.72 -4.98 39.66
CA MET D 208 14.02 -5.87 40.78
C MET D 208 15.46 -5.73 41.27
N GLY D 209 16.25 -4.84 40.66
CA GLY D 209 17.63 -4.67 41.06
C GLY D 209 18.56 -5.76 40.59
N LYS D 210 18.15 -6.57 39.63
CA LYS D 210 18.95 -7.68 39.15
C LYS D 210 19.66 -7.32 37.84
N VAL D 211 20.62 -8.16 37.47
CA VAL D 211 21.46 -7.89 36.30
C VAL D 211 20.73 -8.39 35.06
N LEU D 212 20.53 -7.50 34.10
CA LEU D 212 19.86 -7.84 32.84
C LEU D 212 20.85 -7.80 31.69
N VAL D 213 20.88 -8.88 30.92
CA VAL D 213 21.53 -8.90 29.62
C VAL D 213 20.45 -9.06 28.56
N THR D 214 20.38 -8.11 27.63
CA THR D 214 19.46 -8.18 26.50
C THR D 214 20.23 -7.89 25.22
N THR D 215 19.80 -8.51 24.13
CA THR D 215 20.53 -8.46 22.88
C THR D 215 19.59 -8.16 21.72
N GLU D 216 20.19 -7.83 20.58
CA GLU D 216 19.52 -7.82 19.27
C GLU D 216 20.56 -8.38 18.30
N LEU D 217 20.54 -9.69 18.10
CA LEU D 217 21.56 -10.37 17.30
C LEU D 217 20.99 -10.67 15.91
N GLY D 218 21.01 -9.65 15.05
CA GLY D 218 20.51 -9.83 13.70
C GLY D 218 19.00 -9.84 13.61
N GLY D 219 18.45 -10.71 12.77
CA GLY D 219 17.01 -10.82 12.63
C GLY D 219 16.63 -11.49 11.33
N GLY D 220 15.45 -11.14 10.83
CA GLY D 220 14.93 -11.70 9.60
C GLY D 220 14.22 -13.03 9.76
N GLY D 221 14.05 -13.51 10.98
CA GLY D 221 13.51 -14.85 11.18
C GLY D 221 14.51 -15.94 10.89
N SER D 222 15.80 -15.63 10.98
CA SER D 222 16.85 -16.58 10.68
C SER D 222 18.07 -16.24 11.54
N SER D 223 18.99 -17.21 11.63
CA SER D 223 20.27 -16.97 12.26
C SER D 223 21.34 -17.75 11.51
N SER D 224 22.51 -17.13 11.35
CA SER D 224 23.63 -17.73 10.65
C SER D 224 24.63 -18.30 11.64
N ALA D 225 25.61 -19.04 11.12
CA ALA D 225 26.67 -19.57 11.95
C ALA D 225 27.40 -18.46 12.68
N ARG D 226 27.57 -17.31 12.03
CA ARG D 226 28.25 -16.17 12.65
C ARG D 226 27.47 -15.66 13.86
N SER D 227 26.19 -15.32 13.66
CA SER D 227 25.42 -14.73 14.75
C SER D 227 25.12 -15.74 15.85
N ASN D 228 24.93 -17.01 15.50
CA ASN D 228 24.84 -18.06 16.52
C ASN D 228 26.08 -18.05 17.39
N ALA D 229 27.26 -17.96 16.77
CA ALA D 229 28.50 -17.92 17.53
C ALA D 229 28.61 -16.67 18.39
N ILE D 230 28.03 -15.56 17.92
CA ILE D 230 27.97 -14.35 18.74
C ILE D 230 27.15 -14.62 20.00
N ALA D 231 26.05 -15.36 19.87
CA ALA D 231 25.22 -15.67 21.02
C ALA D 231 25.92 -16.61 21.98
N LYS D 232 26.71 -17.54 21.46
CA LYS D 232 27.36 -18.54 22.31
C LYS D 232 28.49 -17.91 23.12
N LYS D 233 29.37 -17.15 22.45
CA LYS D 233 30.54 -16.59 23.13
C LYS D 233 30.13 -15.64 24.24
N GLY D 234 29.12 -14.80 23.99
CA GLY D 234 28.72 -13.83 24.99
C GLY D 234 27.95 -14.46 26.14
N LEU D 235 27.14 -15.48 25.85
CA LEU D 235 26.52 -16.25 26.92
C LEU D 235 27.58 -16.87 27.81
N ARG D 236 28.63 -17.42 27.20
CA ARG D 236 29.72 -18.00 27.99
C ARG D 236 30.47 -16.92 28.75
N ASN D 237 30.78 -15.80 28.09
CA ASN D 237 31.44 -14.69 28.76
C ASN D 237 30.61 -14.21 29.96
N VAL D 238 29.31 -14.01 29.75
CA VAL D 238 28.45 -13.48 30.80
C VAL D 238 28.39 -14.44 31.98
N LEU D 239 28.42 -15.74 31.72
CA LEU D 239 28.40 -16.73 32.80
C LEU D 239 29.74 -16.80 33.51
N ILE D 240 30.84 -16.68 32.76
CA ILE D 240 32.15 -16.53 33.39
C ILE D 240 32.18 -15.25 34.21
N HIS D 241 31.65 -14.16 33.65
CA HIS D 241 31.59 -12.88 34.35
C HIS D 241 30.82 -12.97 35.66
N ALA D 242 29.66 -13.63 35.63
CA ALA D 242 28.82 -13.73 36.82
C ALA D 242 29.35 -14.71 37.86
N GLY D 243 30.38 -15.49 37.53
CA GLY D 243 30.94 -16.44 38.48
C GLY D 243 30.36 -17.84 38.43
N ILE D 244 29.51 -18.14 37.44
CA ILE D 244 28.89 -19.45 37.35
C ILE D 244 29.76 -20.44 36.59
N LEU D 245 30.31 -20.01 35.46
CA LEU D 245 31.26 -20.79 34.70
C LEU D 245 32.67 -20.26 34.94
N LYS D 246 33.65 -21.15 34.82
CA LYS D 246 35.05 -20.79 34.95
C LYS D 246 35.74 -20.88 33.60
N GLY D 247 36.66 -19.98 33.34
CA GLY D 247 37.43 -20.05 32.12
C GLY D 247 37.88 -18.68 31.68
N GLU D 248 38.66 -18.68 30.59
CA GLU D 248 39.26 -17.48 30.01
C GLU D 248 38.24 -16.80 29.10
N MET D 249 37.99 -15.52 29.35
CA MET D 249 36.92 -14.83 28.62
C MET D 249 37.34 -14.50 27.20
N GLN D 250 36.42 -14.72 26.26
CA GLN D 250 36.62 -14.33 24.88
C GLN D 250 36.37 -12.83 24.73
N LEU D 251 37.35 -12.09 24.24
CA LEU D 251 37.26 -10.64 24.14
C LEU D 251 37.81 -10.18 22.79
N ASP D 252 36.98 -9.51 22.00
CA ASP D 252 37.41 -8.86 20.76
C ASP D 252 36.82 -7.46 20.73
N GLU D 253 36.95 -6.79 19.58
CA GLU D 253 36.54 -5.41 19.43
C GLU D 253 35.03 -5.26 19.51
N THR D 254 34.59 -4.08 19.90
CA THR D 254 33.18 -3.75 20.01
C THR D 254 33.03 -2.27 19.71
N VAL D 255 31.93 -1.92 19.05
CA VAL D 255 31.62 -0.54 18.71
C VAL D 255 30.48 -0.11 19.62
N ASN D 256 30.72 0.95 20.39
CA ASN D 256 29.73 1.44 21.35
C ASN D 256 28.86 2.50 20.70
N LEU D 257 27.55 2.36 20.89
CA LEU D 257 26.57 3.22 20.23
C LEU D 257 25.53 3.68 21.25
N THR D 258 24.89 4.81 20.93
CA THR D 258 23.86 5.37 21.78
C THR D 258 22.64 5.76 20.94
N MET D 259 21.50 5.87 21.61
CA MET D 259 20.25 6.32 21.01
C MET D 259 19.68 7.41 21.90
N PRO D 260 20.08 8.67 21.68
CA PRO D 260 19.69 9.73 22.62
C PRO D 260 18.28 10.27 22.43
N ASP D 261 17.79 10.32 21.19
CA ASP D 261 16.54 11.00 20.88
C ASP D 261 15.64 10.10 20.06
N ASP D 262 14.42 10.59 19.77
CA ASP D 262 13.55 9.91 18.83
C ASP D 262 14.09 9.99 17.41
N ASP D 263 14.97 10.95 17.13
CA ASP D 263 15.55 11.10 15.80
C ASP D 263 16.38 9.90 15.39
N CYS D 264 16.67 8.98 16.31
CA CYS D 264 17.27 7.71 15.94
C CYS D 264 16.32 6.85 15.11
N PHE D 265 15.03 7.17 15.08
CA PHE D 265 14.02 6.36 14.43
C PHE D 265 13.48 7.07 13.19
N VAL D 266 13.20 6.28 12.15
CA VAL D 266 12.53 6.74 10.95
C VAL D 266 11.43 5.75 10.64
N PHE D 267 10.18 6.22 10.61
CA PHE D 267 9.05 5.35 10.34
C PHE D 267 8.43 5.67 8.99
N SER D 268 7.81 4.65 8.41
CA SER D 268 7.16 4.78 7.11
C SER D 268 5.77 5.41 7.27
N GLU D 269 5.35 6.11 6.21
CA GLU D 269 4.01 6.69 6.16
C GLU D 269 3.22 6.16 4.97
N GLY D 270 3.57 4.98 4.47
CA GLY D 270 2.86 4.40 3.35
C GLY D 270 3.34 2.99 3.07
N ASP D 271 2.51 2.25 2.35
CA ASP D 271 2.83 0.89 1.93
C ASP D 271 3.60 0.92 0.60
N GLY D 272 4.33 -0.16 0.34
CA GLY D 272 4.98 -0.27 -0.94
C GLY D 272 6.15 -1.24 -0.92
N LEU D 273 6.85 -1.28 -2.05
CA LEU D 273 8.05 -2.10 -2.20
C LEU D 273 9.23 -1.35 -1.61
N PHE D 274 9.99 -2.02 -0.75
CA PHE D 274 11.00 -1.39 0.09
C PHE D 274 12.38 -1.60 -0.52
N GLU D 275 13.03 -0.51 -0.92
CA GLU D 275 14.39 -0.56 -1.45
C GLU D 275 15.32 0.10 -0.43
N MET D 276 16.12 -0.72 0.24
CA MET D 276 17.15 -0.21 1.14
C MET D 276 18.33 0.29 0.33
N MET D 277 18.73 1.54 0.57
CA MET D 277 19.86 2.10 -0.16
C MET D 277 21.16 2.06 0.63
N ILE D 278 21.11 2.06 1.96
CA ILE D 278 22.29 1.91 2.81
C ILE D 278 22.09 0.66 3.66
N ASP D 279 23.07 -0.24 3.64
CA ASP D 279 22.92 -1.52 4.32
C ASP D 279 23.24 -1.40 5.82
N LEU D 280 22.84 -2.43 6.57
CA LEU D 280 23.05 -2.48 8.01
C LEU D 280 24.49 -2.19 8.37
N GLY D 281 24.67 -1.40 9.42
CA GLY D 281 25.98 -1.12 9.97
C GLY D 281 26.80 -0.08 9.24
N ALA D 282 26.36 0.37 8.07
CA ALA D 282 27.14 1.35 7.35
C ALA D 282 26.97 2.73 7.98
N PRO D 283 28.02 3.57 7.91
CA PRO D 283 27.88 4.95 8.40
C PRO D 283 26.90 5.73 7.53
N VAL D 284 26.15 6.61 8.17
CA VAL D 284 25.16 7.44 7.49
C VAL D 284 25.22 8.85 8.07
N ALA D 285 25.18 9.85 7.20
CA ALA D 285 25.17 11.23 7.65
C ALA D 285 23.75 11.75 7.75
N LYS D 286 23.60 12.85 8.47
CA LYS D 286 22.31 13.53 8.55
C LYS D 286 21.83 13.92 7.16
N GLY D 287 20.64 13.44 6.79
CA GLY D 287 20.07 13.73 5.49
C GLY D 287 20.41 12.73 4.41
N ASP D 288 21.30 11.78 4.67
CA ASP D 288 21.59 10.76 3.68
C ASP D 288 20.36 9.89 3.42
N LEU D 289 20.20 9.47 2.16
CA LEU D 289 19.06 8.65 1.79
C LEU D 289 19.21 7.24 2.36
N LEU D 290 18.27 6.85 3.22
CA LEU D 290 18.26 5.52 3.83
C LEU D 290 17.55 4.50 2.94
N ALA D 291 16.35 4.84 2.47
CA ALA D 291 15.56 3.90 1.69
C ALA D 291 14.54 4.67 0.85
N ARG D 292 14.23 4.13 -0.33
CA ARG D 292 13.05 4.56 -1.06
C ARG D 292 12.04 3.41 -1.12
N VAL D 293 10.77 3.78 -1.21
CA VAL D 293 9.66 2.84 -1.25
C VAL D 293 8.89 3.07 -2.54
N TRP D 294 8.78 2.03 -3.36
CA TRP D 294 8.12 1.96 -4.64
C TRP D 294 6.65 1.56 -4.47
N PRO D 295 5.77 2.07 -5.31
CA PRO D 295 4.35 1.71 -5.18
C PRO D 295 4.08 0.27 -5.57
N LEU D 296 3.07 -0.31 -4.93
CA LEU D 296 2.73 -1.71 -5.17
C LEU D 296 1.88 -1.90 -6.42
N ASP D 297 1.02 -0.94 -6.73
CA ASP D 297 0.00 -1.09 -7.76
C ASP D 297 0.24 -0.13 -8.93
N ARG D 298 1.51 0.10 -9.26
CA ARG D 298 1.82 1.17 -10.19
C ARG D 298 3.24 1.02 -10.71
N THR D 299 3.49 1.66 -11.86
CA THR D 299 4.81 1.76 -12.45
C THR D 299 4.97 3.16 -13.03
N GLY D 300 6.21 3.62 -13.09
CA GLY D 300 6.54 4.90 -13.69
C GLY D 300 6.49 6.11 -12.78
N GLN D 301 6.11 5.92 -11.52
CA GLN D 301 5.98 6.94 -10.47
C GLN D 301 7.25 7.04 -9.65
N PRO D 302 7.67 8.25 -9.28
CA PRO D 302 8.85 8.41 -8.42
C PRO D 302 8.58 7.85 -7.03
N PRO D 303 9.57 7.22 -6.41
CA PRO D 303 9.36 6.55 -5.12
C PRO D 303 9.38 7.54 -3.96
N VAL D 304 8.89 7.05 -2.81
CA VAL D 304 8.89 7.81 -1.57
C VAL D 304 10.23 7.59 -0.87
N GLU D 305 10.88 8.68 -0.51
CA GLU D 305 12.23 8.63 0.05
C GLU D 305 12.21 8.88 1.56
N TYR D 306 13.06 8.14 2.28
CA TYR D 306 13.19 8.27 3.72
C TYR D 306 14.65 8.54 4.05
N ARG D 307 14.92 9.68 4.66
CA ARG D 307 16.27 10.13 4.94
C ARG D 307 16.56 10.07 6.43
N ALA D 308 17.85 9.98 6.76
CA ALA D 308 18.28 9.93 8.16
C ALA D 308 18.15 11.30 8.79
N ARG D 309 17.46 11.36 9.93
CA ARG D 309 17.35 12.57 10.72
C ARG D 309 18.55 12.78 11.64
N ARG D 310 19.48 11.83 11.69
CA ARG D 310 20.61 11.91 12.59
C ARG D 310 21.75 11.07 12.02
N ALA D 311 22.99 11.54 12.22
CA ALA D 311 24.15 10.83 11.69
C ALA D 311 24.58 9.73 12.65
N GLY D 312 25.17 8.68 12.08
CA GLY D 312 25.62 7.53 12.84
C GLY D 312 25.72 6.28 11.99
N LEU D 313 25.42 5.13 12.59
CA LEU D 313 25.42 3.84 11.90
C LEU D 313 24.00 3.31 11.79
N VAL D 314 23.70 2.65 10.67
CA VAL D 314 22.42 1.99 10.50
C VAL D 314 22.44 0.72 11.33
N ILE D 315 21.84 0.76 12.52
CA ILE D 315 21.85 -0.38 13.42
C ILE D 315 20.58 -1.23 13.32
N SER D 316 19.54 -0.74 12.65
CA SER D 316 18.31 -1.49 12.45
C SER D 316 17.72 -1.08 11.11
N ARG D 317 16.93 -1.97 10.52
CA ARG D 317 16.28 -1.66 9.27
C ARG D 317 15.08 -2.58 9.07
N HIS D 318 14.04 -2.04 8.43
CA HIS D 318 12.89 -2.83 8.03
C HIS D 318 13.34 -3.97 7.11
N PHE D 319 13.09 -5.21 7.53
CA PHE D 319 13.57 -6.38 6.81
C PHE D 319 12.74 -6.71 5.57
N PRO D 320 11.42 -6.94 5.69
CA PRO D 320 10.69 -7.54 4.57
C PRO D 320 10.66 -6.66 3.33
N GLY D 321 10.45 -7.31 2.18
CA GLY D 321 10.38 -6.60 0.92
C GLY D 321 9.17 -5.68 0.82
N LEU D 322 8.08 -6.03 1.48
CA LEU D 322 6.90 -5.18 1.56
C LEU D 322 6.94 -4.41 2.88
N ILE D 323 6.79 -3.08 2.80
CA ILE D 323 6.73 -2.25 3.98
C ILE D 323 5.32 -1.71 4.11
N LYS D 324 4.92 -1.45 5.36
CA LYS D 324 3.59 -0.96 5.66
C LYS D 324 3.69 0.40 6.35
N SER D 325 2.60 1.16 6.26
CA SER D 325 2.52 2.44 6.95
C SER D 325 2.69 2.23 8.46
N GLY D 326 3.68 2.89 9.04
CA GLY D 326 3.98 2.75 10.44
C GLY D 326 5.14 1.85 10.78
N ASP D 327 5.62 1.05 9.82
CA ASP D 327 6.81 0.25 10.07
C ASP D 327 8.03 1.15 10.22
N CYS D 328 8.97 0.72 11.06
CA CYS D 328 10.16 1.50 11.33
C CYS D 328 11.18 1.25 10.22
N VAL D 329 11.46 2.30 9.43
CA VAL D 329 12.32 2.15 8.26
C VAL D 329 13.72 1.72 8.68
N ALA D 330 14.31 2.41 9.65
CA ALA D 330 15.67 2.13 10.10
C ALA D 330 15.90 2.81 11.43
N VAL D 331 16.98 2.40 12.11
CA VAL D 331 17.39 3.01 13.37
C VAL D 331 18.88 3.34 13.29
N VAL D 332 19.23 4.56 13.68
CA VAL D 332 20.60 5.05 13.60
C VAL D 332 21.19 5.14 15.00
N GLY D 333 22.35 4.54 15.19
CA GLY D 333 23.10 4.63 16.44
C GLY D 333 24.23 5.64 16.29
N VAL D 334 24.49 6.38 17.36
CA VAL D 334 25.39 7.53 17.31
C VAL D 334 26.78 7.13 17.76
N THR D 335 27.78 7.76 17.14
CA THR D 335 29.20 7.48 17.35
C THR D 335 29.55 6.06 16.96
N GLN E 9 29.68 45.88 7.20
CA GLN E 9 30.05 46.92 8.14
C GLN E 9 30.37 46.31 9.50
N LYS E 10 31.61 46.47 9.94
CA LYS E 10 32.11 45.74 11.10
C LYS E 10 31.52 46.30 12.40
N ASN E 11 31.07 45.39 13.26
CA ASN E 11 30.59 45.78 14.60
C ASN E 11 31.77 46.25 15.43
N PRO E 12 31.64 47.37 16.15
CA PRO E 12 32.79 47.90 16.91
C PRO E 12 33.15 47.12 18.16
N ILE E 13 32.39 46.09 18.53
CA ILE E 13 32.69 45.36 19.75
C ILE E 13 33.95 44.53 19.55
N SER E 14 34.86 44.60 20.52
CA SER E 14 36.11 43.87 20.49
C SER E 14 36.40 43.24 21.86
N PRO E 15 36.55 41.92 21.94
CA PRO E 15 36.84 41.29 23.22
C PRO E 15 38.23 41.68 23.72
N THR E 16 38.36 41.73 25.05
CA THR E 16 39.64 41.95 25.70
C THR E 16 40.39 40.65 25.97
N ILE E 17 39.78 39.52 25.65
CA ILE E 17 40.42 38.20 25.80
C ILE E 17 40.20 37.43 24.51
N PRO E 18 41.08 36.46 24.22
CA PRO E 18 40.85 35.60 23.05
C PRO E 18 39.58 34.78 23.22
N LEU E 19 38.99 34.41 22.08
CA LEU E 19 37.79 33.58 22.06
C LEU E 19 38.07 32.17 21.58
N ASP E 20 39.31 31.86 21.18
CA ASP E 20 39.61 30.63 20.47
C ASP E 20 40.86 29.95 21.01
N ARG E 21 41.16 30.14 22.29
CA ARG E 21 42.41 29.65 22.86
C ARG E 21 42.12 28.78 24.07
N ASP E 22 42.88 27.69 24.20
CA ASP E 22 42.69 26.78 25.32
C ASP E 22 43.02 27.46 26.63
N GLY E 23 42.22 27.17 27.65
CA GLY E 23 42.37 27.76 28.96
C GLY E 23 41.13 28.52 29.38
N VAL E 24 41.19 29.04 30.60
CA VAL E 24 40.13 29.87 31.16
C VAL E 24 40.55 31.32 31.05
N PHE E 25 39.67 32.15 30.50
CA PHE E 25 39.94 33.58 30.31
C PHE E 25 38.78 34.39 30.84
N HIS E 26 39.10 35.45 31.59
CA HIS E 26 38.10 36.39 32.10
C HIS E 26 38.43 37.77 31.55
N GLY E 27 37.48 38.34 30.82
CA GLY E 27 37.70 39.62 30.16
C GLY E 27 36.40 40.36 29.95
N PHE E 28 36.36 41.16 28.88
CA PHE E 28 35.24 42.05 28.63
C PHE E 28 35.01 42.17 27.13
N LEU E 29 33.73 42.22 26.74
CA LEU E 29 33.33 42.63 25.40
C LEU E 29 33.26 44.15 25.41
N LYS E 30 34.24 44.80 24.80
CA LYS E 30 34.40 46.24 24.90
C LYS E 30 33.57 46.91 23.80
N LEU E 31 32.48 47.56 24.20
CA LEU E 31 31.58 48.24 23.28
C LEU E 31 31.82 49.74 23.36
N PRO E 32 32.42 50.36 22.34
CA PRO E 32 32.61 51.82 22.38
C PRO E 32 31.27 52.56 22.48
N HIS E 33 31.18 53.43 23.48
CA HIS E 33 29.92 54.11 23.80
C HIS E 33 30.25 55.52 24.25
N SER E 34 30.20 56.47 23.32
CA SER E 34 30.45 57.87 23.64
C SER E 34 29.18 58.53 24.17
N ARG E 35 29.33 59.31 25.23
CA ARG E 35 28.19 59.84 25.96
C ARG E 35 28.63 61.07 26.75
N ASP E 36 27.66 61.68 27.44
CA ASP E 36 27.93 62.92 28.16
C ASP E 36 28.99 62.72 29.25
N ASP E 37 28.93 61.60 29.96
CA ASP E 37 29.82 61.37 31.09
C ASP E 37 31.08 60.57 30.73
N SER E 38 31.22 60.15 29.47
CA SER E 38 32.43 59.45 29.03
C SER E 38 32.57 59.62 27.52
N ALA E 39 33.47 60.51 27.11
CA ALA E 39 33.56 60.88 25.70
C ALA E 39 34.25 59.79 24.88
N TRP E 40 35.22 59.09 25.46
CA TRP E 40 35.86 57.94 24.83
C TRP E 40 35.57 56.68 25.64
N GLY E 41 34.34 56.55 26.12
CA GLY E 41 33.97 55.49 27.03
C GLY E 41 33.59 54.20 26.33
N SER E 42 33.21 53.22 27.16
CA SER E 42 32.84 51.92 26.64
C SER E 42 31.94 51.22 27.62
N VAL E 43 31.08 50.34 27.09
CA VAL E 43 30.41 49.33 27.89
C VAL E 43 31.32 48.12 27.96
N MET E 44 31.68 47.72 29.18
CA MET E 44 32.59 46.60 29.38
C MET E 44 31.75 45.43 29.89
N ILE E 45 31.18 44.68 28.96
CA ILE E 45 30.34 43.53 29.28
C ILE E 45 31.25 42.41 29.78
N PRO E 46 31.09 41.96 31.02
CA PRO E 46 31.94 40.89 31.53
C PRO E 46 31.58 39.55 30.90
N LEU E 47 32.59 38.82 30.46
CA LEU E 47 32.40 37.48 29.91
C LEU E 47 33.59 36.60 30.26
N THR E 48 33.35 35.29 30.20
CA THR E 48 34.37 34.29 30.46
C THR E 48 34.35 33.26 29.32
N VAL E 49 35.53 32.96 28.79
CA VAL E 49 35.68 31.91 27.78
C VAL E 49 36.54 30.80 28.37
N ILE E 50 36.05 29.56 28.27
CA ILE E 50 36.79 28.37 28.67
C ILE E 50 36.83 27.43 27.47
N LYS E 51 38.02 27.07 27.03
CA LYS E 51 38.20 26.25 25.85
C LYS E 51 39.21 25.14 26.12
N ASN E 52 38.93 23.96 25.60
CA ASN E 52 39.82 22.81 25.74
C ASN E 52 39.56 21.86 24.58
N GLY E 53 40.48 21.82 23.63
CA GLY E 53 40.40 20.85 22.55
C GLY E 53 39.28 21.15 21.56
N ALA E 54 38.91 20.10 20.83
CA ALA E 54 37.89 20.18 19.79
C ALA E 54 36.55 19.69 20.36
N GLY E 55 35.51 20.48 20.14
CA GLY E 55 34.18 20.15 20.61
C GLY E 55 33.19 21.27 20.38
N PRO E 56 31.93 21.03 20.73
CA PRO E 56 30.89 22.04 20.47
C PRO E 56 31.04 23.26 21.38
N THR E 57 30.47 24.37 20.90
CA THR E 57 30.52 25.64 21.61
C THR E 57 29.14 25.99 22.15
N ALA E 58 29.09 26.37 23.42
CA ALA E 58 27.86 26.82 24.06
C ALA E 58 27.97 28.30 24.38
N LEU E 59 27.09 29.10 23.77
CA LEU E 59 26.99 30.53 24.06
C LEU E 59 26.00 30.69 25.20
N LEU E 60 26.51 31.10 26.37
CA LEU E 60 25.73 31.10 27.60
C LEU E 60 25.47 32.53 28.05
N THR E 61 24.20 32.93 28.06
CA THR E 61 23.81 34.30 28.39
C THR E 61 22.81 34.31 29.54
N GLY E 62 22.98 35.27 30.44
CA GLY E 62 21.97 35.60 31.43
C GLY E 62 21.71 37.10 31.40
N ALA E 63 20.61 37.49 32.03
CA ALA E 63 20.20 38.90 32.11
C ALA E 63 20.02 39.51 30.72
N ASN E 64 19.44 38.72 29.80
CA ASN E 64 18.90 39.31 28.58
C ASN E 64 17.97 40.46 28.92
N HIS E 65 17.12 40.25 29.92
CA HIS E 65 16.47 41.34 30.64
C HIS E 65 17.12 41.44 32.03
N GLY E 66 17.32 42.66 32.49
CA GLY E 66 18.26 42.92 33.58
C GLY E 66 17.79 42.51 34.96
N ASP E 67 16.49 42.37 35.19
CA ASP E 67 15.95 42.08 36.53
C ASP E 67 15.53 40.63 36.68
N GLU E 68 16.28 39.71 36.07
CA GLU E 68 15.99 38.28 36.10
C GLU E 68 17.28 37.56 36.43
N TYR E 69 17.34 36.93 37.62
CA TYR E 69 18.62 36.71 38.28
C TYR E 69 19.09 35.27 38.37
N GLU E 70 18.21 34.28 38.18
CA GLU E 70 18.66 32.89 38.27
C GLU E 70 19.76 32.59 37.28
N GLY E 71 19.63 33.08 36.05
CA GLY E 71 20.62 32.88 35.03
C GLY E 71 21.97 33.47 35.36
N PRO E 72 22.02 34.78 35.64
CA PRO E 72 23.30 35.39 36.05
C PRO E 72 23.96 34.71 37.23
N VAL E 73 23.19 34.19 38.19
CA VAL E 73 23.77 33.50 39.33
C VAL E 73 24.45 32.21 38.88
N ALA E 74 23.75 31.40 38.09
CA ALA E 74 24.28 30.11 37.67
C ALA E 74 25.48 30.28 36.76
N LEU E 75 25.47 31.30 35.89
CA LEU E 75 26.57 31.49 34.96
C LEU E 75 27.81 32.04 35.66
N HIS E 76 27.62 32.89 36.67
CA HIS E 76 28.75 33.38 37.45
C HIS E 76 29.47 32.22 38.13
N GLU E 77 28.73 31.35 38.80
CA GLU E 77 29.34 30.18 39.42
C GLU E 77 30.04 29.31 38.38
N LEU E 78 29.40 29.11 37.23
CA LEU E 78 30.02 28.33 36.17
C LEU E 78 31.32 28.97 35.70
N ALA E 79 31.32 30.30 35.54
CA ALA E 79 32.51 30.98 35.05
C ALA E 79 33.64 30.95 36.08
N ALA E 80 33.32 30.83 37.37
CA ALA E 80 34.32 30.91 38.40
C ALA E 80 34.80 29.56 38.91
N THR E 81 34.05 28.48 38.66
CA THR E 81 34.38 27.18 39.24
C THR E 81 34.64 26.10 38.19
N THR E 82 34.68 26.45 36.90
CA THR E 82 34.88 25.48 35.84
C THR E 82 36.31 25.55 35.32
N SER E 83 37.03 24.43 35.41
CA SER E 83 38.39 24.34 34.91
C SER E 83 38.38 23.93 33.44
N ALA E 84 39.44 24.32 32.74
CA ALA E 84 39.55 23.99 31.32
C ALA E 84 39.49 22.48 31.08
N GLU E 85 40.05 21.70 32.01
CA GLU E 85 40.07 20.25 31.85
C GLU E 85 38.67 19.64 31.90
N ASP E 86 37.70 20.35 32.49
CA ASP E 86 36.33 19.84 32.54
C ASP E 86 35.60 19.94 31.21
N VAL E 87 36.17 20.63 30.23
CA VAL E 87 35.46 21.02 29.01
C VAL E 87 36.03 20.25 27.82
N THR E 88 35.14 19.78 26.95
CA THR E 88 35.47 19.31 25.60
C THR E 88 34.67 20.21 24.68
N GLY E 89 35.31 21.28 24.21
CA GLY E 89 34.63 22.27 23.41
C GLY E 89 34.93 23.67 23.90
N ARG E 90 33.90 24.53 23.90
CA ARG E 90 34.11 25.92 24.25
C ARG E 90 32.89 26.45 25.00
N LEU E 91 33.15 27.14 26.10
CA LEU E 91 32.12 27.82 26.88
C LEU E 91 32.35 29.32 26.76
N ILE E 92 31.40 30.01 26.16
CA ILE E 92 31.40 31.47 26.12
C ILE E 92 30.30 31.93 27.07
N ILE E 93 30.72 32.51 28.20
CA ILE E 93 29.84 32.75 29.34
C ILE E 93 29.64 34.25 29.50
N VAL E 94 28.43 34.72 29.22
CA VAL E 94 28.06 36.12 29.42
C VAL E 94 26.97 36.18 30.48
N PRO E 95 27.32 36.39 31.75
CA PRO E 95 26.29 36.33 32.81
C PRO E 95 25.29 37.46 32.73
N ALA E 96 25.69 38.64 32.26
CA ALA E 96 24.79 39.78 32.08
C ALA E 96 24.80 40.15 30.61
N PHE E 97 23.72 39.82 29.91
CA PHE E 97 23.66 39.96 28.46
C PHE E 97 23.36 41.40 28.07
N ASN E 98 22.20 41.93 28.49
CA ASN E 98 21.97 43.36 28.41
C ASN E 98 22.56 44.01 29.66
N TYR E 99 23.89 44.06 29.67
CA TYR E 99 24.64 44.49 30.85
C TYR E 99 24.22 45.85 31.40
N PRO E 100 24.05 46.91 30.59
CA PRO E 100 23.57 48.18 31.17
C PRO E 100 22.23 48.04 31.87
N ALA E 101 21.33 47.20 31.34
CA ALA E 101 20.08 46.93 32.05
C ALA E 101 20.34 46.18 33.35
N PHE E 102 21.21 45.17 33.32
CA PHE E 102 21.49 44.39 34.51
C PHE E 102 22.01 45.28 35.64
N ARG E 103 22.92 46.20 35.32
CA ARG E 103 23.46 47.09 36.34
C ARG E 103 22.42 48.10 36.84
N ALA E 104 21.44 48.43 36.00
CA ALA E 104 20.40 49.38 36.39
C ALA E 104 19.24 48.72 37.10
N GLY E 105 19.30 47.40 37.33
CA GLY E 105 18.21 46.70 37.97
C GLY E 105 16.90 46.75 37.21
N SER E 106 16.96 46.94 35.89
CA SER E 106 15.76 47.17 35.09
C SER E 106 15.71 46.20 33.92
N ARG E 107 14.49 45.93 33.46
CA ARG E 107 14.28 45.01 32.34
C ARG E 107 15.01 45.49 31.09
N THR E 108 14.87 46.76 30.75
CA THR E 108 15.48 47.34 29.57
C THR E 108 16.65 48.23 29.96
N SER E 109 17.43 48.62 28.94
CA SER E 109 18.64 49.40 29.17
C SER E 109 18.28 50.81 29.65
N PRO E 110 19.06 51.38 30.57
CA PRO E 110 18.87 52.81 30.90
C PRO E 110 19.39 53.73 29.81
N ILE E 111 20.30 53.26 28.96
CA ILE E 111 20.86 54.11 27.91
C ILE E 111 19.78 54.50 26.91
N ASP E 112 19.06 53.51 26.38
CA ASP E 112 18.16 53.72 25.26
C ASP E 112 16.80 53.06 25.46
N ARG E 113 16.47 52.62 26.68
CA ARG E 113 15.28 51.81 26.95
C ARG E 113 15.16 50.61 26.02
N GLY E 114 16.30 50.15 25.49
CA GLY E 114 16.27 49.07 24.52
C GLY E 114 15.87 47.76 25.18
N ASN E 115 14.84 47.11 24.62
CA ASN E 115 14.49 45.74 24.99
C ASN E 115 15.33 44.82 24.13
N LEU E 116 16.37 44.21 24.72
CA LEU E 116 17.32 43.44 23.93
C LEU E 116 16.64 42.26 23.24
N ASN E 117 15.65 41.65 23.89
CA ASN E 117 15.00 40.48 23.32
C ASN E 117 13.97 40.83 22.27
N ARG E 118 13.93 42.08 21.80
CA ARG E 118 13.19 42.42 20.59
C ARG E 118 14.01 43.34 19.68
N SER E 119 15.33 43.30 19.84
CA SER E 119 16.26 44.12 19.06
C SER E 119 17.04 43.30 18.04
N PHE E 120 16.75 42.03 17.90
CA PHE E 120 17.59 41.39 16.90
C PHE E 120 16.97 41.54 15.51
N PRO E 121 17.78 41.51 14.43
CA PRO E 121 19.22 41.22 14.37
C PRO E 121 20.12 42.37 14.82
N GLY E 122 19.54 43.54 15.08
CA GLY E 122 20.33 44.70 15.47
C GLY E 122 21.10 45.27 14.30
N ARG E 123 21.94 46.26 14.61
CA ARG E 123 22.79 46.86 13.59
C ARG E 123 24.08 47.32 14.24
N PRO E 124 25.20 47.27 13.51
CA PRO E 124 26.48 47.69 14.11
C PRO E 124 26.55 49.17 14.44
N ASP E 125 25.68 50.00 13.86
CA ASP E 125 25.75 51.44 14.01
C ASP E 125 24.52 52.02 14.70
N GLY E 126 23.73 51.18 15.36
CA GLY E 126 22.53 51.62 16.02
C GLY E 126 22.73 51.97 17.48
N THR E 127 21.72 51.67 18.29
CA THR E 127 21.78 51.90 19.72
C THR E 127 22.83 50.99 20.36
N VAL E 128 23.11 51.23 21.64
CA VAL E 128 23.98 50.32 22.38
C VAL E 128 23.38 48.93 22.41
N THR E 129 22.08 48.83 22.68
CA THR E 129 21.41 47.53 22.72
C THR E 129 21.42 46.87 21.34
N GLU E 130 21.21 47.65 20.28
CA GLU E 130 21.24 47.08 18.94
C GLU E 130 22.63 46.62 18.54
N LYS E 131 23.67 47.33 18.99
CA LYS E 131 25.04 46.89 18.73
C LYS E 131 25.36 45.59 19.46
N ILE E 132 24.81 45.39 20.66
CA ILE E 132 24.98 44.11 21.34
C ILE E 132 24.32 43.00 20.54
N ALA E 133 23.07 43.23 20.12
CA ALA E 133 22.36 42.25 19.30
C ALA E 133 23.13 41.93 18.03
N ASP E 134 23.67 42.95 17.35
CA ASP E 134 24.39 42.70 16.11
C ASP E 134 25.66 41.89 16.35
N TYR E 135 26.34 42.13 17.47
CA TYR E 135 27.53 41.35 17.77
C TYR E 135 27.18 39.90 18.02
N PHE E 136 26.12 39.66 18.78
CA PHE E 136 25.71 38.28 19.00
C PHE E 136 25.08 37.68 17.74
N GLN E 137 24.39 38.50 16.93
CA GLN E 137 23.73 37.97 15.74
C GLN E 137 24.73 37.40 14.75
N ARG E 138 25.77 38.18 14.41
CA ARG E 138 26.64 37.85 13.30
C ARG E 138 28.04 37.40 13.70
N THR E 139 28.46 37.62 14.94
CA THR E 139 29.81 37.26 15.35
C THR E 139 29.85 36.06 16.28
N LEU E 140 29.11 36.10 17.39
CA LEU E 140 29.19 35.04 18.40
C LEU E 140 28.28 33.86 18.07
N LEU E 141 27.02 34.14 17.72
CA LEU E 141 26.08 33.04 17.47
C LEU E 141 26.53 32.10 16.36
N PRO E 142 27.10 32.56 15.23
CA PRO E 142 27.64 31.59 14.26
C PRO E 142 28.71 30.70 14.84
N MET E 143 29.48 31.18 15.82
CA MET E 143 30.48 30.36 16.48
C MET E 143 29.87 29.27 17.35
N ALA E 144 28.58 29.33 17.64
CA ALA E 144 27.95 28.48 18.64
C ALA E 144 27.21 27.32 18.00
N ASP E 145 27.19 26.21 18.72
CA ASP E 145 26.32 25.08 18.40
C ASP E 145 25.09 25.05 19.29
N LEU E 146 25.18 25.63 20.49
CA LEU E 146 24.10 25.62 21.46
C LEU E 146 24.03 26.99 22.12
N ALA E 147 22.81 27.48 22.32
CA ALA E 147 22.59 28.81 22.91
C ALA E 147 21.63 28.67 24.09
N VAL E 148 22.14 28.94 25.29
CA VAL E 148 21.32 28.96 26.50
C VAL E 148 21.12 30.42 26.88
N ASP E 149 19.87 30.87 26.87
CA ASP E 149 19.52 32.25 27.16
C ASP E 149 18.51 32.25 28.31
N PHE E 150 18.98 32.63 29.50
CA PHE E 150 18.17 32.53 30.71
C PHE E 150 17.16 33.67 30.80
N HIS E 151 15.94 33.34 31.22
CA HIS E 151 14.90 34.33 31.46
C HIS E 151 14.12 33.94 32.70
N SER E 152 13.53 34.95 33.33
CA SER E 152 12.59 34.76 34.43
C SER E 152 11.60 35.92 34.39
N GLY E 153 10.72 35.97 35.39
CA GLY E 153 9.61 36.91 35.34
C GLY E 153 10.04 38.37 35.34
N GLY E 154 11.11 38.69 36.06
CA GLY E 154 11.44 40.09 36.29
C GLY E 154 10.54 40.67 37.37
N LYS E 155 10.67 41.99 37.56
CA LYS E 155 9.96 42.64 38.66
C LYS E 155 8.45 42.70 38.45
N THR E 156 7.95 42.41 37.24
CA THR E 156 6.53 42.56 36.95
C THR E 156 5.80 41.24 36.75
N LEU E 157 6.51 40.12 36.70
CA LEU E 157 5.87 38.82 36.49
C LEU E 157 6.51 37.79 37.40
N ASP E 158 5.77 36.70 37.62
CA ASP E 158 6.26 35.52 38.31
C ASP E 158 5.88 34.31 37.48
N PHE E 159 6.76 33.31 37.44
CA PHE E 159 6.55 32.12 36.63
C PHE E 159 6.75 30.88 37.49
N VAL E 160 6.01 29.82 37.16
CA VAL E 160 6.47 28.50 37.60
C VAL E 160 7.76 28.18 36.86
N PRO E 161 8.75 27.57 37.51
CA PRO E 161 10.06 27.40 36.86
C PRO E 161 9.95 26.39 35.72
N PHE E 162 10.25 26.84 34.50
CA PHE E 162 10.05 25.95 33.36
C PHE E 162 11.01 26.27 32.22
N ALA E 163 11.43 25.21 31.53
CA ALA E 163 12.14 25.32 30.26
C ALA E 163 11.15 25.25 29.12
N ALA E 164 11.51 25.87 28.00
CA ALA E 164 10.54 26.08 26.95
C ALA E 164 11.16 25.83 25.58
N ALA E 165 10.28 25.68 24.60
CA ALA E 165 10.65 25.55 23.21
C ALA E 165 9.45 25.96 22.36
N HIS E 166 9.73 26.51 21.19
CA HIS E 166 8.67 26.96 20.28
C HIS E 166 8.36 25.88 19.25
N ILE E 167 7.12 25.90 18.77
CA ILE E 167 6.72 25.02 17.68
C ILE E 167 7.20 25.67 16.37
N LEU E 168 8.21 25.08 15.76
CA LEU E 168 8.87 25.64 14.59
C LEU E 168 8.45 24.88 13.34
N GLU E 169 8.50 25.58 12.19
CA GLU E 169 8.25 24.90 10.93
C GLU E 169 9.41 24.00 10.54
N ASP E 170 10.64 24.38 10.92
CA ASP E 170 11.79 23.50 10.82
C ASP E 170 11.69 22.51 11.98
N LYS E 171 11.14 21.33 11.70
CA LYS E 171 10.92 20.33 12.74
C LYS E 171 12.18 19.61 13.16
N ALA E 172 13.26 19.71 12.37
CA ALA E 172 14.55 19.18 12.82
C ALA E 172 15.14 20.05 13.92
N THR E 173 15.16 21.37 13.70
CA THR E 173 15.63 22.28 14.74
C THR E 173 14.71 22.23 15.96
N GLN E 174 13.41 22.07 15.74
CA GLN E 174 12.49 21.89 16.87
C GLN E 174 12.83 20.64 17.66
N ALA E 175 13.20 19.56 16.96
CA ALA E 175 13.58 18.33 17.65
C ALA E 175 14.82 18.54 18.51
N ALA E 176 15.81 19.27 17.98
CA ALA E 176 17.02 19.54 18.76
C ALA E 176 16.71 20.41 19.97
N CYS E 177 15.77 21.35 19.83
CA CYS E 177 15.43 22.21 20.97
C CYS E 177 14.63 21.44 22.02
N PHE E 178 13.75 20.55 21.59
CA PHE E 178 12.99 19.73 22.53
C PHE E 178 13.91 18.78 23.29
N ALA E 179 14.96 18.28 22.64
CA ALA E 179 15.91 17.40 23.32
C ALA E 179 16.66 18.15 24.42
N ALA E 180 17.10 19.37 24.15
CA ALA E 180 17.80 20.15 25.17
C ALA E 180 16.86 20.55 26.31
N MET E 181 15.63 20.95 25.98
CA MET E 181 14.66 21.26 27.02
C MET E 181 14.40 20.06 27.91
N LYS E 182 14.19 18.88 27.30
CA LYS E 182 14.03 17.66 28.08
C LYS E 182 15.25 17.40 28.96
N ALA E 183 16.45 17.69 28.43
CA ALA E 183 17.67 17.51 29.22
C ALA E 183 17.74 18.53 30.35
N PHE E 184 17.35 19.79 30.08
CA PHE E 184 17.32 20.81 31.12
C PHE E 184 16.54 20.34 32.34
N ASN E 185 15.40 19.68 32.11
CA ASN E 185 14.61 19.03 33.16
C ASN E 185 14.19 20.01 34.25
N ALA E 186 13.60 21.14 33.82
CA ALA E 186 12.96 22.02 34.76
C ALA E 186 11.74 21.33 35.36
N PRO E 187 11.23 21.82 36.51
CA PRO E 187 10.02 21.21 37.07
C PRO E 187 8.83 21.25 36.14
N TYR E 188 8.76 22.22 35.23
CA TYR E 188 7.79 22.21 34.14
C TYR E 188 8.53 22.37 32.81
N SER E 189 7.88 21.90 31.75
CA SER E 189 8.37 22.05 30.38
C SER E 189 7.22 22.57 29.53
N VAL E 190 7.46 23.67 28.83
CA VAL E 190 6.38 24.44 28.20
C VAL E 190 6.62 24.57 26.71
N GLU E 191 5.56 24.37 25.93
CA GLU E 191 5.54 24.76 24.53
C GLU E 191 5.07 26.20 24.47
N LEU E 192 6.00 27.12 24.23
CA LEU E 192 5.71 28.54 24.36
C LEU E 192 4.97 29.07 23.15
N LEU E 193 3.98 29.92 23.40
CA LEU E 193 3.21 30.59 22.36
C LEU E 193 3.66 32.05 22.32
N GLU E 194 4.47 32.38 21.31
CA GLU E 194 4.84 33.76 21.00
C GLU E 194 4.08 34.14 19.74
N ILE E 195 3.12 35.05 19.89
CA ILE E 195 2.30 35.42 18.75
C ILE E 195 3.07 36.35 17.82
N ASP E 196 4.04 37.11 18.34
CA ASP E 196 4.99 37.86 17.53
C ASP E 196 6.39 37.45 17.96
N SER E 197 7.06 36.62 17.16
CA SER E 197 8.42 36.20 17.45
C SER E 197 9.46 37.15 16.89
N ALA E 198 9.06 38.26 16.27
CA ALA E 198 10.01 39.14 15.61
C ALA E 198 10.85 39.91 16.63
N GLY E 199 12.15 39.99 16.37
CA GLY E 199 13.08 40.70 17.21
C GLY E 199 13.76 39.87 18.28
N MET E 200 13.25 38.67 18.56
CA MET E 200 13.71 37.91 19.72
C MET E 200 15.03 37.20 19.45
N TYR E 201 15.83 37.08 20.51
CA TYR E 201 17.02 36.24 20.48
C TYR E 201 16.66 34.79 20.20
N ASP E 202 15.48 34.36 20.65
CA ASP E 202 15.00 33.02 20.34
C ASP E 202 14.93 32.78 18.85
N THR E 203 14.36 33.74 18.12
CA THR E 203 14.15 33.57 16.68
C THR E 203 15.48 33.59 15.92
N ALA E 204 16.42 34.43 16.35
CA ALA E 204 17.73 34.46 15.70
C ALA E 204 18.44 33.13 15.83
N VAL E 205 18.35 32.49 17.00
CA VAL E 205 18.96 31.18 17.20
C VAL E 205 18.20 30.10 16.42
N GLU E 206 16.87 30.14 16.49
CA GLU E 206 16.08 29.10 15.83
C GLU E 206 16.19 29.20 14.32
N GLU E 207 16.07 30.40 13.77
CA GLU E 207 16.19 30.58 12.32
C GLU E 207 17.60 30.28 11.81
N MET E 208 18.60 30.34 12.67
CA MET E 208 19.97 29.99 12.29
C MET E 208 20.23 28.48 12.32
N GLY E 209 19.23 27.69 12.71
CA GLY E 209 19.37 26.25 12.78
C GLY E 209 20.05 25.72 14.02
N LYS E 210 20.31 26.57 15.01
CA LYS E 210 21.08 26.19 16.18
C LYS E 210 20.16 25.88 17.35
N VAL E 211 20.72 25.22 18.36
CA VAL E 211 19.94 24.75 19.51
C VAL E 211 19.74 25.90 20.49
N LEU E 212 18.49 26.10 20.90
CA LEU E 212 18.13 27.16 21.84
C LEU E 212 17.57 26.57 23.12
N VAL E 213 18.13 27.00 24.25
CA VAL E 213 17.56 26.72 25.56
C VAL E 213 17.07 28.04 26.14
N THR E 214 15.77 28.12 26.44
CA THR E 214 15.19 29.31 27.03
C THR E 214 14.35 28.92 28.23
N THR E 215 14.30 29.82 29.22
CA THR E 215 13.74 29.53 30.52
C THR E 215 12.74 30.61 30.92
N GLU E 216 11.91 30.27 31.91
CA GLU E 216 11.20 31.24 32.73
C GLU E 216 11.25 30.69 34.15
N LEU E 217 12.23 31.12 34.92
CA LEU E 217 12.54 30.55 36.23
C LEU E 217 12.12 31.54 37.31
N GLY E 218 10.86 31.47 37.72
CA GLY E 218 10.39 32.37 38.77
C GLY E 218 10.29 33.80 38.28
N GLY E 219 10.55 34.74 39.19
CA GLY E 219 10.50 36.15 38.83
C GLY E 219 10.42 37.02 40.06
N GLY E 220 9.79 38.18 39.89
CA GLY E 220 9.64 39.14 40.96
C GLY E 220 10.83 40.05 41.19
N GLY E 221 11.87 39.96 40.36
CA GLY E 221 13.09 40.67 40.64
C GLY E 221 13.90 40.06 41.77
N SER E 222 13.80 38.75 41.96
CA SER E 222 14.47 38.04 43.04
C SER E 222 14.72 36.61 42.59
N SER E 223 15.49 35.88 43.38
CA SER E 223 15.68 34.46 43.12
C SER E 223 16.00 33.74 44.41
N SER E 224 15.46 32.53 44.54
CA SER E 224 15.63 31.67 45.69
C SER E 224 16.73 30.64 45.43
N ALA E 225 17.09 29.90 46.46
CA ALA E 225 18.09 28.85 46.30
C ALA E 225 17.54 27.63 45.57
N ARG E 226 16.23 27.37 45.67
CA ARG E 226 15.62 26.39 44.79
C ARG E 226 15.68 26.84 43.33
N SER E 227 15.22 28.06 43.07
CA SER E 227 15.22 28.58 41.70
C SER E 227 16.63 28.74 41.17
N ASN E 228 17.58 29.16 42.02
CA ASN E 228 18.98 29.14 41.61
C ASN E 228 19.42 27.74 41.24
N ALA E 229 19.03 26.75 42.06
CA ALA E 229 19.46 25.37 41.81
C ALA E 229 18.84 24.81 40.53
N ILE E 230 17.60 25.20 40.23
CA ILE E 230 16.97 24.75 38.99
C ILE E 230 17.77 25.22 37.79
N ALA E 231 18.19 26.47 37.79
CA ALA E 231 19.02 26.99 36.71
C ALA E 231 20.35 26.23 36.62
N LYS E 232 20.99 25.98 37.76
CA LYS E 232 22.27 25.28 37.76
C LYS E 232 22.11 23.85 37.28
N LYS E 233 21.08 23.15 37.75
CA LYS E 233 20.82 21.79 37.30
C LYS E 233 20.58 21.73 35.80
N GLY E 234 19.77 22.66 35.29
CA GLY E 234 19.47 22.64 33.87
C GLY E 234 20.67 22.97 33.00
N LEU E 235 21.48 23.93 33.42
CA LEU E 235 22.66 24.31 32.65
C LEU E 235 23.63 23.15 32.53
N ARG E 236 23.97 22.52 33.67
CA ARG E 236 24.88 21.38 33.64
C ARG E 236 24.30 20.24 32.81
N ASN E 237 23.01 19.94 32.98
CA ASN E 237 22.36 18.91 32.18
C ASN E 237 22.52 19.19 30.69
N VAL E 238 22.26 20.43 30.28
CA VAL E 238 22.32 20.79 28.86
C VAL E 238 23.76 20.73 28.36
N LEU E 239 24.72 21.19 29.16
CA LEU E 239 26.12 21.14 28.75
C LEU E 239 26.62 19.71 28.64
N ILE E 240 26.18 18.83 29.56
CA ILE E 240 26.47 17.41 29.43
C ILE E 240 25.78 16.84 28.20
N HIS E 241 24.51 17.21 28.01
CA HIS E 241 23.76 16.77 26.84
C HIS E 241 24.45 17.17 25.54
N ALA E 242 25.04 18.37 25.51
CA ALA E 242 25.70 18.87 24.32
C ALA E 242 27.09 18.27 24.11
N GLY E 243 27.60 17.50 25.08
CA GLY E 243 28.91 16.91 24.97
C GLY E 243 30.06 17.78 25.41
N ILE E 244 29.78 18.91 26.06
CA ILE E 244 30.84 19.82 26.48
C ILE E 244 31.36 19.45 27.87
N LEU E 245 30.46 19.18 28.81
CA LEU E 245 30.85 18.72 30.13
C LEU E 245 30.61 17.22 30.24
N LYS E 246 31.37 16.57 31.13
CA LYS E 246 31.26 15.14 31.35
C LYS E 246 30.71 14.87 32.74
N GLY E 247 30.08 13.72 32.88
CA GLY E 247 29.28 13.41 34.03
C GLY E 247 27.87 13.00 33.63
N GLU E 248 27.11 12.61 34.63
CA GLU E 248 25.79 12.04 34.41
C GLU E 248 24.73 13.01 34.87
N MET E 249 23.66 13.14 34.09
CA MET E 249 22.67 14.19 34.29
C MET E 249 21.82 13.93 35.53
N GLN E 250 21.31 15.01 36.11
CA GLN E 250 20.33 14.95 37.18
C GLN E 250 18.94 14.93 36.56
N LEU E 251 18.22 13.84 36.75
CA LEU E 251 16.91 13.64 36.14
C LEU E 251 15.84 13.59 37.23
N ASP E 252 14.88 14.50 37.17
CA ASP E 252 13.74 14.52 38.06
C ASP E 252 12.48 14.64 37.21
N GLU E 253 11.31 14.55 37.86
CA GLU E 253 10.06 14.62 37.12
C GLU E 253 9.79 16.04 36.64
N THR E 254 9.14 16.13 35.48
CA THR E 254 8.75 17.41 34.90
C THR E 254 7.30 17.33 34.45
N VAL E 255 6.62 18.47 34.44
CA VAL E 255 5.22 18.55 34.05
C VAL E 255 5.14 19.26 32.72
N ASN E 256 4.53 18.60 31.73
CA ASN E 256 4.48 19.10 30.37
C ASN E 256 3.21 19.93 30.17
N LEU E 257 3.37 21.12 29.59
CA LEU E 257 2.27 22.04 29.40
C LEU E 257 2.35 22.64 28.00
N THR E 258 1.19 23.04 27.49
CA THR E 258 1.09 23.60 26.15
C THR E 258 0.37 24.94 26.20
N MET E 259 0.54 25.73 25.14
CA MET E 259 -0.10 27.02 25.00
C MET E 259 -0.74 27.08 23.61
N PRO E 260 -1.97 26.62 23.49
CA PRO E 260 -2.61 26.59 22.16
C PRO E 260 -3.15 27.93 21.70
N ASP E 261 -3.53 28.79 22.64
CA ASP E 261 -4.42 29.91 22.35
C ASP E 261 -3.93 31.20 22.99
N ASP E 262 -4.44 32.32 22.47
CA ASP E 262 -4.42 33.57 23.21
C ASP E 262 -5.28 33.50 24.47
N ASP E 263 -6.25 32.58 24.51
CA ASP E 263 -7.09 32.43 25.69
C ASP E 263 -6.32 31.92 26.90
N CYS E 264 -5.03 31.58 26.74
CA CYS E 264 -4.17 31.32 27.89
C CYS E 264 -3.80 32.60 28.63
N PHE E 265 -3.87 33.76 27.96
CA PHE E 265 -3.56 35.04 28.56
C PHE E 265 -4.83 35.74 29.02
N VAL E 266 -4.71 36.46 30.14
CA VAL E 266 -5.76 37.34 30.65
C VAL E 266 -5.12 38.69 30.95
N PHE E 267 -5.66 39.76 30.36
CA PHE E 267 -5.08 41.08 30.48
C PHE E 267 -5.99 42.00 31.29
N SER E 268 -5.36 42.93 32.01
CA SER E 268 -6.08 43.88 32.84
C SER E 268 -6.68 45.00 32.00
N GLU E 269 -7.88 45.43 32.37
CA GLU E 269 -8.53 46.55 31.72
C GLU E 269 -8.63 47.77 32.63
N GLY E 270 -7.82 47.82 33.68
CA GLY E 270 -7.88 48.95 34.60
C GLY E 270 -6.73 48.93 35.57
N ASP E 271 -6.57 50.07 36.25
CA ASP E 271 -5.57 50.24 37.30
C ASP E 271 -6.17 49.92 38.67
N GLY E 272 -5.36 49.43 39.57
CA GLY E 272 -5.82 49.20 40.92
C GLY E 272 -4.92 48.27 41.71
N LEU E 273 -5.45 47.84 42.85
CA LEU E 273 -4.76 46.95 43.77
C LEU E 273 -5.05 45.51 43.38
N PHE E 274 -3.98 44.73 43.14
CA PHE E 274 -4.08 43.40 42.57
C PHE E 274 -4.20 42.35 43.66
N GLU E 275 -5.31 41.61 43.67
CA GLU E 275 -5.47 40.48 44.59
C GLU E 275 -5.54 39.19 43.77
N MET E 276 -4.43 38.44 43.78
CA MET E 276 -4.42 37.12 43.17
C MET E 276 -5.23 36.16 44.02
N MET E 277 -6.16 35.45 43.40
CA MET E 277 -7.02 34.51 44.11
C MET E 277 -6.49 33.08 44.06
N ILE E 278 -5.76 32.74 43.00
CA ILE E 278 -5.18 31.42 42.81
C ILE E 278 -3.69 31.60 42.56
N ASP E 279 -2.85 31.01 43.39
CA ASP E 279 -1.42 31.26 43.29
C ASP E 279 -0.74 30.22 42.39
N LEU E 280 0.53 30.50 42.08
CA LEU E 280 1.22 29.88 40.96
C LEU E 280 1.16 28.36 40.98
N GLY E 281 1.03 27.77 39.79
CA GLY E 281 1.01 26.33 39.63
C GLY E 281 -0.29 25.66 39.98
N ALA E 282 -1.27 26.40 40.50
CA ALA E 282 -2.50 25.75 40.93
C ALA E 282 -3.45 25.52 39.75
N PRO E 283 -4.26 24.47 39.81
CA PRO E 283 -5.16 24.17 38.69
C PRO E 283 -6.35 25.14 38.65
N VAL E 284 -6.72 25.52 37.44
CA VAL E 284 -7.89 26.35 37.20
C VAL E 284 -8.74 25.71 36.11
N ALA E 285 -10.05 25.83 36.24
CA ALA E 285 -10.97 25.51 35.17
C ALA E 285 -11.38 26.79 34.46
N LYS E 286 -11.89 26.65 33.24
CA LYS E 286 -12.40 27.79 32.52
C LYS E 286 -13.51 28.45 33.33
N GLY E 287 -13.40 29.77 33.53
CA GLY E 287 -14.35 30.50 34.31
C GLY E 287 -13.98 30.70 35.76
N ASP E 288 -12.92 30.04 36.24
CA ASP E 288 -12.48 30.23 37.61
C ASP E 288 -11.94 31.64 37.81
N LEU E 289 -12.20 32.20 38.98
CA LEU E 289 -11.74 33.55 39.31
C LEU E 289 -10.22 33.55 39.51
N LEU E 290 -9.50 34.25 38.64
CA LEU E 290 -8.05 34.32 38.76
C LEU E 290 -7.62 35.40 39.74
N ALA E 291 -8.12 36.63 39.56
CA ALA E 291 -7.72 37.73 40.41
C ALA E 291 -8.86 38.73 40.51
N ARG E 292 -8.82 39.54 41.55
CA ARG E 292 -9.71 40.68 41.74
C ARG E 292 -8.87 41.94 41.92
N VAL E 293 -9.30 43.03 41.28
CA VAL E 293 -8.57 44.29 41.32
C VAL E 293 -9.42 45.31 42.05
N TRP E 294 -8.90 45.81 43.16
CA TRP E 294 -9.48 46.82 44.03
C TRP E 294 -9.04 48.21 43.59
N PRO E 295 -9.89 49.22 43.75
CA PRO E 295 -9.54 50.57 43.26
C PRO E 295 -8.45 51.21 44.11
N LEU E 296 -7.63 52.03 43.46
CA LEU E 296 -6.55 52.72 44.15
C LEU E 296 -7.10 53.82 45.05
N ASP E 297 -8.11 54.55 44.58
CA ASP E 297 -8.46 55.85 45.15
C ASP E 297 -9.84 55.89 45.77
N ARG E 298 -10.39 54.74 46.17
CA ARG E 298 -11.68 54.75 46.84
C ARG E 298 -11.88 53.43 47.58
N THR E 299 -12.95 53.39 48.35
CA THR E 299 -13.35 52.22 49.11
C THR E 299 -14.80 51.90 48.80
N GLY E 300 -15.20 50.65 49.07
CA GLY E 300 -16.60 50.29 49.02
C GLY E 300 -17.13 49.79 47.70
N GLN E 301 -16.45 50.02 46.58
CA GLN E 301 -16.90 49.43 45.33
C GLN E 301 -16.63 47.93 45.33
N PRO E 302 -17.44 47.14 44.64
CA PRO E 302 -17.04 45.76 44.35
C PRO E 302 -15.79 45.75 43.50
N PRO E 303 -14.95 44.74 43.65
CA PRO E 303 -13.72 44.68 42.86
C PRO E 303 -13.98 44.16 41.45
N VAL E 304 -13.06 44.52 40.55
CA VAL E 304 -13.09 44.01 39.18
C VAL E 304 -12.55 42.59 39.18
N GLU E 305 -13.28 41.69 38.52
CA GLU E 305 -12.95 40.27 38.55
C GLU E 305 -12.45 39.79 37.18
N TYR E 306 -11.36 39.02 37.21
CA TYR E 306 -10.77 38.44 36.02
C TYR E 306 -10.81 36.92 36.13
N ARG E 307 -11.31 36.26 35.09
CA ARG E 307 -11.55 34.83 35.13
C ARG E 307 -10.79 34.13 34.01
N ALA E 308 -10.56 32.83 34.21
CA ALA E 308 -9.77 32.05 33.28
C ALA E 308 -10.54 31.82 31.98
N ARG E 309 -9.83 31.97 30.86
CA ARG E 309 -10.40 31.67 29.56
C ARG E 309 -10.08 30.25 29.09
N ARG E 310 -9.15 29.57 29.75
CA ARG E 310 -8.84 28.18 29.45
C ARG E 310 -8.46 27.46 30.75
N ALA E 311 -8.75 26.17 30.80
CA ALA E 311 -8.40 25.35 31.95
C ALA E 311 -6.94 24.91 31.86
N GLY E 312 -6.35 24.68 33.02
CA GLY E 312 -4.97 24.24 33.11
C GLY E 312 -4.33 24.76 34.38
N LEU E 313 -3.03 25.01 34.30
CA LEU E 313 -2.24 25.50 35.42
C LEU E 313 -1.90 26.97 35.22
N VAL E 314 -1.94 27.74 36.30
CA VAL E 314 -1.49 29.12 36.26
C VAL E 314 0.04 29.10 36.22
N ILE E 315 0.61 29.27 35.03
CA ILE E 315 2.06 29.19 34.88
C ILE E 315 2.74 30.55 35.03
N SER E 316 1.97 31.63 35.10
CA SER E 316 2.55 32.95 35.32
C SER E 316 1.48 33.86 35.91
N ARG E 317 1.93 34.89 36.61
CA ARG E 317 1.02 35.81 37.28
C ARG E 317 1.61 37.21 37.30
N HIS E 318 0.73 38.20 37.39
CA HIS E 318 1.17 39.57 37.60
C HIS E 318 1.77 39.71 38.99
N PHE E 319 3.03 40.07 39.07
CA PHE E 319 3.71 40.11 40.36
C PHE E 319 3.37 41.34 41.20
N PRO E 320 3.56 42.58 40.71
CA PRO E 320 3.47 43.74 41.62
C PRO E 320 2.09 43.91 42.23
N GLY E 321 2.08 44.57 43.40
CA GLY E 321 0.83 44.84 44.09
C GLY E 321 -0.06 45.83 43.36
N LEU E 322 0.53 46.75 42.61
CA LEU E 322 -0.20 47.67 41.77
C LEU E 322 -0.28 47.11 40.36
N ILE E 323 -1.48 47.02 39.82
CA ILE E 323 -1.69 46.57 38.45
C ILE E 323 -2.14 47.75 37.62
N LYS E 324 -1.70 47.78 36.37
CA LYS E 324 -2.07 48.79 35.41
C LYS E 324 -2.88 48.15 34.29
N SER E 325 -3.63 48.98 33.56
CA SER E 325 -4.38 48.48 32.42
C SER E 325 -3.42 47.95 31.36
N GLY E 326 -3.71 46.77 30.84
CA GLY E 326 -2.86 46.12 29.87
C GLY E 326 -1.86 45.15 30.44
N ASP E 327 -1.63 45.16 31.75
CA ASP E 327 -0.74 44.19 32.37
C ASP E 327 -1.35 42.79 32.25
N CYS E 328 -0.47 41.79 32.12
CA CYS E 328 -0.93 40.42 31.94
C CYS E 328 -1.23 39.82 33.30
N VAL E 329 -2.52 39.61 33.59
CA VAL E 329 -2.94 39.18 34.91
C VAL E 329 -2.44 37.77 35.21
N ALA E 330 -2.63 36.85 34.27
CA ALA E 330 -2.21 35.46 34.46
C ALA E 330 -2.06 34.79 33.12
N VAL E 331 -1.30 33.70 33.10
CA VAL E 331 -1.10 32.88 31.93
C VAL E 331 -1.36 31.43 32.29
N VAL E 332 -2.20 30.76 31.51
CA VAL E 332 -2.59 29.38 31.77
C VAL E 332 -1.86 28.47 30.80
N GLY E 333 -1.30 27.37 31.31
CA GLY E 333 -0.78 26.30 30.49
C GLY E 333 -1.72 25.10 30.57
N VAL E 334 -1.94 24.46 29.44
CA VAL E 334 -2.98 23.44 29.34
C VAL E 334 -2.40 22.06 29.63
N THR E 335 -3.25 21.19 30.20
CA THR E 335 -2.93 19.83 30.63
C THR E 335 -1.97 19.86 31.81
N LYS F 10 6.80 -38.70 -15.82
CA LYS F 10 6.69 -39.50 -14.62
C LYS F 10 6.12 -38.77 -13.41
N ASN F 11 5.75 -39.57 -12.43
CA ASN F 11 5.41 -39.06 -11.12
C ASN F 11 6.69 -38.63 -10.40
N PRO F 12 6.74 -37.42 -9.84
CA PRO F 12 7.97 -36.95 -9.18
C PRO F 12 8.32 -37.68 -7.89
N ILE F 13 7.46 -38.59 -7.42
CA ILE F 13 7.70 -39.24 -6.14
C ILE F 13 8.87 -40.21 -6.26
N SER F 14 9.77 -40.17 -5.27
CA SER F 14 10.96 -41.02 -5.25
C SER F 14 11.12 -41.60 -3.85
N PRO F 15 11.28 -42.91 -3.72
CA PRO F 15 11.58 -43.48 -2.41
C PRO F 15 12.98 -43.13 -1.94
N THR F 16 13.13 -43.02 -0.62
CA THR F 16 14.44 -42.86 0.00
C THR F 16 15.09 -44.19 0.33
N ILE F 17 14.38 -45.30 0.10
CA ILE F 17 14.89 -46.64 0.34
C ILE F 17 14.54 -47.49 -0.88
N PRO F 18 15.28 -48.58 -1.12
CA PRO F 18 14.93 -49.47 -2.24
C PRO F 18 13.60 -50.17 -1.99
N LEU F 19 12.98 -50.62 -3.08
CA LEU F 19 11.73 -51.36 -3.02
C LEU F 19 11.88 -52.83 -3.40
N ASP F 20 13.03 -53.24 -3.93
CA ASP F 20 13.22 -54.55 -4.53
C ASP F 20 14.36 -55.32 -3.88
N ARG F 21 14.65 -55.06 -2.62
CA ARG F 21 15.89 -55.55 -2.04
C ARG F 21 15.68 -56.20 -0.69
N ASP F 22 16.30 -57.37 -0.50
CA ASP F 22 16.06 -58.20 0.66
C ASP F 22 16.47 -57.49 1.96
N GLY F 23 15.59 -57.56 2.95
CA GLY F 23 15.84 -56.98 4.26
C GLY F 23 14.75 -56.00 4.66
N VAL F 24 14.90 -55.46 5.86
CA VAL F 24 13.97 -54.51 6.44
C VAL F 24 14.50 -53.10 6.21
N PHE F 25 13.71 -52.27 5.53
CA PHE F 25 14.08 -50.88 5.29
C PHE F 25 13.00 -49.96 5.84
N HIS F 26 13.43 -48.87 6.46
CA HIS F 26 12.54 -47.84 6.97
C HIS F 26 12.95 -46.52 6.32
N GLY F 27 12.01 -45.89 5.62
CA GLY F 27 12.31 -44.67 4.91
C GLY F 27 11.09 -43.86 4.56
N PHE F 28 11.10 -43.24 3.38
CA PHE F 28 10.05 -42.30 3.01
C PHE F 28 9.80 -42.35 1.52
N LEU F 29 8.58 -41.97 1.14
CA LEU F 29 8.27 -41.56 -0.23
C LEU F 29 8.33 -40.04 -0.26
N LYS F 30 9.33 -39.50 -0.95
CA LYS F 30 9.54 -38.05 -1.01
C LYS F 30 8.72 -37.48 -2.16
N LEU F 31 7.66 -36.75 -1.82
CA LEU F 31 6.86 -36.04 -2.81
C LEU F 31 7.31 -34.57 -2.82
N PRO F 32 8.01 -34.11 -3.86
CA PRO F 32 8.36 -32.68 -3.92
C PRO F 32 7.11 -31.81 -3.90
N HIS F 33 7.14 -30.79 -3.03
CA HIS F 33 5.94 -29.98 -2.78
C HIS F 33 6.41 -28.56 -2.44
N SER F 34 6.46 -27.71 -3.47
CA SER F 34 6.90 -26.33 -3.32
C SER F 34 5.73 -25.45 -2.91
N ARG F 35 5.94 -24.62 -1.89
CA ARG F 35 4.85 -23.93 -1.22
C ARG F 35 5.39 -22.74 -0.47
N ASP F 36 4.47 -21.86 -0.04
CA ASP F 36 4.84 -20.74 0.83
C ASP F 36 5.63 -21.22 2.03
N ASP F 37 5.27 -22.39 2.56
CA ASP F 37 5.92 -22.93 3.74
C ASP F 37 7.35 -23.33 3.45
N SER F 38 7.61 -23.85 2.25
CA SER F 38 8.91 -24.45 1.96
C SER F 38 9.11 -24.47 0.46
N ALA F 39 10.08 -23.68 -0.04
CA ALA F 39 10.22 -23.47 -1.47
C ALA F 39 10.74 -24.73 -2.17
N TRP F 40 11.66 -25.46 -1.53
CA TRP F 40 12.20 -26.69 -2.10
C TRP F 40 11.85 -27.90 -1.25
N GLY F 41 10.74 -27.82 -0.52
CA GLY F 41 10.38 -28.86 0.42
C GLY F 41 9.72 -30.04 -0.24
N SER F 42 9.25 -30.95 0.61
CA SER F 42 8.65 -32.19 0.14
C SER F 42 7.77 -32.77 1.24
N VAL F 43 6.80 -33.58 0.82
CA VAL F 43 5.97 -34.35 1.73
C VAL F 43 6.62 -35.73 1.89
N MET F 44 7.04 -36.05 3.12
CA MET F 44 7.83 -37.23 3.40
C MET F 44 6.92 -38.31 3.97
N ILE F 45 6.38 -39.15 3.09
CA ILE F 45 5.43 -40.19 3.50
C ILE F 45 6.19 -41.33 4.15
N PRO F 46 5.98 -41.60 5.44
CA PRO F 46 6.68 -42.72 6.08
C PRO F 46 6.31 -44.05 5.44
N LEU F 47 7.31 -44.91 5.28
CA LEU F 47 7.14 -46.19 4.60
C LEU F 47 8.15 -47.19 5.12
N THR F 48 7.71 -48.45 5.25
CA THR F 48 8.58 -49.57 5.52
C THR F 48 8.38 -50.64 4.45
N VAL F 49 9.48 -51.12 3.86
CA VAL F 49 9.47 -52.24 2.93
C VAL F 49 10.23 -53.40 3.57
N ILE F 50 9.58 -54.56 3.67
CA ILE F 50 10.21 -55.79 4.15
C ILE F 50 10.11 -56.81 3.02
N LYS F 51 11.25 -57.32 2.59
CA LYS F 51 11.30 -58.28 1.50
C LYS F 51 12.25 -59.42 1.85
N ASN F 52 11.83 -60.64 1.53
CA ASN F 52 12.67 -61.82 1.73
C ASN F 52 12.29 -62.84 0.67
N GLY F 53 13.22 -63.10 -0.25
CA GLY F 53 13.00 -64.10 -1.27
C GLY F 53 11.84 -63.78 -2.20
N ALA F 54 11.46 -64.79 -2.96
CA ALA F 54 10.40 -64.69 -3.95
C ALA F 54 9.07 -65.09 -3.33
N GLY F 55 8.05 -64.28 -3.58
CA GLY F 55 6.72 -64.51 -3.06
C GLY F 55 5.82 -63.32 -3.34
N PRO F 56 4.55 -63.42 -2.98
CA PRO F 56 3.61 -62.34 -3.30
C PRO F 56 3.94 -61.06 -2.56
N THR F 57 3.50 -59.95 -3.15
CA THR F 57 3.67 -58.62 -2.60
C THR F 57 2.35 -58.10 -2.06
N ALA F 58 2.36 -57.65 -0.80
CA ALA F 58 1.21 -57.01 -0.18
C ALA F 58 1.48 -55.51 -0.08
N LEU F 59 0.58 -54.72 -0.64
CA LEU F 59 0.60 -53.27 -0.49
C LEU F 59 -0.39 -52.92 0.62
N LEU F 60 0.14 -52.46 1.75
CA LEU F 60 -0.64 -52.24 2.97
C LEU F 60 -0.69 -50.75 3.26
N THR F 61 -1.91 -50.20 3.29
CA THR F 61 -2.10 -48.78 3.52
C THR F 61 -3.15 -48.54 4.60
N GLY F 62 -2.86 -47.59 5.48
CA GLY F 62 -3.85 -47.08 6.40
C GLY F 62 -3.96 -45.57 6.25
N ALA F 63 -5.02 -45.02 6.84
CA ALA F 63 -5.29 -43.58 6.78
C ALA F 63 -5.37 -43.08 5.35
N ASN F 64 -6.04 -43.85 4.49
CA ASN F 64 -6.53 -43.30 3.23
C ASN F 64 -7.26 -41.99 3.49
N HIS F 65 -8.13 -41.99 4.50
CA HIS F 65 -8.64 -40.79 5.12
C HIS F 65 -7.96 -40.62 6.48
N GLY F 66 -7.60 -39.39 6.82
CA GLY F 66 -6.61 -39.17 7.87
C GLY F 66 -7.07 -39.48 9.28
N ASP F 67 -8.38 -39.39 9.55
CA ASP F 67 -8.90 -39.54 10.90
C ASP F 67 -9.41 -40.95 11.18
N GLU F 68 -8.79 -41.96 10.59
CA GLU F 68 -9.21 -43.36 10.76
C GLU F 68 -7.98 -44.17 11.17
N TYR F 69 -8.03 -44.75 12.38
CA TYR F 69 -6.81 -45.01 13.11
C TYR F 69 -6.49 -46.49 13.34
N GLU F 70 -7.46 -47.39 13.19
CA GLU F 70 -7.17 -48.81 13.40
C GLU F 70 -6.07 -49.28 12.46
N GLY F 71 -6.17 -48.94 11.19
CA GLY F 71 -5.17 -49.31 10.21
C GLY F 71 -3.78 -48.79 10.52
N PRO F 72 -3.63 -47.47 10.64
CA PRO F 72 -2.32 -46.91 11.02
C PRO F 72 -1.69 -47.58 12.23
N VAL F 73 -2.51 -47.97 13.22
CA VAL F 73 -1.97 -48.63 14.41
C VAL F 73 -1.38 -49.99 14.05
N ALA F 74 -2.18 -50.83 13.38
CA ALA F 74 -1.72 -52.18 13.05
C ALA F 74 -0.52 -52.14 12.11
N LEU F 75 -0.50 -51.18 11.19
CA LEU F 75 0.60 -51.12 10.23
C LEU F 75 1.88 -50.59 10.87
N HIS F 76 1.76 -49.70 11.87
CA HIS F 76 2.94 -49.26 12.60
C HIS F 76 3.55 -50.41 13.38
N GLU F 77 2.73 -51.21 14.05
CA GLU F 77 3.25 -52.38 14.75
C GLU F 77 3.86 -53.38 13.78
N LEU F 78 3.17 -53.67 12.68
CA LEU F 78 3.68 -54.63 11.71
C LEU F 78 5.03 -54.18 11.15
N ALA F 79 5.13 -52.91 10.76
CA ALA F 79 6.40 -52.40 10.26
C ALA F 79 7.49 -52.43 11.31
N ALA F 80 7.12 -52.32 12.58
CA ALA F 80 8.09 -52.24 13.66
C ALA F 80 8.40 -53.57 14.32
N THR F 81 7.62 -54.62 14.05
CA THR F 81 7.79 -55.89 14.74
C THR F 81 8.09 -57.07 13.82
N THR F 82 8.20 -56.85 12.50
CA THR F 82 8.34 -57.92 11.54
C THR F 82 9.78 -58.06 11.08
N SER F 83 10.30 -59.28 11.14
CA SER F 83 11.65 -59.57 10.67
C SER F 83 11.64 -59.96 9.21
N ALA F 84 12.81 -59.83 8.57
CA ALA F 84 12.94 -60.27 7.18
C ALA F 84 12.67 -61.75 7.05
N GLU F 85 13.15 -62.55 8.00
CA GLU F 85 12.94 -64.00 7.93
C GLU F 85 11.47 -64.38 7.97
N ASP F 86 10.63 -63.54 8.59
CA ASP F 86 9.21 -63.86 8.73
C ASP F 86 8.47 -63.82 7.40
N VAL F 87 9.04 -63.21 6.37
CA VAL F 87 8.34 -62.91 5.13
C VAL F 87 8.85 -63.82 4.03
N THR F 88 7.91 -64.36 3.23
CA THR F 88 8.21 -64.97 1.95
C THR F 88 7.48 -64.12 0.91
N GLY F 89 8.19 -63.17 0.31
CA GLY F 89 7.57 -62.19 -0.55
C GLY F 89 8.00 -60.79 -0.21
N ARG F 90 7.06 -59.85 -0.18
CA ARG F 90 7.41 -58.46 0.10
C ARG F 90 6.23 -57.75 0.75
N LEU F 91 6.52 -56.92 1.74
CA LEU F 91 5.54 -56.05 2.38
C LEU F 91 5.90 -54.60 2.08
N ILE F 92 4.97 -53.87 1.46
CA ILE F 92 5.09 -52.43 1.29
C ILE F 92 4.09 -51.79 2.24
N ILE F 93 4.58 -51.17 3.31
CA ILE F 93 3.77 -50.72 4.43
C ILE F 93 3.72 -49.20 4.43
N VAL F 94 2.52 -48.65 4.27
CA VAL F 94 2.29 -47.21 4.36
C VAL F 94 1.24 -46.95 5.43
N PRO F 95 1.63 -46.76 6.69
CA PRO F 95 0.63 -46.56 7.75
C PRO F 95 -0.23 -45.33 7.56
N ALA F 96 0.33 -44.26 7.02
CA ALA F 96 -0.40 -43.02 6.77
C ALA F 96 -0.38 -42.80 5.25
N PHE F 97 -1.49 -43.13 4.61
CA PHE F 97 -1.57 -43.12 3.16
C PHE F 97 -1.73 -41.70 2.63
N ASN F 98 -2.84 -41.04 2.96
CA ASN F 98 -2.96 -39.60 2.72
C ASN F 98 -2.27 -38.91 3.89
N TYR F 99 -0.93 -38.89 3.81
CA TYR F 99 -0.13 -38.44 4.95
C TYR F 99 -0.42 -37.01 5.38
N PRO F 100 -0.56 -36.02 4.49
CA PRO F 100 -0.94 -34.68 4.97
C PRO F 100 -2.28 -34.67 5.69
N ALA F 101 -3.26 -35.42 5.19
CA ALA F 101 -4.53 -35.53 5.91
C ALA F 101 -4.33 -36.16 7.27
N PHE F 102 -3.42 -37.14 7.35
CA PHE F 102 -3.17 -37.83 8.62
C PHE F 102 -2.63 -36.87 9.67
N ARG F 103 -1.62 -36.08 9.31
CA ARG F 103 -1.00 -35.16 10.26
C ARG F 103 -1.94 -34.06 10.73
N ALA F 104 -2.95 -33.73 9.93
CA ALA F 104 -3.95 -32.74 10.31
C ALA F 104 -5.13 -33.33 11.05
N GLY F 105 -5.17 -34.65 11.24
CA GLY F 105 -6.31 -35.28 11.88
C GLY F 105 -7.60 -35.09 11.13
N SER F 106 -7.53 -34.98 9.81
CA SER F 106 -8.68 -34.66 8.98
C SER F 106 -8.89 -35.75 7.94
N ARG F 107 -10.15 -35.91 7.54
CA ARG F 107 -10.47 -36.86 6.47
C ARG F 107 -9.71 -36.54 5.20
N THR F 108 -9.76 -35.29 4.77
CA THR F 108 -9.10 -34.85 3.53
C THR F 108 -7.85 -34.05 3.85
N SER F 109 -7.04 -33.84 2.82
CA SER F 109 -5.76 -33.19 3.00
C SER F 109 -5.95 -31.70 3.30
N PRO F 110 -5.13 -31.12 4.18
CA PRO F 110 -5.23 -29.68 4.40
C PRO F 110 -4.67 -28.86 3.24
N ILE F 111 -3.76 -29.44 2.46
CA ILE F 111 -3.14 -28.70 1.35
C ILE F 111 -4.18 -28.37 0.29
N ASP F 112 -5.03 -29.33 -0.06
CA ASP F 112 -5.91 -29.18 -1.21
C ASP F 112 -7.33 -29.66 -0.97
N ARG F 113 -7.71 -29.97 0.27
CA ARG F 113 -8.99 -30.60 0.59
C ARG F 113 -9.16 -31.92 -0.16
N GLY F 114 -8.06 -32.55 -0.56
CA GLY F 114 -8.14 -33.69 -1.45
C GLY F 114 -8.66 -34.93 -0.76
N ASN F 115 -9.68 -35.56 -1.38
CA ASN F 115 -10.18 -36.85 -0.93
C ASN F 115 -9.42 -37.93 -1.69
N LEU F 116 -8.53 -38.62 -1.00
CA LEU F 116 -7.66 -39.60 -1.68
C LEU F 116 -8.48 -40.75 -2.25
N ASN F 117 -9.49 -41.21 -1.53
CA ASN F 117 -10.34 -42.29 -2.03
C ASN F 117 -11.32 -41.82 -3.10
N ARG F 118 -11.16 -40.60 -3.60
CA ARG F 118 -11.95 -40.10 -4.72
C ARG F 118 -11.06 -39.45 -5.78
N SER F 119 -9.76 -39.80 -5.79
CA SER F 119 -8.80 -39.12 -6.65
C SER F 119 -8.08 -40.08 -7.60
N PHE F 120 -8.46 -41.33 -7.64
CA PHE F 120 -7.74 -42.18 -8.59
C PHE F 120 -8.41 -42.10 -9.96
N PRO F 121 -7.66 -42.36 -11.05
CA PRO F 121 -6.25 -42.77 -11.13
C PRO F 121 -5.21 -41.71 -10.75
N GLY F 122 -5.62 -40.45 -10.62
CA GLY F 122 -4.70 -39.39 -10.26
C GLY F 122 -3.96 -38.82 -11.46
N ARG F 123 -3.05 -37.89 -11.16
CA ARG F 123 -2.23 -37.24 -12.19
C ARG F 123 -0.87 -36.91 -11.61
N PRO F 124 0.21 -37.14 -12.37
CA PRO F 124 1.55 -36.80 -11.85
C PRO F 124 1.82 -35.31 -11.77
N ASP F 125 1.02 -34.48 -12.45
CA ASP F 125 1.20 -33.03 -12.45
C ASP F 125 0.07 -32.29 -11.74
N GLY F 126 -0.74 -33.00 -10.97
CA GLY F 126 -1.90 -32.42 -10.31
C GLY F 126 -1.61 -31.98 -8.90
N THR F 127 -2.64 -32.03 -8.06
CA THR F 127 -2.49 -31.66 -6.66
C THR F 127 -1.60 -32.68 -5.94
N VAL F 128 -1.23 -32.34 -4.71
CA VAL F 128 -0.48 -33.26 -3.87
C VAL F 128 -1.22 -34.59 -3.72
N THR F 129 -2.52 -34.51 -3.47
CA THR F 129 -3.32 -35.72 -3.30
C THR F 129 -3.38 -36.53 -4.60
N GLU F 130 -3.44 -35.84 -5.74
CA GLU F 130 -3.50 -36.55 -7.02
C GLU F 130 -2.16 -37.18 -7.38
N LYS F 131 -1.06 -36.61 -6.90
CA LYS F 131 0.25 -37.21 -7.16
C LYS F 131 0.44 -38.49 -6.36
N ILE F 132 -0.07 -38.52 -5.13
CA ILE F 132 -0.05 -39.75 -4.34
C ILE F 132 -0.81 -40.86 -5.07
N ALA F 133 -2.04 -40.54 -5.51
CA ALA F 133 -2.85 -41.51 -6.23
C ALA F 133 -2.17 -41.97 -7.50
N ASP F 134 -1.53 -41.05 -8.23
CA ASP F 134 -0.85 -41.43 -9.46
C ASP F 134 0.32 -42.36 -9.17
N TYR F 135 1.03 -42.13 -8.07
CA TYR F 135 2.15 -43.01 -7.73
C TYR F 135 1.65 -44.39 -7.35
N PHE F 136 0.56 -44.47 -6.59
CA PHE F 136 0.02 -45.78 -6.25
C PHE F 136 -0.68 -46.43 -7.43
N GLN F 137 -1.26 -45.64 -8.33
CA GLN F 137 -1.93 -46.21 -9.49
C GLN F 137 -0.94 -46.89 -10.43
N ARG F 138 0.09 -46.16 -10.87
CA ARG F 138 0.93 -46.60 -11.97
C ARG F 138 2.23 -47.26 -11.54
N THR F 139 2.70 -47.03 -10.32
CA THR F 139 3.99 -47.55 -9.87
C THR F 139 3.88 -48.63 -8.81
N LEU F 140 3.13 -48.38 -7.74
CA LEU F 140 3.11 -49.32 -6.62
C LEU F 140 2.11 -50.45 -6.82
N LEU F 141 0.89 -50.14 -7.27
CA LEU F 141 -0.12 -51.17 -7.42
C LEU F 141 0.25 -52.25 -8.44
N PRO F 142 0.85 -51.95 -9.60
CA PRO F 142 1.30 -53.03 -10.48
C PRO F 142 2.31 -53.99 -9.83
N MET F 143 3.02 -53.54 -8.79
CA MET F 143 3.90 -54.42 -8.05
C MET F 143 3.15 -55.35 -7.11
N ALA F 144 1.95 -54.99 -6.70
CA ALA F 144 1.25 -55.66 -5.61
C ALA F 144 0.37 -56.79 -6.13
N ASP F 145 0.33 -57.88 -5.36
CA ASP F 145 -0.65 -58.93 -5.56
C ASP F 145 -1.85 -58.79 -4.64
N LEU F 146 -1.65 -58.13 -3.50
CA LEU F 146 -2.69 -57.93 -2.50
C LEU F 146 -2.68 -56.47 -2.09
N ALA F 147 -3.86 -55.86 -2.03
CA ALA F 147 -4.02 -54.47 -1.60
C ALA F 147 -4.94 -54.46 -0.39
N VAL F 148 -4.37 -54.15 0.78
CA VAL F 148 -5.14 -54.00 2.00
C VAL F 148 -5.19 -52.51 2.33
N ASP F 149 -6.38 -51.94 2.29
CA ASP F 149 -6.59 -50.50 2.48
C ASP F 149 -7.56 -50.30 3.64
N PHE F 150 -7.02 -50.04 4.83
CA PHE F 150 -7.83 -49.91 6.04
C PHE F 150 -8.69 -48.67 6.00
N HIS F 151 -9.86 -48.75 6.65
CA HIS F 151 -10.76 -47.63 6.77
C HIS F 151 -11.53 -47.75 8.09
N SER F 152 -11.96 -46.61 8.61
CA SER F 152 -12.83 -46.55 9.77
C SER F 152 -13.87 -45.47 9.51
N GLY F 153 -14.71 -45.21 10.52
CA GLY F 153 -15.78 -44.25 10.34
C GLY F 153 -15.30 -42.83 10.14
N GLY F 154 -14.15 -42.48 10.72
CA GLY F 154 -13.73 -41.10 10.76
C GLY F 154 -14.47 -40.36 11.85
N LYS F 155 -14.28 -39.04 11.88
CA LYS F 155 -14.89 -38.23 12.93
C LYS F 155 -16.41 -38.11 12.80
N THR F 156 -16.98 -38.48 11.65
CA THR F 156 -18.40 -38.27 11.41
C THR F 156 -19.22 -39.54 11.35
N LEU F 157 -18.60 -40.71 11.33
CA LEU F 157 -19.31 -41.97 11.22
C LEU F 157 -18.78 -42.98 12.22
N ASP F 158 -19.65 -43.89 12.62
CA ASP F 158 -19.29 -45.02 13.48
C ASP F 158 -19.84 -46.29 12.86
N PHE F 159 -19.02 -47.35 12.86
CA PHE F 159 -19.38 -48.59 12.19
C PHE F 159 -19.27 -49.75 13.15
N VAL F 160 -20.04 -50.80 12.90
CA VAL F 160 -19.64 -52.11 13.45
C VAL F 160 -18.36 -52.54 12.75
N PRO F 161 -17.43 -53.21 13.43
CA PRO F 161 -16.16 -53.54 12.78
C PRO F 161 -16.37 -54.64 11.75
N PHE F 162 -16.00 -54.36 10.49
CA PHE F 162 -16.24 -55.35 9.46
C PHE F 162 -15.31 -55.14 8.27
N ALA F 163 -14.97 -56.26 7.63
CA ALA F 163 -14.29 -56.29 6.35
C ALA F 163 -15.31 -56.47 5.23
N ALA F 164 -14.96 -56.01 4.03
CA ALA F 164 -15.96 -55.87 2.98
C ALA F 164 -15.39 -56.27 1.62
N ALA F 165 -16.31 -56.59 0.71
CA ALA F 165 -16.00 -56.80 -0.69
C ALA F 165 -17.21 -56.37 -1.51
N HIS F 166 -16.95 -55.89 -2.71
CA HIS F 166 -18.03 -55.44 -3.58
C HIS F 166 -18.49 -56.58 -4.49
N ILE F 167 -19.52 -56.30 -5.28
CA ILE F 167 -20.00 -57.20 -6.33
C ILE F 167 -19.46 -56.66 -7.65
N LEU F 168 -18.62 -57.46 -8.32
CA LEU F 168 -17.59 -56.91 -9.21
C LEU F 168 -17.90 -57.01 -10.70
N GLU F 169 -18.78 -57.92 -11.12
CA GLU F 169 -19.02 -58.26 -12.53
C GLU F 169 -17.81 -59.01 -13.09
N ASP F 170 -16.75 -59.11 -12.30
CA ASP F 170 -15.62 -60.00 -12.59
C ASP F 170 -15.59 -60.99 -11.43
N LYS F 171 -16.31 -62.09 -11.59
CA LYS F 171 -16.50 -63.02 -10.48
C LYS F 171 -15.22 -63.76 -10.11
N ALA F 172 -14.20 -63.75 -10.97
CA ALA F 172 -12.90 -64.25 -10.57
C ALA F 172 -12.22 -63.29 -9.59
N THR F 173 -12.20 -61.99 -9.92
CA THR F 173 -11.66 -61.01 -9.00
C THR F 173 -12.56 -60.84 -7.77
N GLN F 174 -13.88 -61.01 -7.95
CA GLN F 174 -14.77 -60.98 -6.79
C GLN F 174 -14.51 -62.15 -5.86
N ALA F 175 -14.22 -63.32 -6.41
CA ALA F 175 -13.97 -64.50 -5.57
C ALA F 175 -12.70 -64.33 -4.74
N ALA F 176 -11.65 -63.73 -5.33
CA ALA F 176 -10.40 -63.54 -4.60
C ALA F 176 -10.58 -62.59 -3.42
N CYS F 177 -11.46 -61.60 -3.55
CA CYS F 177 -11.66 -60.63 -2.48
C CYS F 177 -12.52 -61.20 -1.35
N PHE F 178 -13.54 -61.99 -1.69
CA PHE F 178 -14.31 -62.66 -0.64
C PHE F 178 -13.43 -63.62 0.15
N ALA F 179 -12.52 -64.32 -0.55
CA ALA F 179 -11.59 -65.20 0.13
C ALA F 179 -10.70 -64.43 1.10
N ALA F 180 -10.19 -63.28 0.66
CA ALA F 180 -9.39 -62.44 1.56
C ALA F 180 -10.25 -61.84 2.66
N MET F 181 -11.52 -61.54 2.37
CA MET F 181 -12.41 -61.00 3.40
C MET F 181 -12.70 -62.04 4.47
N LYS F 182 -13.04 -63.26 4.06
CA LYS F 182 -13.31 -64.31 5.02
C LYS F 182 -12.08 -64.64 5.85
N ALA F 183 -10.89 -64.53 5.26
CA ALA F 183 -9.66 -64.73 6.02
C ALA F 183 -9.48 -63.63 7.06
N PHE F 184 -9.70 -62.37 6.68
CA PHE F 184 -9.58 -61.25 7.61
C PHE F 184 -10.47 -61.46 8.83
N ASN F 185 -11.67 -61.99 8.62
CA ASN F 185 -12.50 -62.53 9.71
C ASN F 185 -12.82 -61.48 10.77
N ALA F 186 -13.30 -60.32 10.32
CA ALA F 186 -13.81 -59.33 11.25
C ALA F 186 -15.07 -59.88 11.91
N PRO F 187 -15.50 -59.28 13.03
CA PRO F 187 -16.78 -59.71 13.64
C PRO F 187 -17.95 -59.67 12.66
N TYR F 188 -17.93 -58.79 11.68
CA TYR F 188 -18.93 -58.74 10.63
C TYR F 188 -18.23 -58.80 9.28
N SER F 189 -18.96 -59.30 8.28
CA SER F 189 -18.47 -59.38 6.91
C SER F 189 -19.58 -58.90 6.00
N VAL F 190 -19.33 -57.82 5.27
CA VAL F 190 -20.37 -57.07 4.57
C VAL F 190 -20.09 -57.07 3.08
N GLU F 191 -21.15 -57.28 2.29
CA GLU F 191 -21.11 -57.04 0.85
C GLU F 191 -21.45 -55.56 0.64
N LEU F 192 -20.43 -54.75 0.44
CA LEU F 192 -20.65 -53.30 0.39
C LEU F 192 -21.40 -52.88 -0.87
N LEU F 193 -22.28 -51.91 -0.70
CA LEU F 193 -23.01 -51.29 -1.79
C LEU F 193 -22.48 -49.87 -1.91
N GLU F 194 -21.55 -49.67 -2.85
CA GLU F 194 -20.97 -48.36 -3.14
C GLU F 194 -21.46 -47.95 -4.52
N ILE F 195 -22.52 -47.15 -4.57
CA ILE F 195 -23.21 -46.90 -5.84
C ILE F 195 -22.34 -46.10 -6.79
N ASP F 196 -21.69 -45.05 -6.29
CA ASP F 196 -20.76 -44.25 -7.10
C ASP F 196 -19.34 -44.58 -6.67
N SER F 197 -18.76 -45.57 -7.34
CA SER F 197 -17.43 -46.09 -6.99
C SER F 197 -16.31 -45.44 -7.78
N ALA F 198 -16.59 -44.45 -8.61
CA ALA F 198 -15.56 -43.81 -9.41
C ALA F 198 -14.59 -43.04 -8.52
N GLY F 199 -13.30 -43.10 -8.87
CA GLY F 199 -12.26 -42.40 -8.15
C GLY F 199 -11.68 -43.13 -6.97
N MET F 200 -12.20 -44.31 -6.64
CA MET F 200 -11.80 -45.01 -5.43
C MET F 200 -10.57 -45.87 -5.66
N TYR F 201 -9.70 -45.91 -4.64
CA TYR F 201 -8.64 -46.91 -4.59
C TYR F 201 -9.23 -48.31 -4.71
N ASP F 202 -10.42 -48.51 -4.15
CA ASP F 202 -11.14 -49.77 -4.25
C ASP F 202 -11.22 -50.25 -5.70
N THR F 203 -11.75 -49.41 -6.59
CA THR F 203 -11.91 -49.80 -7.98
C THR F 203 -10.60 -49.78 -8.75
N ALA F 204 -9.61 -48.99 -8.31
CA ALA F 204 -8.29 -49.04 -8.92
C ALA F 204 -7.68 -50.43 -8.73
N VAL F 205 -7.85 -51.01 -7.56
CA VAL F 205 -7.33 -52.35 -7.30
C VAL F 205 -8.19 -53.40 -7.99
N GLU F 206 -9.51 -53.27 -7.87
CA GLU F 206 -10.42 -54.26 -8.45
C GLU F 206 -10.30 -54.30 -9.97
N GLU F 207 -10.24 -53.13 -10.61
CA GLU F 207 -10.16 -53.09 -12.07
C GLU F 207 -8.84 -53.63 -12.60
N MET F 208 -7.80 -53.65 -11.79
CA MET F 208 -6.56 -54.32 -12.17
C MET F 208 -6.63 -55.83 -11.99
N GLY F 209 -7.75 -56.34 -11.48
CA GLY F 209 -7.87 -57.77 -11.25
C GLY F 209 -7.13 -58.27 -10.04
N LYS F 210 -6.72 -57.38 -9.14
CA LYS F 210 -5.97 -57.75 -7.95
C LYS F 210 -6.89 -57.90 -6.75
N VAL F 211 -6.34 -58.46 -5.67
CA VAL F 211 -7.12 -58.74 -4.47
C VAL F 211 -7.16 -57.49 -3.60
N LEU F 212 -8.35 -57.06 -3.23
CA LEU F 212 -8.54 -55.89 -2.40
C LEU F 212 -9.13 -56.30 -1.06
N VAL F 213 -8.53 -55.82 0.02
CA VAL F 213 -9.10 -55.90 1.36
C VAL F 213 -9.37 -54.48 1.82
N THR F 214 -10.61 -54.20 2.21
CA THR F 214 -10.96 -52.91 2.80
C THR F 214 -11.95 -53.15 3.93
N THR F 215 -11.94 -52.22 4.89
CA THR F 215 -12.60 -52.41 6.17
C THR F 215 -13.43 -51.19 6.55
N GLU F 216 -14.24 -51.37 7.59
CA GLU F 216 -14.79 -50.29 8.39
C GLU F 216 -14.69 -50.78 9.84
N LEU F 217 -13.62 -50.38 10.53
CA LEU F 217 -13.36 -50.84 11.88
C LEU F 217 -13.70 -49.69 12.84
N GLY F 218 -14.96 -49.66 13.26
CA GLY F 218 -15.39 -48.61 14.17
C GLY F 218 -15.38 -47.25 13.52
N GLY F 219 -15.02 -46.23 14.31
CA GLY F 219 -14.99 -44.86 13.81
C GLY F 219 -14.90 -43.86 14.93
N GLY F 220 -15.45 -42.68 14.67
CA GLY F 220 -15.45 -41.61 15.66
C GLY F 220 -14.17 -40.81 15.74
N GLY F 221 -13.18 -41.11 14.91
CA GLY F 221 -11.87 -40.48 15.07
C GLY F 221 -11.06 -41.04 16.21
N SER F 222 -11.37 -42.25 16.65
CA SER F 222 -10.70 -42.88 17.78
C SER F 222 -10.66 -44.38 17.54
N SER F 223 -9.80 -45.07 18.28
CA SER F 223 -9.68 -46.51 18.15
C SER F 223 -9.43 -47.12 19.52
N SER F 224 -10.07 -48.26 19.78
CA SER F 224 -9.97 -48.95 21.05
C SER F 224 -8.99 -50.13 20.96
N ALA F 225 -8.73 -50.74 22.12
CA ALA F 225 -7.85 -51.91 22.14
C ALA F 225 -8.45 -53.06 21.34
N ARG F 226 -9.78 -53.21 21.36
CA ARG F 226 -10.42 -54.23 20.53
C ARG F 226 -10.30 -53.89 19.06
N SER F 227 -10.73 -52.67 18.68
CA SER F 227 -10.73 -52.31 17.26
C SER F 227 -9.33 -52.37 16.68
N ASN F 228 -8.32 -51.98 17.46
CA ASN F 228 -6.94 -52.17 17.03
C ASN F 228 -6.63 -53.66 16.85
N ALA F 229 -7.06 -54.49 17.81
CA ALA F 229 -6.77 -55.92 17.75
C ALA F 229 -7.43 -56.57 16.54
N ILE F 230 -8.63 -56.12 16.19
CA ILE F 230 -9.31 -56.67 15.02
C ILE F 230 -8.50 -56.37 13.76
N ALA F 231 -8.00 -55.15 13.64
CA ALA F 231 -7.12 -54.82 12.52
C ALA F 231 -5.87 -55.67 12.55
N LYS F 232 -5.28 -55.86 13.73
CA LYS F 232 -4.09 -56.69 13.85
C LYS F 232 -4.37 -58.14 13.49
N LYS F 233 -5.51 -58.67 13.96
CA LYS F 233 -5.84 -60.06 13.69
C LYS F 233 -6.02 -60.30 12.20
N GLY F 234 -6.82 -59.46 11.54
CA GLY F 234 -7.11 -59.67 10.13
C GLY F 234 -5.97 -59.33 9.21
N LEU F 235 -5.16 -58.34 9.56
CA LEU F 235 -3.94 -58.08 8.80
C LEU F 235 -3.04 -59.31 8.79
N ARG F 236 -2.85 -59.92 9.97
CA ARG F 236 -2.06 -61.14 10.05
C ARG F 236 -2.70 -62.27 9.26
N ASN F 237 -4.02 -62.42 9.38
CA ASN F 237 -4.72 -63.53 8.73
C ASN F 237 -4.54 -63.48 7.21
N VAL F 238 -4.84 -62.33 6.59
CA VAL F 238 -4.75 -62.25 5.14
C VAL F 238 -3.31 -62.27 4.64
N LEU F 239 -2.34 -61.92 5.50
CA LEU F 239 -0.95 -62.08 5.11
C LEU F 239 -0.51 -63.54 5.18
N ILE F 240 -1.13 -64.34 6.06
CA ILE F 240 -0.97 -65.78 6.01
C ILE F 240 -1.70 -66.34 4.79
N HIS F 241 -2.97 -65.96 4.64
CA HIS F 241 -3.79 -66.40 3.52
C HIS F 241 -3.13 -66.11 2.17
N ALA F 242 -2.38 -65.01 2.07
CA ALA F 242 -1.69 -64.68 0.84
C ALA F 242 -0.36 -65.44 0.68
N GLY F 243 0.12 -66.07 1.74
CA GLY F 243 1.37 -66.80 1.69
C GLY F 243 2.60 -65.97 1.98
N ILE F 244 2.44 -64.75 2.48
CA ILE F 244 3.59 -63.90 2.79
C ILE F 244 4.12 -64.18 4.19
N LEU F 245 3.22 -64.31 5.17
CA LEU F 245 3.59 -64.65 6.53
C LEU F 245 3.21 -66.10 6.84
N LYS F 246 3.88 -66.66 7.83
CA LYS F 246 3.66 -68.04 8.22
C LYS F 246 3.00 -68.09 9.60
N GLY F 247 2.36 -69.21 9.89
CA GLY F 247 1.66 -69.41 11.14
C GLY F 247 0.21 -69.79 10.91
N GLU F 248 -0.48 -70.06 12.02
CA GLU F 248 -1.88 -70.44 11.98
C GLU F 248 -2.77 -69.23 12.08
N MET F 249 -3.85 -69.22 11.30
CA MET F 249 -4.80 -68.12 11.31
C MET F 249 -5.73 -68.23 12.52
N GLN F 250 -6.05 -67.08 13.10
CA GLN F 250 -7.06 -67.00 14.15
C GLN F 250 -8.41 -66.81 13.49
N LEU F 251 -9.35 -67.71 13.77
CA LEU F 251 -10.64 -67.72 13.09
C LEU F 251 -11.76 -67.84 14.12
N ASP F 252 -12.48 -66.75 14.32
CA ASP F 252 -13.69 -66.68 15.12
C ASP F 252 -14.90 -66.56 14.19
N GLU F 253 -16.08 -66.48 14.77
CA GLU F 253 -17.29 -66.42 13.95
C GLU F 253 -17.56 -65.00 13.48
N THR F 254 -18.11 -64.90 12.27
CA THR F 254 -18.45 -63.63 11.65
C THR F 254 -19.90 -63.66 11.21
N VAL F 255 -20.52 -62.47 11.13
CA VAL F 255 -21.89 -62.32 10.69
C VAL F 255 -21.88 -61.71 9.29
N ASN F 256 -22.48 -62.40 8.34
CA ASN F 256 -22.52 -61.95 6.95
C ASN F 256 -23.73 -61.07 6.72
N LEU F 257 -23.49 -59.87 6.19
CA LEU F 257 -24.55 -58.91 5.91
C LEU F 257 -24.41 -58.44 4.47
N THR F 258 -25.55 -58.09 3.86
CA THR F 258 -25.61 -57.62 2.49
C THR F 258 -26.20 -56.23 2.45
N MET F 259 -25.95 -55.53 1.34
CA MET F 259 -26.44 -54.17 1.13
C MET F 259 -27.11 -54.12 -0.23
N PRO F 260 -28.42 -54.40 -0.29
CA PRO F 260 -29.07 -54.57 -1.59
C PRO F 260 -29.20 -53.29 -2.41
N ASP F 261 -29.50 -52.15 -1.78
CA ASP F 261 -29.92 -50.98 -2.56
C ASP F 261 -29.88 -49.74 -1.67
N ASP F 262 -30.44 -48.64 -2.20
CA ASP F 262 -30.39 -47.34 -1.54
C ASP F 262 -31.12 -47.34 -0.21
N ASP F 263 -32.15 -48.17 -0.06
CA ASP F 263 -32.92 -48.12 1.18
C ASP F 263 -32.16 -48.64 2.38
N CYS F 264 -30.88 -49.01 2.22
CA CYS F 264 -30.03 -49.27 3.39
C CYS F 264 -29.67 -47.97 4.11
N PHE F 265 -29.61 -46.86 3.39
CA PHE F 265 -29.19 -45.58 3.95
C PHE F 265 -30.40 -44.74 4.34
N VAL F 266 -30.19 -43.90 5.35
CA VAL F 266 -31.15 -42.89 5.78
C VAL F 266 -30.40 -41.57 5.92
N PHE F 267 -30.81 -40.57 5.15
CA PHE F 267 -30.14 -39.28 5.15
C PHE F 267 -30.96 -38.25 5.94
N SER F 268 -30.25 -37.34 6.61
CA SER F 268 -30.93 -36.26 7.31
C SER F 268 -31.33 -35.16 6.33
N GLU F 269 -32.45 -34.50 6.63
CA GLU F 269 -32.95 -33.41 5.81
C GLU F 269 -32.93 -32.09 6.56
N GLY F 270 -32.19 -32.01 7.67
CA GLY F 270 -32.13 -30.77 8.43
C GLY F 270 -30.99 -30.83 9.43
N ASP F 271 -30.71 -29.67 10.02
CA ASP F 271 -29.74 -29.54 11.09
C ASP F 271 -30.41 -29.74 12.44
N GLY F 272 -29.64 -30.18 13.42
CA GLY F 272 -30.17 -30.28 14.76
C GLY F 272 -29.32 -31.14 15.67
N LEU F 273 -29.79 -31.26 16.91
CA LEU F 273 -29.15 -32.12 17.91
C LEU F 273 -29.54 -33.56 17.64
N PHE F 274 -28.55 -34.43 17.55
CA PHE F 274 -28.73 -35.79 17.05
C PHE F 274 -28.91 -36.76 18.20
N GLU F 275 -30.09 -37.38 18.30
CA GLU F 275 -30.36 -38.39 19.32
C GLU F 275 -30.56 -39.74 18.63
N MET F 276 -29.59 -40.62 18.80
CA MET F 276 -29.72 -42.00 18.34
C MET F 276 -30.63 -42.76 19.29
N MET F 277 -31.57 -43.53 18.73
CA MET F 277 -32.54 -44.26 19.54
C MET F 277 -32.20 -45.74 19.72
N ILE F 278 -31.35 -46.29 18.85
CA ILE F 278 -30.91 -47.68 18.96
C ILE F 278 -29.41 -47.70 18.72
N ASP F 279 -28.73 -48.65 19.37
CA ASP F 279 -27.27 -48.66 19.30
C ASP F 279 -26.77 -49.45 18.09
N LEU F 280 -25.48 -49.27 17.81
CA LEU F 280 -24.84 -49.96 16.68
C LEU F 280 -24.99 -51.47 16.82
N GLY F 281 -25.12 -52.14 15.67
CA GLY F 281 -25.27 -53.58 15.64
C GLY F 281 -26.61 -54.12 16.07
N ALA F 282 -27.49 -53.28 16.60
CA ALA F 282 -28.80 -53.76 17.05
C ALA F 282 -29.69 -54.09 15.86
N PRO F 283 -30.46 -55.16 15.93
CA PRO F 283 -31.41 -55.45 14.85
C PRO F 283 -32.55 -54.45 14.83
N VAL F 284 -32.96 -54.09 13.62
CA VAL F 284 -34.00 -53.08 13.43
C VAL F 284 -34.94 -53.57 12.34
N ALA F 285 -36.24 -53.30 12.51
CA ALA F 285 -37.23 -53.63 11.51
C ALA F 285 -37.49 -52.41 10.63
N LYS F 286 -38.12 -52.67 9.48
CA LYS F 286 -38.48 -51.59 8.57
C LYS F 286 -39.48 -50.66 9.25
N GLY F 287 -39.13 -49.38 9.35
CA GLY F 287 -39.99 -48.39 9.94
C GLY F 287 -39.71 -48.10 11.40
N ASP F 288 -38.83 -48.85 12.05
CA ASP F 288 -38.48 -48.55 13.43
C ASP F 288 -37.75 -47.20 13.51
N LEU F 289 -37.98 -46.50 14.63
CA LEU F 289 -37.34 -45.22 14.85
C LEU F 289 -35.84 -45.40 15.00
N LEU F 290 -35.07 -44.77 14.11
CA LEU F 290 -33.61 -44.85 14.19
C LEU F 290 -33.01 -43.71 15.00
N ALA F 291 -33.48 -42.49 14.80
CA ALA F 291 -32.90 -41.34 15.49
C ALA F 291 -33.89 -40.19 15.50
N ARG F 292 -33.80 -39.38 16.56
CA ARG F 292 -34.53 -38.11 16.66
C ARG F 292 -33.54 -36.97 16.53
N VAL F 293 -34.01 -35.87 15.95
CA VAL F 293 -33.18 -34.67 15.74
C VAL F 293 -33.92 -33.51 16.39
N TRP F 294 -33.34 -32.97 17.47
CA TRP F 294 -33.87 -31.83 18.20
C TRP F 294 -33.37 -30.52 17.61
N PRO F 295 -34.15 -29.44 17.71
CA PRO F 295 -33.71 -28.17 17.13
C PRO F 295 -32.54 -27.57 17.91
N LEU F 296 -31.61 -26.97 17.19
CA LEU F 296 -30.43 -26.37 17.81
C LEU F 296 -30.78 -25.12 18.60
N ASP F 297 -31.80 -24.36 18.16
CA ASP F 297 -32.03 -23.02 18.67
C ASP F 297 -33.41 -22.84 19.27
N ARG F 298 -34.09 -23.92 19.69
CA ARG F 298 -35.40 -23.83 20.32
C ARG F 298 -35.62 -25.02 21.25
N THR F 299 -36.57 -24.87 22.16
CA THR F 299 -36.94 -25.92 23.09
C THR F 299 -38.45 -26.12 23.07
N GLY F 300 -38.89 -27.27 23.60
CA GLY F 300 -40.30 -27.55 23.75
C GLY F 300 -41.05 -27.84 22.47
N GLN F 301 -40.35 -28.28 21.43
CA GLN F 301 -40.91 -28.50 20.10
C GLN F 301 -40.50 -29.88 19.61
N PRO F 302 -41.42 -30.64 19.00
CA PRO F 302 -41.18 -32.06 18.82
C PRO F 302 -39.99 -32.31 17.92
N PRO F 303 -39.28 -33.43 18.14
CA PRO F 303 -38.11 -33.73 17.33
C PRO F 303 -38.48 -34.32 15.97
N VAL F 304 -37.53 -34.22 15.04
CA VAL F 304 -37.69 -34.79 13.71
C VAL F 304 -37.21 -36.24 13.75
N GLU F 305 -38.06 -37.15 13.30
CA GLU F 305 -37.85 -38.58 13.45
C GLU F 305 -37.44 -39.20 12.12
N TYR F 306 -36.37 -39.99 12.15
CA TYR F 306 -35.94 -40.77 10.99
C TYR F 306 -36.11 -42.24 11.27
N ARG F 307 -36.64 -42.97 10.30
CA ARG F 307 -37.00 -44.37 10.46
C ARG F 307 -36.29 -45.20 9.40
N ALA F 308 -36.01 -46.46 9.76
CA ALA F 308 -35.31 -47.37 8.87
C ALA F 308 -36.17 -47.68 7.65
N ARG F 309 -35.57 -47.61 6.47
CA ARG F 309 -36.28 -47.96 5.26
C ARG F 309 -36.10 -49.43 4.88
N ARG F 310 -35.19 -50.15 5.53
CA ARG F 310 -35.10 -51.60 5.40
C ARG F 310 -34.72 -52.22 6.74
N ALA F 311 -35.10 -53.49 6.89
CA ALA F 311 -34.80 -54.25 8.11
C ALA F 311 -33.41 -54.88 8.02
N GLY F 312 -32.83 -55.10 9.19
CA GLY F 312 -31.52 -55.72 9.30
C GLY F 312 -30.80 -55.23 10.55
N LEU F 313 -29.48 -55.17 10.46
CA LEU F 313 -28.63 -54.73 11.55
C LEU F 313 -28.08 -53.33 11.25
N VAL F 314 -27.98 -52.50 12.29
CA VAL F 314 -27.49 -51.14 12.15
C VAL F 314 -25.96 -51.21 12.13
N ILE F 315 -25.39 -51.04 10.92
CA ILE F 315 -23.95 -51.21 10.74
C ILE F 315 -23.19 -49.88 10.71
N SER F 316 -23.90 -48.75 10.62
CA SER F 316 -23.23 -47.46 10.71
C SER F 316 -24.20 -46.42 11.23
N ARG F 317 -23.65 -45.36 11.80
CA ARG F 317 -24.47 -44.27 12.29
C ARG F 317 -23.69 -42.96 12.25
N HIS F 318 -24.44 -41.87 12.15
CA HIS F 318 -23.87 -40.53 12.28
C HIS F 318 -23.29 -40.36 13.68
N PHE F 319 -21.99 -40.10 13.75
CA PHE F 319 -21.30 -40.03 15.04
C PHE F 319 -21.53 -38.71 15.79
N PRO F 320 -21.22 -37.54 15.21
CA PRO F 320 -21.21 -36.32 16.02
C PRO F 320 -22.58 -35.95 16.56
N GLY F 321 -22.57 -35.25 17.70
CA GLY F 321 -23.80 -34.80 18.33
C GLY F 321 -24.54 -33.75 17.53
N LEU F 322 -23.86 -33.02 16.66
CA LEU F 322 -24.49 -32.07 15.75
C LEU F 322 -24.61 -32.73 14.38
N ILE F 323 -25.84 -32.83 13.88
CA ILE F 323 -26.09 -33.40 12.57
C ILE F 323 -26.48 -32.27 11.61
N LYS F 324 -26.08 -32.43 10.35
CA LYS F 324 -26.35 -31.44 9.32
C LYS F 324 -27.25 -32.04 8.25
N SER F 325 -27.94 -31.16 7.53
CA SER F 325 -28.76 -31.59 6.41
C SER F 325 -27.90 -32.36 5.40
N GLY F 326 -28.31 -33.59 5.10
CA GLY F 326 -27.61 -34.42 4.14
C GLY F 326 -26.69 -35.44 4.75
N ASP F 327 -26.40 -35.34 6.05
CA ASP F 327 -25.57 -36.35 6.71
C ASP F 327 -26.26 -37.70 6.67
N CYS F 328 -25.44 -38.75 6.73
CA CYS F 328 -25.96 -40.11 6.76
C CYS F 328 -26.37 -40.45 8.19
N VAL F 329 -27.67 -40.59 8.41
CA VAL F 329 -28.17 -40.92 9.75
C VAL F 329 -27.74 -42.32 10.16
N ALA F 330 -28.04 -43.31 9.32
CA ALA F 330 -27.76 -44.70 9.67
C ALA F 330 -27.64 -45.53 8.39
N VAL F 331 -27.03 -46.70 8.55
CA VAL F 331 -26.92 -47.68 7.47
C VAL F 331 -27.27 -49.04 8.04
N VAL F 332 -28.12 -49.78 7.33
CA VAL F 332 -28.63 -51.07 7.80
C VAL F 332 -28.08 -52.17 6.90
N GLY F 333 -27.48 -53.19 7.51
CA GLY F 333 -27.03 -54.38 6.81
C GLY F 333 -28.02 -55.51 7.01
N VAL F 334 -28.33 -56.21 5.92
CA VAL F 334 -29.46 -57.14 5.89
C VAL F 334 -29.07 -58.47 6.51
N THR F 335 -30.06 -59.08 7.18
CA THR F 335 -29.83 -60.22 8.07
C THR F 335 -29.13 -61.38 7.35
N GLY F 336 -29.78 -61.97 6.35
CA GLY F 336 -29.26 -63.15 5.70
C GLY F 336 -29.28 -64.37 6.61
N GLN G 9 0.82 4.65 31.99
CA GLN G 9 -0.41 5.32 32.40
C GLN G 9 -0.62 6.60 31.61
N LYS G 10 0.40 7.03 30.87
CA LYS G 10 0.23 8.05 29.84
C LYS G 10 0.19 7.36 28.48
N ASN G 11 -0.80 7.73 27.68
CA ASN G 11 -1.07 7.06 26.41
C ASN G 11 0.12 7.19 25.47
N PRO G 12 0.58 6.10 24.84
CA PRO G 12 1.75 6.17 23.97
C PRO G 12 1.51 6.80 22.61
N ILE G 13 0.27 7.19 22.28
CA ILE G 13 0.01 7.82 20.99
C ILE G 13 0.67 9.19 20.95
N SER G 14 1.31 9.52 19.83
CA SER G 14 1.90 10.83 19.63
C SER G 14 1.60 11.29 18.21
N PRO G 15 1.09 12.51 18.03
CA PRO G 15 0.79 13.01 16.69
C PRO G 15 2.05 13.35 15.92
N THR G 16 1.94 13.30 14.59
CA THR G 16 3.03 13.72 13.71
C THR G 16 2.87 15.16 13.25
N ILE G 17 1.80 15.84 13.66
CA ILE G 17 1.60 17.25 13.35
C ILE G 17 1.25 17.97 14.64
N PRO G 18 1.45 19.30 14.68
CA PRO G 18 0.96 20.07 15.82
C PRO G 18 -0.56 20.07 15.84
N LEU G 19 -1.12 20.05 17.05
CA LEU G 19 -2.56 20.10 17.22
C LEU G 19 -3.08 21.49 17.56
N ASP G 20 -2.19 22.46 17.79
CA ASP G 20 -2.59 23.71 18.41
C ASP G 20 -1.94 24.93 17.74
N ARG G 21 -1.57 24.82 16.47
CA ARG G 21 -0.92 25.91 15.76
C ARG G 21 -1.68 26.25 14.49
N ASP G 22 -1.75 27.55 14.18
CA ASP G 22 -2.57 28.02 13.08
C ASP G 22 -2.08 27.45 11.76
N GLY G 23 -3.03 27.14 10.87
CA GLY G 23 -2.74 26.56 9.57
C GLY G 23 -3.42 25.22 9.41
N VAL G 24 -3.28 24.68 8.19
CA VAL G 24 -3.84 23.39 7.84
C VAL G 24 -2.72 22.35 7.89
N PHE G 25 -2.97 21.26 8.61
CA PHE G 25 -1.94 20.25 8.86
C PHE G 25 -2.54 18.86 8.62
N HIS G 26 -1.81 18.05 7.85
CA HIS G 26 -2.23 16.68 7.54
C HIS G 26 -1.14 15.73 8.03
N GLY G 27 -1.50 14.82 8.89
CA GLY G 27 -0.55 13.87 9.45
C GLY G 27 -1.24 12.67 10.04
N PHE G 28 -0.65 12.12 11.11
CA PHE G 28 -1.12 10.89 11.69
C PHE G 28 -1.07 10.94 13.21
N LEU G 29 -1.98 10.20 13.83
CA LEU G 29 -1.87 9.84 15.25
C LEU G 29 -1.12 8.52 15.32
N LYS G 30 0.17 8.59 15.64
CA LYS G 30 1.02 7.40 15.60
C LYS G 30 0.80 6.58 16.87
N LEU G 31 0.04 5.50 16.74
CA LEU G 31 -0.18 4.58 17.85
C LEU G 31 0.77 3.40 17.69
N PRO G 32 1.78 3.26 18.55
CA PRO G 32 2.71 2.13 18.41
C PRO G 32 1.98 0.80 18.58
N HIS G 33 2.26 -0.13 17.67
CA HIS G 33 1.59 -1.43 17.67
C HIS G 33 2.61 -2.49 17.26
N SER G 34 3.11 -3.22 18.25
CA SER G 34 4.01 -4.33 18.00
C SER G 34 3.21 -5.61 17.85
N ARG G 35 3.41 -6.30 16.73
CA ARG G 35 2.68 -7.53 16.44
C ARG G 35 3.52 -8.37 15.49
N ASP G 36 3.05 -9.59 15.22
CA ASP G 36 3.72 -10.46 14.24
C ASP G 36 3.96 -9.72 12.93
N ASP G 37 2.99 -8.88 12.53
CA ASP G 37 3.08 -8.15 11.28
C ASP G 37 4.25 -7.16 11.27
N SER G 38 4.58 -6.59 12.42
CA SER G 38 5.67 -5.61 12.50
C SER G 38 6.10 -5.46 13.95
N ALA G 39 7.39 -5.73 14.23
CA ALA G 39 7.87 -5.74 15.61
C ALA G 39 7.87 -4.34 16.21
N TRP G 40 8.21 -3.32 15.43
CA TRP G 40 8.24 -1.94 15.88
C TRP G 40 7.28 -1.06 15.09
N GLY G 41 6.15 -1.62 14.66
CA GLY G 41 5.21 -0.89 13.83
C GLY G 41 4.26 -0.02 14.62
N SER G 42 3.36 0.62 13.89
CA SER G 42 2.46 1.59 14.47
C SER G 42 1.19 1.67 13.64
N VAL G 43 0.07 1.90 14.34
CA VAL G 43 -1.16 2.29 13.66
C VAL G 43 -1.08 3.78 13.40
N MET G 44 -1.21 4.17 12.14
CA MET G 44 -1.08 5.56 11.71
C MET G 44 -2.47 6.08 11.35
N ILE G 45 -3.15 6.63 12.36
CA ILE G 45 -4.52 7.13 12.18
C ILE G 45 -4.49 8.47 11.46
N PRO G 46 -5.07 8.56 10.27
CA PRO G 46 -5.07 9.84 9.53
C PRO G 46 -5.79 10.92 10.33
N LEU G 47 -5.30 12.15 10.20
CA LEU G 47 -5.81 13.25 11.00
C LEU G 47 -5.45 14.57 10.33
N THR G 48 -6.40 15.50 10.34
CA THR G 48 -6.21 16.86 9.83
C THR G 48 -6.53 17.85 10.94
N VAL G 49 -5.63 18.81 11.16
CA VAL G 49 -5.87 19.91 12.08
C VAL G 49 -5.88 21.20 11.28
N ILE G 50 -6.99 21.92 11.33
CA ILE G 50 -7.12 23.25 10.74
C ILE G 50 -7.46 24.23 11.86
N LYS G 51 -6.57 25.17 12.12
CA LYS G 51 -6.73 26.09 13.24
C LYS G 51 -6.45 27.51 12.77
N ASN G 52 -7.25 28.45 13.28
CA ASN G 52 -7.06 29.86 12.95
C ASN G 52 -7.46 30.67 14.18
N GLY G 53 -6.48 31.08 14.97
CA GLY G 53 -6.72 31.93 16.12
C GLY G 53 -7.50 31.24 17.23
N ALA G 54 -8.14 32.06 18.05
CA ALA G 54 -8.91 31.58 19.19
C ALA G 54 -10.37 31.39 18.80
N GLY G 55 -10.98 30.34 19.36
CA GLY G 55 -12.37 30.04 19.10
C GLY G 55 -12.72 28.66 19.62
N PRO G 56 -13.90 28.17 19.29
CA PRO G 56 -14.28 26.83 19.73
C PRO G 56 -13.58 25.75 18.92
N THR G 57 -13.37 24.60 19.57
CA THR G 57 -12.73 23.45 18.94
C THR G 57 -13.79 22.39 18.66
N ALA G 58 -13.76 21.84 17.45
CA ALA G 58 -14.62 20.73 17.06
C ALA G 58 -13.75 19.49 16.86
N LEU G 59 -14.08 18.43 17.59
CA LEU G 59 -13.42 17.12 17.44
C LEU G 59 -14.32 16.25 16.56
N LEU G 60 -13.88 16.01 15.33
CA LEU G 60 -14.73 15.39 14.31
C LEU G 60 -14.22 13.99 14.00
N THR G 61 -15.04 12.99 14.30
CA THR G 61 -14.73 11.60 14.04
C THR G 61 -15.82 10.97 13.17
N GLY G 62 -15.40 10.10 12.26
CA GLY G 62 -16.34 9.44 11.37
C GLY G 62 -16.64 8.01 11.80
N ALA G 63 -15.95 7.06 11.17
CA ALA G 63 -16.23 5.63 11.34
C ALA G 63 -15.73 5.15 12.71
N ASN G 64 -16.52 5.49 13.74
CA ASN G 64 -16.37 4.81 15.03
C ASN G 64 -16.50 3.30 14.84
N HIS G 65 -17.43 2.88 14.00
CA HIS G 65 -17.48 1.52 13.48
C HIS G 65 -17.05 1.57 12.02
N GLY G 66 -16.15 0.65 11.64
CA GLY G 66 -15.40 0.80 10.40
C GLY G 66 -16.20 0.75 9.13
N ASP G 67 -17.38 0.12 9.15
CA ASP G 67 -18.16 -0.11 7.93
C ASP G 67 -19.31 0.88 7.77
N GLU G 68 -19.12 2.11 8.21
CA GLU G 68 -20.13 3.17 8.09
C GLU G 68 -19.45 4.38 7.48
N TYR G 69 -20.00 4.88 6.36
CA TYR G 69 -19.19 5.63 5.41
C TYR G 69 -19.60 7.08 5.17
N GLU G 70 -20.82 7.50 5.53
CA GLU G 70 -21.20 8.89 5.28
C GLU G 70 -20.31 9.86 6.04
N GLY G 71 -20.00 9.54 7.30
CA GLY G 71 -19.11 10.34 8.10
C GLY G 71 -17.71 10.47 7.53
N PRO G 72 -17.05 9.34 7.29
CA PRO G 72 -15.69 9.41 6.72
C PRO G 72 -15.59 10.20 5.43
N VAL G 73 -16.61 10.16 4.58
CA VAL G 73 -16.55 10.90 3.31
C VAL G 73 -16.70 12.39 3.57
N ALA G 74 -17.72 12.78 4.35
CA ALA G 74 -17.93 14.19 4.65
C ALA G 74 -16.72 14.81 5.34
N LEU G 75 -15.98 14.02 6.11
CA LEU G 75 -14.83 14.55 6.83
C LEU G 75 -13.60 14.63 5.96
N HIS G 76 -13.42 13.67 5.05
CA HIS G 76 -12.31 13.74 4.10
C HIS G 76 -12.42 14.99 3.24
N GLU G 77 -13.64 15.32 2.81
CA GLU G 77 -13.84 16.54 2.02
C GLU G 77 -13.52 17.77 2.87
N LEU G 78 -14.00 17.79 4.11
CA LEU G 78 -13.70 18.92 5.00
C LEU G 78 -12.19 19.06 5.20
N ALA G 79 -11.49 17.94 5.37
CA ALA G 79 -10.04 17.98 5.58
C ALA G 79 -9.29 18.52 4.36
N ALA G 80 -9.81 18.28 3.16
CA ALA G 80 -9.09 18.57 1.94
C ALA G 80 -9.53 19.85 1.25
N THR G 81 -10.61 20.50 1.71
CA THR G 81 -11.18 21.64 0.99
C THR G 81 -11.41 22.87 1.86
N THR G 82 -11.02 22.84 3.12
CA THR G 82 -11.24 23.97 4.03
C THR G 82 -9.95 24.75 4.21
N SER G 83 -10.02 26.06 4.06
CA SER G 83 -8.88 26.93 4.30
C SER G 83 -8.91 27.44 5.75
N ALA G 84 -7.72 27.76 6.27
CA ALA G 84 -7.65 28.30 7.63
C ALA G 84 -8.39 29.62 7.74
N GLU G 85 -8.48 30.39 6.65
CA GLU G 85 -9.19 31.65 6.67
C GLU G 85 -10.66 31.45 7.05
N ASP G 86 -11.27 30.36 6.58
CA ASP G 86 -12.68 30.08 6.85
C ASP G 86 -12.93 29.71 8.31
N VAL G 87 -11.89 29.44 9.09
CA VAL G 87 -12.03 28.87 10.42
C VAL G 87 -11.87 29.96 11.48
N THR G 88 -12.73 29.92 12.50
CA THR G 88 -12.54 30.67 13.73
C THR G 88 -12.51 29.63 14.85
N GLY G 89 -11.31 29.26 15.29
CA GLY G 89 -11.18 28.19 16.24
C GLY G 89 -10.31 27.07 15.70
N ARG G 90 -10.76 25.82 15.83
CA ARG G 90 -9.92 24.69 15.50
C ARG G 90 -10.79 23.51 15.09
N LEU G 91 -10.36 22.83 14.02
CA LEU G 91 -10.99 21.60 13.55
C LEU G 91 -9.99 20.46 13.71
N ILE G 92 -10.35 19.47 14.52
CA ILE G 92 -9.58 18.23 14.63
C ILE G 92 -10.38 17.16 13.87
N ILE G 93 -9.93 16.84 12.67
CA ILE G 93 -10.67 16.00 11.74
C ILE G 93 -10.01 14.63 11.69
N VAL G 94 -10.75 13.61 12.12
CA VAL G 94 -10.30 12.21 12.04
C VAL G 94 -11.36 11.42 11.29
N PRO G 95 -11.21 11.26 9.96
CA PRO G 95 -12.26 10.58 9.20
C PRO G 95 -12.45 9.12 9.56
N ALA G 96 -11.39 8.42 9.97
CA ALA G 96 -11.47 7.02 10.35
C ALA G 96 -11.08 6.90 11.83
N PHE G 97 -12.09 6.71 12.69
CA PHE G 97 -11.92 6.77 14.13
C PHE G 97 -11.34 5.45 14.67
N ASN G 98 -12.07 4.35 14.51
CA ASN G 98 -11.47 3.03 14.71
C ASN G 98 -10.82 2.65 13.38
N TYR G 99 -9.64 3.23 13.15
CA TYR G 99 -8.97 3.08 11.87
C TYR G 99 -8.68 1.63 11.48
N PRO G 100 -8.20 0.75 12.36
CA PRO G 100 -8.05 -0.66 11.95
C PRO G 100 -9.36 -1.31 11.54
N ALA G 101 -10.46 -1.00 12.23
CA ALA G 101 -11.76 -1.50 11.80
C ALA G 101 -12.12 -0.93 10.43
N PHE G 102 -11.83 0.35 10.21
CA PHE G 102 -12.12 0.98 8.93
C PHE G 102 -11.36 0.30 7.80
N ARG G 103 -10.05 0.09 7.98
CA ARG G 103 -9.25 -0.53 6.93
C ARG G 103 -9.71 -1.96 6.64
N ALA G 104 -10.19 -2.67 7.66
CA ALA G 104 -10.70 -4.03 7.45
C ALA G 104 -12.13 -4.07 6.95
N GLY G 105 -12.78 -2.91 6.83
CA GLY G 105 -14.15 -2.89 6.35
C GLY G 105 -15.17 -3.53 7.27
N SER G 106 -14.86 -3.60 8.57
CA SER G 106 -15.72 -4.28 9.53
C SER G 106 -16.12 -3.34 10.65
N ARG G 107 -17.17 -3.73 11.38
CA ARG G 107 -17.66 -2.93 12.50
C ARG G 107 -16.59 -2.80 13.58
N THR G 108 -15.92 -3.89 13.92
CA THR G 108 -14.87 -3.93 14.93
C THR G 108 -13.52 -4.18 14.27
N SER G 109 -12.45 -3.82 14.99
CA SER G 109 -11.12 -3.93 14.42
C SER G 109 -10.69 -5.40 14.32
N PRO G 110 -9.93 -5.76 13.28
CA PRO G 110 -9.47 -7.15 13.16
C PRO G 110 -8.40 -7.51 14.19
N ILE G 111 -7.74 -6.52 14.79
CA ILE G 111 -6.71 -6.80 15.79
C ILE G 111 -7.32 -7.50 16.99
N ASP G 112 -8.35 -6.89 17.60
CA ASP G 112 -8.87 -7.32 18.88
C ASP G 112 -10.38 -7.44 18.90
N ARG G 113 -11.04 -7.36 17.75
CA ARG G 113 -12.51 -7.43 17.63
C ARG G 113 -13.19 -6.40 18.53
N GLY G 114 -12.48 -5.33 18.88
CA GLY G 114 -12.99 -4.37 19.84
C GLY G 114 -13.98 -3.41 19.21
N ASN G 115 -15.15 -3.28 19.83
CA ASN G 115 -16.12 -2.25 19.47
C ASN G 115 -15.67 -0.95 20.12
N LEU G 116 -15.28 0.03 19.30
CA LEU G 116 -14.79 1.28 19.84
C LEU G 116 -15.89 2.03 20.59
N ASN G 117 -17.14 1.89 20.17
CA ASN G 117 -18.22 2.59 20.84
C ASN G 117 -18.65 1.91 22.14
N ARG G 118 -17.93 0.90 22.61
CA ARG G 118 -18.16 0.32 23.93
C ARG G 118 -16.86 0.18 24.72
N SER G 119 -15.83 0.90 24.32
CA SER G 119 -14.50 0.76 24.90
C SER G 119 -14.07 1.96 25.76
N PHE G 120 -14.95 2.93 25.97
CA PHE G 120 -14.47 4.03 26.80
C PHE G 120 -14.77 3.77 28.27
N PRO G 121 -13.97 4.33 29.19
CA PRO G 121 -12.86 5.27 28.97
C PRO G 121 -11.60 4.62 28.38
N GLY G 122 -11.50 3.29 28.45
CA GLY G 122 -10.36 2.60 27.89
C GLY G 122 -9.15 2.62 28.80
N ARG G 123 -8.06 2.08 28.27
CA ARG G 123 -6.77 2.07 28.95
C ARG G 123 -5.69 2.59 28.04
N PRO G 124 -4.69 3.30 28.59
CA PRO G 124 -3.46 3.54 27.84
C PRO G 124 -2.58 2.30 27.75
N ASP G 125 -2.90 1.25 28.50
CA ASP G 125 -2.08 0.04 28.60
C ASP G 125 -2.81 -1.18 28.07
N GLY G 126 -3.90 -1.00 27.34
CA GLY G 126 -4.70 -2.13 26.90
C GLY G 126 -4.63 -2.42 25.42
N THR G 127 -5.77 -2.82 24.85
CA THR G 127 -5.83 -3.17 23.44
C THR G 127 -5.63 -1.93 22.57
N VAL G 128 -5.43 -2.17 21.27
CA VAL G 128 -5.35 -1.05 20.32
C VAL G 128 -6.62 -0.22 20.38
N THR G 129 -7.78 -0.88 20.40
CA THR G 129 -9.05 -0.17 20.53
C THR G 129 -9.12 0.58 21.86
N GLU G 130 -8.68 -0.06 22.94
CA GLU G 130 -8.72 0.59 24.25
C GLU G 130 -7.75 1.77 24.34
N LYS G 131 -6.65 1.73 23.59
CA LYS G 131 -5.71 2.85 23.59
C LYS G 131 -6.23 4.02 22.79
N ILE G 132 -6.89 3.76 21.66
CA ILE G 132 -7.53 4.82 20.88
C ILE G 132 -8.58 5.51 21.74
N ALA G 133 -9.42 4.72 22.42
CA ALA G 133 -10.45 5.28 23.28
C ALA G 133 -9.83 6.14 24.38
N ASP G 134 -8.79 5.62 25.04
CA ASP G 134 -8.14 6.35 26.12
C ASP G 134 -7.55 7.67 25.62
N TYR G 135 -6.98 7.67 24.42
CA TYR G 135 -6.37 8.89 23.90
C TYR G 135 -7.42 9.97 23.68
N PHE G 136 -8.59 9.60 23.18
CA PHE G 136 -9.65 10.59 22.99
C PHE G 136 -10.28 10.97 24.32
N GLN G 137 -10.52 9.99 25.18
CA GLN G 137 -11.10 10.25 26.50
C GLN G 137 -10.27 11.27 27.28
N ARG G 138 -8.96 11.08 27.28
CA ARG G 138 -8.09 11.77 28.23
C ARG G 138 -7.18 12.81 27.60
N THR G 139 -7.01 12.83 26.27
CA THR G 139 -6.17 13.83 25.64
C THR G 139 -6.94 14.74 24.69
N LEU G 140 -7.69 14.17 23.75
CA LEU G 140 -8.28 14.99 22.69
C LEU G 140 -9.59 15.66 23.12
N LEU G 141 -10.44 14.94 23.85
CA LEU G 141 -11.76 15.45 24.20
C LEU G 141 -11.69 16.70 25.07
N PRO G 142 -10.83 16.75 26.11
CA PRO G 142 -10.71 18.01 26.87
C PRO G 142 -10.28 19.20 26.02
N MET G 143 -9.63 18.97 24.88
CA MET G 143 -9.29 20.06 23.98
C MET G 143 -10.53 20.57 23.22
N ALA G 144 -11.61 19.81 23.22
CA ALA G 144 -12.74 20.09 22.34
C ALA G 144 -13.91 20.70 23.09
N ASP G 145 -14.63 21.58 22.40
CA ASP G 145 -15.91 22.10 22.86
C ASP G 145 -17.07 21.37 22.22
N LEU G 146 -16.87 20.83 21.03
CA LEU G 146 -17.90 20.16 20.25
C LEU G 146 -17.34 18.85 19.74
N ALA G 147 -18.11 17.77 19.88
CA ALA G 147 -17.71 16.46 19.37
C ALA G 147 -18.80 15.95 18.45
N VAL G 148 -18.46 15.77 17.18
CA VAL G 148 -19.35 15.21 16.17
C VAL G 148 -18.85 13.80 15.87
N ASP G 149 -19.72 12.80 16.08
CA ASP G 149 -19.35 11.40 15.91
C ASP G 149 -20.38 10.74 14.99
N PHE G 150 -19.97 10.48 13.74
CA PHE G 150 -20.89 9.96 12.74
C PHE G 150 -21.07 8.46 12.88
N HIS G 151 -22.28 8.00 12.55
CA HIS G 151 -22.60 6.58 12.57
C HIS G 151 -23.59 6.28 11.45
N SER G 152 -23.64 5.01 11.06
CA SER G 152 -24.59 4.53 10.07
C SER G 152 -24.96 3.09 10.42
N GLY G 153 -25.77 2.48 9.56
CA GLY G 153 -26.27 1.14 9.86
C GLY G 153 -25.19 0.08 9.84
N GLY G 154 -24.22 0.22 8.93
CA GLY G 154 -23.24 -0.83 8.73
C GLY G 154 -23.79 -1.95 7.87
N LYS G 155 -22.94 -2.95 7.63
CA LYS G 155 -23.29 -4.08 6.76
C LYS G 155 -24.50 -4.87 7.25
N THR G 156 -24.95 -4.66 8.49
CA THR G 156 -26.04 -5.45 9.05
C THR G 156 -27.31 -4.66 9.36
N LEU G 157 -27.30 -3.33 9.20
CA LEU G 157 -28.46 -2.52 9.52
C LEU G 157 -28.62 -1.41 8.49
N ASP G 158 -29.84 -0.90 8.38
CA ASP G 158 -30.15 0.23 7.52
C ASP G 158 -31.06 1.17 8.30
N PHE G 159 -30.74 2.46 8.29
CA PHE G 159 -31.46 3.46 9.07
C PHE G 159 -32.00 4.56 8.17
N VAL G 160 -33.10 5.16 8.59
CA VAL G 160 -33.51 6.43 8.00
C VAL G 160 -32.45 7.44 8.42
N PRO G 161 -32.12 8.44 7.60
CA PRO G 161 -31.05 9.38 7.97
C PRO G 161 -31.52 10.30 9.08
N PHE G 162 -30.83 10.26 10.22
CA PHE G 162 -31.30 11.03 11.36
C PHE G 162 -30.13 11.38 12.29
N ALA G 163 -30.26 12.52 12.95
CA ALA G 163 -29.35 12.93 14.01
C ALA G 163 -30.02 12.67 15.36
N ALA G 164 -29.20 12.35 16.35
CA ALA G 164 -29.72 11.89 17.63
C ALA G 164 -29.12 12.69 18.77
N ALA G 165 -29.76 12.56 19.93
CA ALA G 165 -29.31 13.12 21.19
C ALA G 165 -30.02 12.38 22.30
N HIS G 166 -29.32 12.19 23.41
CA HIS G 166 -29.87 11.48 24.55
C HIS G 166 -30.35 12.46 25.60
N ILE G 167 -31.34 12.05 26.38
CA ILE G 167 -31.82 12.87 27.48
C ILE G 167 -30.93 12.57 28.69
N LEU G 168 -30.06 13.52 29.01
CA LEU G 168 -29.20 13.49 30.19
C LEU G 168 -30.06 14.01 31.35
N GLU G 169 -29.48 14.28 32.52
CA GLU G 169 -30.13 15.22 33.42
C GLU G 169 -30.14 16.59 32.74
N ASP G 170 -31.33 17.18 32.64
CA ASP G 170 -31.60 18.10 31.54
C ASP G 170 -30.95 19.46 31.82
N LYS G 171 -29.67 19.55 31.43
CA LYS G 171 -28.72 20.60 31.72
C LYS G 171 -28.54 21.50 30.50
N ALA G 172 -27.53 22.37 30.59
CA ALA G 172 -26.97 22.95 29.38
C ALA G 172 -26.51 21.86 28.41
N THR G 173 -25.96 20.76 28.95
CA THR G 173 -25.42 19.70 28.10
C THR G 173 -26.49 19.09 27.20
N GLN G 174 -27.61 18.66 27.79
CA GLN G 174 -28.71 18.14 26.97
C GLN G 174 -29.27 19.22 26.06
N ALA G 175 -29.45 20.44 26.59
CA ALA G 175 -29.97 21.52 25.78
C ALA G 175 -29.01 21.89 24.65
N ALA G 176 -27.71 21.90 24.94
CA ALA G 176 -26.74 22.26 23.91
C ALA G 176 -26.64 21.20 22.81
N CYS G 177 -26.90 19.94 23.15
CA CYS G 177 -26.82 18.89 22.14
C CYS G 177 -28.08 18.82 21.28
N PHE G 178 -29.25 19.06 21.88
CA PHE G 178 -30.46 19.22 21.07
C PHE G 178 -30.31 20.40 20.12
N ALA G 179 -29.74 21.50 20.60
CA ALA G 179 -29.53 22.67 19.76
C ALA G 179 -28.60 22.35 18.60
N ALA G 180 -27.58 21.52 18.84
CA ALA G 180 -26.69 21.12 17.76
C ALA G 180 -27.36 20.10 16.85
N MET G 181 -28.19 19.21 17.43
CA MET G 181 -28.94 18.27 16.60
C MET G 181 -29.91 18.99 15.69
N LYS G 182 -30.65 19.97 16.22
CA LYS G 182 -31.51 20.78 15.36
C LYS G 182 -30.70 21.52 14.31
N ALA G 183 -29.48 21.94 14.65
CA ALA G 183 -28.61 22.56 13.67
C ALA G 183 -28.26 21.56 12.57
N PHE G 184 -27.85 20.35 12.94
CA PHE G 184 -27.51 19.32 11.95
C PHE G 184 -28.61 19.16 10.91
N ASN G 185 -29.86 19.07 11.36
CA ASN G 185 -31.04 19.08 10.50
C ASN G 185 -31.01 17.93 9.49
N ALA G 186 -30.91 16.72 10.02
CA ALA G 186 -31.11 15.54 9.20
C ALA G 186 -32.59 15.42 8.85
N PRO G 187 -32.95 14.57 7.88
CA PRO G 187 -34.38 14.37 7.59
C PRO G 187 -35.20 13.96 8.80
N TYR G 188 -34.61 13.25 9.76
CA TYR G 188 -35.28 12.93 11.02
C TYR G 188 -34.35 13.30 12.17
N SER G 189 -34.94 13.43 13.36
CA SER G 189 -34.18 13.69 14.58
C SER G 189 -34.78 12.88 15.72
N VAL G 190 -33.93 12.21 16.48
CA VAL G 190 -34.32 11.14 17.39
C VAL G 190 -33.88 11.48 18.81
N GLU G 191 -34.77 11.25 19.77
CA GLU G 191 -34.43 11.30 21.19
C GLU G 191 -34.33 9.88 21.74
N LEU G 192 -33.47 9.69 22.73
CA LEU G 192 -33.22 8.37 23.30
C LEU G 192 -32.76 8.49 24.75
N LEU G 193 -33.29 7.61 25.63
CA LEU G 193 -32.68 7.36 26.94
C LEU G 193 -32.38 5.86 27.11
N GLU G 194 -32.36 5.09 26.04
CA GLU G 194 -32.02 3.67 26.20
C GLU G 194 -30.57 3.66 26.66
N ILE G 195 -30.37 3.54 27.95
CA ILE G 195 -29.05 3.64 28.54
C ILE G 195 -28.55 2.21 28.71
N ASP G 196 -27.97 1.70 27.63
CA ASP G 196 -26.90 0.71 27.64
C ASP G 196 -25.58 1.43 27.41
N SER G 197 -25.46 2.59 28.06
CA SER G 197 -24.50 3.65 27.78
C SER G 197 -23.08 3.34 28.22
N ALA G 198 -22.85 2.22 28.91
CA ALA G 198 -21.50 1.91 29.38
C ALA G 198 -20.56 1.72 28.19
N GLY G 199 -19.46 2.48 28.19
CA GLY G 199 -18.43 2.35 27.19
C GLY G 199 -18.59 3.19 25.94
N MET G 200 -19.67 3.96 25.84
CA MET G 200 -19.96 4.68 24.60
C MET G 200 -19.19 5.99 24.52
N TYR G 201 -18.75 6.33 23.31
CA TYR G 201 -18.19 7.65 23.05
C TYR G 201 -19.19 8.75 23.34
N ASP G 202 -20.47 8.48 23.10
CA ASP G 202 -21.51 9.45 23.42
C ASP G 202 -21.49 9.78 24.91
N THR G 203 -21.51 8.74 25.76
CA THR G 203 -21.49 8.95 27.20
C THR G 203 -20.22 9.65 27.65
N ALA G 204 -19.10 9.41 26.96
CA ALA G 204 -17.85 10.07 27.32
C ALA G 204 -17.93 11.57 27.09
N VAL G 205 -18.50 11.99 25.96
CA VAL G 205 -18.64 13.41 25.66
C VAL G 205 -19.71 14.04 26.56
N GLU G 206 -20.78 13.30 26.83
CA GLU G 206 -21.91 13.85 27.59
C GLU G 206 -21.52 14.10 29.04
N GLU G 207 -20.96 13.09 29.71
CA GLU G 207 -20.57 13.24 31.10
C GLU G 207 -19.46 14.28 31.28
N MET G 208 -18.75 14.60 30.21
CA MET G 208 -17.70 15.63 30.26
C MET G 208 -18.26 17.04 30.10
N GLY G 209 -19.57 17.18 29.86
CA GLY G 209 -20.19 18.48 29.73
C GLY G 209 -20.10 19.11 28.34
N LYS G 210 -19.52 18.41 27.38
CA LYS G 210 -19.31 18.95 26.04
C LYS G 210 -20.46 18.57 25.12
N VAL G 211 -20.49 19.21 23.96
CA VAL G 211 -21.59 19.07 23.03
C VAL G 211 -21.35 17.86 22.14
N LEU G 212 -22.33 16.97 22.09
CA LEU G 212 -22.28 15.78 21.26
C LEU G 212 -23.40 15.79 20.23
N VAL G 213 -23.08 15.41 19.01
CA VAL G 213 -24.08 15.07 18.01
C VAL G 213 -23.70 13.72 17.40
N THR G 214 -24.67 12.82 17.35
CA THR G 214 -24.49 11.51 16.75
C THR G 214 -25.56 11.33 15.68
N THR G 215 -25.28 10.44 14.74
CA THR G 215 -26.14 10.23 13.59
C THR G 215 -26.37 8.75 13.38
N GLU G 216 -27.34 8.45 12.51
CA GLU G 216 -27.46 7.15 11.86
C GLU G 216 -27.91 7.46 10.44
N LEU G 217 -26.97 7.44 9.50
CA LEU G 217 -27.17 7.93 8.14
C LEU G 217 -27.19 6.74 7.19
N GLY G 218 -28.36 6.15 7.01
CA GLY G 218 -28.43 4.99 6.13
C GLY G 218 -27.69 3.80 6.72
N GLY G 219 -27.09 3.01 5.84
CA GLY G 219 -26.33 1.85 6.29
C GLY G 219 -26.06 0.90 5.14
N GLY G 220 -26.01 -0.39 5.49
CA GLY G 220 -25.76 -1.42 4.50
C GLY G 220 -24.33 -1.56 4.07
N GLY G 221 -23.40 -0.85 4.71
CA GLY G 221 -22.03 -0.88 4.27
C GLY G 221 -21.76 -0.05 3.04
N SER G 222 -22.61 0.94 2.76
CA SER G 222 -22.39 1.84 1.63
C SER G 222 -23.06 3.17 1.91
N SER G 223 -22.67 4.17 1.13
CA SER G 223 -23.24 5.50 1.21
C SER G 223 -23.58 5.98 -0.19
N SER G 224 -24.70 6.69 -0.33
CA SER G 224 -25.14 7.25 -1.59
C SER G 224 -24.75 8.72 -1.68
N ALA G 225 -24.86 9.28 -2.89
CA ALA G 225 -24.66 10.71 -3.05
C ALA G 225 -25.64 11.50 -2.19
N ARG G 226 -26.87 10.98 -2.03
CA ARG G 226 -27.86 11.66 -1.20
C ARG G 226 -27.47 11.66 0.27
N SER G 227 -27.11 10.49 0.80
CA SER G 227 -26.78 10.39 2.22
C SER G 227 -25.44 11.06 2.53
N ASN G 228 -24.51 11.06 1.57
CA ASN G 228 -23.29 11.87 1.73
C ASN G 228 -23.65 13.34 1.86
N ALA G 229 -24.62 13.82 1.07
CA ALA G 229 -25.01 15.21 1.13
C ALA G 229 -25.69 15.55 2.45
N ILE G 230 -26.42 14.61 3.04
CA ILE G 230 -27.00 14.84 4.36
C ILE G 230 -25.89 14.98 5.40
N ALA G 231 -24.86 14.14 5.30
CA ALA G 231 -23.74 14.21 6.22
C ALA G 231 -23.01 15.54 6.10
N LYS G 232 -22.80 16.02 4.88
CA LYS G 232 -22.09 17.28 4.69
C LYS G 232 -22.93 18.46 5.14
N LYS G 233 -24.22 18.47 4.80
CA LYS G 233 -25.11 19.56 5.20
C LYS G 233 -25.20 19.67 6.71
N GLY G 234 -25.27 18.54 7.40
CA GLY G 234 -25.33 18.57 8.85
C GLY G 234 -24.02 19.04 9.47
N LEU G 235 -22.90 18.57 8.93
CA LEU G 235 -21.59 18.96 9.47
C LEU G 235 -21.35 20.45 9.30
N ARG G 236 -21.72 21.02 8.17
CA ARG G 236 -21.50 22.44 7.95
C ARG G 236 -22.41 23.28 8.84
N ASN G 237 -23.66 22.83 9.02
CA ASN G 237 -24.58 23.53 9.93
C ASN G 237 -24.02 23.54 11.35
N VAL G 238 -23.56 22.38 11.83
CA VAL G 238 -23.06 22.28 13.20
C VAL G 238 -21.86 23.20 13.40
N LEU G 239 -20.99 23.30 12.40
CA LEU G 239 -19.82 24.15 12.52
C LEU G 239 -20.18 25.64 12.43
N ILE G 240 -21.25 25.97 11.71
CA ILE G 240 -21.74 27.34 11.73
C ILE G 240 -22.45 27.63 13.05
N HIS G 241 -23.24 26.67 13.53
CA HIS G 241 -23.90 26.81 14.82
C HIS G 241 -22.88 27.01 15.94
N ALA G 242 -21.77 26.28 15.88
CA ALA G 242 -20.73 26.39 16.91
C ALA G 242 -19.84 27.60 16.74
N GLY G 243 -19.87 28.25 15.58
CA GLY G 243 -19.12 29.47 15.38
C GLY G 243 -17.72 29.29 14.84
N ILE G 244 -17.39 28.13 14.27
CA ILE G 244 -16.07 27.94 13.69
C ILE G 244 -16.06 28.25 12.20
N LEU G 245 -17.11 27.87 11.50
CA LEU G 245 -17.33 28.29 10.11
C LEU G 245 -18.41 29.35 10.08
N LYS G 246 -18.32 30.22 9.08
CA LYS G 246 -19.23 31.35 8.91
C LYS G 246 -19.94 31.21 7.56
N GLY G 247 -21.18 31.68 7.55
CA GLY G 247 -22.15 31.51 6.49
C GLY G 247 -23.52 31.33 7.12
N GLU G 248 -24.52 30.99 6.31
CA GLU G 248 -25.84 30.73 6.85
C GLU G 248 -26.21 29.26 6.66
N MET G 249 -26.97 28.75 7.61
CA MET G 249 -27.32 27.35 7.70
C MET G 249 -28.43 26.97 6.75
N GLN G 250 -28.43 25.71 6.34
CA GLN G 250 -29.57 25.10 5.65
C GLN G 250 -30.48 24.49 6.70
N LEU G 251 -31.69 25.04 6.84
CA LEU G 251 -32.72 24.41 7.66
C LEU G 251 -33.88 24.03 6.75
N ASP G 252 -34.21 22.74 6.73
CA ASP G 252 -35.28 22.17 5.94
C ASP G 252 -36.07 21.22 6.84
N GLU G 253 -37.12 20.61 6.28
CA GLU G 253 -38.05 19.82 7.08
C GLU G 253 -37.32 18.72 7.86
N THR G 254 -37.84 18.43 9.04
CA THR G 254 -37.35 17.32 9.85
C THR G 254 -38.52 16.68 10.61
N VAL G 255 -38.53 15.36 10.65
CA VAL G 255 -39.55 14.59 11.34
C VAL G 255 -38.96 14.11 12.66
N ASN G 256 -39.60 14.47 13.77
CA ASN G 256 -39.11 14.12 15.11
C ASN G 256 -39.65 12.76 15.53
N LEU G 257 -38.76 11.92 16.03
CA LEU G 257 -39.10 10.54 16.39
C LEU G 257 -38.55 10.21 17.78
N THR G 258 -39.25 9.30 18.46
CA THR G 258 -38.84 8.84 19.77
C THR G 258 -38.78 7.32 19.79
N MET G 259 -38.04 6.79 20.76
CA MET G 259 -38.02 5.36 21.05
C MET G 259 -38.15 5.21 22.56
N PRO G 260 -39.39 5.22 23.07
CA PRO G 260 -39.59 5.29 24.53
C PRO G 260 -39.43 3.97 25.27
N ASP G 261 -39.49 2.83 24.58
CA ASP G 261 -39.60 1.57 25.30
C ASP G 261 -39.08 0.42 24.44
N ASP G 262 -39.05 -0.76 25.04
CA ASP G 262 -38.50 -1.95 24.39
C ASP G 262 -39.28 -2.36 23.16
N ASP G 263 -40.58 -2.09 23.12
CA ASP G 263 -41.39 -2.61 22.03
C ASP G 263 -41.14 -1.90 20.71
N CYS G 264 -40.22 -0.93 20.67
CA CYS G 264 -39.77 -0.39 19.40
C CYS G 264 -38.94 -1.39 18.62
N PHE G 265 -38.37 -2.39 19.29
CA PHE G 265 -37.50 -3.36 18.66
C PHE G 265 -38.22 -4.68 18.46
N VAL G 266 -37.84 -5.38 17.39
CA VAL G 266 -38.29 -6.74 17.11
C VAL G 266 -37.05 -7.55 16.73
N PHE G 267 -36.83 -8.67 17.43
CA PHE G 267 -35.66 -9.50 17.22
C PHE G 267 -36.06 -10.84 16.61
N SER G 268 -35.18 -11.38 15.78
CA SER G 268 -35.46 -12.66 15.14
C SER G 268 -35.20 -13.81 16.09
N GLU G 269 -36.02 -14.86 15.96
CA GLU G 269 -35.89 -16.07 16.76
C GLU G 269 -35.50 -17.28 15.93
N GLY G 270 -34.95 -17.05 14.73
CA GLY G 270 -34.53 -18.15 13.89
C GLY G 270 -33.68 -17.64 12.75
N ASP G 271 -33.02 -18.58 12.08
CA ASP G 271 -32.21 -18.28 10.90
C ASP G 271 -33.05 -18.48 9.64
N GLY G 272 -32.72 -17.73 8.60
CA GLY G 272 -33.36 -17.95 7.32
C GLY G 272 -33.25 -16.76 6.40
N LEU G 273 -33.98 -16.86 5.29
CA LEU G 273 -34.01 -15.83 4.26
C LEU G 273 -34.97 -14.72 4.65
N PHE G 274 -34.53 -13.48 4.52
CA PHE G 274 -35.20 -12.32 5.09
C PHE G 274 -35.99 -11.58 4.01
N GLU G 275 -37.32 -11.60 4.12
CA GLU G 275 -38.19 -10.85 3.22
C GLU G 275 -38.81 -9.69 3.99
N MET G 276 -38.32 -8.49 3.71
CA MET G 276 -38.88 -7.28 4.31
C MET G 276 -40.18 -6.92 3.59
N MET G 277 -41.26 -6.76 4.35
CA MET G 277 -42.57 -6.48 3.77
C MET G 277 -42.88 -5.00 3.73
N ILE G 278 -42.32 -4.21 4.63
CA ILE G 278 -42.53 -2.78 4.69
C ILE G 278 -41.17 -2.10 4.56
N ASP G 279 -41.07 -1.09 3.72
CA ASP G 279 -39.78 -0.48 3.45
C ASP G 279 -39.42 0.56 4.52
N LEU G 280 -38.15 0.94 4.51
CA LEU G 280 -37.64 1.92 5.48
C LEU G 280 -38.42 3.22 5.41
N GLY G 281 -38.65 3.82 6.58
CA GLY G 281 -39.37 5.07 6.68
C GLY G 281 -40.87 4.98 6.53
N ALA G 282 -41.39 3.86 6.04
CA ALA G 282 -42.82 3.74 5.83
C ALA G 282 -43.55 3.62 7.16
N PRO G 283 -44.77 4.17 7.26
CA PRO G 283 -45.52 4.07 8.51
C PRO G 283 -46.02 2.66 8.74
N VAL G 284 -46.19 2.32 10.02
CA VAL G 284 -46.60 0.99 10.43
C VAL G 284 -47.44 1.10 11.70
N ALA G 285 -48.54 0.36 11.74
CA ALA G 285 -49.35 0.25 12.95
C ALA G 285 -48.96 -1.01 13.72
N LYS G 286 -49.33 -1.01 15.01
CA LYS G 286 -49.09 -2.17 15.86
C LYS G 286 -49.85 -3.37 15.32
N GLY G 287 -49.10 -4.42 14.99
CA GLY G 287 -49.68 -5.63 14.42
C GLY G 287 -49.44 -5.81 12.94
N ASP G 288 -48.95 -4.78 12.25
CA ASP G 288 -48.63 -4.93 10.84
C ASP G 288 -47.47 -5.88 10.65
N LEU G 289 -47.48 -6.59 9.53
CA LEU G 289 -46.40 -7.51 9.19
C LEU G 289 -45.17 -6.74 8.75
N LEU G 290 -44.11 -6.80 9.56
CA LEU G 290 -42.89 -6.09 9.21
C LEU G 290 -42.06 -6.88 8.20
N ALA G 291 -41.87 -8.18 8.45
CA ALA G 291 -41.01 -9.00 7.60
C ALA G 291 -41.41 -10.45 7.75
N ARG G 292 -41.01 -11.25 6.77
CA ARG G 292 -41.18 -12.69 6.79
C ARG G 292 -39.83 -13.34 6.55
N VAL G 293 -39.56 -14.41 7.30
CA VAL G 293 -38.30 -15.12 7.22
C VAL G 293 -38.57 -16.53 6.70
N TRP G 294 -37.99 -16.86 5.53
CA TRP G 294 -38.08 -18.12 4.81
C TRP G 294 -36.94 -19.05 5.21
N PRO G 295 -37.18 -20.36 5.27
CA PRO G 295 -36.12 -21.28 5.66
C PRO G 295 -35.02 -21.35 4.62
N LEU G 296 -33.78 -21.54 5.10
CA LEU G 296 -32.68 -21.97 4.25
C LEU G 296 -32.79 -23.44 3.92
N ASP G 297 -33.46 -24.21 4.77
CA ASP G 297 -33.41 -25.67 4.76
C ASP G 297 -34.27 -26.27 3.66
N ARG G 298 -35.44 -25.68 3.42
CA ARG G 298 -36.58 -26.39 2.87
C ARG G 298 -37.26 -25.52 1.83
N THR G 299 -38.27 -26.08 1.18
CA THR G 299 -39.21 -25.32 0.37
C THR G 299 -40.63 -25.74 0.74
N GLY G 300 -41.59 -24.89 0.41
CA GLY G 300 -42.98 -25.17 0.69
C GLY G 300 -43.43 -24.90 2.10
N GLN G 301 -42.52 -24.49 2.99
CA GLN G 301 -42.93 -24.21 4.36
C GLN G 301 -43.40 -22.76 4.48
N PRO G 302 -44.41 -22.50 5.32
CA PRO G 302 -44.83 -21.13 5.54
C PRO G 302 -43.72 -20.33 6.20
N PRO G 303 -43.60 -19.05 5.88
CA PRO G 303 -42.55 -18.24 6.47
C PRO G 303 -42.87 -17.80 7.89
N VAL G 304 -41.82 -17.58 8.67
CA VAL G 304 -41.97 -17.05 10.01
C VAL G 304 -42.18 -15.54 9.93
N GLU G 305 -43.22 -15.06 10.59
CA GLU G 305 -43.68 -13.68 10.44
C GLU G 305 -43.31 -12.84 11.66
N TYR G 306 -42.86 -11.62 11.42
CA TYR G 306 -42.45 -10.70 12.46
C TYR G 306 -43.28 -9.43 12.33
N ARG G 307 -44.04 -9.11 13.37
CA ARG G 307 -45.01 -8.02 13.33
C ARG G 307 -44.61 -6.92 14.29
N ALA G 308 -44.97 -5.69 13.92
CA ALA G 308 -44.57 -4.52 14.71
C ALA G 308 -45.31 -4.50 16.03
N ARG G 309 -44.56 -4.36 17.11
CA ARG G 309 -45.18 -4.25 18.42
C ARG G 309 -45.59 -2.83 18.76
N ARG G 310 -45.12 -1.83 18.00
CA ARG G 310 -45.54 -0.45 18.19
C ARG G 310 -45.64 0.31 16.88
N ALA G 311 -46.51 1.33 16.91
CA ALA G 311 -46.89 2.09 15.73
C ALA G 311 -45.96 3.29 15.52
N GLY G 312 -45.80 3.66 14.26
CA GLY G 312 -44.92 4.74 13.88
C GLY G 312 -44.31 4.45 12.52
N LEU G 313 -43.03 4.80 12.37
CA LEU G 313 -42.29 4.58 11.14
C LEU G 313 -41.18 3.56 11.37
N VAL G 314 -40.90 2.79 10.32
CA VAL G 314 -39.80 1.81 10.36
C VAL G 314 -38.51 2.60 10.18
N ILE G 315 -37.86 2.94 11.30
CA ILE G 315 -36.65 3.76 11.25
C ILE G 315 -35.38 2.95 11.09
N SER G 316 -35.43 1.65 11.36
CA SER G 316 -34.31 0.76 11.11
C SER G 316 -34.85 -0.59 10.65
N ARG G 317 -34.00 -1.34 9.94
CA ARG G 317 -34.40 -2.67 9.49
C ARG G 317 -33.15 -3.53 9.34
N HIS G 318 -33.37 -4.85 9.45
CA HIS G 318 -32.30 -5.81 9.21
C HIS G 318 -31.94 -5.81 7.72
N PHE G 319 -30.71 -5.42 7.43
CA PHE G 319 -30.32 -5.23 6.03
C PHE G 319 -29.96 -6.52 5.31
N PRO G 320 -29.08 -7.39 5.83
CA PRO G 320 -28.61 -8.53 5.02
C PRO G 320 -29.73 -9.49 4.67
N GLY G 321 -29.58 -10.15 3.51
CA GLY G 321 -30.56 -11.11 3.03
C GLY G 321 -30.65 -12.37 3.86
N LEU G 322 -29.59 -12.72 4.58
CA LEU G 322 -29.60 -13.81 5.54
C LEU G 322 -29.72 -13.23 6.94
N ILE G 323 -30.75 -13.65 7.67
CA ILE G 323 -30.95 -13.21 9.05
C ILE G 323 -30.64 -14.38 9.97
N LYS G 324 -30.03 -14.08 11.11
CA LYS G 324 -29.73 -15.06 12.14
C LYS G 324 -30.66 -14.87 13.32
N SER G 325 -30.67 -15.87 14.20
CA SER G 325 -31.41 -15.75 15.45
C SER G 325 -30.78 -14.65 16.31
N GLY G 326 -31.62 -13.78 16.87
CA GLY G 326 -31.15 -12.68 17.69
C GLY G 326 -30.93 -11.38 16.97
N ASP G 327 -30.96 -11.38 15.65
CA ASP G 327 -30.80 -10.14 14.89
C ASP G 327 -32.05 -9.29 14.99
N CYS G 328 -31.85 -7.97 15.05
CA CYS G 328 -32.95 -7.05 15.27
C CYS G 328 -33.67 -6.79 13.94
N VAL G 329 -34.85 -7.40 13.80
CA VAL G 329 -35.58 -7.35 12.53
C VAL G 329 -35.87 -5.90 12.12
N ALA G 330 -36.43 -5.12 13.03
CA ALA G 330 -36.81 -3.76 12.69
C ALA G 330 -36.93 -2.92 13.96
N VAL G 331 -36.92 -1.61 13.77
CA VAL G 331 -37.13 -0.66 14.85
C VAL G 331 -38.18 0.35 14.41
N VAL G 332 -39.14 0.64 15.28
CA VAL G 332 -40.21 1.57 14.99
C VAL G 332 -39.96 2.85 15.78
N GLY G 333 -39.90 3.97 15.08
CA GLY G 333 -39.86 5.27 15.73
C GLY G 333 -41.26 5.79 15.97
N VAL G 334 -41.43 6.50 17.08
CA VAL G 334 -42.75 6.92 17.55
C VAL G 334 -43.09 8.30 16.99
N THR G 335 -44.34 8.44 16.53
CA THR G 335 -44.84 9.67 15.94
C THR G 335 -43.94 10.18 14.82
N GLN H 9 80.34 -30.05 -27.87
CA GLN H 9 79.08 -29.85 -28.57
C GLN H 9 77.89 -30.27 -27.71
N LYS H 10 78.08 -31.34 -26.93
CA LYS H 10 77.01 -31.83 -26.06
C LYS H 10 76.86 -30.90 -24.85
N ASN H 11 75.64 -30.37 -24.67
CA ASN H 11 75.37 -29.45 -23.58
C ASN H 11 75.59 -30.14 -22.24
N PRO H 12 76.25 -29.49 -21.27
CA PRO H 12 76.60 -30.16 -20.02
C PRO H 12 75.42 -30.44 -19.10
N ILE H 13 74.24 -29.89 -19.37
CA ILE H 13 73.11 -30.08 -18.47
C ILE H 13 72.65 -31.53 -18.53
N SER H 14 72.49 -32.14 -17.36
CA SER H 14 71.97 -33.50 -17.23
C SER H 14 70.86 -33.50 -16.18
N PRO H 15 69.63 -33.85 -16.54
CA PRO H 15 68.56 -33.87 -15.53
C PRO H 15 68.68 -35.06 -14.60
N THR H 16 68.14 -34.91 -13.40
CA THR H 16 68.19 -35.95 -12.38
C THR H 16 66.95 -36.83 -12.38
N ILE H 17 65.99 -36.57 -13.26
CA ILE H 17 64.79 -37.41 -13.39
C ILE H 17 64.60 -37.72 -14.87
N PRO H 18 63.92 -38.82 -15.19
CA PRO H 18 63.60 -39.09 -16.59
C PRO H 18 62.64 -38.04 -17.12
N LEU H 19 62.76 -37.76 -18.41
CA LEU H 19 61.91 -36.78 -19.06
C LEU H 19 60.81 -37.41 -19.91
N ASP H 20 60.82 -38.73 -20.08
CA ASP H 20 59.97 -39.39 -21.07
C ASP H 20 59.29 -40.63 -20.53
N ARG H 21 59.19 -40.79 -19.21
CA ARG H 21 58.57 -41.97 -18.62
C ARG H 21 57.27 -41.59 -17.93
N ASP H 22 56.31 -42.52 -17.94
CA ASP H 22 55.01 -42.25 -17.34
C ASP H 22 55.14 -42.06 -15.84
N GLY H 23 54.34 -41.16 -15.30
CA GLY H 23 54.32 -40.85 -13.89
C GLY H 23 54.71 -39.41 -13.62
N VAL H 24 54.80 -39.10 -12.33
CA VAL H 24 55.15 -37.76 -11.86
C VAL H 24 56.55 -37.80 -11.30
N PHE H 25 57.43 -36.96 -11.84
CA PHE H 25 58.79 -36.85 -11.37
C PHE H 25 59.08 -35.40 -11.01
N HIS H 26 59.73 -35.21 -9.87
CA HIS H 26 60.21 -33.90 -9.44
C HIS H 26 61.72 -33.97 -9.26
N GLY H 27 62.45 -33.22 -10.06
CA GLY H 27 63.90 -33.25 -10.02
C GLY H 27 64.48 -31.94 -10.50
N PHE H 28 65.69 -32.00 -11.03
CA PHE H 28 66.39 -30.80 -11.45
C PHE H 28 67.10 -31.01 -12.77
N LEU H 29 67.24 -29.91 -13.51
CA LEU H 29 68.20 -29.81 -14.60
C LEU H 29 69.52 -29.32 -14.01
N LYS H 30 70.51 -30.20 -13.97
CA LYS H 30 71.77 -29.93 -13.28
C LYS H 30 72.77 -29.32 -14.26
N LEU H 31 73.07 -28.03 -14.07
CA LEU H 31 73.97 -27.29 -14.95
C LEU H 31 75.27 -27.01 -14.22
N PRO H 32 76.38 -27.63 -14.61
CA PRO H 32 77.65 -27.39 -13.91
C PRO H 32 78.05 -25.92 -13.98
N HIS H 33 78.52 -25.40 -12.84
CA HIS H 33 78.80 -23.97 -12.72
C HIS H 33 79.92 -23.81 -11.70
N SER H 34 81.15 -23.67 -12.18
CA SER H 34 82.30 -23.47 -11.31
C SER H 34 82.49 -21.98 -11.04
N ARG H 35 82.68 -21.64 -9.77
CA ARG H 35 82.62 -20.25 -9.34
C ARG H 35 83.39 -20.10 -8.02
N ASP H 36 83.54 -18.85 -7.60
CA ASP H 36 84.38 -18.55 -6.44
C ASP H 36 83.88 -19.26 -5.18
N ASP H 37 82.57 -19.28 -4.95
CA ASP H 37 82.02 -19.90 -3.75
C ASP H 37 81.59 -21.34 -3.97
N SER H 38 81.92 -21.93 -5.11
CA SER H 38 81.66 -23.35 -5.36
C SER H 38 82.55 -23.80 -6.50
N ALA H 39 83.57 -24.60 -6.20
CA ALA H 39 84.55 -24.97 -7.23
C ALA H 39 84.04 -26.07 -8.15
N TRP H 40 83.31 -27.05 -7.61
CA TRP H 40 82.71 -28.10 -8.42
C TRP H 40 81.18 -28.03 -8.37
N GLY H 41 80.62 -26.82 -8.28
CA GLY H 41 79.20 -26.65 -8.06
C GLY H 41 78.36 -26.75 -9.32
N SER H 42 77.06 -26.57 -9.13
CA SER H 42 76.08 -26.62 -10.21
C SER H 42 74.97 -25.63 -9.92
N VAL H 43 74.25 -25.25 -10.97
CA VAL H 43 72.97 -24.59 -10.83
C VAL H 43 71.90 -25.67 -11.00
N MET H 44 71.07 -25.85 -9.97
CA MET H 44 70.09 -26.93 -9.93
C MET H 44 68.71 -26.34 -10.26
N ILE H 45 68.34 -26.40 -11.52
CA ILE H 45 67.10 -25.83 -12.01
C ILE H 45 65.93 -26.76 -11.69
N PRO H 46 64.99 -26.36 -10.83
CA PRO H 46 63.86 -27.24 -10.51
C PRO H 46 62.94 -27.43 -11.70
N LEU H 47 62.54 -28.69 -11.91
CA LEU H 47 61.56 -28.99 -12.95
C LEU H 47 60.74 -30.20 -12.52
N THR H 48 59.52 -30.27 -13.07
CA THR H 48 58.62 -31.38 -12.83
C THR H 48 58.17 -31.93 -14.17
N VAL H 49 58.18 -33.26 -14.31
CA VAL H 49 57.75 -33.94 -15.51
C VAL H 49 56.54 -34.79 -15.16
N ILE H 50 55.44 -34.58 -15.89
CA ILE H 50 54.25 -35.41 -15.77
C ILE H 50 53.93 -35.94 -17.15
N LYS H 51 53.91 -37.27 -17.29
CA LYS H 51 53.72 -37.90 -18.58
C LYS H 51 52.77 -39.08 -18.43
N ASN H 52 51.90 -39.27 -19.42
CA ASN H 52 51.01 -40.41 -19.47
C ASN H 52 50.72 -40.69 -20.95
N GLY H 53 51.43 -41.67 -21.51
CA GLY H 53 51.26 -42.00 -22.91
C GLY H 53 52.08 -41.10 -23.82
N ALA H 54 51.78 -41.20 -25.11
CA ALA H 54 52.52 -40.51 -26.16
C ALA H 54 51.76 -39.33 -26.74
N GLY H 55 50.86 -38.73 -25.96
CA GLY H 55 50.17 -37.54 -26.40
C GLY H 55 51.13 -36.37 -26.58
N PRO H 56 50.59 -35.23 -27.03
CA PRO H 56 51.47 -34.08 -27.29
C PRO H 56 52.18 -33.59 -26.03
N THR H 57 53.33 -32.96 -26.24
CA THR H 57 54.19 -32.49 -25.16
C THR H 57 54.10 -30.97 -25.04
N ALA H 58 53.93 -30.48 -23.82
CA ALA H 58 53.95 -29.05 -23.53
C ALA H 58 55.18 -28.71 -22.69
N LEU H 59 55.96 -27.74 -23.15
CA LEU H 59 57.08 -27.21 -22.40
C LEU H 59 56.64 -25.88 -21.78
N LEU H 60 56.59 -25.84 -20.45
CA LEU H 60 55.99 -24.73 -19.72
C LEU H 60 57.05 -24.06 -18.88
N THR H 61 57.34 -22.79 -19.19
CA THR H 61 58.40 -22.05 -18.52
C THR H 61 57.85 -20.78 -17.90
N GLY H 62 58.32 -20.49 -16.68
CA GLY H 62 58.03 -19.24 -16.03
C GLY H 62 59.32 -18.62 -15.52
N ALA H 63 59.24 -17.31 -15.23
CA ALA H 63 60.40 -16.55 -14.77
C ALA H 63 61.55 -16.60 -15.77
N ASN H 64 61.22 -16.57 -17.06
CA ASN H 64 62.21 -16.25 -18.09
C ASN H 64 62.98 -14.99 -17.68
N HIS H 65 62.27 -13.99 -17.19
CA HIS H 65 62.85 -12.92 -16.39
C HIS H 65 62.45 -13.17 -14.95
N GLY H 66 63.42 -13.07 -14.04
CA GLY H 66 63.24 -13.59 -12.70
C GLY H 66 62.22 -12.85 -11.85
N ASP H 67 61.95 -11.58 -12.15
CA ASP H 67 61.08 -10.76 -11.31
C ASP H 67 59.67 -10.66 -11.87
N GLU H 68 59.17 -11.75 -12.45
CA GLU H 68 57.83 -11.82 -13.02
C GLU H 68 57.21 -13.14 -12.58
N TYR H 69 56.13 -13.09 -11.79
CA TYR H 69 55.75 -14.23 -10.96
C TYR H 69 54.39 -14.87 -11.25
N GLU H 70 53.59 -14.34 -12.17
CA GLU H 70 52.33 -15.02 -12.49
C GLU H 70 52.59 -16.44 -12.99
N GLY H 71 53.54 -16.58 -13.91
CA GLY H 71 53.95 -17.87 -14.42
C GLY H 71 54.46 -18.82 -13.35
N PRO H 72 55.53 -18.43 -12.64
CA PRO H 72 56.06 -19.29 -11.57
C PRO H 72 55.01 -19.79 -10.61
N VAL H 73 54.00 -18.97 -10.30
CA VAL H 73 52.94 -19.39 -9.39
C VAL H 73 52.10 -20.49 -10.04
N ALA H 74 51.58 -20.22 -11.24
CA ALA H 74 50.68 -21.17 -11.89
C ALA H 74 51.38 -22.49 -12.22
N LEU H 75 52.69 -22.44 -12.47
CA LEU H 75 53.40 -23.66 -12.85
C LEU H 75 53.72 -24.53 -11.62
N HIS H 76 54.04 -23.89 -10.49
CA HIS H 76 54.24 -24.65 -9.26
C HIS H 76 52.97 -25.39 -8.86
N GLU H 77 51.82 -24.71 -8.91
CA GLU H 77 50.56 -25.36 -8.61
C GLU H 77 50.29 -26.52 -9.55
N LEU H 78 50.55 -26.32 -10.85
CA LEU H 78 50.37 -27.39 -11.81
C LEU H 78 51.32 -28.56 -11.52
N ALA H 79 52.55 -28.25 -11.09
CA ALA H 79 53.52 -29.31 -10.81
C ALA H 79 53.12 -30.14 -9.60
N ALA H 80 52.45 -29.54 -8.62
CA ALA H 80 52.19 -30.18 -7.34
C ALA H 80 50.81 -30.82 -7.23
N THR H 81 49.88 -30.51 -8.14
CA THR H 81 48.49 -30.92 -7.98
C THR H 81 47.93 -31.64 -9.20
N THR H 82 48.78 -32.12 -10.10
CA THR H 82 48.33 -32.80 -11.32
C THR H 82 48.79 -34.26 -11.27
N SER H 83 47.82 -35.18 -11.35
CA SER H 83 48.14 -36.59 -11.40
C SER H 83 48.37 -37.04 -12.84
N ALA H 84 49.24 -38.05 -13.01
CA ALA H 84 49.54 -38.56 -14.33
C ALA H 84 48.29 -39.03 -15.06
N GLU H 85 47.32 -39.58 -14.32
CA GLU H 85 46.07 -40.03 -14.94
C GLU H 85 45.25 -38.88 -15.51
N ASP H 86 45.54 -37.64 -15.14
CA ASP H 86 44.85 -36.48 -15.70
C ASP H 86 45.41 -36.05 -17.05
N VAL H 87 46.50 -36.67 -17.50
CA VAL H 87 47.27 -36.21 -18.64
C VAL H 87 47.19 -37.23 -19.76
N THR H 88 47.02 -36.74 -20.98
CA THR H 88 47.25 -37.52 -22.19
C THR H 88 48.39 -36.82 -22.92
N GLY H 89 49.61 -37.19 -22.57
CA GLY H 89 50.77 -36.52 -23.12
C GLY H 89 51.82 -36.24 -22.06
N ARG H 90 52.57 -35.16 -22.22
CA ARG H 90 53.68 -34.86 -21.32
C ARG H 90 53.72 -33.38 -21.00
N LEU H 91 53.90 -33.06 -19.73
CA LEU H 91 54.10 -31.70 -19.26
C LEU H 91 55.51 -31.59 -18.69
N ILE H 92 56.34 -30.78 -19.32
CA ILE H 92 57.66 -30.43 -18.79
C ILE H 92 57.53 -29.05 -18.15
N ILE H 93 57.53 -29.02 -16.82
CA ILE H 93 57.14 -27.85 -16.05
C ILE H 93 58.38 -27.24 -15.42
N VAL H 94 58.75 -26.05 -15.87
CA VAL H 94 59.90 -25.32 -15.33
C VAL H 94 59.43 -23.99 -14.77
N PRO H 95 59.11 -23.92 -13.48
CA PRO H 95 58.55 -22.65 -12.94
C PRO H 95 59.54 -21.50 -12.94
N ALA H 96 60.83 -21.75 -12.72
CA ALA H 96 61.85 -20.71 -12.75
C ALA H 96 62.81 -21.05 -13.90
N PHE H 97 62.68 -20.32 -15.00
CA PHE H 97 63.39 -20.61 -16.24
C PHE H 97 64.80 -20.02 -16.22
N ASN H 98 64.92 -18.71 -16.08
CA ASN H 98 66.21 -18.11 -15.72
C ASN H 98 66.34 -18.21 -14.21
N TYR H 99 66.65 -19.42 -13.76
CA TYR H 99 66.63 -19.71 -12.32
C TYR H 99 67.56 -18.83 -11.50
N PRO H 100 68.80 -18.54 -11.92
CA PRO H 100 69.61 -17.60 -11.12
C PRO H 100 68.97 -16.23 -10.97
N ALA H 101 68.39 -15.70 -12.05
CA ALA H 101 67.70 -14.41 -11.96
C ALA H 101 66.51 -14.50 -11.03
N PHE H 102 65.74 -15.59 -11.12
CA PHE H 102 64.59 -15.78 -10.25
C PHE H 102 64.98 -15.75 -8.78
N ARG H 103 66.03 -16.51 -8.43
CA ARG H 103 66.48 -16.54 -7.04
C ARG H 103 66.96 -15.18 -6.58
N ALA H 104 67.59 -14.41 -7.47
CA ALA H 104 68.03 -13.06 -7.15
C ALA H 104 66.90 -12.05 -7.19
N GLY H 105 65.70 -12.45 -7.60
CA GLY H 105 64.58 -11.53 -7.68
C GLY H 105 64.75 -10.45 -8.72
N SER H 106 65.56 -10.70 -9.75
CA SER H 106 65.88 -9.69 -10.74
C SER H 106 65.55 -10.19 -12.14
N ARG H 107 65.38 -9.23 -13.04
CA ARG H 107 65.08 -9.55 -14.44
C ARG H 107 66.18 -10.39 -15.06
N THR H 108 67.43 -9.95 -14.93
CA THR H 108 68.58 -10.64 -15.49
C THR H 108 69.33 -11.40 -14.40
N SER H 109 70.18 -12.33 -14.83
CA SER H 109 70.88 -13.19 -13.89
C SER H 109 71.95 -12.39 -13.13
N PRO H 110 72.11 -12.61 -11.83
CA PRO H 110 73.23 -11.98 -11.13
C PRO H 110 74.57 -12.51 -11.60
N ILE H 111 74.61 -13.74 -12.13
CA ILE H 111 75.86 -14.33 -12.57
C ILE H 111 76.41 -13.58 -13.77
N ASP H 112 75.63 -13.49 -14.85
CA ASP H 112 76.11 -12.92 -16.09
C ASP H 112 75.49 -11.56 -16.42
N ARG H 113 74.55 -11.08 -15.63
CA ARG H 113 73.60 -10.05 -16.07
C ARG H 113 72.93 -10.50 -17.37
N GLY H 114 72.86 -11.82 -17.54
CA GLY H 114 72.37 -12.38 -18.79
C GLY H 114 70.88 -12.17 -18.92
N ASN H 115 70.48 -11.64 -20.07
CA ASN H 115 69.07 -11.45 -20.39
C ASN H 115 68.61 -12.70 -21.12
N LEU H 116 68.15 -13.68 -20.35
CA LEU H 116 67.41 -14.78 -20.97
C LEU H 116 66.21 -14.20 -21.72
N ASN H 117 65.92 -14.78 -22.89
CA ASN H 117 64.97 -14.29 -23.90
C ASN H 117 65.61 -13.20 -24.77
N ARG H 118 66.93 -13.01 -24.67
CA ARG H 118 67.72 -12.39 -25.73
C ARG H 118 69.02 -13.16 -25.94
N SER H 119 69.09 -14.41 -25.48
CA SER H 119 70.31 -15.21 -25.52
C SER H 119 70.21 -16.41 -26.46
N PHE H 120 69.07 -16.63 -27.10
CA PHE H 120 68.98 -17.80 -27.96
C PHE H 120 69.62 -17.52 -29.31
N PRO H 121 70.13 -18.54 -30.01
CA PRO H 121 70.10 -19.98 -29.69
C PRO H 121 71.02 -20.41 -28.54
N GLY H 122 71.92 -19.53 -28.10
CA GLY H 122 72.79 -19.86 -27.00
C GLY H 122 73.99 -20.68 -27.43
N ARG H 123 74.72 -21.17 -26.42
CA ARG H 123 75.96 -21.89 -26.61
C ARG H 123 76.10 -22.94 -25.51
N PRO H 124 76.61 -24.13 -25.83
CA PRO H 124 76.89 -25.11 -24.77
C PRO H 124 78.13 -24.80 -23.95
N ASP H 125 79.05 -23.98 -24.49
CA ASP H 125 80.29 -23.64 -23.80
C ASP H 125 80.35 -22.16 -23.45
N GLY H 126 79.22 -21.51 -23.32
CA GLY H 126 79.16 -20.10 -23.02
C GLY H 126 78.78 -19.83 -21.59
N THR H 127 78.10 -18.70 -21.39
CA THR H 127 77.70 -18.26 -20.07
C THR H 127 76.60 -19.18 -19.50
N VAL H 128 76.33 -19.02 -18.21
CA VAL H 128 75.28 -19.82 -17.57
C VAL H 128 73.94 -19.60 -18.26
N THR H 129 73.61 -18.33 -18.52
CA THR H 129 72.39 -18.03 -19.27
C THR H 129 72.43 -18.65 -20.66
N GLU H 130 73.60 -18.61 -21.32
CA GLU H 130 73.71 -19.17 -22.66
C GLU H 130 73.61 -20.68 -22.63
N LYS H 131 74.13 -21.32 -21.58
CA LYS H 131 74.02 -22.77 -21.48
C LYS H 131 72.57 -23.20 -21.29
N ILE H 132 71.81 -22.46 -20.48
CA ILE H 132 70.39 -22.72 -20.32
C ILE H 132 69.68 -22.61 -21.67
N ALA H 133 69.92 -21.50 -22.37
CA ALA H 133 69.31 -21.28 -23.68
C ALA H 133 69.64 -22.42 -24.65
N ASP H 134 70.92 -22.81 -24.69
CA ASP H 134 71.32 -23.88 -25.59
C ASP H 134 70.62 -25.19 -25.26
N TYR H 135 70.42 -25.47 -23.97
CA TYR H 135 69.78 -26.72 -23.59
C TYR H 135 68.31 -26.75 -23.99
N PHE H 136 67.63 -25.61 -23.89
CA PHE H 136 66.25 -25.57 -24.37
C PHE H 136 66.21 -25.53 -25.88
N GLN H 137 67.15 -24.81 -26.52
CA GLN H 137 67.14 -24.68 -27.97
C GLN H 137 67.22 -26.04 -28.66
N ARG H 138 68.15 -26.90 -28.23
CA ARG H 138 68.47 -28.10 -28.97
C ARG H 138 68.13 -29.41 -28.26
N THR H 139 67.71 -29.38 -27.01
CA THR H 139 67.35 -30.61 -26.31
C THR H 139 65.88 -30.67 -25.95
N LEU H 140 65.35 -29.63 -25.29
CA LEU H 140 63.97 -29.66 -24.81
C LEU H 140 62.97 -29.19 -25.86
N LEU H 141 63.27 -28.08 -26.54
CA LEU H 141 62.31 -27.52 -27.49
C LEU H 141 61.99 -28.46 -28.66
N PRO H 142 62.92 -29.23 -29.21
CA PRO H 142 62.52 -30.25 -30.20
C PRO H 142 61.58 -31.31 -29.64
N MET H 143 61.58 -31.54 -28.33
CA MET H 143 60.63 -32.46 -27.71
C MET H 143 59.24 -31.86 -27.58
N ALA H 144 59.06 -30.59 -27.89
CA ALA H 144 57.85 -29.86 -27.55
C ALA H 144 56.94 -29.69 -28.76
N ASP H 145 55.64 -29.84 -28.54
CA ASP H 145 54.62 -29.43 -29.49
C ASP H 145 54.08 -28.05 -29.20
N LEU H 146 54.00 -27.69 -27.91
CA LEU H 146 53.50 -26.40 -27.46
C LEU H 146 54.47 -25.84 -26.43
N ALA H 147 54.80 -24.56 -26.55
CA ALA H 147 55.66 -23.88 -25.61
C ALA H 147 54.89 -22.70 -25.02
N VAL H 148 54.67 -22.74 -23.72
CA VAL H 148 54.05 -21.63 -22.98
C VAL H 148 55.14 -21.01 -22.12
N ASP H 149 55.45 -19.73 -22.39
CA ASP H 149 56.52 -19.01 -21.70
C ASP H 149 55.93 -17.74 -21.11
N PHE H 150 55.70 -17.75 -19.80
CA PHE H 150 54.99 -16.67 -19.14
C PHE H 150 55.87 -15.43 -18.99
N HIS H 151 55.24 -14.26 -19.10
CA HIS H 151 55.92 -13.00 -18.91
C HIS H 151 55.01 -12.03 -18.17
N SER H 152 55.62 -11.16 -17.39
CA SER H 152 54.94 -10.05 -16.74
C SER H 152 55.76 -8.79 -16.97
N GLY H 153 55.34 -7.69 -16.35
CA GLY H 153 56.04 -6.43 -16.54
C GLY H 153 57.40 -6.42 -15.87
N GLY H 154 57.51 -7.06 -14.71
CA GLY H 154 58.70 -6.94 -13.89
C GLY H 154 58.62 -5.70 -13.01
N LYS H 155 59.69 -5.46 -12.25
CA LYS H 155 59.70 -4.36 -11.30
C LYS H 155 59.60 -3.00 -11.96
N THR H 156 59.90 -2.91 -13.26
CA THR H 156 59.93 -1.62 -13.95
C THR H 156 58.73 -1.36 -14.85
N LEU H 157 57.84 -2.35 -15.05
CA LEU H 157 56.73 -2.19 -15.97
C LEU H 157 55.48 -2.83 -15.39
N ASP H 158 54.32 -2.29 -15.77
CA ASP H 158 53.02 -2.83 -15.44
C ASP H 158 52.21 -2.98 -16.72
N PHE H 159 51.51 -4.11 -16.86
CA PHE H 159 50.78 -4.47 -18.07
C PHE H 159 49.35 -4.85 -17.74
N VAL H 160 48.41 -4.52 -18.63
CA VAL H 160 47.10 -5.17 -18.54
C VAL H 160 47.28 -6.65 -18.90
N PRO H 161 46.56 -7.57 -18.25
CA PRO H 161 46.84 -8.99 -18.44
C PRO H 161 46.45 -9.43 -19.85
N PHE H 162 47.41 -9.97 -20.58
CA PHE H 162 47.15 -10.27 -21.97
C PHE H 162 48.10 -11.36 -22.48
N ALA H 163 47.58 -12.15 -23.41
CA ALA H 163 48.37 -13.13 -24.16
C ALA H 163 48.63 -12.58 -25.56
N ALA H 164 49.76 -12.98 -26.13
CA ALA H 164 50.22 -12.38 -27.38
C ALA H 164 50.67 -13.45 -28.36
N ALA H 165 50.69 -13.04 -29.63
CA ALA H 165 51.27 -13.83 -30.71
C ALA H 165 51.77 -12.87 -31.76
N HIS H 166 52.82 -13.27 -32.47
CA HIS H 166 53.41 -12.45 -33.51
C HIS H 166 52.89 -12.88 -34.87
N ILE H 167 52.89 -11.95 -35.82
CA ILE H 167 52.74 -12.34 -37.21
C ILE H 167 54.08 -12.91 -37.66
N LEU H 168 54.02 -14.05 -38.33
CA LEU H 168 55.22 -14.76 -38.70
C LEU H 168 55.29 -14.83 -40.23
N GLU H 169 56.44 -14.42 -40.76
CA GLU H 169 56.76 -14.44 -42.18
C GLU H 169 56.37 -15.76 -42.83
N ASP H 170 56.33 -16.84 -42.05
CA ASP H 170 55.83 -18.13 -42.49
C ASP H 170 54.55 -18.46 -41.72
N LYS H 171 53.41 -18.32 -42.39
CA LYS H 171 52.11 -18.47 -41.74
C LYS H 171 51.81 -19.94 -41.47
N ALA H 172 50.60 -20.18 -40.97
CA ALA H 172 50.09 -21.51 -40.60
C ALA H 172 50.80 -22.02 -39.35
N THR H 173 51.87 -21.35 -38.94
CA THR H 173 52.36 -21.41 -37.56
C THR H 173 51.77 -20.28 -36.75
N GLN H 174 51.65 -19.11 -37.38
CA GLN H 174 50.94 -18.01 -36.76
C GLN H 174 49.50 -18.41 -36.43
N ALA H 175 48.84 -19.12 -37.35
CA ALA H 175 47.48 -19.59 -37.08
C ALA H 175 47.46 -20.51 -35.87
N ALA H 176 48.43 -21.42 -35.76
CA ALA H 176 48.48 -22.34 -34.64
C ALA H 176 48.73 -21.62 -33.31
N CYS H 177 49.46 -20.50 -33.35
CA CYS H 177 49.73 -19.77 -32.12
C CYS H 177 48.58 -18.82 -31.76
N PHE H 178 47.93 -18.22 -32.77
CA PHE H 178 46.73 -17.45 -32.50
C PHE H 178 45.67 -18.31 -31.83
N ALA H 179 45.45 -19.51 -32.37
CA ALA H 179 44.46 -20.42 -31.80
C ALA H 179 44.77 -20.74 -30.35
N ALA H 180 46.05 -20.87 -30.01
CA ALA H 180 46.43 -21.10 -28.62
C ALA H 180 46.19 -19.87 -27.76
N MET H 181 46.60 -18.69 -28.25
CA MET H 181 46.30 -17.45 -27.56
C MET H 181 44.79 -17.27 -27.42
N LYS H 182 44.05 -17.54 -28.50
CA LYS H 182 42.58 -17.54 -28.44
C LYS H 182 42.09 -18.44 -27.32
N ALA H 183 42.71 -19.61 -27.15
CA ALA H 183 42.33 -20.52 -26.08
C ALA H 183 42.75 -19.97 -24.72
N PHE H 184 43.94 -19.36 -24.63
CA PHE H 184 44.40 -18.78 -23.37
C PHE H 184 43.37 -17.82 -22.78
N ASN H 185 42.70 -17.05 -23.65
CA ASN H 185 41.57 -16.21 -23.27
C ASN H 185 41.92 -15.27 -22.11
N ALA H 186 43.03 -14.57 -22.25
CA ALA H 186 43.35 -13.50 -21.32
C ALA H 186 42.32 -12.39 -21.47
N PRO H 187 42.17 -11.53 -20.44
CA PRO H 187 41.24 -10.40 -20.58
C PRO H 187 41.51 -9.55 -21.81
N TYR H 188 42.76 -9.44 -22.24
CA TYR H 188 43.09 -8.79 -23.50
C TYR H 188 43.97 -9.71 -24.31
N SER H 189 43.92 -9.55 -25.63
CA SER H 189 44.67 -10.40 -26.56
C SER H 189 45.34 -9.48 -27.55
N VAL H 190 46.65 -9.59 -27.71
CA VAL H 190 47.44 -8.57 -28.37
C VAL H 190 48.26 -9.16 -29.51
N GLU H 191 48.34 -8.42 -30.61
CA GLU H 191 49.16 -8.73 -31.77
C GLU H 191 50.49 -8.01 -31.58
N LEU H 192 51.46 -8.71 -31.02
CA LEU H 192 52.79 -8.19 -30.80
C LEU H 192 53.67 -8.43 -32.01
N LEU H 193 54.67 -7.56 -32.18
CA LEU H 193 55.91 -7.96 -32.84
C LEU H 193 56.99 -6.94 -32.50
N GLU H 194 58.15 -7.44 -32.09
CA GLU H 194 59.30 -6.59 -31.86
C GLU H 194 59.92 -6.21 -33.19
N ILE H 195 60.41 -4.98 -33.28
CA ILE H 195 61.25 -4.60 -34.40
C ILE H 195 62.53 -5.43 -34.38
N ASP H 196 62.94 -5.88 -33.20
CA ASP H 196 64.15 -6.65 -32.96
C ASP H 196 63.72 -7.98 -32.32
N SER H 197 63.36 -8.95 -33.15
CA SER H 197 62.92 -10.25 -32.65
C SER H 197 64.08 -11.19 -32.34
N ALA H 198 65.32 -10.73 -32.50
CA ALA H 198 66.47 -11.62 -32.41
C ALA H 198 66.76 -12.01 -30.97
N GLY H 199 67.20 -13.25 -30.78
CA GLY H 199 67.63 -13.73 -29.49
C GLY H 199 66.55 -14.23 -28.57
N MET H 200 65.28 -13.99 -28.89
CA MET H 200 64.19 -14.31 -27.99
C MET H 200 63.90 -15.81 -27.98
N TYR H 201 63.41 -16.29 -26.84
CA TYR H 201 62.84 -17.63 -26.79
C TYR H 201 61.64 -17.75 -27.72
N ASP H 202 60.88 -16.65 -27.86
CA ASP H 202 59.74 -16.64 -28.76
C ASP H 202 60.15 -16.99 -30.18
N THR H 203 61.15 -16.29 -30.72
CA THR H 203 61.60 -16.54 -32.08
C THR H 203 62.14 -17.95 -32.25
N ALA H 204 62.81 -18.48 -31.21
CA ALA H 204 63.33 -19.84 -31.29
C ALA H 204 62.20 -20.86 -31.42
N VAL H 205 61.10 -20.66 -30.68
CA VAL H 205 59.96 -21.58 -30.76
C VAL H 205 59.26 -21.42 -32.11
N GLU H 206 59.04 -20.17 -32.54
CA GLU H 206 58.28 -19.92 -33.76
C GLU H 206 59.02 -20.42 -34.98
N GLU H 207 60.30 -20.05 -35.13
CA GLU H 207 61.07 -20.47 -36.29
C GLU H 207 61.35 -21.97 -36.30
N MET H 208 61.04 -22.67 -35.21
CA MET H 208 61.09 -24.12 -35.17
C MET H 208 59.76 -24.75 -35.60
N GLY H 209 58.72 -23.96 -35.82
CA GLY H 209 57.43 -24.45 -36.23
C GLY H 209 56.49 -24.83 -35.10
N LYS H 210 56.87 -24.58 -33.85
CA LYS H 210 56.08 -24.99 -32.71
C LYS H 210 55.06 -23.91 -32.34
N VAL H 211 54.11 -24.28 -31.49
CA VAL H 211 53.09 -23.36 -31.00
C VAL H 211 53.66 -22.58 -29.82
N LEU H 212 53.50 -21.27 -29.84
CA LEU H 212 54.03 -20.40 -28.79
C LEU H 212 52.89 -19.67 -28.09
N VAL H 213 52.82 -19.83 -26.77
CA VAL H 213 51.96 -19.02 -25.92
C VAL H 213 52.86 -18.16 -25.05
N THR H 214 52.78 -16.85 -25.23
CA THR H 214 53.51 -15.90 -24.40
C THR H 214 52.54 -14.83 -23.92
N THR H 215 52.84 -14.25 -22.76
CA THR H 215 51.89 -13.41 -22.06
C THR H 215 52.56 -12.11 -21.62
N GLU H 216 51.73 -11.22 -21.08
CA GLU H 216 52.16 -10.12 -20.22
C GLU H 216 51.07 -9.99 -19.16
N LEU H 217 51.30 -10.61 -18.01
CA LEU H 217 50.30 -10.70 -16.95
C LEU H 217 50.73 -9.78 -15.80
N GLY H 218 50.31 -8.52 -15.88
CA GLY H 218 50.58 -7.61 -14.77
C GLY H 218 52.02 -7.10 -14.80
N GLY H 219 52.57 -6.89 -13.61
CA GLY H 219 53.93 -6.41 -13.50
C GLY H 219 54.20 -5.89 -12.09
N GLY H 220 55.19 -4.99 -12.00
CA GLY H 220 55.57 -4.38 -10.74
C GLY H 220 56.41 -5.25 -9.83
N GLY H 221 56.77 -6.45 -10.25
CA GLY H 221 57.47 -7.36 -9.37
C GLY H 221 56.57 -8.04 -8.36
N SER H 222 55.28 -8.16 -8.67
CA SER H 222 54.32 -8.79 -7.76
C SER H 222 53.20 -9.39 -8.57
N SER H 223 52.43 -10.28 -7.92
CA SER H 223 51.26 -10.88 -8.54
C SER H 223 50.14 -10.92 -7.50
N SER H 224 48.92 -10.78 -7.99
CA SER H 224 47.72 -10.84 -7.16
C SER H 224 46.97 -12.14 -7.42
N ALA H 225 45.99 -12.41 -6.56
CA ALA H 225 45.13 -13.57 -6.78
C ALA H 225 44.37 -13.44 -8.08
N ARG H 226 44.02 -12.22 -8.49
CA ARG H 226 43.37 -12.00 -9.77
C ARG H 226 44.28 -12.39 -10.92
N SER H 227 45.51 -11.86 -10.94
CA SER H 227 46.41 -12.10 -12.06
C SER H 227 46.98 -13.52 -12.02
N ASN H 228 47.12 -14.11 -10.83
CA ASN H 228 47.48 -15.52 -10.75
C ASN H 228 46.38 -16.39 -11.35
N ALA H 229 45.11 -16.01 -11.12
CA ALA H 229 44.00 -16.80 -11.64
C ALA H 229 43.91 -16.72 -13.16
N ILE H 230 44.29 -15.57 -13.75
CA ILE H 230 44.33 -15.47 -15.20
C ILE H 230 45.36 -16.44 -15.77
N ALA H 231 46.52 -16.53 -15.12
CA ALA H 231 47.58 -17.40 -15.61
C ALA H 231 47.15 -18.86 -15.59
N LYS H 232 46.64 -19.33 -14.45
CA LYS H 232 46.23 -20.73 -14.38
C LYS H 232 44.97 -21.00 -15.19
N LYS H 233 44.13 -20.00 -15.45
CA LYS H 233 43.03 -20.20 -16.40
C LYS H 233 43.55 -20.42 -17.80
N GLY H 234 44.41 -19.52 -18.28
CA GLY H 234 44.96 -19.67 -19.62
C GLY H 234 45.81 -20.92 -19.75
N LEU H 235 46.63 -21.21 -18.73
CA LEU H 235 47.42 -22.43 -18.76
C LEU H 235 46.55 -23.68 -18.84
N ARG H 236 45.43 -23.69 -18.12
CA ARG H 236 44.53 -24.85 -18.20
C ARG H 236 43.84 -24.91 -19.55
N ASN H 237 43.46 -23.76 -20.10
CA ASN H 237 42.76 -23.74 -21.38
C ASN H 237 43.66 -24.21 -22.51
N VAL H 238 44.91 -23.73 -22.55
CA VAL H 238 45.76 -24.10 -23.68
C VAL H 238 46.19 -25.56 -23.59
N LEU H 239 46.24 -26.13 -22.39
CA LEU H 239 46.59 -27.54 -22.26
C LEU H 239 45.46 -28.42 -22.77
N ILE H 240 44.21 -28.04 -22.50
CA ILE H 240 43.07 -28.75 -23.06
C ILE H 240 43.01 -28.53 -24.57
N HIS H 241 43.19 -27.29 -25.01
CA HIS H 241 43.23 -26.98 -26.43
C HIS H 241 44.27 -27.80 -27.17
N ALA H 242 45.37 -28.16 -26.50
CA ALA H 242 46.44 -28.92 -27.12
C ALA H 242 46.24 -30.42 -27.05
N GLY H 243 45.23 -30.89 -26.32
CA GLY H 243 44.99 -32.31 -26.21
C GLY H 243 45.75 -33.02 -25.10
N ILE H 244 46.25 -32.28 -24.12
CA ILE H 244 47.04 -32.86 -23.03
C ILE H 244 46.21 -33.05 -21.77
N LEU H 245 45.47 -32.02 -21.37
CA LEU H 245 44.44 -32.15 -20.34
C LEU H 245 43.08 -32.20 -21.01
N LYS H 246 42.12 -32.82 -20.33
CA LYS H 246 40.77 -32.90 -20.85
C LYS H 246 39.83 -32.13 -19.94
N GLY H 247 38.68 -31.76 -20.49
CA GLY H 247 37.67 -31.05 -19.77
C GLY H 247 37.22 -29.80 -20.49
N GLU H 248 36.39 -29.03 -19.80
CA GLU H 248 35.81 -27.79 -20.32
C GLU H 248 36.83 -26.66 -20.30
N MET H 249 36.81 -25.86 -21.34
CA MET H 249 37.49 -24.58 -21.28
C MET H 249 36.55 -23.49 -20.77
N GLN H 250 37.07 -22.63 -19.90
CA GLN H 250 36.33 -21.47 -19.46
C GLN H 250 36.69 -20.31 -20.39
N LEU H 251 35.70 -19.82 -21.12
CA LEU H 251 35.90 -18.75 -22.09
C LEU H 251 35.11 -17.52 -21.65
N ASP H 252 35.82 -16.40 -21.53
CA ASP H 252 35.25 -15.12 -21.15
C ASP H 252 35.57 -14.09 -22.23
N GLU H 253 35.01 -12.90 -22.06
CA GLU H 253 35.25 -11.84 -23.04
C GLU H 253 36.71 -11.41 -23.00
N THR H 254 37.26 -11.16 -24.18
CA THR H 254 38.62 -10.66 -24.32
C THR H 254 38.61 -9.49 -25.30
N VAL H 255 39.53 -8.55 -25.07
CA VAL H 255 39.65 -7.37 -25.92
C VAL H 255 40.90 -7.53 -26.78
N ASN H 256 40.73 -7.31 -28.09
CA ASN H 256 41.78 -7.57 -29.07
C ASN H 256 42.47 -6.27 -29.44
N LEU H 257 43.80 -6.27 -29.37
CA LEU H 257 44.60 -5.07 -29.53
C LEU H 257 45.77 -5.34 -30.46
N THR H 258 46.21 -4.29 -31.15
CA THR H 258 47.34 -4.37 -32.07
C THR H 258 48.36 -3.30 -31.71
N MET H 259 49.59 -3.52 -32.15
CA MET H 259 50.71 -2.60 -31.94
C MET H 259 51.42 -2.41 -33.27
N PRO H 260 50.93 -1.53 -34.12
CA PRO H 260 51.40 -1.49 -35.52
C PRO H 260 52.76 -0.83 -35.74
N ASP H 261 53.15 0.13 -34.90
CA ASP H 261 54.34 0.91 -35.22
C ASP H 261 54.92 1.52 -33.94
N ASP H 262 55.98 2.32 -34.13
CA ASP H 262 56.71 2.90 -33.01
C ASP H 262 55.84 3.83 -32.18
N ASP H 263 54.81 4.42 -32.77
CA ASP H 263 54.03 5.44 -32.08
C ASP H 263 53.15 4.89 -30.97
N CYS H 264 53.15 3.58 -30.74
CA CYS H 264 52.54 3.06 -29.53
C CYS H 264 53.40 3.32 -28.30
N PHE H 265 54.68 3.63 -28.51
CA PHE H 265 55.64 3.79 -27.42
C PHE H 265 55.93 5.28 -27.18
N VAL H 266 55.98 5.66 -25.91
CA VAL H 266 56.43 6.98 -25.49
C VAL H 266 57.53 6.79 -24.46
N PHE H 267 58.67 7.46 -24.69
CA PHE H 267 59.86 7.29 -23.86
C PHE H 267 60.18 8.58 -23.13
N SER H 268 60.68 8.43 -21.90
CA SER H 268 61.06 9.58 -21.10
C SER H 268 62.36 10.18 -21.61
N GLU H 269 62.47 11.50 -21.50
CA GLU H 269 63.67 12.22 -21.88
C GLU H 269 64.40 12.82 -20.69
N GLY H 270 63.99 12.49 -19.46
CA GLY H 270 64.62 13.02 -18.27
C GLY H 270 64.26 12.23 -17.05
N ASP H 271 65.03 12.46 -15.98
CA ASP H 271 64.79 11.85 -14.69
C ASP H 271 63.79 12.67 -13.89
N GLY H 272 63.14 12.03 -12.93
CA GLY H 272 62.23 12.75 -12.06
C GLY H 272 61.21 11.83 -11.43
N LEU H 273 60.28 12.46 -10.70
CA LEU H 273 59.20 11.74 -10.03
C LEU H 273 58.05 11.52 -11.02
N PHE H 274 57.67 10.26 -11.20
CA PHE H 274 56.70 9.86 -12.21
C PHE H 274 55.30 10.00 -11.65
N GLU H 275 54.47 10.82 -12.31
CA GLU H 275 53.05 10.93 -11.99
C GLU H 275 52.24 10.46 -13.19
N MET H 276 51.68 9.26 -13.09
CA MET H 276 50.78 8.77 -14.13
C MET H 276 49.44 9.47 -14.03
N MET H 277 48.88 9.81 -15.20
CA MET H 277 47.68 10.64 -15.23
C MET H 277 46.44 9.92 -15.72
N ILE H 278 46.57 8.80 -16.40
CA ILE H 278 45.45 7.96 -16.77
C ILE H 278 45.71 6.57 -16.20
N ASP H 279 44.62 5.83 -15.97
CA ASP H 279 44.83 4.50 -15.43
C ASP H 279 45.33 3.55 -16.51
N LEU H 280 45.85 2.42 -16.06
CA LEU H 280 46.23 1.35 -16.97
C LEU H 280 44.96 0.72 -17.56
N GLY H 281 44.98 0.49 -18.87
CA GLY H 281 43.81 0.00 -19.57
C GLY H 281 42.80 1.06 -19.94
N ALA H 282 42.95 2.28 -19.43
CA ALA H 282 42.01 3.33 -19.74
C ALA H 282 42.13 3.73 -21.22
N PRO H 283 41.02 4.11 -21.85
CA PRO H 283 41.09 4.56 -23.23
C PRO H 283 41.79 5.90 -23.33
N VAL H 284 42.54 6.08 -24.41
CA VAL H 284 43.33 7.29 -24.61
C VAL H 284 43.24 7.69 -26.07
N ALA H 285 42.99 8.97 -26.33
CA ALA H 285 43.06 9.52 -27.67
C ALA H 285 44.45 10.07 -27.91
N LYS H 286 44.79 10.23 -29.19
CA LYS H 286 46.13 10.68 -29.54
C LYS H 286 46.31 12.14 -29.11
N GLY H 287 47.42 12.41 -28.41
CA GLY H 287 47.67 13.71 -27.85
C GLY H 287 47.23 13.88 -26.41
N ASP H 288 46.54 12.90 -25.85
CA ASP H 288 46.10 12.99 -24.46
C ASP H 288 47.30 12.93 -23.52
N LEU H 289 47.17 13.61 -22.38
CA LEU H 289 48.20 13.61 -21.37
C LEU H 289 48.29 12.23 -20.70
N LEU H 290 49.43 11.57 -20.87
CA LEU H 290 49.65 10.27 -20.27
C LEU H 290 50.24 10.37 -18.86
N ALA H 291 51.32 11.14 -18.71
CA ALA H 291 52.03 11.21 -17.44
C ALA H 291 52.79 12.52 -17.35
N ARG H 292 53.02 12.96 -16.12
CA ARG H 292 53.84 14.12 -15.82
C ARG H 292 55.02 13.69 -14.95
N VAL H 293 56.18 14.31 -15.18
CA VAL H 293 57.40 13.99 -14.46
C VAL H 293 57.84 15.24 -13.70
N TRP H 294 57.87 15.14 -12.37
CA TRP H 294 58.24 16.21 -11.44
C TRP H 294 59.73 16.14 -11.14
N PRO H 295 60.37 17.30 -10.97
CA PRO H 295 61.80 17.31 -10.68
C PRO H 295 62.11 16.64 -9.35
N LEU H 296 63.22 15.90 -9.32
CA LEU H 296 63.76 15.37 -8.07
C LEU H 296 64.50 16.42 -7.26
N ASP H 297 64.95 17.49 -7.91
CA ASP H 297 65.90 18.43 -7.32
C ASP H 297 65.25 19.62 -6.66
N ARG H 298 64.07 20.04 -7.12
CA ARG H 298 63.56 21.38 -6.86
C ARG H 298 62.06 21.27 -6.55
N THR H 299 61.46 22.40 -6.16
CA THR H 299 60.02 22.53 -6.03
C THR H 299 59.58 23.81 -6.72
N GLY H 300 58.29 23.88 -7.03
CA GLY H 300 57.75 25.04 -7.71
C GLY H 300 57.95 25.06 -9.21
N GLN H 301 58.65 24.08 -9.78
CA GLN H 301 58.73 24.06 -11.23
C GLN H 301 57.61 23.22 -11.81
N PRO H 302 57.10 23.59 -12.99
CA PRO H 302 56.05 22.79 -13.62
C PRO H 302 56.61 21.47 -14.11
N PRO H 303 55.80 20.42 -14.14
CA PRO H 303 56.30 19.09 -14.52
C PRO H 303 56.43 18.93 -16.03
N VAL H 304 57.14 17.88 -16.41
CA VAL H 304 57.34 17.52 -17.82
C VAL H 304 56.18 16.64 -18.25
N GLU H 305 55.55 16.97 -19.38
CA GLU H 305 54.37 16.28 -19.85
C GLU H 305 54.72 15.29 -20.95
N TYR H 306 54.12 14.10 -20.88
CA TYR H 306 54.26 13.07 -21.90
C TYR H 306 52.87 12.72 -22.42
N ARG H 307 52.67 12.82 -23.72
CA ARG H 307 51.35 12.70 -24.30
C ARG H 307 51.28 11.53 -25.29
N ALA H 308 50.05 11.06 -25.51
CA ALA H 308 49.84 9.84 -26.28
C ALA H 308 50.14 10.05 -27.76
N ARG H 309 50.99 9.18 -28.30
CA ARG H 309 51.37 9.23 -29.71
C ARG H 309 50.36 8.53 -30.61
N ARG H 310 49.39 7.82 -30.05
CA ARG H 310 48.41 7.07 -30.83
C ARG H 310 47.22 6.77 -29.93
N ALA H 311 46.05 6.60 -30.55
CA ALA H 311 44.82 6.33 -29.84
C ALA H 311 44.64 4.83 -29.58
N GLY H 312 43.91 4.52 -28.52
CA GLY H 312 43.62 3.15 -28.16
C GLY H 312 43.47 3.03 -26.65
N LEU H 313 43.98 1.92 -26.12
CA LEU H 313 44.02 1.67 -24.68
C LEU H 313 45.47 1.66 -24.20
N VAL H 314 45.68 2.18 -22.99
CA VAL H 314 47.03 2.20 -22.41
C VAL H 314 47.28 0.82 -21.82
N ILE H 315 48.08 0.02 -22.53
CA ILE H 315 48.29 -1.38 -22.15
C ILE H 315 49.50 -1.60 -21.26
N SER H 316 50.37 -0.60 -21.12
CA SER H 316 51.50 -0.74 -20.21
C SER H 316 51.99 0.64 -19.80
N ARG H 317 52.60 0.71 -18.62
CA ARG H 317 53.12 1.98 -18.13
C ARG H 317 54.35 1.74 -17.27
N HIS H 318 55.20 2.76 -17.20
CA HIS H 318 56.32 2.77 -16.28
C HIS H 318 55.83 2.61 -14.84
N PHE H 319 56.26 1.53 -14.18
CA PHE H 319 55.79 1.23 -12.84
C PHE H 319 56.44 2.11 -11.77
N PRO H 320 57.77 2.10 -11.59
CA PRO H 320 58.37 2.72 -10.40
C PRO H 320 58.14 4.22 -10.32
N GLY H 321 58.01 4.71 -9.09
CA GLY H 321 57.78 6.13 -8.85
C GLY H 321 58.91 7.02 -9.34
N LEU H 322 60.12 6.47 -9.47
CA LEU H 322 61.24 7.17 -10.08
C LEU H 322 61.36 6.75 -11.53
N ILE H 323 61.34 7.73 -12.43
CA ILE H 323 61.56 7.45 -13.85
C ILE H 323 62.92 8.01 -14.24
N LYS H 324 63.57 7.32 -15.17
CA LYS H 324 64.86 7.75 -15.70
C LYS H 324 64.69 8.17 -17.15
N SER H 325 65.67 8.94 -17.63
CA SER H 325 65.73 9.24 -19.05
C SER H 325 65.91 7.95 -19.83
N GLY H 326 65.06 7.74 -20.83
CA GLY H 326 65.08 6.56 -21.64
C GLY H 326 64.06 5.50 -21.27
N ASP H 327 63.51 5.56 -20.06
CA ASP H 327 62.50 4.60 -19.65
C ASP H 327 61.25 4.77 -20.52
N CYS H 328 60.52 3.66 -20.70
CA CYS H 328 59.31 3.66 -21.51
C CYS H 328 58.13 4.09 -20.64
N VAL H 329 57.62 5.29 -20.88
CA VAL H 329 56.56 5.85 -20.05
C VAL H 329 55.31 4.99 -20.14
N ALA H 330 54.84 4.73 -21.36
CA ALA H 330 53.59 4.00 -21.54
C ALA H 330 53.57 3.41 -22.94
N VAL H 331 52.66 2.47 -23.14
CA VAL H 331 52.40 1.88 -24.46
C VAL H 331 50.90 1.79 -24.67
N VAL H 332 50.45 2.14 -25.86
CA VAL H 332 49.04 2.13 -26.23
C VAL H 332 48.79 0.94 -27.16
N GLY H 333 47.72 0.19 -26.89
CA GLY H 333 47.24 -0.83 -27.81
C GLY H 333 46.06 -0.28 -28.59
N VAL H 334 46.01 -0.62 -29.88
CA VAL H 334 45.09 0.04 -30.82
C VAL H 334 43.71 -0.61 -30.76
N THR H 335 42.68 0.21 -30.92
CA THR H 335 41.26 -0.17 -30.85
C THR H 335 40.98 -1.15 -29.71
N LYS I 10 8.83 61.49 -10.17
CA LYS I 10 8.01 60.30 -10.39
C LYS I 10 8.40 59.59 -11.68
N ASN I 11 8.43 58.26 -11.62
CA ASN I 11 8.72 57.45 -12.81
C ASN I 11 7.66 57.71 -13.88
N PRO I 12 8.06 57.99 -15.12
CA PRO I 12 7.10 58.39 -16.15
C PRO I 12 6.30 57.24 -16.77
N ILE I 13 6.47 55.99 -16.35
CA ILE I 13 5.77 54.90 -17.01
C ILE I 13 4.29 54.91 -16.62
N SER I 14 3.42 54.77 -17.62
CA SER I 14 1.98 54.81 -17.43
C SER I 14 1.37 53.59 -18.11
N PRO I 15 0.61 52.77 -17.40
CA PRO I 15 -0.07 51.65 -18.07
C PRO I 15 -1.25 52.14 -18.91
N THR I 16 -1.56 51.35 -19.94
CA THR I 16 -2.75 51.58 -20.76
C THR I 16 -3.94 50.78 -20.26
N ILE I 17 -3.77 49.99 -19.21
CA ILE I 17 -4.83 49.18 -18.63
C ILE I 17 -4.80 49.36 -17.12
N PRO I 18 -5.89 49.06 -16.43
CA PRO I 18 -5.86 49.08 -14.97
C PRO I 18 -5.09 47.88 -14.41
N LEU I 19 -4.53 48.07 -13.21
CA LEU I 19 -3.78 47.03 -12.54
C LEU I 19 -4.52 46.40 -11.37
N ASP I 20 -5.70 46.90 -11.01
CA ASP I 20 -6.40 46.47 -9.80
C ASP I 20 -7.86 46.18 -10.09
N ARG I 21 -8.16 45.66 -11.27
CA ARG I 21 -9.55 45.40 -11.64
C ARG I 21 -9.74 43.94 -12.04
N ASP I 22 -10.84 43.37 -11.57
CA ASP I 22 -11.14 41.97 -11.85
C ASP I 22 -11.33 41.76 -13.35
N GLY I 23 -10.87 40.62 -13.85
CA GLY I 23 -10.97 40.30 -15.25
C GLY I 23 -9.61 40.27 -15.93
N VAL I 24 -9.65 40.10 -17.25
CA VAL I 24 -8.46 40.00 -18.07
C VAL I 24 -8.28 41.30 -18.84
N PHE I 25 -7.06 41.82 -18.82
CA PHE I 25 -6.73 43.06 -19.53
C PHE I 25 -5.38 42.90 -20.20
N HIS I 26 -5.32 43.17 -21.50
CA HIS I 26 -4.08 43.14 -22.28
C HIS I 26 -3.75 44.56 -22.72
N GLY I 27 -2.58 45.04 -22.32
CA GLY I 27 -2.21 46.43 -22.55
C GLY I 27 -0.72 46.61 -22.62
N PHE I 28 -0.27 47.79 -22.19
CA PHE I 28 1.13 48.17 -22.31
C PHE I 28 1.55 49.05 -21.14
N LEU I 29 2.81 48.89 -20.72
CA LEU I 29 3.47 49.86 -19.85
C LEU I 29 4.12 50.89 -20.77
N LYS I 30 3.59 52.11 -20.78
CA LYS I 30 4.00 53.14 -21.72
C LYS I 30 5.13 53.96 -21.12
N LEU I 31 6.34 53.77 -21.64
CA LEU I 31 7.50 54.53 -21.19
C LEU I 31 7.84 55.58 -22.23
N PRO I 32 7.60 56.86 -21.96
CA PRO I 32 7.94 57.90 -22.94
C PRO I 32 9.42 57.84 -23.32
N HIS I 33 9.68 57.98 -24.63
CA HIS I 33 11.04 57.84 -25.14
C HIS I 33 11.17 58.73 -26.38
N SER I 34 11.74 59.92 -26.19
CA SER I 34 12.00 60.83 -27.28
C SER I 34 13.35 60.50 -27.90
N ARG I 35 13.37 60.38 -29.22
CA ARG I 35 14.56 59.92 -29.94
C ARG I 35 14.49 60.43 -31.37
N ASP I 36 15.63 60.37 -32.06
CA ASP I 36 15.64 60.68 -33.49
C ASP I 36 14.60 59.85 -34.23
N ASP I 37 14.44 58.60 -33.79
CA ASP I 37 13.49 57.67 -34.41
C ASP I 37 12.06 58.15 -34.25
N SER I 38 11.75 58.80 -33.14
CA SER I 38 10.38 59.19 -32.81
C SER I 38 10.43 60.28 -31.76
N ALA I 39 9.97 61.49 -32.11
CA ALA I 39 10.17 62.64 -31.23
C ALA I 39 9.24 62.61 -30.02
N TRP I 40 8.00 62.18 -30.19
CA TRP I 40 7.05 62.07 -29.10
C TRP I 40 6.64 60.61 -28.89
N GLY I 41 7.59 59.69 -29.10
CA GLY I 41 7.28 58.27 -29.05
C GLY I 41 7.41 57.68 -27.66
N SER I 42 7.23 56.37 -27.59
CA SER I 42 7.26 55.66 -26.33
C SER I 42 7.72 54.23 -26.55
N VAL I 43 8.16 53.60 -25.46
CA VAL I 43 8.41 52.17 -25.42
C VAL I 43 7.16 51.50 -24.87
N MET I 44 6.54 50.64 -25.67
CA MET I 44 5.29 49.98 -25.30
C MET I 44 5.61 48.57 -24.81
N ILE I 45 5.86 48.45 -23.51
CA ILE I 45 6.12 47.14 -22.91
C ILE I 45 4.81 46.38 -22.81
N PRO I 46 4.66 45.27 -23.53
CA PRO I 46 3.40 44.52 -23.44
C PRO I 46 3.24 43.87 -22.08
N LEU I 47 2.02 43.92 -21.55
CA LEU I 47 1.73 43.25 -20.30
C LEU I 47 0.26 42.83 -20.26
N THR I 48 -0.01 41.77 -19.51
CA THR I 48 -1.36 41.29 -19.25
C THR I 48 -1.54 41.22 -17.74
N VAL I 49 -2.69 41.70 -17.25
CA VAL I 49 -3.05 41.60 -15.85
C VAL I 49 -4.40 40.90 -15.77
N ILE I 50 -4.45 39.79 -15.04
CA ILE I 50 -5.66 39.02 -14.84
C ILE I 50 -5.91 38.94 -13.34
N LYS I 51 -7.08 39.43 -12.91
CA LYS I 51 -7.44 39.50 -11.51
C LYS I 51 -8.82 38.90 -11.32
N ASN I 52 -9.01 38.24 -10.18
CA ASN I 52 -10.34 37.73 -9.82
C ASN I 52 -10.40 37.56 -8.32
N GLY I 53 -11.16 38.44 -7.66
CA GLY I 53 -11.32 38.35 -6.22
C GLY I 53 -10.03 38.71 -5.49
N ALA I 54 -10.00 38.32 -4.22
CA ALA I 54 -8.88 38.60 -3.33
C ALA I 54 -7.98 37.38 -3.26
N GLY I 55 -6.67 37.60 -3.42
CA GLY I 55 -5.69 36.56 -3.32
C GLY I 55 -4.30 37.10 -3.58
N PRO I 56 -3.29 36.23 -3.57
CA PRO I 56 -1.91 36.69 -3.78
C PRO I 56 -1.71 37.26 -5.18
N THR I 57 -0.65 38.06 -5.31
CA THR I 57 -0.25 38.66 -6.57
C THR I 57 1.07 38.07 -7.01
N ALA I 58 1.15 37.65 -8.27
CA ALA I 58 2.37 37.11 -8.86
C ALA I 58 2.84 38.05 -9.96
N LEU I 59 4.04 38.58 -9.80
CA LEU I 59 4.68 39.39 -10.83
C LEU I 59 5.57 38.47 -11.67
N LEU I 60 5.18 38.23 -12.91
CA LEU I 60 5.81 37.22 -13.76
C LEU I 60 6.55 37.93 -14.88
N THR I 61 7.89 37.77 -14.90
CA THR I 61 8.72 38.43 -15.89
C THR I 61 9.54 37.40 -16.67
N GLY I 62 9.64 37.63 -17.97
CA GLY I 62 10.57 36.89 -18.81
C GLY I 62 11.39 37.88 -19.62
N ALA I 63 12.50 37.37 -20.15
CA ALA I 63 13.41 38.17 -20.97
C ALA I 63 13.95 39.37 -20.19
N ASN I 64 14.22 39.17 -18.90
CA ASN I 64 15.08 40.10 -18.16
C ASN I 64 16.35 40.36 -18.96
N HIS I 65 16.90 39.31 -19.54
CA HIS I 65 17.86 39.41 -20.64
C HIS I 65 17.17 38.99 -21.92
N GLY I 66 17.38 39.76 -22.99
CA GLY I 66 16.49 39.69 -24.14
C GLY I 66 16.57 38.40 -24.94
N ASP I 67 17.72 37.73 -24.94
CA ASP I 67 17.94 36.58 -25.80
C ASP I 67 17.72 35.26 -25.07
N GLU I 68 16.74 35.22 -24.17
CA GLU I 68 16.39 34.01 -23.43
C GLU I 68 14.87 33.85 -23.49
N TYR I 69 14.42 32.66 -23.93
CA TYR I 69 13.09 32.54 -24.53
C TYR I 69 12.15 31.56 -23.86
N GLU I 70 12.61 30.68 -22.97
CA GLU I 70 11.71 29.75 -22.33
C GLU I 70 10.64 30.48 -21.52
N GLY I 71 11.05 31.47 -20.74
CA GLY I 71 10.12 32.28 -19.99
C GLY I 71 9.12 33.05 -20.82
N PRO I 72 9.62 33.83 -21.80
CA PRO I 72 8.68 34.56 -22.68
C PRO I 72 7.66 33.67 -23.36
N VAL I 73 8.05 32.44 -23.73
CA VAL I 73 7.10 31.52 -24.34
C VAL I 73 6.02 31.12 -23.33
N ALA I 74 6.44 30.75 -22.12
CA ALA I 74 5.49 30.31 -21.10
C ALA I 74 4.57 31.45 -20.68
N LEU I 75 5.10 32.67 -20.62
CA LEU I 75 4.30 33.79 -20.14
C LEU I 75 3.28 34.25 -21.19
N HIS I 76 3.65 34.22 -22.48
CA HIS I 76 2.70 34.56 -23.52
C HIS I 76 1.52 33.58 -23.52
N GLU I 77 1.81 32.28 -23.44
CA GLU I 77 0.73 31.29 -23.38
C GLU I 77 -0.17 31.53 -22.16
N LEU I 78 0.45 31.73 -21.00
CA LEU I 78 -0.33 31.99 -19.79
C LEU I 78 -1.24 33.19 -19.97
N ALA I 79 -0.73 34.26 -20.59
CA ALA I 79 -1.52 35.47 -20.73
C ALA I 79 -2.70 35.28 -21.68
N ALA I 80 -2.58 34.37 -22.65
CA ALA I 80 -3.59 34.21 -23.69
C ALA I 80 -4.57 33.07 -23.44
N THR I 81 -4.28 32.18 -22.50
CA THR I 81 -5.12 31.02 -22.26
C THR I 81 -5.71 30.98 -20.85
N THR I 82 -5.43 31.96 -20.01
CA THR I 82 -5.88 31.95 -18.63
C THR I 82 -7.13 32.80 -18.47
N SER I 83 -8.23 32.19 -18.05
CA SER I 83 -9.42 32.90 -17.67
C SER I 83 -9.22 33.60 -16.33
N ALA I 84 -10.01 34.65 -16.10
CA ALA I 84 -10.13 35.17 -14.75
C ALA I 84 -10.76 34.13 -13.82
N GLU I 85 -11.58 33.26 -14.40
CA GLU I 85 -12.31 32.22 -13.67
C GLU I 85 -11.40 31.37 -12.78
N ASP I 86 -10.20 31.05 -13.24
CA ASP I 86 -9.34 30.05 -12.60
C ASP I 86 -8.24 30.65 -11.74
N VAL I 87 -8.19 31.98 -11.62
CA VAL I 87 -7.22 32.67 -10.77
C VAL I 87 -7.95 33.15 -9.53
N THR I 88 -7.36 32.94 -8.35
CA THR I 88 -7.84 33.57 -7.13
C THR I 88 -6.71 34.47 -6.64
N GLY I 89 -6.77 35.73 -7.04
CA GLY I 89 -5.69 36.68 -6.80
C GLY I 89 -5.46 37.53 -8.02
N ARG I 90 -4.20 37.81 -8.34
CA ARG I 90 -3.87 38.65 -9.48
C ARG I 90 -2.58 38.14 -10.11
N LEU I 91 -2.56 38.14 -11.44
CA LEU I 91 -1.36 37.86 -12.22
C LEU I 91 -0.96 39.11 -12.98
N ILE I 92 0.30 39.49 -12.86
CA ILE I 92 0.87 40.58 -13.64
C ILE I 92 1.94 39.97 -14.53
N ILE I 93 1.62 39.85 -15.83
CA ILE I 93 2.45 39.10 -16.77
C ILE I 93 3.18 40.09 -17.66
N VAL I 94 4.51 40.04 -17.63
CA VAL I 94 5.35 40.82 -18.53
C VAL I 94 6.30 39.86 -19.23
N PRO I 95 5.91 39.30 -20.38
CA PRO I 95 6.75 38.27 -21.01
C PRO I 95 8.08 38.79 -21.53
N ALA I 96 8.18 40.07 -21.86
CA ALA I 96 9.42 40.71 -22.30
C ALA I 96 9.72 41.86 -21.33
N PHE I 97 10.60 41.59 -20.37
CA PHE I 97 10.82 42.51 -19.25
C PHE I 97 11.76 43.65 -19.65
N ASN I 98 12.96 43.33 -20.12
CA ASN I 98 13.79 44.31 -20.83
C ASN I 98 13.37 44.30 -22.30
N TYR I 99 12.20 44.89 -22.53
CA TYR I 99 11.58 44.82 -23.85
C TYR I 99 12.47 45.35 -24.97
N PRO I 100 13.18 46.46 -24.83
CA PRO I 100 14.09 46.86 -25.93
C PRO I 100 15.15 45.81 -26.24
N ALA I 101 15.75 45.20 -25.21
CA ALA I 101 16.71 44.14 -25.45
C ALA I 101 16.05 42.93 -26.10
N PHE I 102 14.84 42.60 -25.66
CA PHE I 102 14.10 41.50 -26.27
C PHE I 102 13.87 41.75 -27.76
N ARG I 103 13.44 42.96 -28.11
CA ARG I 103 13.15 43.27 -29.51
C ARG I 103 14.41 43.24 -30.35
N ALA I 104 15.54 43.65 -29.79
CA ALA I 104 16.80 43.61 -30.51
C ALA I 104 17.37 42.20 -30.61
N GLY I 105 16.79 41.23 -29.89
CA GLY I 105 17.34 39.90 -29.85
C GLY I 105 18.67 39.82 -29.13
N SER I 106 18.86 40.65 -28.11
CA SER I 106 20.15 40.73 -27.45
C SER I 106 20.00 40.79 -25.96
N ARG I 107 21.11 40.49 -25.27
CA ARG I 107 21.09 40.42 -23.81
C ARG I 107 20.79 41.79 -23.19
N THR I 108 21.53 42.81 -23.61
CA THR I 108 21.33 44.16 -23.11
C THR I 108 20.58 45.02 -24.13
N SER I 109 20.17 46.20 -23.67
CA SER I 109 19.34 47.07 -24.49
C SER I 109 20.11 47.60 -25.68
N PRO I 110 19.47 47.77 -26.84
CA PRO I 110 20.15 48.46 -27.96
C PRO I 110 20.24 49.96 -27.76
N ILE I 111 19.39 50.51 -26.90
CA ILE I 111 19.40 51.95 -26.68
C ILE I 111 20.60 52.36 -25.86
N ASP I 112 20.83 51.68 -24.74
CA ASP I 112 21.83 52.09 -23.76
C ASP I 112 22.71 50.94 -23.29
N ARG I 113 22.65 49.79 -23.96
CA ARG I 113 23.41 48.60 -23.57
C ARG I 113 23.19 48.26 -22.09
N GLY I 114 22.07 48.69 -21.54
CA GLY I 114 21.83 48.52 -20.11
C GLY I 114 21.52 47.07 -19.79
N ASN I 115 22.28 46.49 -18.86
CA ASN I 115 21.96 45.18 -18.30
C ASN I 115 20.90 45.39 -17.23
N LEU I 116 19.70 44.86 -17.46
CA LEU I 116 18.60 45.07 -16.53
C LEU I 116 18.87 44.39 -15.19
N ASN I 117 19.46 43.20 -15.21
CA ASN I 117 19.70 42.46 -13.98
C ASN I 117 20.88 42.99 -13.18
N ARG I 118 21.46 44.13 -13.60
CA ARG I 118 22.46 44.83 -12.81
C ARG I 118 22.08 46.31 -12.64
N SER I 119 20.82 46.65 -12.93
CA SER I 119 20.38 48.04 -13.01
C SER I 119 19.46 48.44 -11.86
N PHE I 120 19.14 47.55 -10.94
CA PHE I 120 18.27 47.94 -9.86
C PHE I 120 19.08 48.62 -8.75
N PRO I 121 18.46 49.50 -7.95
CA PRO I 121 17.04 49.88 -7.94
C PRO I 121 16.63 50.78 -9.11
N GLY I 122 17.60 51.35 -9.81
CA GLY I 122 17.30 52.21 -10.94
C GLY I 122 16.98 53.63 -10.52
N ARG I 123 16.55 54.40 -11.51
CA ARG I 123 16.22 55.82 -11.36
C ARG I 123 14.99 56.13 -12.21
N PRO I 124 14.16 57.08 -11.77
CA PRO I 124 13.04 57.51 -12.64
C PRO I 124 13.45 58.50 -13.70
N ASP I 125 14.63 59.12 -13.59
CA ASP I 125 15.10 60.13 -14.52
C ASP I 125 16.33 59.68 -15.30
N GLY I 126 16.53 58.37 -15.43
CA GLY I 126 17.73 57.87 -16.07
C GLY I 126 17.51 57.27 -17.44
N THR I 127 18.29 56.24 -17.76
CA THR I 127 18.17 55.57 -19.04
C THR I 127 16.85 54.80 -19.09
N VAL I 128 16.48 54.38 -20.31
CA VAL I 128 15.26 53.59 -20.50
C VAL I 128 15.31 52.33 -19.64
N THR I 129 16.45 51.65 -19.65
CA THR I 129 16.60 50.46 -18.82
C THR I 129 16.45 50.79 -17.33
N GLU I 130 17.01 51.91 -16.90
CA GLU I 130 16.89 52.31 -15.50
C GLU I 130 15.47 52.68 -15.14
N LYS I 131 14.75 53.32 -16.07
CA LYS I 131 13.36 53.69 -15.80
C LYS I 131 12.46 52.47 -15.68
N ILE I 132 12.72 51.41 -16.45
CA ILE I 132 12.02 50.15 -16.26
C ILE I 132 12.27 49.61 -14.85
N ALA I 133 13.55 49.57 -14.46
CA ALA I 133 13.91 49.01 -13.16
C ALA I 133 13.27 49.79 -12.01
N ASP I 134 13.33 51.12 -12.08
CA ASP I 134 12.73 51.92 -11.02
C ASP I 134 11.23 51.70 -10.92
N TYR I 135 10.57 51.49 -12.07
CA TYR I 135 9.13 51.27 -12.07
C TYR I 135 8.78 49.96 -11.39
N PHE I 136 9.52 48.89 -11.66
CA PHE I 136 9.26 47.63 -10.97
C PHE I 136 9.69 47.71 -9.50
N GLN I 137 10.75 48.46 -9.21
CA GLN I 137 11.21 48.59 -7.84
C GLN I 137 10.18 49.29 -6.97
N ARG I 138 9.71 50.45 -7.41
CA ARG I 138 8.87 51.29 -6.56
C ARG I 138 7.38 51.09 -6.78
N THR I 139 6.96 50.49 -7.90
CA THR I 139 5.54 50.37 -8.18
C THR I 139 5.06 48.92 -8.24
N LEU I 140 5.73 48.06 -9.01
CA LEU I 140 5.15 46.75 -9.29
C LEU I 140 5.47 45.74 -8.19
N LEU I 141 6.75 45.61 -7.83
CA LEU I 141 7.13 44.71 -6.75
C LEU I 141 6.31 44.90 -5.48
N PRO I 142 6.07 46.13 -5.00
CA PRO I 142 5.21 46.27 -3.80
C PRO I 142 3.84 45.66 -3.95
N MET I 143 3.29 45.62 -5.17
CA MET I 143 1.99 45.02 -5.39
C MET I 143 2.03 43.49 -5.30
N ALA I 144 3.22 42.89 -5.40
CA ALA I 144 3.35 41.45 -5.61
C ALA I 144 3.77 40.74 -4.33
N ASP I 145 3.20 39.55 -4.13
CA ASP I 145 3.64 38.62 -3.10
C ASP I 145 4.61 37.56 -3.64
N LEU I 146 4.65 37.39 -4.96
CA LEU I 146 5.44 36.36 -5.61
C LEU I 146 6.10 36.95 -6.84
N ALA I 147 7.37 36.66 -7.03
CA ALA I 147 8.13 37.18 -8.18
C ALA I 147 8.81 36.01 -8.88
N VAL I 148 8.39 35.73 -10.11
CA VAL I 148 8.98 34.68 -10.93
C VAL I 148 9.67 35.37 -12.11
N ASP I 149 10.99 35.26 -12.17
CA ASP I 149 11.80 35.95 -13.17
C ASP I 149 12.62 34.92 -13.91
N PHE I 150 12.28 34.68 -15.18
CA PHE I 150 12.88 33.61 -15.96
C PHE I 150 14.23 34.03 -16.53
N HIS I 151 15.15 33.06 -16.61
CA HIS I 151 16.45 33.28 -17.21
C HIS I 151 16.90 32.01 -17.92
N SER I 152 17.75 32.19 -18.92
CA SER I 152 18.38 31.09 -19.64
C SER I 152 19.82 31.50 -19.95
N GLY I 153 20.52 30.68 -20.72
CA GLY I 153 21.93 30.93 -20.96
C GLY I 153 22.19 32.16 -21.80
N GLY I 154 21.27 32.52 -22.68
CA GLY I 154 21.53 33.54 -23.66
C GLY I 154 22.34 32.97 -24.81
N LYS I 155 22.77 33.86 -25.70
CA LYS I 155 23.48 33.41 -26.90
C LYS I 155 24.89 32.92 -26.61
N THR I 156 25.40 33.13 -25.40
CA THR I 156 26.79 32.81 -25.09
C THR I 156 26.94 31.65 -24.12
N LEU I 157 25.87 31.22 -23.45
CA LEU I 157 25.95 30.18 -22.45
C LEU I 157 24.83 29.16 -22.64
N ASP I 158 25.09 27.93 -22.18
CA ASP I 158 24.10 26.86 -22.18
C ASP I 158 24.08 26.22 -20.79
N PHE I 159 22.88 25.99 -20.27
CA PHE I 159 22.70 25.49 -18.91
C PHE I 159 21.87 24.22 -18.93
N VAL I 160 22.12 23.34 -17.96
CA VAL I 160 21.12 22.32 -17.65
C VAL I 160 19.89 23.01 -17.08
N PRO I 161 18.68 22.56 -17.42
CA PRO I 161 17.49 23.30 -16.95
C PRO I 161 17.34 23.17 -15.44
N PHE I 162 17.26 24.31 -14.77
CA PHE I 162 17.22 24.28 -13.31
C PHE I 162 16.58 25.54 -12.76
N ALA I 163 15.93 25.39 -11.61
CA ALA I 163 15.39 26.49 -10.83
C ALA I 163 16.24 26.68 -9.59
N ALA I 164 16.50 27.93 -9.23
CA ALA I 164 17.47 28.24 -8.20
C ALA I 164 16.88 29.17 -7.16
N ALA I 165 17.47 29.12 -5.97
CA ALA I 165 17.19 30.06 -4.90
C ALA I 165 18.48 30.35 -4.17
N HIS I 166 18.61 31.60 -3.70
CA HIS I 166 19.86 32.07 -3.13
C HIS I 166 19.92 31.78 -1.64
N ILE I 167 21.12 31.46 -1.15
CA ILE I 167 21.38 31.34 0.29
C ILE I 167 21.54 32.76 0.82
N LEU I 168 20.47 33.31 1.39
CA LEU I 168 20.48 34.68 1.88
C LEU I 168 20.73 34.69 3.39
N GLU I 169 21.52 35.68 3.83
CA GLU I 169 22.04 35.75 5.19
C GLU I 169 21.01 35.35 6.24
N ASP I 170 19.86 36.03 6.26
CA ASP I 170 18.89 35.82 7.32
C ASP I 170 17.52 36.31 6.85
N LYS I 171 16.59 35.37 6.63
CA LYS I 171 15.15 35.61 6.68
C LYS I 171 14.41 34.30 6.39
N ALA I 172 13.18 34.17 6.90
CA ALA I 172 12.34 33.02 6.55
C ALA I 172 11.98 32.99 5.06
N THR I 173 12.22 34.06 4.30
CA THR I 173 11.92 34.02 2.87
C THR I 173 12.86 33.11 2.11
N GLN I 174 14.07 32.88 2.62
CA GLN I 174 14.92 31.86 2.02
C GLN I 174 14.21 30.51 2.03
N ALA I 175 13.59 30.16 3.16
CA ALA I 175 12.74 28.98 3.19
C ALA I 175 11.57 29.14 2.22
N ALA I 176 10.96 30.33 2.19
CA ALA I 176 9.84 30.56 1.29
C ALA I 176 10.26 30.44 -0.17
N CYS I 177 11.49 30.83 -0.51
CA CYS I 177 11.94 30.72 -1.89
C CYS I 177 12.41 29.30 -2.21
N PHE I 178 12.97 28.58 -1.24
CA PHE I 178 13.25 27.16 -1.46
C PHE I 178 11.96 26.38 -1.66
N ALA I 179 10.91 26.75 -0.93
CA ALA I 179 9.62 26.07 -1.07
C ALA I 179 9.04 26.29 -2.46
N ALA I 180 9.16 27.52 -2.98
CA ALA I 180 8.69 27.78 -4.34
C ALA I 180 9.61 27.16 -5.38
N MET I 181 10.92 27.12 -5.11
CA MET I 181 11.85 26.50 -6.05
C MET I 181 11.64 25.00 -6.12
N LYS I 182 11.33 24.38 -4.98
CA LYS I 182 11.02 22.95 -4.98
C LYS I 182 9.74 22.67 -5.75
N ALA I 183 8.75 23.55 -5.62
CA ALA I 183 7.48 23.37 -6.33
C ALA I 183 7.68 23.53 -7.84
N PHE I 184 8.57 24.44 -8.25
CA PHE I 184 8.84 24.64 -9.68
C PHE I 184 9.37 23.36 -10.32
N ASN I 185 10.17 22.59 -9.59
CA ASN I 185 10.50 21.21 -9.95
C ASN I 185 11.15 21.12 -11.34
N ALA I 186 12.14 21.99 -11.57
CA ALA I 186 12.96 21.83 -12.76
C ALA I 186 13.73 20.52 -12.67
N PRO I 187 14.16 19.96 -13.81
CA PRO I 187 14.93 18.70 -13.75
C PRO I 187 16.12 18.77 -12.82
N TYR I 188 16.71 19.95 -12.64
CA TYR I 188 17.72 20.19 -11.64
C TYR I 188 17.28 21.33 -10.73
N SER I 189 17.80 21.35 -9.51
CA SER I 189 17.46 22.38 -8.52
C SER I 189 18.74 22.82 -7.82
N VAL I 190 19.09 24.09 -7.95
CA VAL I 190 20.41 24.59 -7.58
C VAL I 190 20.30 25.49 -6.35
N GLU I 191 21.17 25.27 -5.38
CA GLU I 191 21.30 26.08 -4.18
C GLU I 191 22.62 26.85 -4.29
N LEU I 192 22.53 28.13 -4.65
CA LEU I 192 23.71 28.95 -4.92
C LEU I 192 23.72 30.17 -3.99
N LEU I 193 24.91 30.50 -3.49
CA LEU I 193 25.15 31.77 -2.81
C LEU I 193 25.78 32.72 -3.81
N GLU I 194 25.11 33.84 -4.05
CA GLU I 194 25.32 34.58 -5.28
C GLU I 194 26.61 35.40 -5.28
N ILE I 195 27.20 35.47 -6.46
CA ILE I 195 28.40 36.26 -6.71
C ILE I 195 27.96 37.66 -7.11
N ASP I 196 28.31 38.67 -6.31
CA ASP I 196 28.05 40.07 -6.65
C ASP I 196 26.56 40.33 -6.84
N SER I 197 25.81 40.23 -5.73
CA SER I 197 24.37 40.42 -5.76
C SER I 197 23.93 41.84 -6.14
N ALA I 198 24.86 42.78 -6.28
CA ALA I 198 24.49 44.19 -6.41
C ALA I 198 23.76 44.46 -7.73
N GLY I 199 22.61 45.13 -7.64
CA GLY I 199 21.88 45.59 -8.80
C GLY I 199 20.88 44.61 -9.37
N MET I 200 20.79 43.40 -8.82
CA MET I 200 20.01 42.34 -9.44
C MET I 200 18.53 42.45 -9.06
N TYR I 201 17.68 42.04 -10.01
CA TYR I 201 16.27 41.89 -9.71
C TYR I 201 16.04 40.84 -8.63
N ASP I 202 16.88 39.80 -8.59
CA ASP I 202 16.81 38.83 -7.51
C ASP I 202 16.96 39.51 -6.16
N THR I 203 18.00 40.33 -6.02
CA THR I 203 18.25 41.01 -4.75
C THR I 203 17.12 41.98 -4.40
N ALA I 204 16.59 42.67 -5.41
CA ALA I 204 15.47 43.57 -5.17
C ALA I 204 14.25 42.82 -4.64
N VAL I 205 13.99 41.64 -5.20
CA VAL I 205 12.90 40.81 -4.70
C VAL I 205 13.21 40.31 -3.29
N GLU I 206 14.41 39.73 -3.12
CA GLU I 206 14.75 39.06 -1.87
C GLU I 206 14.86 40.05 -0.72
N GLU I 207 15.44 41.22 -0.96
CA GLU I 207 15.64 42.20 0.09
C GLU I 207 14.37 42.98 0.41
N MET I 208 13.31 42.78 -0.35
CA MET I 208 11.98 43.30 -0.04
C MET I 208 11.13 42.31 0.72
N GLY I 209 11.63 41.08 0.91
CA GLY I 209 10.92 40.06 1.64
C GLY I 209 9.96 39.22 0.83
N LYS I 210 9.99 39.31 -0.50
CA LYS I 210 9.07 38.58 -1.34
C LYS I 210 9.66 37.25 -1.79
N VAL I 211 8.79 36.35 -2.22
CA VAL I 211 9.22 35.08 -2.79
C VAL I 211 9.79 35.34 -4.18
N LEU I 212 10.99 34.82 -4.43
CA LEU I 212 11.60 34.89 -5.76
C LEU I 212 11.77 33.49 -6.32
N VAL I 213 11.37 33.31 -7.57
CA VAL I 213 11.71 32.14 -8.35
C VAL I 213 12.58 32.62 -9.51
N THR I 214 13.77 32.05 -9.64
CA THR I 214 14.65 32.32 -10.75
C THR I 214 15.16 31.00 -11.32
N THR I 215 15.42 30.99 -12.63
CA THR I 215 15.74 29.77 -13.36
C THR I 215 16.93 29.99 -14.26
N GLU I 216 17.46 28.88 -14.78
CA GLU I 216 18.38 28.87 -15.93
C GLU I 216 17.92 27.70 -16.79
N LEU I 217 17.03 27.97 -17.74
CA LEU I 217 16.39 26.92 -18.54
C LEU I 217 17.06 26.87 -19.91
N GLY I 218 18.17 26.14 -19.99
CA GLY I 218 18.87 26.00 -21.25
C GLY I 218 19.67 27.24 -21.64
N GLY I 219 19.56 27.63 -22.90
CA GLY I 219 20.26 28.79 -23.39
C GLY I 219 20.56 28.63 -24.88
N GLY I 220 21.57 29.37 -25.33
CA GLY I 220 21.94 29.37 -26.72
C GLY I 220 21.20 30.37 -27.57
N GLY I 221 20.25 31.10 -27.00
CA GLY I 221 19.40 31.97 -27.79
C GLY I 221 18.21 31.28 -28.41
N SER I 222 17.74 30.19 -27.81
CA SER I 222 16.64 29.43 -28.39
C SER I 222 16.05 28.51 -27.35
N SER I 223 14.84 28.03 -27.64
CA SER I 223 14.10 27.15 -26.74
C SER I 223 13.53 25.96 -27.50
N SER I 224 13.55 24.80 -26.85
CA SER I 224 12.98 23.58 -27.39
C SER I 224 11.56 23.40 -26.89
N ALA I 225 10.83 22.49 -27.54
CA ALA I 225 9.53 22.08 -27.00
C ALA I 225 9.70 21.50 -25.60
N ARG I 226 10.82 20.81 -25.38
CA ARG I 226 11.17 20.25 -24.09
C ARG I 226 11.32 21.33 -23.02
N SER I 227 12.17 22.32 -23.28
CA SER I 227 12.48 23.33 -22.27
C SER I 227 11.36 24.36 -22.12
N ASN I 228 10.59 24.61 -23.18
CA ASN I 228 9.36 25.38 -23.02
C ASN I 228 8.44 24.71 -22.02
N ALA I 229 8.32 23.38 -22.09
CA ALA I 229 7.46 22.66 -21.15
C ALA I 229 7.98 22.75 -19.73
N ILE I 230 9.31 22.71 -19.55
CA ILE I 230 9.89 22.87 -18.22
C ILE I 230 9.48 24.21 -17.63
N ALA I 231 9.45 25.25 -18.46
CA ALA I 231 9.01 26.57 -17.99
C ALA I 231 7.52 26.56 -17.70
N LYS I 232 6.72 25.91 -18.55
CA LYS I 232 5.28 25.86 -18.33
C LYS I 232 4.95 25.06 -17.08
N LYS I 233 5.64 23.93 -16.87
CA LYS I 233 5.34 23.08 -15.73
C LYS I 233 5.56 23.82 -14.42
N GLY I 234 6.76 24.37 -14.23
CA GLY I 234 7.07 25.04 -12.98
C GLY I 234 6.31 26.34 -12.78
N LEU I 235 6.03 27.06 -13.86
CA LEU I 235 5.23 28.27 -13.76
C LEU I 235 3.85 27.96 -13.18
N ARG I 236 3.18 26.94 -13.72
CA ARG I 236 1.87 26.57 -13.20
C ARG I 236 1.98 26.02 -11.79
N ASN I 237 3.02 25.24 -11.50
CA ASN I 237 3.16 24.65 -10.17
C ASN I 237 3.41 25.70 -9.11
N VAL I 238 4.27 26.68 -9.40
CA VAL I 238 4.50 27.77 -8.46
C VAL I 238 3.22 28.57 -8.25
N LEU I 239 2.44 28.77 -9.31
CA LEU I 239 1.18 29.50 -9.19
C LEU I 239 0.14 28.69 -8.42
N ILE I 240 0.16 27.37 -8.56
CA ILE I 240 -0.64 26.53 -7.68
C ILE I 240 -0.10 26.60 -6.26
N HIS I 241 1.22 26.46 -6.12
CA HIS I 241 1.86 26.54 -4.81
C HIS I 241 1.54 27.85 -4.12
N ALA I 242 1.50 28.95 -4.87
CA ALA I 242 1.16 30.25 -4.30
C ALA I 242 -0.33 30.39 -4.00
N GLY I 243 -1.15 29.44 -4.44
CA GLY I 243 -2.57 29.54 -4.21
C GLY I 243 -3.29 30.44 -5.18
N ILE I 244 -2.68 30.76 -6.32
CA ILE I 244 -3.32 31.63 -7.31
C ILE I 244 -4.03 30.82 -8.38
N LEU I 245 -3.44 29.70 -8.80
CA LEU I 245 -4.08 28.74 -9.68
C LEU I 245 -4.38 27.46 -8.92
N LYS I 246 -5.35 26.71 -9.41
CA LYS I 246 -5.81 25.52 -8.72
C LYS I 246 -5.71 24.31 -9.63
N GLY I 247 -5.60 23.15 -8.99
CA GLY I 247 -5.22 21.92 -9.65
C GLY I 247 -4.07 21.29 -8.91
N GLU I 248 -3.79 20.02 -9.16
CA GLU I 248 -2.70 19.33 -8.49
C GLU I 248 -1.40 19.53 -9.26
N MET I 249 -0.32 19.69 -8.51
CA MET I 249 0.97 19.98 -9.11
C MET I 249 1.49 18.79 -9.91
N GLN I 250 2.45 19.07 -10.78
CA GLN I 250 3.11 18.05 -11.58
C GLN I 250 4.50 17.83 -11.00
N LEU I 251 4.72 16.62 -10.47
CA LEU I 251 5.88 16.31 -9.64
C LEU I 251 6.73 15.27 -10.35
N ASP I 252 7.99 15.62 -10.63
CA ASP I 252 8.97 14.71 -11.23
C ASP I 252 10.19 14.69 -10.33
N GLU I 253 11.11 13.77 -10.59
CA GLU I 253 12.33 13.79 -9.79
C GLU I 253 13.23 14.92 -10.27
N THR I 254 13.99 15.47 -9.33
CA THR I 254 14.93 16.55 -9.58
C THR I 254 16.27 16.18 -8.98
N VAL I 255 17.33 16.73 -9.57
CA VAL I 255 18.69 16.53 -9.08
C VAL I 255 19.16 17.84 -8.46
N ASN I 256 19.47 17.80 -7.17
CA ASN I 256 19.90 18.98 -6.45
C ASN I 256 21.41 19.18 -6.62
N LEU I 257 21.80 20.40 -6.98
CA LEU I 257 23.18 20.72 -7.28
C LEU I 257 23.60 21.93 -6.46
N THR I 258 24.89 22.02 -6.18
CA THR I 258 25.48 23.19 -5.56
C THR I 258 26.73 23.59 -6.33
N MET I 259 27.12 24.85 -6.18
CA MET I 259 28.34 25.40 -6.75
C MET I 259 29.14 25.99 -5.59
N PRO I 260 29.78 25.14 -4.79
CA PRO I 260 30.35 25.62 -3.52
C PRO I 260 31.65 26.39 -3.68
N ASP I 261 32.40 26.13 -4.74
CA ASP I 261 33.77 26.63 -4.84
C ASP I 261 33.96 27.49 -6.08
N ASP I 262 34.96 28.38 -5.98
CA ASP I 262 35.55 28.96 -7.17
C ASP I 262 36.16 27.90 -8.07
N ASP I 263 36.50 26.73 -7.52
CA ASP I 263 36.97 25.60 -8.31
C ASP I 263 35.89 25.02 -9.22
N CYS I 264 34.64 25.47 -9.09
CA CYS I 264 33.59 25.04 -10.00
C CYS I 264 33.73 25.71 -11.36
N PHE I 265 34.37 26.86 -11.42
CA PHE I 265 34.42 27.67 -12.62
C PHE I 265 35.71 27.45 -13.38
N VAL I 266 35.61 27.51 -14.70
CA VAL I 266 36.74 27.42 -15.62
C VAL I 266 36.60 28.55 -16.62
N PHE I 267 37.62 29.39 -16.73
CA PHE I 267 37.57 30.56 -17.60
C PHE I 267 38.66 30.48 -18.66
N SER I 268 38.35 31.03 -19.84
CA SER I 268 39.29 31.00 -20.94
C SER I 268 40.29 32.14 -20.84
N GLU I 269 41.48 31.90 -21.38
CA GLU I 269 42.60 32.82 -21.34
C GLU I 269 43.17 33.03 -22.74
N GLY I 270 42.32 32.85 -23.75
CA GLY I 270 42.73 33.03 -25.14
C GLY I 270 41.57 32.88 -26.11
N ASP I 271 41.67 33.54 -27.26
CA ASP I 271 40.65 33.40 -28.29
C ASP I 271 40.90 32.15 -29.12
N GLY I 272 39.84 31.62 -29.72
CA GLY I 272 40.00 30.52 -30.64
C GLY I 272 38.71 29.76 -30.86
N LEU I 273 38.85 28.68 -31.62
CA LEU I 273 37.73 27.79 -31.92
C LEU I 273 37.48 26.87 -30.73
N PHE I 274 36.25 26.89 -30.21
CA PHE I 274 35.91 26.18 -28.98
C PHE I 274 35.50 24.75 -29.30
N GLU I 275 36.21 23.78 -28.72
CA GLU I 275 35.84 22.37 -28.83
C GLU I 275 35.55 21.82 -27.45
N MET I 276 34.27 21.62 -27.16
CA MET I 276 33.85 21.00 -25.91
C MET I 276 34.13 19.50 -25.96
N MET I 277 34.75 18.97 -24.90
CA MET I 277 35.14 17.56 -24.85
C MET I 277 34.22 16.71 -23.96
N ILE I 278 33.74 17.27 -22.85
CA ILE I 278 32.69 16.68 -22.03
C ILE I 278 31.58 17.70 -21.97
N ASP I 279 30.36 17.26 -21.68
CA ASP I 279 29.26 18.09 -22.13
C ASP I 279 28.14 18.22 -21.10
N LEU I 280 27.22 19.13 -21.44
CA LEU I 280 26.19 19.61 -20.52
C LEU I 280 25.40 18.45 -19.95
N GLY I 281 25.48 18.29 -18.63
CA GLY I 281 24.80 17.23 -17.94
C GLY I 281 25.59 15.94 -17.81
N ALA I 282 26.79 15.87 -18.39
CA ALA I 282 27.59 14.64 -18.31
C ALA I 282 28.49 14.66 -17.09
N PRO I 283 28.84 13.50 -16.57
CA PRO I 283 29.76 13.44 -15.43
C PRO I 283 31.16 13.91 -15.81
N VAL I 284 31.82 14.54 -14.85
CA VAL I 284 33.20 15.01 -15.03
C VAL I 284 33.96 14.76 -13.73
N ALA I 285 35.17 14.25 -13.85
CA ALA I 285 36.07 14.08 -12.72
C ALA I 285 37.00 15.27 -12.63
N LYS I 286 37.60 15.44 -11.45
CA LYS I 286 38.62 16.46 -11.30
C LYS I 286 39.82 16.13 -12.17
N GLY I 287 40.25 17.11 -12.98
CA GLY I 287 41.34 16.91 -13.91
C GLY I 287 40.93 16.45 -15.28
N ASP I 288 39.66 16.08 -15.48
CA ASP I 288 39.19 15.70 -16.81
C ASP I 288 39.28 16.89 -17.76
N LEU I 289 39.48 16.58 -19.04
CA LEU I 289 39.52 17.59 -20.10
C LEU I 289 38.11 18.09 -20.39
N LEU I 290 37.83 19.34 -20.02
CA LEU I 290 36.50 19.89 -20.29
C LEU I 290 36.37 20.35 -21.74
N ALA I 291 37.35 21.10 -22.22
CA ALA I 291 37.28 21.69 -23.55
C ALA I 291 38.68 22.00 -24.04
N ARG I 292 38.83 21.97 -25.36
CA ARG I 292 40.05 22.41 -26.02
C ARG I 292 39.71 23.60 -26.92
N VAL I 293 40.67 24.49 -27.11
CA VAL I 293 40.49 25.66 -27.96
C VAL I 293 41.62 25.70 -28.97
N TRP I 294 41.26 25.73 -30.24
CA TRP I 294 42.06 25.71 -31.46
C TRP I 294 42.32 27.14 -31.94
N PRO I 295 43.48 27.37 -32.55
CA PRO I 295 43.79 28.74 -33.03
C PRO I 295 42.91 29.13 -34.19
N LEU I 296 42.67 30.44 -34.30
CA LEU I 296 41.79 30.95 -35.34
C LEU I 296 42.52 31.17 -36.66
N ASP I 297 43.80 31.54 -36.62
CA ASP I 297 44.52 31.95 -37.80
C ASP I 297 45.62 30.98 -38.20
N ARG I 298 45.62 29.76 -37.66
CA ARG I 298 46.69 28.81 -37.93
C ARG I 298 46.13 27.39 -37.95
N THR I 299 46.93 26.49 -38.52
CA THR I 299 46.69 25.06 -38.45
C THR I 299 47.97 24.36 -38.01
N GLY I 300 47.81 23.16 -37.47
CA GLY I 300 48.94 22.32 -37.11
C GLY I 300 49.47 22.49 -35.70
N GLN I 301 48.81 23.28 -34.86
CA GLN I 301 49.26 23.62 -33.53
C GLN I 301 48.41 22.91 -32.49
N PRO I 302 49.00 22.42 -31.41
CA PRO I 302 48.21 21.72 -30.40
C PRO I 302 47.21 22.64 -29.75
N PRO I 303 46.05 22.13 -29.35
CA PRO I 303 45.03 23.00 -28.76
C PRO I 303 45.40 23.45 -27.36
N VAL I 304 44.73 24.51 -26.93
CA VAL I 304 44.78 24.91 -25.53
C VAL I 304 43.76 24.08 -24.76
N GLU I 305 44.22 23.44 -23.69
CA GLU I 305 43.39 22.54 -22.92
C GLU I 305 42.89 23.22 -21.65
N TYR I 306 41.62 22.98 -21.33
CA TYR I 306 41.03 23.39 -20.06
C TYR I 306 40.51 22.15 -19.33
N ARG I 307 40.81 22.08 -18.04
CA ARG I 307 40.47 20.92 -17.23
C ARG I 307 39.62 21.33 -16.04
N ALA I 308 38.78 20.40 -15.59
CA ALA I 308 37.92 20.65 -14.45
C ALA I 308 38.71 20.57 -13.15
N ARG I 309 38.48 21.53 -12.26
CA ARG I 309 39.14 21.56 -10.97
C ARG I 309 38.22 21.07 -9.86
N ARG I 310 37.10 20.45 -10.22
CA ARG I 310 36.12 19.92 -9.30
C ARG I 310 35.36 18.83 -10.06
N ALA I 311 34.92 17.82 -9.33
CA ALA I 311 34.16 16.72 -9.94
C ALA I 311 32.66 16.95 -9.79
N GLY I 312 31.91 16.38 -10.71
CA GLY I 312 30.47 16.52 -10.69
C GLY I 312 29.90 16.37 -12.09
N LEU I 313 28.91 17.21 -12.39
CA LEU I 313 28.24 17.22 -13.70
C LEU I 313 28.40 18.60 -14.33
N VAL I 314 28.56 18.61 -15.65
CA VAL I 314 28.69 19.87 -16.38
C VAL I 314 27.33 20.55 -16.41
N ILE I 315 27.16 21.61 -15.61
CA ILE I 315 25.89 22.30 -15.52
C ILE I 315 25.82 23.54 -16.40
N SER I 316 26.96 23.99 -16.94
CA SER I 316 26.98 25.18 -17.79
C SER I 316 28.19 25.09 -18.70
N ARG I 317 28.09 25.73 -19.86
CA ARG I 317 29.24 25.77 -20.77
C ARG I 317 29.10 26.97 -21.71
N HIS I 318 30.25 27.39 -22.21
CA HIS I 318 30.32 28.38 -23.29
C HIS I 318 29.63 27.84 -24.54
N PHE I 319 28.63 28.56 -25.03
CA PHE I 319 27.85 28.09 -26.17
C PHE I 319 28.53 28.32 -27.52
N PRO I 320 28.95 29.55 -27.87
CA PRO I 320 29.37 29.82 -29.25
C PRO I 320 30.62 29.03 -29.65
N GLY I 321 30.72 28.76 -30.95
CA GLY I 321 31.89 28.06 -31.47
C GLY I 321 33.16 28.87 -31.38
N LEU I 322 33.04 30.20 -31.37
CA LEU I 322 34.17 31.10 -31.15
C LEU I 322 34.18 31.54 -29.70
N ILE I 323 35.32 31.36 -29.04
CA ILE I 323 35.48 31.73 -27.64
C ILE I 323 36.49 32.86 -27.56
N LYS I 324 36.31 33.73 -26.57
CA LYS I 324 37.20 34.86 -26.34
C LYS I 324 37.87 34.71 -24.97
N SER I 325 39.05 35.32 -24.84
CA SER I 325 39.75 35.27 -23.55
C SER I 325 38.92 35.96 -22.48
N GLY I 326 38.81 35.31 -21.32
CA GLY I 326 37.94 35.78 -20.27
C GLY I 326 36.55 35.17 -20.27
N ASP I 327 36.15 34.52 -21.36
CA ASP I 327 34.85 33.88 -21.42
C ASP I 327 34.78 32.70 -20.45
N CYS I 328 33.57 32.39 -20.01
CA CYS I 328 33.37 31.24 -19.14
C CYS I 328 33.49 29.96 -19.95
N VAL I 329 34.46 29.11 -19.60
CA VAL I 329 34.62 27.84 -20.29
C VAL I 329 33.47 26.90 -19.93
N ALA I 330 33.29 26.63 -18.64
CA ALA I 330 32.29 25.70 -18.17
C ALA I 330 32.12 25.86 -16.67
N VAL I 331 31.03 25.30 -16.14
CA VAL I 331 30.73 25.33 -14.72
C VAL I 331 30.34 23.92 -14.29
N VAL I 332 30.91 23.46 -13.18
CA VAL I 332 30.68 22.11 -12.66
C VAL I 332 29.79 22.22 -11.42
N GLY I 333 28.71 21.44 -11.41
CA GLY I 333 27.85 21.32 -10.25
C GLY I 333 28.15 20.04 -9.48
N VAL I 334 27.98 20.12 -8.16
CA VAL I 334 28.40 19.05 -7.25
C VAL I 334 27.22 18.14 -6.95
N THR I 335 27.49 16.83 -6.93
CA THR I 335 26.52 15.79 -6.61
C THR I 335 25.17 16.00 -7.31
N GLN J 9 -24.52 -2.29 37.53
CA GLN J 9 -23.94 -3.62 37.64
C GLN J 9 -24.93 -4.67 37.18
N LYS J 10 -26.01 -4.21 36.55
CA LYS J 10 -27.11 -5.08 36.16
C LYS J 10 -26.75 -5.90 34.94
N ASN J 11 -26.91 -7.22 35.04
CA ASN J 11 -26.60 -8.11 33.94
C ASN J 11 -27.54 -7.85 32.76
N PRO J 12 -27.02 -7.75 31.53
CA PRO J 12 -27.88 -7.36 30.40
C PRO J 12 -28.83 -8.45 29.92
N ILE J 13 -28.67 -9.70 30.36
CA ILE J 13 -29.54 -10.77 29.88
C ILE J 13 -30.94 -10.56 30.44
N SER J 14 -31.95 -10.80 29.60
CA SER J 14 -33.34 -10.75 30.02
C SER J 14 -34.07 -11.88 29.29
N PRO J 15 -34.87 -12.68 30.00
CA PRO J 15 -35.62 -13.74 29.33
C PRO J 15 -36.79 -13.17 28.52
N THR J 16 -37.20 -13.95 27.52
CA THR J 16 -38.38 -13.64 26.73
C THR J 16 -39.64 -14.27 27.31
N ILE J 17 -39.51 -15.07 28.37
CA ILE J 17 -40.62 -15.75 29.00
C ILE J 17 -40.54 -15.51 30.50
N PRO J 18 -41.64 -15.69 31.23
CA PRO J 18 -41.58 -15.57 32.69
C PRO J 18 -40.83 -16.73 33.31
N LEU J 19 -40.06 -16.43 34.36
CA LEU J 19 -39.44 -17.45 35.18
C LEU J 19 -40.26 -17.78 36.42
N ASP J 20 -41.43 -17.16 36.57
CA ASP J 20 -42.06 -16.99 37.87
C ASP J 20 -43.51 -17.43 37.93
N ARG J 21 -44.13 -17.81 36.82
CA ARG J 21 -45.57 -18.03 36.77
C ARG J 21 -45.88 -19.42 36.25
N ASP J 22 -47.01 -19.96 36.69
CA ASP J 22 -47.38 -21.34 36.38
C ASP J 22 -47.56 -21.54 34.88
N GLY J 23 -47.31 -22.76 34.43
CA GLY J 23 -47.45 -23.14 33.04
C GLY J 23 -46.15 -23.59 32.43
N VAL J 24 -46.24 -24.00 31.16
CA VAL J 24 -45.07 -24.41 30.39
C VAL J 24 -44.71 -23.27 29.44
N PHE J 25 -43.48 -22.79 29.54
CA PHE J 25 -43.03 -21.65 28.74
C PHE J 25 -41.76 -22.02 27.98
N HIS J 26 -41.71 -21.64 26.71
CA HIS J 26 -40.55 -21.86 25.86
C HIS J 26 -40.13 -20.53 25.27
N GLY J 27 -38.93 -20.07 25.63
CA GLY J 27 -38.43 -18.79 25.19
C GLY J 27 -36.92 -18.79 25.16
N PHE J 28 -36.33 -17.61 25.39
CA PHE J 28 -34.88 -17.47 25.29
C PHE J 28 -34.35 -16.58 26.41
N LEU J 29 -33.10 -16.82 26.76
CA LEU J 29 -32.30 -15.88 27.53
C LEU J 29 -31.59 -14.99 26.52
N LYS J 30 -32.08 -13.77 26.37
CA LYS J 30 -31.58 -12.86 25.35
C LYS J 30 -30.38 -12.11 25.88
N LEU J 31 -29.20 -12.39 25.31
CA LEU J 31 -27.97 -11.71 25.70
C LEU J 31 -27.54 -10.80 24.56
N PRO J 32 -27.61 -9.48 24.74
CA PRO J 32 -27.20 -8.56 23.66
C PRO J 32 -25.74 -8.78 23.27
N HIS J 33 -25.49 -8.87 21.98
CA HIS J 33 -24.16 -9.22 21.48
C HIS J 33 -23.97 -8.50 20.13
N SER J 34 -23.38 -7.31 20.19
CA SER J 34 -23.07 -6.55 18.99
C SER J 34 -21.71 -6.99 18.44
N ARG J 35 -21.66 -7.19 17.14
CA ARG J 35 -20.52 -7.83 16.50
C ARG J 35 -20.56 -7.49 15.02
N ASP J 36 -19.50 -7.91 14.31
CA ASP J 36 -19.38 -7.58 12.89
C ASP J 36 -20.56 -8.12 12.08
N ASP J 37 -21.05 -9.31 12.40
CA ASP J 37 -22.11 -9.92 11.61
C ASP J 37 -23.50 -9.48 12.04
N SER J 38 -23.64 -8.79 13.18
CA SER J 38 -24.96 -8.36 13.65
C SER J 38 -24.77 -7.19 14.61
N ALA J 39 -25.15 -5.98 14.17
CA ALA J 39 -24.84 -4.78 14.94
C ALA J 39 -25.72 -4.68 16.19
N TRP J 40 -26.98 -5.09 16.11
CA TRP J 40 -27.90 -5.08 17.24
C TRP J 40 -28.36 -6.50 17.56
N GLY J 41 -27.47 -7.47 17.38
CA GLY J 41 -27.81 -8.86 17.52
C GLY J 41 -27.79 -9.34 18.95
N SER J 42 -28.00 -10.64 19.10
CA SER J 42 -28.09 -11.27 20.41
C SER J 42 -27.68 -12.72 20.31
N VAL J 43 -27.26 -13.28 21.44
CA VAL J 43 -27.17 -14.73 21.61
C VAL J 43 -28.47 -15.16 22.27
N MET J 44 -29.30 -15.89 21.52
CA MET J 44 -30.61 -16.31 22.01
C MET J 44 -30.45 -17.70 22.62
N ILE J 45 -30.27 -17.73 23.94
CA ILE J 45 -30.07 -18.98 24.66
C ILE J 45 -31.42 -19.65 24.88
N PRO J 46 -31.68 -20.79 24.26
CA PRO J 46 -32.98 -21.44 24.44
C PRO J 46 -33.16 -21.91 25.88
N LEU J 47 -34.39 -21.82 26.37
CA LEU J 47 -34.71 -22.34 27.68
C LEU J 47 -36.20 -22.63 27.77
N THR J 48 -36.54 -23.53 28.69
CA THR J 48 -37.93 -23.87 29.01
C THR J 48 -38.10 -23.75 30.53
N VAL J 49 -39.17 -23.09 30.95
CA VAL J 49 -39.51 -23.00 32.37
C VAL J 49 -40.88 -23.65 32.55
N ILE J 50 -40.95 -24.64 33.43
CA ILE J 50 -42.20 -25.31 33.78
C ILE J 50 -42.39 -25.15 35.29
N LYS J 51 -43.47 -24.47 35.67
CA LYS J 51 -43.77 -24.18 37.07
C LYS J 51 -45.19 -24.60 37.38
N ASN J 52 -45.39 -25.15 38.58
CA ASN J 52 -46.73 -25.58 39.00
C ASN J 52 -46.77 -25.55 40.52
N GLY J 53 -47.56 -24.61 41.07
CA GLY J 53 -47.78 -24.54 42.50
C GLY J 53 -46.51 -24.24 43.27
N ALA J 54 -46.45 -24.77 44.48
CA ALA J 54 -45.32 -24.58 45.37
C ALA J 54 -44.46 -25.83 45.42
N GLY J 55 -43.14 -25.63 45.39
CA GLY J 55 -42.21 -26.72 45.46
C GLY J 55 -40.79 -26.25 45.16
N PRO J 56 -39.84 -27.18 45.16
CA PRO J 56 -38.44 -26.81 44.90
C PRO J 56 -38.20 -26.48 43.43
N THR J 57 -37.13 -25.71 43.21
CA THR J 57 -36.69 -25.31 41.89
C THR J 57 -35.43 -26.07 41.50
N ALA J 58 -35.45 -26.68 40.32
CA ALA J 58 -34.27 -27.33 39.76
C ALA J 58 -33.76 -26.52 38.59
N LEU J 59 -32.47 -26.18 38.62
CA LEU J 59 -31.80 -25.51 37.51
C LEU J 59 -30.99 -26.56 36.76
N LEU J 60 -31.43 -26.89 35.54
CA LEU J 60 -30.89 -28.01 34.78
C LEU J 60 -30.14 -27.48 33.57
N THR J 61 -28.84 -27.77 33.51
CA THR J 61 -27.98 -27.28 32.44
C THR J 61 -27.28 -28.44 31.74
N GLY J 62 -27.24 -28.36 30.41
CA GLY J 62 -26.38 -29.22 29.63
C GLY J 62 -25.51 -28.38 28.73
N ALA J 63 -24.45 -29.01 28.21
CA ALA J 63 -23.51 -28.34 27.32
C ALA J 63 -22.87 -27.13 27.98
N ASN J 64 -22.51 -27.27 29.26
CA ASN J 64 -21.52 -26.38 29.87
C ASN J 64 -20.30 -26.30 28.97
N HIS J 65 -19.83 -27.45 28.51
CA HIS J 65 -18.91 -27.55 27.39
C HIS J 65 -19.69 -28.07 26.19
N GLY J 66 -19.48 -27.44 25.03
CA GLY J 66 -20.42 -27.55 23.92
C GLY J 66 -20.44 -28.89 23.21
N ASP J 67 -19.37 -29.67 23.29
CA ASP J 67 -19.28 -30.93 22.56
C ASP J 67 -19.60 -32.13 23.45
N GLU J 68 -20.56 -31.97 24.38
CA GLU J 68 -20.98 -33.03 25.29
C GLU J 68 -22.50 -33.07 25.28
N TYR J 69 -23.07 -34.20 24.84
CA TYR J 69 -24.41 -34.21 24.27
C TYR J 69 -25.46 -35.00 25.04
N GLU J 70 -25.07 -35.90 25.95
CA GLU J 70 -26.07 -36.67 26.68
C GLU J 70 -27.04 -35.76 27.43
N GLY J 71 -26.50 -34.77 28.14
CA GLY J 71 -27.31 -33.81 28.84
C GLY J 71 -28.25 -33.04 27.95
N PRO J 72 -27.71 -32.34 26.95
CA PRO J 72 -28.60 -31.63 26.00
C PRO J 72 -29.67 -32.52 25.39
N VAL J 73 -29.38 -33.80 25.15
CA VAL J 73 -30.40 -34.71 24.67
C VAL J 73 -31.46 -34.94 25.74
N ALA J 74 -31.03 -35.32 26.94
CA ALA J 74 -31.97 -35.60 28.03
C ALA J 74 -32.78 -34.36 28.41
N LEU J 75 -32.16 -33.18 28.33
CA LEU J 75 -32.85 -31.96 28.71
C LEU J 75 -33.85 -31.51 27.65
N HIS J 76 -33.54 -31.73 26.36
CA HIS J 76 -34.48 -31.39 25.30
C HIS J 76 -35.75 -32.22 25.41
N GLU J 77 -35.61 -33.52 25.65
CA GLU J 77 -36.80 -34.38 25.82
C GLU J 77 -37.60 -33.96 27.05
N LEU J 78 -36.92 -33.62 28.14
CA LEU J 78 -37.63 -33.17 29.34
C LEU J 78 -38.41 -31.90 29.07
N ALA J 79 -37.83 -30.98 28.29
CA ALA J 79 -38.50 -29.72 28.03
C ALA J 79 -39.73 -29.90 27.12
N ALA J 80 -39.68 -30.85 26.20
CA ALA J 80 -40.74 -31.00 25.21
C ALA J 80 -41.83 -32.00 25.63
N THR J 81 -41.61 -32.78 26.69
CA THR J 81 -42.52 -33.87 27.02
C THR J 81 -43.06 -33.78 28.45
N THR J 82 -42.82 -32.70 29.16
CA THR J 82 -43.24 -32.58 30.56
C THR J 82 -44.42 -31.63 30.68
N SER J 83 -45.49 -32.12 31.29
CA SER J 83 -46.66 -31.31 31.57
C SER J 83 -46.44 -30.48 32.83
N ALA J 84 -47.04 -29.28 32.84
CA ALA J 84 -46.99 -28.46 34.04
C ALA J 84 -47.63 -29.20 35.21
N GLU J 85 -48.74 -29.88 34.94
CA GLU J 85 -49.46 -30.61 35.98
C GLU J 85 -48.68 -31.83 36.48
N ASP J 86 -47.58 -32.20 35.81
CA ASP J 86 -46.65 -33.20 36.31
C ASP J 86 -45.66 -32.64 37.34
N VAL J 87 -45.69 -31.34 37.57
CA VAL J 87 -44.67 -30.65 38.36
C VAL J 87 -45.27 -30.19 39.68
N THR J 88 -44.49 -30.27 40.75
CA THR J 88 -44.80 -29.58 42.01
C THR J 88 -43.54 -28.78 42.34
N GLY J 89 -43.46 -27.57 41.79
CA GLY J 89 -42.28 -26.75 41.93
C GLY J 89 -41.96 -25.98 40.67
N ARG J 90 -40.70 -26.00 40.27
CA ARG J 90 -40.27 -25.28 39.07
C ARG J 90 -39.08 -25.99 38.45
N LEU J 91 -39.13 -26.13 37.13
CA LEU J 91 -38.02 -26.61 36.33
C LEU J 91 -37.55 -25.47 35.43
N ILE J 92 -36.28 -25.10 35.54
CA ILE J 92 -35.65 -24.14 34.65
C ILE J 92 -34.67 -24.93 33.79
N ILE J 93 -35.06 -25.20 32.55
CA ILE J 93 -34.37 -26.16 31.69
C ILE J 93 -33.61 -25.39 30.62
N VAL J 94 -32.28 -25.51 30.65
CA VAL J 94 -31.41 -24.93 29.65
C VAL J 94 -30.56 -26.05 29.05
N PRO J 95 -30.97 -26.59 27.90
CA PRO J 95 -30.25 -27.75 27.35
C PRO J 95 -28.85 -27.43 26.85
N ALA J 96 -28.61 -26.21 26.38
CA ALA J 96 -27.30 -25.78 25.91
C ALA J 96 -26.86 -24.58 26.72
N PHE J 97 -25.92 -24.80 27.64
CA PHE J 97 -25.56 -23.83 28.67
C PHE J 97 -24.57 -22.80 28.12
N ASN J 98 -23.40 -23.26 27.65
CA ASN J 98 -22.54 -22.40 26.84
C ASN J 98 -23.02 -22.53 25.39
N TYR J 99 -24.10 -21.82 25.11
CA TYR J 99 -24.78 -21.98 23.83
C TYR J 99 -23.91 -21.68 22.62
N PRO J 100 -23.11 -20.61 22.58
CA PRO J 100 -22.23 -20.43 21.40
C PRO J 100 -21.28 -21.59 21.16
N ALA J 101 -20.70 -22.13 22.23
CA ALA J 101 -19.86 -23.32 22.09
C ALA J 101 -20.67 -24.50 21.55
N PHE J 102 -21.89 -24.66 22.05
CA PHE J 102 -22.75 -25.75 21.59
C PHE J 102 -23.00 -25.64 20.10
N ARG J 103 -23.41 -24.46 19.64
CA ARG J 103 -23.69 -24.27 18.22
C ARG J 103 -22.45 -24.47 17.36
N ALA J 104 -21.28 -24.13 17.89
CA ALA J 104 -20.03 -24.34 17.17
C ALA J 104 -19.49 -25.76 17.32
N GLY J 105 -20.11 -26.58 18.16
CA GLY J 105 -19.65 -27.94 18.37
C GLY J 105 -18.33 -28.06 19.08
N SER J 106 -17.93 -27.06 19.86
CA SER J 106 -16.63 -27.04 20.50
C SER J 106 -16.77 -26.96 22.01
N ARG J 107 -15.70 -27.38 22.71
CA ARG J 107 -15.68 -27.29 24.17
C ARG J 107 -15.85 -25.85 24.63
N THR J 108 -15.08 -24.93 24.05
CA THR J 108 -15.12 -23.52 24.40
C THR J 108 -15.81 -22.73 23.31
N SER J 109 -16.22 -21.51 23.66
CA SER J 109 -17.01 -20.69 22.76
C SER J 109 -16.17 -20.21 21.58
N PRO J 110 -16.77 -20.06 20.40
CA PRO J 110 -16.02 -19.48 19.29
C PRO J 110 -15.83 -17.98 19.42
N ILE J 111 -16.72 -17.31 20.16
CA ILE J 111 -16.64 -15.86 20.27
C ILE J 111 -15.40 -15.43 21.04
N ASP J 112 -15.14 -16.09 22.18
CA ASP J 112 -14.10 -15.64 23.09
C ASP J 112 -13.26 -16.80 23.61
N ARG J 113 -13.43 -18.01 23.06
CA ARG J 113 -12.74 -19.21 23.49
C ARG J 113 -12.89 -19.46 24.98
N GLY J 114 -13.96 -18.93 25.56
CA GLY J 114 -14.17 -19.01 27.00
C GLY J 114 -14.57 -20.41 27.43
N ASN J 115 -13.88 -20.92 28.44
CA ASN J 115 -14.28 -22.15 29.12
C ASN J 115 -15.29 -21.79 30.20
N LEU J 116 -16.56 -22.12 29.95
CA LEU J 116 -17.63 -21.69 30.85
C LEU J 116 -17.44 -22.23 32.26
N ASN J 117 -16.95 -23.47 32.38
CA ASN J 117 -16.73 -24.05 33.70
C ASN J 117 -15.48 -23.54 34.38
N ARG J 118 -14.85 -22.49 33.84
CA ARG J 118 -13.78 -21.78 34.52
C ARG J 118 -14.01 -20.28 34.52
N SER J 119 -15.26 -19.86 34.32
CA SER J 119 -15.61 -18.45 34.16
C SER J 119 -16.38 -17.89 35.35
N PHE J 120 -16.62 -18.67 36.37
CA PHE J 120 -17.44 -18.07 37.40
C PHE J 120 -16.56 -17.35 38.42
N PRO J 121 -17.08 -16.32 39.11
CA PRO J 121 -18.45 -15.78 39.01
C PRO J 121 -18.74 -14.88 37.79
N GLY J 122 -17.72 -14.45 37.05
CA GLY J 122 -17.93 -13.66 35.84
C GLY J 122 -18.02 -12.16 36.09
N ARG J 123 -18.19 -11.42 34.99
CA ARG J 123 -18.58 -10.01 35.02
C ARG J 123 -19.90 -9.82 34.28
N PRO J 124 -20.76 -8.90 34.74
CA PRO J 124 -21.92 -8.52 33.93
C PRO J 124 -21.55 -7.71 32.71
N ASP J 125 -20.46 -6.96 32.77
CA ASP J 125 -19.89 -6.27 31.60
C ASP J 125 -18.78 -7.09 30.96
N GLY J 126 -19.02 -8.37 30.71
CA GLY J 126 -17.96 -9.28 30.38
C GLY J 126 -17.96 -9.75 28.94
N THR J 127 -17.11 -10.74 28.68
CA THR J 127 -17.27 -11.56 27.50
C THR J 127 -18.64 -12.23 27.55
N VAL J 128 -19.07 -12.75 26.40
CA VAL J 128 -20.36 -13.42 26.36
C VAL J 128 -20.36 -14.62 27.30
N THR J 129 -19.22 -15.30 27.40
CA THR J 129 -19.11 -16.40 28.36
C THR J 129 -19.17 -15.89 29.80
N GLU J 130 -18.50 -14.76 30.08
CA GLU J 130 -18.54 -14.21 31.42
C GLU J 130 -19.91 -13.59 31.74
N LYS J 131 -20.64 -13.13 30.71
CA LYS J 131 -21.97 -12.61 30.94
C LYS J 131 -22.97 -13.73 31.19
N ILE J 132 -22.76 -14.90 30.58
CA ILE J 132 -23.61 -16.05 30.86
C ILE J 132 -23.35 -16.57 32.27
N ALA J 133 -22.07 -16.70 32.63
CA ALA J 133 -21.71 -17.18 33.96
C ALA J 133 -22.24 -16.25 35.04
N ASP J 134 -22.06 -14.94 34.86
CA ASP J 134 -22.54 -13.98 35.85
C ASP J 134 -24.06 -14.04 36.00
N TYR J 135 -24.77 -14.28 34.90
CA TYR J 135 -26.23 -14.34 34.98
C TYR J 135 -26.69 -15.53 35.81
N PHE J 136 -26.01 -16.67 35.68
CA PHE J 136 -26.38 -17.82 36.51
C PHE J 136 -25.90 -17.62 37.95
N GLN J 137 -24.78 -16.94 38.14
CA GLN J 137 -24.24 -16.72 39.48
C GLN J 137 -25.19 -15.88 40.32
N ARG J 138 -25.55 -14.69 39.83
CA ARG J 138 -26.28 -13.73 40.65
C ARG J 138 -27.78 -13.73 40.43
N THR J 139 -28.28 -14.29 39.32
CA THR J 139 -29.71 -14.26 39.02
C THR J 139 -30.36 -15.62 39.10
N LEU J 140 -29.82 -16.63 38.43
CA LEU J 140 -30.54 -17.88 38.28
C LEU J 140 -30.35 -18.84 39.45
N LEU J 141 -29.11 -19.07 39.89
CA LEU J 141 -28.89 -20.07 40.94
C LEU J 141 -29.52 -19.68 42.28
N PRO J 142 -29.52 -18.41 42.72
CA PRO J 142 -30.26 -18.08 43.96
C PRO J 142 -31.71 -18.53 43.92
N MET J 143 -32.31 -18.61 42.72
CA MET J 143 -33.64 -19.19 42.58
C MET J 143 -33.63 -20.70 42.75
N ALA J 144 -32.48 -21.35 42.56
CA ALA J 144 -32.43 -22.80 42.44
C ALA J 144 -32.26 -23.48 43.79
N ASP J 145 -33.02 -24.54 44.00
CA ASP J 145 -32.77 -25.47 45.09
C ASP J 145 -31.88 -26.62 44.67
N LEU J 146 -31.85 -26.93 43.38
CA LEU J 146 -31.14 -28.08 42.84
C LEU J 146 -30.52 -27.66 41.51
N ALA J 147 -29.25 -28.01 41.32
CA ALA J 147 -28.53 -27.70 40.09
C ALA J 147 -27.98 -28.98 39.51
N VAL J 148 -28.48 -29.38 38.35
CA VAL J 148 -27.98 -30.53 37.61
C VAL J 148 -27.23 -30.01 36.40
N ASP J 149 -25.93 -30.27 36.35
CA ASP J 149 -25.05 -29.75 35.31
C ASP J 149 -24.36 -30.93 34.63
N PHE J 150 -24.79 -31.24 33.41
CA PHE J 150 -24.33 -32.42 32.71
C PHE J 150 -22.95 -32.21 32.11
N HIS J 151 -22.13 -33.26 32.13
CA HIS J 151 -20.82 -33.23 31.52
C HIS J 151 -20.51 -34.60 30.95
N SER J 152 -19.69 -34.61 29.90
CA SER J 152 -19.18 -35.83 29.29
C SER J 152 -17.76 -35.54 28.80
N GLY J 153 -17.15 -36.54 28.16
CA GLY J 153 -15.74 -36.43 27.82
C GLY J 153 -15.42 -35.32 26.84
N GLY J 154 -16.33 -35.01 25.93
CA GLY J 154 -16.02 -34.12 24.84
C GLY J 154 -15.20 -34.83 23.78
N LYS J 155 -14.77 -34.05 22.77
CA LYS J 155 -14.09 -34.66 21.63
C LYS J 155 -12.73 -35.23 22.00
N THR J 156 -12.16 -34.84 23.13
CA THR J 156 -10.80 -35.24 23.49
C THR J 156 -10.73 -36.29 24.59
N LEU J 157 -11.85 -36.60 25.25
CA LEU J 157 -11.83 -37.55 26.35
C LEU J 157 -13.05 -38.46 26.26
N ASP J 158 -12.90 -39.66 26.81
CA ASP J 158 -13.99 -40.61 26.97
C ASP J 158 -13.99 -41.12 28.40
N PHE J 159 -15.19 -41.25 28.99
CA PHE J 159 -15.35 -41.66 30.37
C PHE J 159 -16.28 -42.85 30.48
N VAL J 160 -16.08 -43.64 31.51
CA VAL J 160 -17.17 -44.54 31.92
C VAL J 160 -18.28 -43.69 32.52
N PRO J 161 -19.55 -43.99 32.26
CA PRO J 161 -20.62 -43.08 32.68
C PRO J 161 -20.75 -43.06 34.19
N PHE J 162 -20.65 -41.86 34.76
CA PHE J 162 -20.69 -41.75 36.22
C PHE J 162 -21.22 -40.40 36.63
N ALA J 163 -21.93 -40.38 37.76
CA ALA J 163 -22.27 -39.16 38.46
C ALA J 163 -21.24 -38.92 39.55
N ALA J 164 -21.06 -37.65 39.90
CA ALA J 164 -19.96 -37.27 40.77
C ALA J 164 -20.47 -36.37 41.90
N ALA J 165 -19.67 -36.31 42.96
CA ALA J 165 -19.88 -35.38 44.05
C ALA J 165 -18.54 -35.12 44.70
N HIS J 166 -18.29 -33.86 45.05
CA HIS J 166 -17.00 -33.48 45.60
C HIS J 166 -16.99 -33.65 47.11
N ILE J 167 -15.79 -33.83 47.65
CA ILE J 167 -15.57 -33.83 49.10
C ILE J 167 -15.36 -32.39 49.52
N LEU J 168 -16.28 -31.87 50.34
CA LEU J 168 -16.32 -30.47 50.70
C LEU J 168 -15.94 -30.29 52.16
N GLU J 169 -15.14 -29.25 52.39
CA GLU J 169 -14.58 -28.95 53.72
C GLU J 169 -15.61 -29.04 54.83
N ASP J 170 -16.68 -28.30 54.69
CA ASP J 170 -17.30 -27.60 55.81
C ASP J 170 -18.72 -28.01 56.06
N LYS J 171 -19.40 -28.55 55.07
CA LYS J 171 -20.84 -28.38 54.96
C LYS J 171 -21.53 -29.73 54.97
N ALA J 172 -22.80 -29.71 55.38
CA ALA J 172 -23.69 -30.82 55.07
C ALA J 172 -24.13 -30.79 53.63
N THR J 173 -23.69 -29.79 52.87
CA THR J 173 -23.85 -29.78 51.42
C THR J 173 -23.33 -31.05 50.80
N GLN J 174 -22.26 -31.62 51.36
CA GLN J 174 -21.67 -32.84 50.83
C GLN J 174 -22.64 -34.01 50.93
N ALA J 175 -23.31 -34.16 52.08
CA ALA J 175 -24.26 -35.25 52.25
C ALA J 175 -25.44 -35.09 51.31
N ALA J 176 -25.88 -33.85 51.07
CA ALA J 176 -26.99 -33.62 50.16
C ALA J 176 -26.59 -33.95 48.72
N CYS J 177 -25.34 -33.65 48.35
CA CYS J 177 -24.88 -33.97 47.00
C CYS J 177 -24.70 -35.48 46.82
N PHE J 178 -24.18 -36.17 47.83
CA PHE J 178 -24.06 -37.61 47.75
C PHE J 178 -25.42 -38.27 47.64
N ALA J 179 -26.40 -37.78 48.40
CA ALA J 179 -27.74 -38.34 48.32
C ALA J 179 -28.33 -38.18 46.93
N ALA J 180 -28.15 -37.01 46.32
CA ALA J 180 -28.66 -36.80 44.97
C ALA J 180 -27.88 -37.60 43.94
N MET J 181 -26.56 -37.68 44.11
CA MET J 181 -25.75 -38.52 43.23
C MET J 181 -26.08 -40.00 43.41
N LYS J 182 -26.44 -40.40 44.62
CA LYS J 182 -26.96 -41.75 44.84
C LYS J 182 -28.24 -41.97 44.04
N ALA J 183 -29.12 -40.97 44.02
CA ALA J 183 -30.39 -41.10 43.31
C ALA J 183 -30.18 -41.17 41.81
N PHE J 184 -29.26 -40.38 41.27
CA PHE J 184 -28.93 -40.41 39.85
C PHE J 184 -28.68 -41.84 39.37
N ASN J 185 -27.97 -42.62 40.18
CA ASN J 185 -27.76 -44.05 39.95
C ASN J 185 -27.13 -44.33 38.59
N ALA J 186 -26.04 -43.61 38.30
CA ALA J 186 -25.24 -43.93 37.14
C ALA J 186 -24.59 -45.31 37.35
N PRO J 187 -24.14 -45.95 36.27
CA PRO J 187 -23.43 -47.24 36.45
C PRO J 187 -22.22 -47.14 37.34
N TYR J 188 -21.56 -45.98 37.38
CA TYR J 188 -20.47 -45.71 38.29
C TYR J 188 -20.80 -44.45 39.11
N SER J 189 -20.19 -44.35 40.29
CA SER J 189 -20.42 -43.23 41.18
C SER J 189 -19.10 -42.89 41.85
N VAL J 190 -18.65 -41.63 41.71
CA VAL J 190 -17.27 -41.27 41.96
C VAL J 190 -17.21 -40.10 42.93
N GLU J 191 -16.32 -40.21 43.93
CA GLU J 191 -15.93 -39.10 44.77
C GLU J 191 -14.82 -38.30 44.10
N LEU J 192 -14.86 -36.97 44.27
CA LEU J 192 -13.87 -36.09 43.70
C LEU J 192 -13.45 -35.04 44.72
N LEU J 193 -12.26 -34.47 44.52
CA LEU J 193 -11.86 -33.25 45.19
C LEU J 193 -11.27 -32.21 44.25
N GLU J 194 -10.74 -32.61 43.09
CA GLU J 194 -10.20 -31.68 42.12
C GLU J 194 -11.29 -31.21 41.16
N ASP J 196 -7.62 -27.98 41.77
CA ASP J 196 -7.92 -26.83 40.92
C ASP J 196 -9.42 -26.73 40.66
N SER J 197 -10.12 -26.00 41.52
CA SER J 197 -11.58 -25.90 41.43
C SER J 197 -12.08 -24.47 41.35
N ALA J 198 -11.18 -23.50 41.11
CA ALA J 198 -11.61 -22.11 41.02
C ALA J 198 -12.32 -21.87 39.69
N GLY J 199 -13.40 -21.09 39.74
CA GLY J 199 -14.15 -20.72 38.55
C GLY J 199 -15.15 -21.74 38.05
N MET J 200 -15.28 -22.88 38.72
CA MET J 200 -16.19 -23.93 38.26
C MET J 200 -17.62 -23.62 38.68
N TYR J 201 -18.57 -23.93 37.80
CA TYR J 201 -19.98 -23.92 38.17
C TYR J 201 -20.25 -24.87 39.31
N ASP J 202 -19.51 -26.00 39.34
CA ASP J 202 -19.51 -26.89 40.49
C ASP J 202 -19.27 -26.12 41.78
N THR J 203 -18.23 -25.28 41.79
CA THR J 203 -17.88 -24.54 43.00
C THR J 203 -18.94 -23.51 43.36
N ALA J 204 -19.59 -22.91 42.37
CA ALA J 204 -20.61 -21.91 42.65
C ALA J 204 -21.83 -22.53 43.32
N VAL J 205 -22.28 -23.68 42.85
CA VAL J 205 -23.41 -24.36 43.46
C VAL J 205 -23.07 -24.83 44.86
N GLU J 206 -21.87 -25.38 45.05
CA GLU J 206 -21.50 -25.97 46.33
C GLU J 206 -21.30 -24.90 47.39
N GLU J 207 -20.59 -23.81 47.05
CA GLU J 207 -20.32 -22.76 48.02
C GLU J 207 -21.56 -21.97 48.38
N MET J 208 -22.62 -22.07 47.57
CA MET J 208 -23.87 -21.38 47.84
C MET J 208 -24.81 -22.20 48.72
N GLY J 209 -24.41 -23.42 49.10
CA GLY J 209 -25.20 -24.27 49.97
C GLY J 209 -26.19 -25.16 49.26
N LYS J 210 -26.22 -25.15 47.92
CA LYS J 210 -27.24 -25.85 47.16
C LYS J 210 -26.73 -27.19 46.66
N VAL J 211 -27.67 -28.07 46.32
CA VAL J 211 -27.35 -29.44 45.91
C VAL J 211 -26.82 -29.43 44.48
N LEU J 212 -25.70 -30.10 44.26
CA LEU J 212 -25.09 -30.20 42.94
C LEU J 212 -25.15 -31.63 42.45
N VAL J 213 -25.55 -31.80 41.19
CA VAL J 213 -25.42 -33.07 40.49
C VAL J 213 -24.58 -32.80 39.24
N THR J 214 -23.43 -33.46 39.15
CA THR J 214 -22.59 -33.39 37.97
C THR J 214 -22.22 -34.81 37.55
N THR J 215 -21.92 -34.97 36.26
CA THR J 215 -21.67 -36.29 35.69
C THR J 215 -20.47 -36.24 34.75
N GLU J 216 -20.03 -37.43 34.35
CA GLU J 216 -19.16 -37.62 33.18
C GLU J 216 -19.77 -38.82 32.45
N LEU J 217 -20.65 -38.54 31.49
CA LEU J 217 -21.41 -39.59 30.81
C LEU J 217 -20.79 -39.82 29.42
N GLY J 218 -19.78 -40.67 29.37
CA GLY J 218 -19.19 -40.99 28.08
C GLY J 218 -18.35 -39.85 27.54
N GLY J 219 -18.28 -39.76 26.22
CA GLY J 219 -17.52 -38.71 25.58
C GLY J 219 -17.31 -39.00 24.11
N GLY J 220 -16.23 -38.43 23.57
CA GLY J 220 -15.89 -38.57 22.18
C GLY J 220 -16.57 -37.61 21.24
N GLY J 221 -17.37 -36.69 21.75
CA GLY J 221 -18.16 -35.83 20.88
C GLY J 221 -19.43 -36.46 20.38
N SER J 222 -19.93 -37.49 21.06
CA SER J 222 -21.14 -38.19 20.64
C SER J 222 -21.82 -38.81 21.86
N SER J 223 -23.05 -39.25 21.65
CA SER J 223 -23.83 -39.90 22.71
C SER J 223 -24.62 -41.04 22.09
N SER J 224 -24.57 -42.20 22.74
CA SER J 224 -25.27 -43.38 22.27
C SER J 224 -26.66 -43.45 22.88
N ALA J 225 -27.49 -44.34 22.32
CA ALA J 225 -28.83 -44.56 22.87
C ALA J 225 -28.77 -44.98 24.33
N ARG J 226 -27.76 -45.76 24.71
CA ARG J 226 -27.63 -46.19 26.10
C ARG J 226 -27.07 -45.08 26.96
N SER J 227 -26.11 -44.33 26.43
CA SER J 227 -25.56 -43.20 27.16
C SER J 227 -26.61 -42.11 27.35
N ASN J 228 -27.47 -41.88 26.36
CA ASN J 228 -28.59 -40.96 26.54
C ASN J 228 -29.53 -41.45 27.63
N ALA J 229 -29.85 -42.75 27.62
CA ALA J 229 -30.79 -43.30 28.60
C ALA J 229 -30.27 -43.14 30.02
N ILE J 230 -28.95 -43.28 30.21
CA ILE J 230 -28.37 -43.07 31.54
C ILE J 230 -28.67 -41.66 32.03
N ALA J 231 -28.54 -40.67 31.17
CA ALA J 231 -28.85 -39.30 31.54
C ALA J 231 -30.34 -39.12 31.84
N LYS J 232 -31.20 -39.74 31.02
CA LYS J 232 -32.64 -39.64 31.25
C LYS J 232 -33.03 -40.33 32.56
N LYS J 233 -32.44 -41.49 32.85
CA LYS J 233 -32.69 -42.16 34.11
C LYS J 233 -32.26 -41.29 35.28
N GLY J 234 -31.01 -40.81 35.25
CA GLY J 234 -30.51 -40.00 36.35
C GLY J 234 -31.29 -38.72 36.53
N LEU J 235 -31.62 -38.04 35.44
CA LEU J 235 -32.32 -36.76 35.55
C LEU J 235 -33.68 -36.92 36.20
N ARG J 236 -34.44 -37.95 35.80
CA ARG J 236 -35.75 -38.14 36.40
C ARG J 236 -35.64 -38.64 37.83
N ASN J 237 -34.68 -39.53 38.10
CA ASN J 237 -34.45 -39.99 39.47
C ASN J 237 -34.16 -38.81 40.40
N VAL J 238 -33.32 -37.87 39.95
CA VAL J 238 -32.94 -36.75 40.79
C VAL J 238 -34.14 -35.84 41.03
N LEU J 239 -34.98 -35.62 40.02
CA LEU J 239 -36.15 -34.76 40.19
C LEU J 239 -37.19 -35.41 41.09
N ILE J 240 -37.38 -36.72 40.95
CA ILE J 240 -38.24 -37.45 41.88
C ILE J 240 -37.66 -37.37 43.29
N HIS J 241 -36.35 -37.62 43.41
CA HIS J 241 -35.65 -37.51 44.68
C HIS J 241 -35.85 -36.13 45.32
N ALA J 242 -35.94 -35.08 44.49
CA ALA J 242 -36.08 -33.72 44.97
C ALA J 242 -37.51 -33.31 45.27
N GLY J 243 -38.49 -34.11 44.88
CA GLY J 243 -39.89 -33.77 45.10
C GLY J 243 -40.51 -32.90 44.03
N ILE J 244 -39.82 -32.68 42.91
CA ILE J 244 -40.41 -31.90 41.82
C ILE J 244 -41.26 -32.80 40.93
N LEU J 245 -40.73 -33.95 40.56
CA LEU J 245 -41.45 -34.96 39.80
C LEU J 245 -41.84 -36.11 40.73
N LYS J 246 -42.89 -36.82 40.35
CA LYS J 246 -43.39 -37.92 41.15
C LYS J 246 -43.25 -39.22 40.38
N GLY J 247 -43.38 -40.33 41.09
CA GLY J 247 -43.33 -41.64 40.49
C GLY J 247 -42.24 -42.50 41.10
N GLU J 248 -42.01 -43.64 40.44
CA GLU J 248 -41.06 -44.65 40.90
C GLU J 248 -39.71 -44.46 40.21
N MET J 249 -38.65 -44.59 40.98
CA MET J 249 -37.29 -44.46 40.49
C MET J 249 -36.77 -45.79 39.97
N GLN J 250 -35.73 -45.72 39.14
CA GLN J 250 -34.96 -46.89 38.78
C GLN J 250 -33.77 -47.02 39.72
N LEU J 251 -33.56 -48.22 40.24
CA LEU J 251 -32.34 -48.56 40.96
C LEU J 251 -31.72 -49.77 40.29
N ASP J 252 -30.53 -49.58 39.74
CA ASP J 252 -29.69 -50.65 39.24
C ASP J 252 -28.41 -50.67 40.06
N GLU J 253 -27.52 -51.61 39.77
CA GLU J 253 -26.25 -51.64 40.48
C GLU J 253 -25.40 -50.46 40.04
N THR J 254 -24.53 -50.02 40.95
CA THR J 254 -23.58 -48.96 40.66
C THR J 254 -22.24 -49.34 41.28
N VAL J 255 -21.16 -48.93 40.62
CA VAL J 255 -19.80 -49.21 41.07
C VAL J 255 -19.23 -47.93 41.66
N ASN J 256 -18.71 -48.02 42.87
CA ASN J 256 -18.20 -46.87 43.60
C ASN J 256 -16.71 -46.72 43.33
N LEU J 257 -16.28 -45.50 43.01
CA LEU J 257 -14.89 -45.22 42.68
C LEU J 257 -14.43 -43.96 43.38
N THR J 258 -13.12 -43.87 43.61
CA THR J 258 -12.47 -42.68 44.15
C THR J 258 -11.21 -42.39 43.33
N MET J 259 -10.67 -41.19 43.52
CA MET J 259 -9.44 -40.76 42.86
C MET J 259 -8.56 -40.11 43.91
N PRO J 260 -7.86 -40.90 44.72
CA PRO J 260 -7.23 -40.35 45.93
C PRO J 260 -5.93 -39.59 45.70
N ASP J 261 -5.22 -39.80 44.60
CA ASP J 261 -3.91 -39.19 44.40
C ASP J 261 -3.82 -38.53 43.03
N ASP J 262 -2.71 -37.83 42.81
CA ASP J 262 -2.30 -37.45 41.47
C ASP J 262 -1.84 -38.66 40.67
N ASP J 263 -1.55 -39.79 41.33
CA ASP J 263 -1.12 -41.00 40.66
C ASP J 263 -2.23 -41.67 39.87
N CYS J 264 -3.47 -41.18 39.95
CA CYS J 264 -4.52 -41.66 39.08
C CYS J 264 -4.38 -41.15 37.65
N PHE J 265 -3.59 -40.09 37.45
CA PHE J 265 -3.46 -39.42 36.17
C PHE J 265 -2.16 -39.83 35.48
N VAL J 266 -2.23 -39.98 34.16
CA VAL J 266 -1.07 -40.28 33.32
C VAL J 266 -1.12 -39.32 32.14
N PHE J 267 -0.04 -38.57 31.93
CA PHE J 267 -0.01 -37.52 30.94
C PHE J 267 1.04 -37.81 29.87
N SER J 268 0.76 -37.36 28.65
CA SER J 268 1.61 -37.63 27.51
C SER J 268 2.86 -36.76 27.53
N GLU J 269 3.94 -37.32 27.00
CA GLU J 269 5.22 -36.62 26.92
C GLU J 269 5.64 -36.37 25.47
N GLY J 270 4.73 -36.48 24.52
CA GLY J 270 5.09 -36.29 23.14
C GLY J 270 3.88 -36.46 22.24
N ASP J 271 4.02 -35.94 21.02
CA ASP J 271 3.01 -36.11 20.00
C ASP J 271 3.15 -37.47 19.33
N GLY J 272 2.05 -37.98 18.80
CA GLY J 272 2.11 -39.22 18.04
C GLY J 272 0.75 -39.87 17.91
N LEU J 273 0.78 -41.07 17.34
CA LEU J 273 -0.41 -41.88 17.13
C LEU J 273 -0.69 -42.69 18.40
N PHE J 274 -1.92 -42.59 18.88
CA PHE J 274 -2.30 -43.10 20.21
C PHE J 274 -2.91 -44.49 20.07
N GLU J 275 -2.23 -45.49 20.62
CA GLU J 275 -2.75 -46.85 20.68
C GLU J 275 -3.09 -47.19 22.13
N MET J 276 -4.39 -47.29 22.43
CA MET J 276 -4.84 -47.72 23.74
C MET J 276 -4.71 -49.23 23.85
N MET J 277 -4.14 -49.70 24.95
CA MET J 277 -3.89 -51.11 25.17
C MET J 277 -4.94 -51.79 26.04
N ILE J 278 -5.66 -51.03 26.86
CA ILE J 278 -6.72 -51.54 27.71
C ILE J 278 -7.91 -50.59 27.61
N ASP J 279 -9.10 -51.14 27.43
CA ASP J 279 -10.27 -50.33 27.13
C ASP J 279 -10.91 -49.79 28.41
N LEU J 280 -11.81 -48.83 28.21
CA LEU J 280 -12.48 -48.15 29.31
C LEU J 280 -13.17 -49.14 30.23
N GLY J 281 -13.05 -48.91 31.54
CA GLY J 281 -13.70 -49.74 32.53
C GLY J 281 -12.98 -51.03 32.88
N ALA J 282 -11.99 -51.43 32.09
CA ALA J 282 -11.30 -52.68 32.35
C ALA J 282 -10.36 -52.53 33.54
N PRO J 283 -10.14 -53.60 34.30
CA PRO J 283 -9.24 -53.52 35.45
C PRO J 283 -7.79 -53.42 35.01
N VAL J 284 -7.00 -52.73 35.84
CA VAL J 284 -5.57 -52.60 35.62
C VAL J 284 -4.84 -52.82 36.93
N ALA J 285 -3.63 -53.36 36.84
CA ALA J 285 -2.71 -53.42 37.96
C ALA J 285 -1.68 -52.31 37.81
N LYS J 286 -1.00 -52.01 38.92
CA LYS J 286 0.07 -51.02 38.88
C LYS J 286 1.17 -51.49 37.94
N GLY J 287 1.56 -50.63 37.01
CA GLY J 287 2.57 -50.97 36.04
C GLY J 287 2.06 -51.62 34.77
N ASP J 288 0.77 -51.97 34.71
CA ASP J 288 0.21 -52.50 33.48
C ASP J 288 0.35 -51.47 32.36
N LEU J 289 0.62 -51.96 31.16
CA LEU J 289 0.71 -51.09 29.98
C LEU J 289 -0.67 -50.52 29.66
N LEU J 290 -0.81 -49.20 29.75
CA LEU J 290 -2.07 -48.55 29.43
C LEU J 290 -2.19 -48.21 27.94
N ALA J 291 -1.12 -47.69 27.35
CA ALA J 291 -1.20 -47.22 25.97
C ALA J 291 0.21 -47.08 25.40
N ARG J 292 0.31 -47.24 24.09
CA ARG J 292 1.54 -47.00 23.35
C ARG J 292 1.33 -45.83 22.40
N VAL J 293 2.40 -45.06 22.18
CA VAL J 293 2.37 -43.91 21.28
C VAL J 293 3.46 -44.08 20.24
N TRP J 294 3.05 -44.10 18.97
CA TRP J 294 3.79 -44.29 17.72
C TRP J 294 4.16 -42.93 17.12
N PRO J 295 5.32 -42.81 16.49
CA PRO J 295 5.70 -41.53 15.89
C PRO J 295 4.86 -41.18 14.68
N LEU J 296 4.61 -39.88 14.51
CA LEU J 296 3.94 -39.37 13.31
C LEU J 296 4.88 -39.30 12.13
N ASP J 297 6.20 -39.29 12.36
CA ASP J 297 7.18 -38.95 11.35
C ASP J 297 7.76 -40.15 10.61
N ARG J 298 7.69 -41.34 11.16
CA ARG J 298 8.54 -42.41 10.69
C ARG J 298 7.95 -43.76 11.08
N THR J 299 8.55 -44.81 10.53
CA THR J 299 8.20 -46.18 10.84
C THR J 299 9.43 -46.91 11.37
N GLY J 300 9.19 -48.04 12.04
CA GLY J 300 10.27 -48.86 12.56
C GLY J 300 10.84 -48.41 13.88
N GLN J 301 10.31 -47.33 14.47
CA GLN J 301 10.80 -46.98 15.80
C GLN J 301 9.90 -47.59 16.87
N PRO J 302 10.46 -47.91 18.04
CA PRO J 302 9.62 -48.42 19.13
C PRO J 302 8.67 -47.34 19.62
N PRO J 303 7.46 -47.71 20.03
CA PRO J 303 6.55 -46.73 20.60
C PRO J 303 6.93 -46.37 22.02
N VAL J 304 6.41 -45.24 22.48
CA VAL J 304 6.57 -44.82 23.86
C VAL J 304 5.42 -45.41 24.68
N GLU J 305 5.76 -46.01 25.81
CA GLU J 305 4.79 -46.72 26.63
C GLU J 305 4.41 -45.88 27.84
N TYR J 306 3.12 -45.93 28.19
CA TYR J 306 2.59 -45.23 29.36
C TYR J 306 1.88 -46.25 30.24
N ARG J 307 2.38 -46.43 31.46
CA ARG J 307 1.91 -47.46 32.36
C ARG J 307 1.19 -46.83 33.55
N ALA J 308 0.34 -47.63 34.18
CA ALA J 308 -0.49 -47.14 35.27
C ALA J 308 0.34 -46.95 36.54
N ARG J 309 0.22 -45.78 37.16
CA ARG J 309 0.79 -45.57 38.49
C ARG J 309 0.06 -46.37 39.56
N ARG J 310 -0.96 -47.14 39.20
CA ARG J 310 -2.04 -47.42 40.14
C ARG J 310 -2.86 -48.61 39.64
N ALA J 311 -3.36 -49.39 40.60
CA ALA J 311 -4.28 -50.47 40.28
C ALA J 311 -5.72 -49.98 40.44
N GLY J 312 -6.59 -50.45 39.57
CA GLY J 312 -7.98 -50.05 39.59
C GLY J 312 -8.59 -50.22 38.21
N LEU J 313 -9.49 -49.30 37.87
CA LEU J 313 -10.24 -49.33 36.63
C LEU J 313 -9.87 -48.14 35.76
N VAL J 314 -9.81 -48.37 34.45
CA VAL J 314 -9.58 -47.29 33.49
C VAL J 314 -10.90 -46.54 33.35
N ILE J 315 -11.04 -45.44 34.09
CA ILE J 315 -12.28 -44.69 34.11
C ILE J 315 -12.30 -43.56 33.10
N SER J 316 -11.17 -43.25 32.47
CA SER J 316 -11.14 -42.23 31.42
C SER J 316 -9.91 -42.45 30.56
N ARG J 317 -10.00 -42.03 29.30
CA ARG J 317 -8.92 -42.21 28.35
C ARG J 317 -8.89 -41.05 27.38
N HIS J 318 -7.70 -40.80 26.82
CA HIS J 318 -7.57 -39.92 25.67
C HIS J 318 -8.35 -40.49 24.50
N PHE J 319 -9.30 -39.72 23.98
CA PHE J 319 -10.14 -40.22 22.89
C PHE J 319 -9.45 -40.15 21.53
N PRO J 320 -8.95 -38.99 21.07
CA PRO J 320 -8.52 -38.88 19.67
C PRO J 320 -7.34 -39.79 19.34
N GLY J 321 -7.21 -40.07 18.04
CA GLY J 321 -6.11 -40.90 17.56
C GLY J 321 -4.77 -40.21 17.58
N LEU J 322 -4.75 -38.88 17.56
CA LEU J 322 -3.52 -38.12 17.71
C LEU J 322 -3.46 -37.57 19.13
N ILE J 323 -2.35 -37.84 19.81
CA ILE J 323 -2.12 -37.32 21.16
C ILE J 323 -0.97 -36.32 21.09
N LYS J 324 -1.06 -35.27 21.89
CA LYS J 324 -0.02 -34.25 21.98
C LYS J 324 0.65 -34.32 23.34
N SER J 325 1.79 -33.64 23.45
CA SER J 325 2.46 -33.50 24.74
C SER J 325 1.54 -32.83 25.74
N GLY J 326 1.42 -33.42 26.93
CA GLY J 326 0.60 -32.87 27.98
C GLY J 326 -0.82 -33.38 28.03
N ASP J 327 -1.29 -34.08 27.00
CA ASP J 327 -2.62 -34.66 27.04
C ASP J 327 -2.71 -35.70 28.16
N CYS J 328 -3.90 -35.83 28.73
CA CYS J 328 -4.15 -36.82 29.77
C CYS J 328 -4.39 -38.17 29.11
N VAL J 329 -3.44 -39.09 29.25
CA VAL J 329 -3.53 -40.38 28.58
C VAL J 329 -4.70 -41.19 29.12
N ALA J 330 -4.74 -41.38 30.44
CA ALA J 330 -5.79 -42.19 31.05
C ALA J 330 -5.92 -41.80 32.51
N VAL J 331 -7.02 -42.27 33.13
CA VAL J 331 -7.30 -42.05 34.54
C VAL J 331 -7.73 -43.37 35.16
N VAL J 332 -7.12 -43.71 36.30
CA VAL J 332 -7.42 -44.96 37.00
C VAL J 332 -8.18 -44.62 38.27
N GLY J 333 -9.37 -45.23 38.43
CA GLY J 333 -10.14 -45.09 39.65
C GLY J 333 -9.93 -46.29 40.57
N VAL J 334 -10.16 -46.07 41.87
CA VAL J 334 -9.90 -47.08 42.88
C VAL J 334 -11.19 -47.78 43.25
N THR J 335 -11.08 -49.08 43.55
CA THR J 335 -12.18 -49.97 43.92
C THR J 335 -13.47 -49.72 43.15
N GLN K 9 -10.72 -20.15 -27.17
CA GLN K 9 -9.79 -20.10 -26.05
C GLN K 9 -8.99 -18.79 -26.07
N LYS K 10 -9.73 -17.70 -26.19
CA LYS K 10 -9.19 -16.36 -26.01
C LYS K 10 -8.74 -16.17 -24.57
N ASN K 11 -7.49 -15.74 -24.37
CA ASN K 11 -7.07 -15.37 -23.02
C ASN K 11 -7.72 -14.05 -22.63
N PRO K 12 -8.39 -13.98 -21.48
CA PRO K 12 -9.15 -12.76 -21.15
C PRO K 12 -8.30 -11.56 -20.78
N ILE K 13 -6.98 -11.69 -20.66
CA ILE K 13 -6.16 -10.55 -20.27
C ILE K 13 -6.05 -9.57 -21.43
N SER K 14 -6.21 -8.28 -21.14
CA SER K 14 -6.08 -7.22 -22.11
C SER K 14 -5.29 -6.09 -21.47
N PRO K 15 -4.24 -5.59 -22.12
CA PRO K 15 -3.50 -4.45 -21.59
C PRO K 15 -4.32 -3.17 -21.68
N THR K 16 -4.01 -2.23 -20.79
CA THR K 16 -4.61 -0.90 -20.83
C THR K 16 -3.74 0.09 -21.57
N ILE K 17 -2.55 -0.31 -21.99
CA ILE K 17 -1.65 0.54 -22.78
C ILE K 17 -1.19 -0.25 -23.98
N PRO K 18 -0.76 0.43 -25.05
CA PRO K 18 -0.26 -0.31 -26.22
C PRO K 18 1.05 -1.00 -25.92
N LEU K 19 1.30 -2.08 -26.64
CA LEU K 19 2.53 -2.83 -26.52
C LEU K 19 3.50 -2.58 -27.66
N ASP K 20 3.05 -1.94 -28.74
CA ASP K 20 3.82 -1.83 -29.97
C ASP K 20 3.93 -0.38 -30.44
N ARG K 21 4.26 0.54 -29.53
CA ARG K 21 4.32 1.94 -29.91
C ARG K 21 5.50 2.64 -29.26
N ASP K 22 6.07 3.59 -29.99
CA ASP K 22 7.19 4.37 -29.51
C ASP K 22 6.78 5.28 -28.35
N GLY K 23 7.66 5.40 -27.37
CA GLY K 23 7.40 6.18 -26.18
C GLY K 23 7.41 5.33 -24.94
N VAL K 24 7.10 5.97 -23.81
CA VAL K 24 7.04 5.32 -22.52
C VAL K 24 5.58 5.29 -22.08
N PHE K 25 5.09 4.08 -21.78
CA PHE K 25 3.71 3.88 -21.37
C PHE K 25 3.68 3.07 -20.09
N HIS K 26 2.87 3.52 -19.14
CA HIS K 26 2.66 2.81 -17.88
C HIS K 26 1.18 2.50 -17.76
N GLY K 27 0.86 1.22 -17.58
CA GLY K 27 -0.51 0.78 -17.49
C GLY K 27 -0.60 -0.53 -16.76
N PHE K 28 -1.58 -1.35 -17.13
CA PHE K 28 -1.79 -2.63 -16.48
C PHE K 28 -2.14 -3.70 -17.50
N LEU K 29 -1.88 -4.95 -17.11
CA LEU K 29 -2.49 -6.12 -17.72
C LEU K 29 -3.76 -6.41 -16.93
N LYS K 30 -4.92 -6.17 -17.55
CA LYS K 30 -6.21 -6.27 -16.87
C LYS K 30 -6.74 -7.69 -17.01
N LEU K 31 -6.68 -8.45 -15.92
CA LEU K 31 -7.15 -9.83 -15.91
C LEU K 31 -8.50 -9.89 -15.21
N PRO K 32 -9.60 -10.07 -15.93
CA PRO K 32 -10.92 -10.08 -15.28
C PRO K 32 -11.01 -11.12 -14.17
N HIS K 33 -11.54 -10.70 -13.03
CA HIS K 33 -11.61 -11.57 -11.85
C HIS K 33 -12.88 -11.22 -11.08
N SER K 34 -13.95 -11.97 -11.33
CA SER K 34 -15.18 -11.83 -10.56
C SER K 34 -15.09 -12.73 -9.33
N ARG K 35 -15.26 -12.14 -8.16
CA ARG K 35 -15.06 -12.84 -6.90
C ARG K 35 -16.00 -12.26 -5.85
N ASP K 36 -15.98 -12.86 -4.66
CA ASP K 36 -16.76 -12.33 -3.56
C ASP K 36 -16.38 -10.89 -3.25
N ASP K 37 -15.10 -10.53 -3.44
CA ASP K 37 -14.64 -9.17 -3.20
C ASP K 37 -15.23 -8.19 -4.20
N SER K 38 -15.42 -8.64 -5.45
CA SER K 38 -15.70 -7.71 -6.54
C SER K 38 -16.38 -8.48 -7.66
N ALA K 39 -17.65 -8.17 -7.91
CA ALA K 39 -18.41 -8.93 -8.90
C ALA K 39 -17.95 -8.66 -10.32
N TRP K 40 -17.51 -7.43 -10.61
CA TRP K 40 -16.99 -7.09 -11.93
C TRP K 40 -15.53 -6.68 -11.85
N GLY K 41 -14.80 -7.21 -10.86
CA GLY K 41 -13.43 -6.80 -10.61
C GLY K 41 -12.43 -7.43 -11.56
N SER K 42 -11.17 -7.10 -11.31
CA SER K 42 -10.10 -7.49 -12.21
C SER K 42 -8.78 -7.43 -11.45
N VAL K 43 -7.90 -8.39 -11.74
CA VAL K 43 -6.49 -8.28 -11.34
C VAL K 43 -5.83 -7.33 -12.33
N MET K 44 -5.13 -6.32 -11.81
CA MET K 44 -4.46 -5.36 -12.66
C MET K 44 -2.98 -5.35 -12.35
N ILE K 45 -2.24 -6.11 -13.15
CA ILE K 45 -0.81 -6.33 -13.02
C ILE K 45 -0.08 -5.10 -13.57
N PRO K 46 0.70 -4.40 -12.74
CA PRO K 46 1.42 -3.21 -13.23
C PRO K 46 2.39 -3.57 -14.35
N LEU K 47 2.37 -2.76 -15.41
CA LEU K 47 3.14 -3.04 -16.61
C LEU K 47 3.68 -1.75 -17.19
N THR K 48 4.92 -1.81 -17.69
CA THR K 48 5.53 -0.70 -18.41
C THR K 48 6.09 -1.23 -19.72
N VAL K 49 5.76 -0.54 -20.81
CA VAL K 49 6.32 -0.84 -22.13
C VAL K 49 7.05 0.42 -22.61
N ILE K 50 8.35 0.29 -22.86
CA ILE K 50 9.16 1.36 -23.40
C ILE K 50 9.74 0.87 -24.72
N LYS K 51 9.28 1.48 -25.82
CA LYS K 51 9.70 1.07 -27.15
C LYS K 51 10.25 2.26 -27.91
N ASN K 52 11.32 2.03 -28.66
CA ASN K 52 11.90 3.06 -29.53
C ASN K 52 12.44 2.38 -30.77
N GLY K 53 11.79 2.60 -31.91
CA GLY K 53 12.24 2.10 -33.18
C GLY K 53 12.26 0.58 -33.27
N ALA K 54 13.11 0.09 -34.17
CA ALA K 54 13.25 -1.33 -34.44
C ALA K 54 14.42 -1.89 -33.62
N GLY K 55 14.18 -3.03 -32.98
CA GLY K 55 15.18 -3.69 -32.17
C GLY K 55 14.59 -4.81 -31.36
N PRO K 56 15.44 -5.55 -30.64
CA PRO K 56 14.95 -6.71 -29.88
C PRO K 56 13.96 -6.31 -28.80
N THR K 57 13.11 -7.26 -28.44
CA THR K 57 12.13 -7.11 -27.36
C THR K 57 12.59 -7.91 -26.16
N ALA K 58 12.71 -7.24 -25.02
CA ALA K 58 13.02 -7.89 -23.76
C ALA K 58 11.75 -8.00 -22.93
N LEU K 59 11.41 -9.21 -22.51
CA LEU K 59 10.31 -9.45 -21.59
C LEU K 59 10.90 -9.61 -20.20
N LEU K 60 10.67 -8.61 -19.34
CA LEU K 60 11.31 -8.52 -18.03
C LEU K 60 10.27 -8.77 -16.95
N THR K 61 10.47 -9.83 -16.17
CA THR K 61 9.53 -10.22 -15.13
C THR K 61 10.24 -10.30 -13.78
N GLY K 62 9.61 -9.75 -12.75
CA GLY K 62 10.06 -9.90 -11.39
C GLY K 62 8.93 -10.47 -10.55
N ALA K 63 9.25 -11.04 -9.39
CA ALA K 63 8.25 -11.62 -8.50
C ALA K 63 7.41 -12.69 -9.20
N ASN K 64 8.09 -13.54 -9.99
CA ASN K 64 7.47 -14.80 -10.40
C ASN K 64 6.94 -15.54 -9.17
N HIS K 65 7.74 -15.59 -8.12
CA HIS K 65 7.27 -15.87 -6.78
C HIS K 65 7.26 -14.57 -5.99
N GLY K 66 6.21 -14.38 -5.19
CA GLY K 66 5.91 -13.04 -4.70
C GLY K 66 6.85 -12.51 -3.63
N ASP K 67 7.46 -13.39 -2.84
CA ASP K 67 8.31 -12.96 -1.74
C ASP K 67 9.79 -12.89 -2.15
N GLU K 68 10.06 -12.53 -3.40
CA GLU K 68 11.42 -12.42 -3.95
C GLU K 68 11.55 -11.07 -4.62
N TYR K 69 12.43 -10.21 -4.08
CA TYR K 69 12.28 -8.77 -4.25
C TYR K 69 13.39 -8.07 -5.01
N GLU K 70 14.57 -8.67 -5.16
CA GLU K 70 15.65 -8.01 -5.91
C GLU K 70 15.18 -7.64 -7.30
N GLY K 71 14.45 -8.53 -7.97
CA GLY K 71 13.93 -8.28 -9.28
C GLY K 71 12.97 -7.10 -9.33
N PRO K 72 11.87 -7.17 -8.57
CA PRO K 72 10.92 -6.04 -8.54
C PRO K 72 11.57 -4.69 -8.25
N VAL K 73 12.56 -4.65 -7.35
CA VAL K 73 13.24 -3.40 -7.05
C VAL K 73 13.94 -2.87 -8.30
N ALA K 74 14.77 -3.71 -8.94
CA ALA K 74 15.51 -3.27 -10.12
C ALA K 74 14.58 -2.98 -11.29
N LEU K 75 13.47 -3.72 -11.40
CA LEU K 75 12.54 -3.48 -12.50
C LEU K 75 11.72 -2.21 -12.30
N HIS K 76 11.37 -1.88 -11.04
CA HIS K 76 10.64 -0.64 -10.79
C HIS K 76 11.49 0.58 -11.13
N GLU K 77 12.78 0.56 -10.75
CA GLU K 77 13.66 1.67 -11.12
C GLU K 77 13.82 1.76 -12.63
N LEU K 78 13.96 0.62 -13.30
CA LEU K 78 14.14 0.63 -14.75
C LEU K 78 12.92 1.22 -15.45
N ALA K 79 11.73 0.85 -15.01
CA ALA K 79 10.51 1.37 -15.63
C ALA K 79 10.35 2.86 -15.39
N ALA K 80 10.94 3.41 -14.33
CA ALA K 80 10.67 4.77 -13.90
C ALA K 80 11.74 5.78 -14.29
N THR K 81 12.89 5.33 -14.82
CA THR K 81 13.97 6.24 -15.17
C THR K 81 14.50 6.01 -16.58
N THR K 82 13.87 5.13 -17.36
CA THR K 82 14.32 4.84 -18.71
C THR K 82 13.52 5.66 -19.72
N SER K 83 14.22 6.52 -20.46
CA SER K 83 13.61 7.29 -21.53
C SER K 83 13.62 6.50 -22.83
N ALA K 84 12.67 6.82 -23.72
CA ALA K 84 12.58 6.10 -24.99
C ALA K 84 13.88 6.23 -25.77
N GLU K 85 14.48 7.42 -25.75
CA GLU K 85 15.76 7.66 -26.42
C GLU K 85 16.83 6.64 -26.01
N ASP K 86 16.76 6.12 -24.79
CA ASP K 86 17.76 5.17 -24.31
C ASP K 86 17.56 3.75 -24.83
N VAL K 87 16.44 3.49 -25.49
CA VAL K 87 16.08 2.15 -25.94
C VAL K 87 16.22 2.08 -27.45
N THR K 88 16.73 0.96 -27.95
CA THR K 88 16.63 0.57 -29.34
C THR K 88 15.91 -0.78 -29.35
N GLY K 89 14.61 -0.76 -29.60
CA GLY K 89 13.80 -1.95 -29.50
C GLY K 89 12.61 -1.77 -28.57
N ARG K 90 12.42 -2.69 -27.64
CA ARG K 90 11.26 -2.64 -26.78
C ARG K 90 11.55 -3.32 -25.45
N LEU K 91 11.09 -2.69 -24.37
CA LEU K 91 11.14 -3.27 -23.03
C LEU K 91 9.72 -3.49 -22.56
N ILE K 92 9.42 -4.71 -22.12
CA ILE K 92 8.12 -5.05 -21.54
C ILE K 92 8.39 -5.41 -20.08
N ILE K 93 8.07 -4.49 -19.18
CA ILE K 93 8.52 -4.56 -17.79
C ILE K 93 7.34 -4.94 -16.91
N VAL K 94 7.42 -6.11 -16.28
CA VAL K 94 6.44 -6.58 -15.31
C VAL K 94 7.16 -6.76 -13.97
N PRO K 95 7.17 -5.74 -13.10
CA PRO K 95 7.92 -5.86 -11.84
C PRO K 95 7.36 -6.92 -10.90
N ALA K 96 6.07 -7.20 -10.96
CA ALA K 96 5.43 -8.22 -10.13
C ALA K 96 4.68 -9.17 -11.05
N PHE K 97 5.30 -10.33 -11.34
CA PHE K 97 4.79 -11.25 -12.33
C PHE K 97 3.60 -12.05 -11.81
N ASN K 98 3.77 -12.74 -10.67
CA ASN K 98 2.63 -13.31 -9.95
C ASN K 98 2.14 -12.24 -8.99
N TYR K 99 1.43 -11.26 -9.55
CA TYR K 99 1.06 -10.06 -8.79
C TYR K 99 0.21 -10.34 -7.57
N PRO K 100 -0.81 -11.21 -7.59
CA PRO K 100 -1.54 -11.51 -6.35
C PRO K 100 -0.64 -12.08 -5.26
N ALA K 101 0.34 -12.90 -5.63
CA ALA K 101 1.30 -13.40 -4.64
C ALA K 101 2.17 -12.27 -4.11
N PHE K 102 2.66 -11.42 -5.01
CA PHE K 102 3.49 -10.28 -4.59
C PHE K 102 2.75 -9.39 -3.60
N ARG K 103 1.49 -9.07 -3.89
CA ARG K 103 0.70 -8.24 -2.98
C ARG K 103 0.51 -8.92 -1.63
N ALA K 104 0.38 -10.24 -1.63
CA ALA K 104 0.25 -10.99 -0.39
C ALA K 104 1.59 -11.26 0.30
N GLY K 105 2.71 -10.90 -0.33
CA GLY K 105 4.02 -11.16 0.23
C GLY K 105 4.33 -12.63 0.37
N SER K 106 3.89 -13.46 -0.57
CA SER K 106 4.00 -14.91 -0.45
C SER K 106 4.49 -15.51 -1.77
N ARG K 107 5.07 -16.71 -1.65
CA ARG K 107 5.57 -17.41 -2.83
C ARG K 107 4.46 -17.72 -3.82
N THR K 108 3.32 -18.21 -3.33
CA THR K 108 2.18 -18.52 -4.17
C THR K 108 1.05 -17.53 -3.91
N SER K 109 0.09 -17.53 -4.84
CA SER K 109 -1.00 -16.58 -4.81
C SER K 109 -1.98 -16.92 -3.69
N PRO K 110 -2.54 -15.92 -3.01
CA PRO K 110 -3.63 -16.22 -2.07
C PRO K 110 -4.86 -16.74 -2.76
N ILE K 111 -5.15 -16.26 -3.97
CA ILE K 111 -6.05 -16.94 -4.87
C ILE K 111 -5.39 -18.24 -5.33
N ASP K 112 -6.14 -19.33 -5.28
CA ASP K 112 -5.83 -20.63 -5.90
C ASP K 112 -4.49 -21.22 -5.47
N ARG K 113 -3.78 -20.60 -4.51
CA ARG K 113 -2.50 -21.09 -4.00
C ARG K 113 -1.54 -21.46 -5.13
N GLY K 114 -1.61 -20.72 -6.23
CA GLY K 114 -0.95 -21.15 -7.46
C GLY K 114 0.52 -20.80 -7.50
N ASN K 115 1.34 -21.80 -7.81
CA ASN K 115 2.77 -21.62 -8.08
C ASN K 115 2.89 -21.30 -9.56
N LEU K 116 3.15 -20.02 -9.87
CA LEU K 116 3.20 -19.59 -11.27
C LEU K 116 4.32 -20.29 -12.02
N ASN K 117 5.47 -20.50 -11.37
CA ASN K 117 6.59 -21.18 -12.01
C ASN K 117 6.38 -22.69 -12.08
N ARG K 118 5.18 -23.18 -11.79
CA ARG K 118 4.79 -24.55 -12.07
C ARG K 118 3.49 -24.60 -12.87
N SER K 119 3.03 -23.48 -13.40
CA SER K 119 1.73 -23.37 -14.04
C SER K 119 1.81 -23.21 -15.55
N PHE K 120 3.01 -23.28 -16.13
CA PHE K 120 2.97 -23.18 -17.58
C PHE K 120 2.72 -24.56 -18.20
N PRO K 121 2.14 -24.61 -19.42
CA PRO K 121 1.72 -23.48 -20.25
C PRO K 121 0.47 -22.72 -19.77
N GLY K 122 -0.32 -23.30 -18.85
CA GLY K 122 -1.51 -22.64 -18.36
C GLY K 122 -2.69 -22.82 -19.30
N ARG K 123 -3.79 -22.15 -18.98
CA ARG K 123 -4.97 -22.13 -19.84
C ARG K 123 -5.65 -20.78 -19.73
N PRO K 124 -6.35 -20.35 -20.79
CA PRO K 124 -7.08 -19.09 -20.71
C PRO K 124 -8.34 -19.16 -19.84
N ASP K 125 -8.80 -20.37 -19.50
CA ASP K 125 -10.05 -20.56 -18.78
C ASP K 125 -9.84 -21.14 -17.39
N GLY K 126 -8.62 -21.11 -16.87
CA GLY K 126 -8.29 -21.72 -15.61
C GLY K 126 -8.25 -20.74 -14.46
N THR K 127 -7.39 -21.04 -13.49
CA THR K 127 -7.20 -20.17 -12.34
C THR K 127 -6.55 -18.86 -12.76
N VAL K 128 -6.56 -17.89 -11.84
CA VAL K 128 -5.90 -16.61 -12.10
C VAL K 128 -4.43 -16.84 -12.44
N THR K 129 -3.76 -17.70 -11.67
CA THR K 129 -2.37 -18.01 -11.94
C THR K 129 -2.19 -18.64 -13.32
N GLU K 130 -3.06 -19.59 -13.67
CA GLU K 130 -2.97 -20.22 -14.98
C GLU K 130 -3.27 -19.24 -16.11
N LYS K 131 -4.15 -18.27 -15.87
CA LYS K 131 -4.44 -17.27 -16.90
C LYS K 131 -3.25 -16.35 -17.13
N ILE K 132 -2.49 -16.04 -16.07
CA ILE K 132 -1.28 -15.25 -16.23
C ILE K 132 -0.24 -16.05 -17.02
N ALA K 133 -0.08 -17.32 -16.67
CA ALA K 133 0.86 -18.18 -17.39
C ALA K 133 0.47 -18.30 -18.87
N ASP K 134 -0.83 -18.44 -19.16
CA ASP K 134 -1.25 -18.59 -20.54
C ASP K 134 -1.03 -17.30 -21.33
N TYR K 135 -1.24 -16.15 -20.70
CA TYR K 135 -1.06 -14.89 -21.42
C TYR K 135 0.41 -14.69 -21.80
N PHE K 136 1.32 -15.00 -20.87
CA PHE K 136 2.74 -14.89 -21.21
C PHE K 136 3.16 -15.98 -22.18
N GLN K 137 2.62 -17.20 -22.03
CA GLN K 137 3.00 -18.30 -22.89
C GLN K 137 2.65 -18.02 -24.34
N ARG K 138 1.41 -17.62 -24.62
CA ARG K 138 0.93 -17.52 -25.99
C ARG K 138 0.86 -16.09 -26.53
N THR K 139 1.03 -15.07 -25.69
CA THR K 139 0.98 -13.69 -26.18
C THR K 139 2.28 -12.93 -25.99
N LEU K 140 2.82 -12.88 -24.77
CA LEU K 140 3.98 -12.02 -24.53
C LEU K 140 5.29 -12.67 -24.94
N LEU K 141 5.47 -13.95 -24.62
CA LEU K 141 6.73 -14.63 -24.88
C LEU K 141 7.04 -14.79 -26.37
N PRO K 142 6.06 -15.11 -27.23
CA PRO K 142 6.35 -15.10 -28.68
C PRO K 142 6.77 -13.74 -29.19
N MET K 143 6.44 -12.65 -28.49
CA MET K 143 6.93 -11.34 -28.87
C MET K 143 8.36 -11.09 -28.45
N ALA K 144 8.88 -11.89 -27.52
CA ALA K 144 10.16 -11.60 -26.88
C ALA K 144 11.32 -12.27 -27.59
N ASP K 145 12.41 -11.53 -27.73
CA ASP K 145 13.69 -12.12 -28.10
C ASP K 145 14.51 -12.50 -26.88
N LEU K 146 14.20 -11.91 -25.73
CA LEU K 146 14.96 -12.08 -24.50
C LEU K 146 13.97 -12.11 -23.34
N ALA K 147 14.16 -13.05 -22.43
CA ALA K 147 13.31 -13.17 -21.24
C ALA K 147 14.19 -13.16 -20.01
N VAL K 148 14.03 -12.14 -19.17
CA VAL K 148 14.73 -12.05 -17.89
C VAL K 148 13.70 -12.24 -16.80
N ASP K 149 13.85 -13.34 -16.05
CA ASP K 149 12.90 -13.72 -15.01
C ASP K 149 13.66 -13.81 -13.69
N PHE K 150 13.49 -12.79 -12.85
CA PHE K 150 14.23 -12.70 -11.60
C PHE K 150 13.70 -13.69 -10.57
N HIS K 151 14.62 -14.24 -9.77
CA HIS K 151 14.25 -15.12 -8.67
C HIS K 151 15.17 -14.88 -7.49
N SER K 152 14.62 -15.08 -6.29
CA SER K 152 15.38 -15.02 -5.06
C SER K 152 15.07 -16.26 -4.23
N GLY K 153 15.64 -16.32 -3.03
CA GLY K 153 15.40 -17.47 -2.16
C GLY K 153 14.00 -17.54 -1.61
N GLY K 154 13.32 -16.40 -1.50
CA GLY K 154 12.05 -16.36 -0.80
C GLY K 154 12.26 -16.41 0.70
N LYS K 155 11.15 -16.51 1.42
CA LYS K 155 11.21 -16.52 2.87
C LYS K 155 11.84 -17.78 3.43
N THR K 156 11.95 -18.85 2.63
CA THR K 156 12.39 -20.15 3.13
C THR K 156 13.80 -20.55 2.69
N LEU K 157 14.42 -19.81 1.77
CA LEU K 157 15.74 -20.16 1.29
C LEU K 157 16.60 -18.90 1.19
N ASP K 158 17.91 -19.10 1.35
CA ASP K 158 18.91 -18.08 1.09
C ASP K 158 19.89 -18.61 0.06
N PHE K 159 20.31 -17.75 -0.85
CA PHE K 159 21.22 -18.13 -1.93
C PHE K 159 22.40 -17.17 -1.97
N VAL K 160 23.53 -17.68 -2.43
CA VAL K 160 24.55 -16.75 -2.93
C VAL K 160 24.04 -16.11 -4.20
N PRO K 161 24.32 -14.83 -4.45
CA PRO K 161 23.74 -14.18 -5.64
C PRO K 161 24.36 -14.72 -6.91
N PHE K 162 23.52 -15.23 -7.81
CA PHE K 162 24.06 -15.86 -9.01
C PHE K 162 23.01 -15.85 -10.12
N ALA K 163 23.51 -15.81 -11.36
CA ALA K 163 22.71 -15.98 -12.55
C ALA K 163 22.87 -17.41 -13.05
N ALA K 164 21.78 -17.99 -13.53
CA ALA K 164 21.73 -19.42 -13.79
C ALA K 164 21.36 -19.72 -15.24
N ALA K 165 21.67 -20.94 -15.64
CA ALA K 165 21.27 -21.50 -16.93
C ALA K 165 21.26 -23.01 -16.80
N HIS K 166 20.40 -23.67 -17.56
CA HIS K 166 20.24 -25.11 -17.51
C HIS K 166 21.03 -25.78 -18.64
N ILE K 167 21.61 -26.93 -18.35
CA ILE K 167 22.18 -27.75 -19.40
C ILE K 167 21.01 -28.31 -20.21
N LEU K 168 20.81 -27.77 -21.41
CA LEU K 168 19.65 -28.09 -22.22
C LEU K 168 20.03 -29.12 -23.27
N GLU K 169 19.04 -29.93 -23.60
CA GLU K 169 19.21 -30.91 -24.68
C GLU K 169 19.71 -30.32 -26.03
N ASP K 170 19.38 -29.08 -26.38
CA ASP K 170 19.70 -28.44 -27.61
C ASP K 170 20.56 -27.24 -27.28
N LYS K 171 21.72 -27.17 -27.94
CA LYS K 171 22.98 -26.76 -27.40
C LYS K 171 23.38 -25.34 -27.75
N ALA K 172 22.72 -24.72 -28.71
CA ALA K 172 22.99 -23.33 -29.06
C ALA K 172 22.06 -22.36 -28.34
N THR K 173 20.85 -22.76 -28.02
CA THR K 173 20.06 -21.95 -27.09
C THR K 173 20.68 -21.99 -25.71
N GLN K 174 21.13 -23.18 -25.27
CA GLN K 174 21.98 -23.24 -24.09
C GLN K 174 23.16 -22.27 -24.20
N ALA K 175 23.83 -22.27 -25.36
CA ALA K 175 24.92 -21.33 -25.58
C ALA K 175 24.43 -19.90 -25.54
N ALA K 176 23.26 -19.63 -26.11
CA ALA K 176 22.68 -18.29 -26.01
C ALA K 176 22.31 -17.96 -24.57
N CYS K 177 21.87 -18.95 -23.80
CA CYS K 177 21.55 -18.72 -22.39
C CYS K 177 22.79 -18.42 -21.58
N PHE K 178 23.88 -19.16 -21.83
CA PHE K 178 25.12 -18.90 -21.10
C PHE K 178 25.67 -17.52 -21.42
N ALA K 179 25.66 -17.16 -22.71
CA ALA K 179 26.17 -15.86 -23.12
C ALA K 179 25.48 -14.71 -22.38
N ALA K 180 24.16 -14.82 -22.21
CA ALA K 180 23.43 -13.81 -21.45
C ALA K 180 23.76 -13.90 -19.97
N MET K 181 23.94 -15.12 -19.45
CA MET K 181 24.32 -15.27 -18.05
C MET K 181 25.68 -14.64 -17.78
N LYS K 182 26.67 -14.95 -18.63
CA LYS K 182 28.00 -14.37 -18.44
C LYS K 182 27.94 -12.85 -18.52
N ALA K 183 27.10 -12.31 -19.39
CA ALA K 183 26.90 -10.87 -19.45
C ALA K 183 26.36 -10.34 -18.13
N PHE K 184 25.36 -11.02 -17.55
CA PHE K 184 24.75 -10.58 -16.30
C PHE K 184 25.79 -10.48 -15.19
N ASN K 185 26.77 -11.38 -15.17
CA ASN K 185 27.98 -11.24 -14.34
C ASN K 185 27.64 -11.08 -12.86
N ALA K 186 26.79 -11.96 -12.36
CA ALA K 186 26.54 -12.03 -10.93
C ALA K 186 27.82 -12.49 -10.22
N PRO K 187 27.95 -12.24 -8.91
CA PRO K 187 29.17 -12.70 -8.21
C PRO K 187 29.41 -14.19 -8.33
N TYR K 188 28.36 -15.01 -8.47
CA TYR K 188 28.50 -16.40 -8.86
C TYR K 188 27.72 -16.65 -10.14
N SER K 189 28.07 -17.76 -10.80
CA SER K 189 27.41 -18.17 -12.03
C SER K 189 27.27 -19.68 -11.99
N VAL K 190 26.03 -20.17 -12.02
CA VAL K 190 25.73 -21.55 -11.68
C VAL K 190 25.10 -22.24 -12.89
N GLU K 191 25.63 -23.40 -13.25
CA GLU K 191 24.95 -24.34 -14.13
C GLU K 191 23.94 -25.09 -13.27
N LEU K 192 22.67 -24.71 -13.38
CA LEU K 192 21.63 -25.15 -12.46
C LEU K 192 21.07 -26.51 -12.87
N LEU K 193 20.84 -27.37 -11.89
CA LEU K 193 20.15 -28.65 -12.09
C LEU K 193 18.72 -28.50 -11.58
N GLU K 194 17.76 -28.73 -12.46
CA GLU K 194 16.34 -28.78 -12.09
C GLU K 194 15.95 -30.23 -11.81
N ILE K 195 15.48 -30.48 -10.58
CA ILE K 195 14.96 -31.81 -10.23
C ILE K 195 13.90 -32.23 -11.23
N ASP K 196 12.96 -31.34 -11.51
CA ASP K 196 11.93 -31.57 -12.52
C ASP K 196 11.54 -30.21 -13.09
N SER K 197 12.00 -29.91 -14.30
CA SER K 197 11.81 -28.60 -14.91
C SER K 197 10.44 -28.41 -15.52
N ALA K 198 9.50 -29.33 -15.30
CA ALA K 198 8.19 -29.23 -15.92
C ALA K 198 7.39 -28.08 -15.33
N GLY K 199 6.59 -27.43 -16.18
CA GLY K 199 5.72 -26.36 -15.77
C GLY K 199 6.38 -25.03 -15.51
N MET K 200 7.70 -24.93 -15.66
CA MET K 200 8.41 -23.72 -15.28
C MET K 200 8.38 -22.69 -16.40
N TYR K 201 8.46 -21.41 -16.00
CA TYR K 201 8.68 -20.35 -16.97
C TYR K 201 10.02 -20.52 -17.69
N ASP K 202 11.01 -21.08 -16.99
CA ASP K 202 12.28 -21.38 -17.63
C ASP K 202 12.09 -22.30 -18.82
N THR K 203 11.36 -23.41 -18.62
CA THR K 203 11.15 -24.36 -19.71
C THR K 203 10.34 -23.76 -20.84
N ALA K 204 9.38 -22.89 -20.51
CA ALA K 204 8.58 -22.25 -21.55
C ALA K 204 9.45 -21.40 -22.46
N VAL K 205 10.32 -20.57 -21.87
CA VAL K 205 11.25 -19.77 -22.67
C VAL K 205 12.21 -20.68 -23.43
N GLU K 206 12.73 -21.70 -22.75
CA GLU K 206 13.77 -22.53 -23.34
C GLU K 206 13.24 -23.40 -24.48
N GLU K 207 12.09 -24.04 -24.26
CA GLU K 207 11.49 -24.85 -25.33
C GLU K 207 11.03 -24.02 -26.52
N MET K 208 10.96 -22.71 -26.37
CA MET K 208 10.60 -21.79 -27.44
C MET K 208 11.82 -21.29 -28.22
N GLY K 209 13.02 -21.63 -27.77
CA GLY K 209 14.23 -21.18 -28.43
C GLY K 209 14.69 -19.79 -28.04
N LYS K 210 14.04 -19.17 -27.05
CA LYS K 210 14.38 -17.81 -26.65
C LYS K 210 15.51 -17.82 -25.63
N VAL K 211 16.19 -16.68 -25.52
CA VAL K 211 17.25 -16.51 -24.53
C VAL K 211 16.61 -16.31 -23.15
N LEU K 212 17.03 -17.12 -22.18
CA LEU K 212 16.52 -17.03 -20.83
C LEU K 212 17.61 -16.54 -19.88
N VAL K 213 17.24 -15.65 -18.97
CA VAL K 213 18.07 -15.25 -17.85
C VAL K 213 17.27 -15.47 -16.58
N THR K 214 17.73 -16.39 -15.73
CA THR K 214 17.18 -16.59 -14.41
C THR K 214 18.28 -16.42 -13.38
N THR K 215 17.89 -16.05 -12.16
CA THR K 215 18.83 -15.72 -11.10
C THR K 215 18.37 -16.38 -9.80
N GLU K 216 19.25 -16.31 -8.80
CA GLU K 216 18.91 -16.53 -7.40
C GLU K 216 19.76 -15.51 -6.64
N LEU K 217 19.17 -14.34 -6.38
CA LEU K 217 19.90 -13.22 -5.79
C LEU K 217 19.52 -13.11 -4.31
N GLY K 218 20.21 -13.90 -3.50
CA GLY K 218 19.96 -13.86 -2.06
C GLY K 218 18.66 -14.57 -1.71
N GLY K 219 17.96 -14.03 -0.71
CA GLY K 219 16.69 -14.60 -0.30
C GLY K 219 16.24 -14.05 1.03
N GLY K 220 15.47 -14.87 1.75
CA GLY K 220 15.00 -14.53 3.08
C GLY K 220 13.77 -13.64 3.13
N GLY K 221 13.15 -13.34 1.99
CA GLY K 221 12.05 -12.39 1.99
C GLY K 221 12.50 -10.96 2.14
N SER K 222 13.72 -10.66 1.73
CA SER K 222 14.32 -9.34 1.92
C SER K 222 15.37 -9.15 0.85
N SER K 223 15.64 -7.89 0.53
CA SER K 223 16.72 -7.55 -0.39
C SER K 223 17.53 -6.43 0.22
N SER K 224 18.85 -6.52 0.09
CA SER K 224 19.77 -5.54 0.62
C SER K 224 20.19 -4.57 -0.47
N ALA K 225 20.96 -3.56 -0.06
CA ALA K 225 21.46 -2.59 -1.03
C ALA K 225 22.40 -3.25 -2.02
N ARG K 226 23.18 -4.24 -1.57
CA ARG K 226 24.11 -4.92 -2.47
C ARG K 226 23.37 -5.84 -3.44
N SER K 227 22.39 -6.60 -2.93
CA SER K 227 21.65 -7.51 -3.79
C SER K 227 20.78 -6.75 -4.79
N ASN K 228 20.16 -5.65 -4.36
CA ASN K 228 19.48 -4.77 -5.31
C ASN K 228 20.44 -4.29 -6.40
N ALA K 229 21.67 -3.94 -6.00
CA ALA K 229 22.66 -3.50 -6.98
C ALA K 229 23.04 -4.62 -7.94
N ILE K 230 23.16 -5.85 -7.43
CA ILE K 230 23.50 -6.97 -8.30
C ILE K 230 22.44 -7.16 -9.38
N ALA K 231 21.17 -7.06 -9.00
CA ALA K 231 20.09 -7.17 -9.98
C ALA K 231 20.15 -6.04 -10.99
N LYS K 232 20.43 -4.82 -10.54
CA LYS K 232 20.48 -3.68 -11.45
C LYS K 232 21.65 -3.81 -12.43
N LYS K 233 22.80 -4.27 -11.95
CA LYS K 233 23.99 -4.35 -12.81
C LYS K 233 23.76 -5.30 -13.97
N GLY K 234 23.34 -6.53 -13.66
CA GLY K 234 23.14 -7.50 -14.72
C GLY K 234 21.95 -7.20 -15.61
N LEU K 235 20.91 -6.61 -15.05
CA LEU K 235 19.78 -6.16 -15.87
C LEU K 235 20.26 -5.22 -16.96
N ARG K 236 21.09 -4.25 -16.59
CA ARG K 236 21.66 -3.34 -17.59
C ARG K 236 22.66 -4.07 -18.48
N ASN K 237 23.45 -4.98 -17.90
CA ASN K 237 24.40 -5.77 -18.69
C ASN K 237 23.69 -6.58 -19.77
N VAL K 238 22.64 -7.31 -19.38
CA VAL K 238 21.90 -8.14 -20.32
C VAL K 238 21.21 -7.30 -21.39
N LEU K 239 20.72 -6.11 -21.02
CA LEU K 239 20.06 -5.25 -22.00
C LEU K 239 21.05 -4.64 -22.97
N ILE K 240 22.28 -4.36 -22.53
CA ILE K 240 23.32 -3.93 -23.46
C ILE K 240 23.79 -5.12 -24.30
N HIS K 241 23.99 -6.26 -23.64
CA HIS K 241 24.37 -7.48 -24.35
C HIS K 241 23.36 -7.83 -25.44
N ALA K 242 22.08 -7.56 -25.18
CA ALA K 242 21.03 -7.84 -26.16
C ALA K 242 20.84 -6.73 -27.18
N GLY K 243 21.53 -5.60 -27.02
CA GLY K 243 21.45 -4.51 -27.97
C GLY K 243 20.31 -3.54 -27.78
N ILE K 244 19.59 -3.63 -26.65
CA ILE K 244 18.46 -2.75 -26.41
C ILE K 244 18.90 -1.45 -25.74
N LEU K 245 19.78 -1.54 -24.75
CA LEU K 245 20.43 -0.38 -24.18
C LEU K 245 21.83 -0.25 -24.76
N LYS K 246 22.30 0.99 -24.87
CA LYS K 246 23.66 1.25 -25.26
C LYS K 246 24.43 1.79 -24.05
N GLY K 247 25.73 1.57 -24.05
CA GLY K 247 26.56 2.00 -22.96
C GLY K 247 27.64 1.00 -22.67
N GLU K 248 28.27 1.17 -21.51
CA GLU K 248 29.48 0.45 -21.13
C GLU K 248 29.13 -0.58 -20.06
N MET K 249 29.27 -1.86 -20.41
CA MET K 249 28.95 -2.93 -19.47
C MET K 249 29.98 -2.95 -18.34
N GLN K 250 29.51 -3.29 -17.14
CA GLN K 250 30.36 -3.34 -15.96
C GLN K 250 30.70 -4.79 -15.66
N LEU K 251 31.97 -5.15 -15.85
CA LEU K 251 32.46 -6.50 -15.72
C LEU K 251 33.26 -6.62 -14.43
N ASP K 252 32.90 -7.61 -13.60
CA ASP K 252 33.62 -7.95 -12.37
C ASP K 252 33.91 -9.45 -12.43
N GLU K 253 34.68 -9.96 -11.46
CA GLU K 253 34.90 -11.41 -11.44
C GLU K 253 33.65 -12.12 -10.93
N THR K 254 33.51 -13.38 -11.35
CA THR K 254 32.44 -14.22 -10.87
C THR K 254 32.97 -15.63 -10.73
N VAL K 255 32.37 -16.38 -9.82
CA VAL K 255 32.78 -17.74 -9.52
C VAL K 255 31.84 -18.69 -10.26
N ASN K 256 32.41 -19.58 -11.06
CA ASN K 256 31.65 -20.54 -11.83
C ASN K 256 31.41 -21.79 -10.99
N LEU K 257 30.17 -22.27 -10.99
CA LEU K 257 29.78 -23.42 -10.18
C LEU K 257 28.87 -24.32 -11.00
N THR K 258 29.02 -25.63 -10.81
CA THR K 258 28.19 -26.62 -11.47
C THR K 258 27.41 -27.41 -10.43
N MET K 259 26.35 -28.08 -10.89
CA MET K 259 25.52 -28.94 -10.05
C MET K 259 25.30 -30.24 -10.79
N PRO K 260 26.25 -31.19 -10.70
CA PRO K 260 26.16 -32.41 -11.50
C PRO K 260 25.21 -33.46 -10.95
N ASP K 261 24.90 -33.44 -9.65
CA ASP K 261 24.31 -34.60 -9.01
C ASP K 261 23.08 -34.23 -8.18
N ASP K 262 22.33 -35.27 -7.83
CA ASP K 262 21.41 -35.22 -6.70
C ASP K 262 22.16 -35.00 -5.39
N ASP K 263 23.46 -35.31 -5.37
CA ASP K 263 24.28 -35.20 -4.17
C ASP K 263 24.70 -33.76 -3.87
N CYS K 264 24.24 -32.79 -4.66
CA CYS K 264 24.48 -31.40 -4.33
C CYS K 264 23.49 -30.87 -3.29
N PHE K 265 22.32 -31.49 -3.16
CA PHE K 265 21.33 -31.12 -2.18
C PHE K 265 21.51 -31.92 -0.90
N VAL K 266 20.86 -31.45 0.18
CA VAL K 266 20.65 -32.22 1.41
C VAL K 266 19.28 -31.86 1.94
N PHE K 267 18.50 -32.87 2.33
CA PHE K 267 17.12 -32.68 2.75
C PHE K 267 16.94 -33.11 4.20
N SER K 268 16.14 -32.35 4.93
CA SER K 268 15.85 -32.66 6.32
C SER K 268 14.87 -33.82 6.42
N GLU K 269 15.08 -34.68 7.41
CA GLU K 269 14.16 -35.78 7.70
C GLU K 269 13.47 -35.61 9.05
N GLY K 270 13.35 -34.38 9.53
CA GLY K 270 12.67 -34.13 10.79
C GLY K 270 12.39 -32.65 10.97
N ASP K 271 11.49 -32.37 11.90
CA ASP K 271 11.20 -31.01 12.33
C ASP K 271 12.12 -30.62 13.49
N GLY K 272 12.42 -29.34 13.59
CA GLY K 272 13.22 -28.88 14.71
C GLY K 272 13.74 -27.48 14.50
N LEU K 273 14.53 -27.05 15.49
CA LEU K 273 15.22 -25.78 15.42
C LEU K 273 16.48 -25.92 14.58
N PHE K 274 16.65 -25.02 13.62
CA PHE K 274 17.69 -25.14 12.60
C PHE K 274 18.92 -24.34 13.01
N GLU K 275 20.03 -25.03 13.23
CA GLU K 275 21.31 -24.39 13.50
C GLU K 275 22.25 -24.67 12.33
N MET K 276 22.61 -23.63 11.61
CA MET K 276 23.55 -23.74 10.50
C MET K 276 24.98 -23.65 11.02
N MET K 277 25.84 -24.53 10.51
CA MET K 277 27.24 -24.60 10.95
C MET K 277 28.21 -23.94 10.00
N ILE K 278 27.80 -23.72 8.75
CA ILE K 278 28.64 -23.14 7.71
C ILE K 278 27.89 -21.96 7.13
N ASP K 279 28.58 -20.84 6.93
CA ASP K 279 27.88 -19.70 6.36
C ASP K 279 27.83 -19.81 4.83
N LEU K 280 26.89 -19.08 4.24
CA LEU K 280 26.68 -19.13 2.80
C LEU K 280 27.95 -18.79 2.05
N GLY K 281 28.18 -19.53 0.95
CA GLY K 281 29.35 -19.31 0.12
C GLY K 281 30.65 -19.86 0.67
N ALA K 282 30.65 -20.43 1.87
CA ALA K 282 31.88 -20.97 2.40
C ALA K 282 32.18 -22.34 1.78
N PRO K 283 33.45 -22.67 1.60
CA PRO K 283 33.79 -23.98 1.04
C PRO K 283 33.48 -25.09 2.03
N VAL K 284 33.14 -26.26 1.48
CA VAL K 284 32.76 -27.41 2.28
C VAL K 284 33.35 -28.65 1.64
N ALA K 285 33.84 -29.58 2.47
CA ALA K 285 34.33 -30.86 2.01
C ALA K 285 33.24 -31.93 2.17
N LYS K 286 33.39 -33.01 1.41
CA LYS K 286 32.45 -34.11 1.50
C LYS K 286 32.48 -34.70 2.90
N GLY K 287 31.34 -34.64 3.60
CA GLY K 287 31.21 -35.15 4.94
C GLY K 287 31.23 -34.10 6.03
N ASP K 288 31.54 -32.85 5.69
CA ASP K 288 31.58 -31.80 6.70
C ASP K 288 30.18 -31.55 7.28
N LEU K 289 30.16 -31.10 8.53
CA LEU K 289 28.91 -30.81 9.22
C LEU K 289 28.30 -29.53 8.62
N LEU K 290 27.15 -29.68 7.95
CA LEU K 290 26.48 -28.52 7.38
C LEU K 290 25.59 -27.83 8.40
N ALA K 291 24.76 -28.60 9.09
CA ALA K 291 23.81 -28.02 10.04
C ALA K 291 23.41 -29.08 11.05
N ARG K 292 23.05 -28.61 12.25
CA ARG K 292 22.42 -29.42 13.28
C ARG K 292 20.98 -28.97 13.49
N VAL K 293 20.12 -29.92 13.85
CA VAL K 293 18.71 -29.64 14.10
C VAL K 293 18.38 -30.07 15.52
N TRP K 294 17.93 -29.10 16.34
CA TRP K 294 17.59 -29.28 17.74
C TRP K 294 16.11 -29.58 17.90
N PRO K 295 15.73 -30.35 18.92
CA PRO K 295 14.31 -30.65 19.13
C PRO K 295 13.50 -29.40 19.45
N LEU K 296 12.24 -29.41 19.02
CA LEU K 296 11.36 -28.28 19.27
C LEU K 296 10.72 -28.34 20.64
N ASP K 297 10.56 -29.54 21.20
CA ASP K 297 9.74 -29.72 22.39
C ASP K 297 10.53 -30.24 23.60
N ARG K 298 11.85 -30.35 23.51
CA ARG K 298 12.63 -30.92 24.59
C ARG K 298 14.02 -30.28 24.63
N THR K 299 14.72 -30.53 25.73
CA THR K 299 16.10 -30.10 25.90
C THR K 299 16.95 -31.31 26.31
N GLY K 300 18.27 -31.13 26.24
CA GLY K 300 19.20 -32.17 26.62
C GLY K 300 19.42 -33.25 25.59
N GLN K 301 18.64 -33.26 24.52
CA GLN K 301 18.79 -34.27 23.47
C GLN K 301 19.91 -33.87 22.53
N PRO K 302 20.71 -34.82 22.06
CA PRO K 302 21.72 -34.51 21.04
C PRO K 302 21.05 -34.11 19.74
N PRO K 303 21.60 -33.13 19.03
CA PRO K 303 20.98 -32.67 17.79
C PRO K 303 21.20 -33.64 16.64
N VAL K 304 20.35 -33.48 15.62
CA VAL K 304 20.45 -34.23 14.38
C VAL K 304 21.44 -33.53 13.46
N GLU K 305 22.35 -34.28 12.87
CA GLU K 305 23.43 -33.71 12.07
C GLU K 305 23.19 -33.99 10.59
N TYR K 306 23.36 -32.95 9.77
CA TYR K 306 23.25 -33.05 8.32
C TYR K 306 24.58 -32.64 7.71
N ARG K 307 25.14 -33.52 6.88
CA ARG K 307 26.48 -33.35 6.37
C ARG K 307 26.49 -33.28 4.85
N ALA K 308 27.53 -32.64 4.31
CA ALA K 308 27.64 -32.45 2.87
C ALA K 308 27.84 -33.79 2.17
N ARG K 309 27.02 -34.05 1.17
CA ARG K 309 27.12 -35.27 0.37
C ARG K 309 28.02 -35.08 -0.84
N ARG K 310 28.69 -33.94 -0.94
CA ARG K 310 29.54 -33.58 -2.08
C ARG K 310 30.29 -32.31 -1.71
N ALA K 311 31.51 -32.18 -2.24
CA ALA K 311 32.36 -31.05 -1.91
C ALA K 311 32.11 -29.87 -2.85
N GLY K 312 32.44 -28.69 -2.37
CA GLY K 312 32.30 -27.47 -3.15
C GLY K 312 31.97 -26.29 -2.23
N LEU K 313 31.11 -25.41 -2.74
CA LEU K 313 30.67 -24.21 -2.01
C LEU K 313 29.21 -24.36 -1.64
N VAL K 314 28.87 -23.94 -0.42
CA VAL K 314 27.47 -23.90 -0.01
C VAL K 314 26.79 -22.72 -0.71
N ILE K 315 26.01 -23.02 -1.75
CA ILE K 315 25.36 -21.99 -2.55
C ILE K 315 23.93 -21.70 -2.08
N SER K 316 23.41 -22.46 -1.13
CA SER K 316 22.03 -22.29 -0.68
C SER K 316 21.86 -22.93 0.69
N ARG K 317 21.01 -22.33 1.51
CA ARG K 317 20.71 -22.88 2.82
C ARG K 317 19.23 -22.71 3.12
N HIS K 318 18.74 -23.54 4.02
CA HIS K 318 17.40 -23.36 4.58
C HIS K 318 17.42 -22.13 5.47
N PHE K 319 16.59 -21.13 5.13
CA PHE K 319 16.64 -19.84 5.81
C PHE K 319 16.00 -19.85 7.21
N PRO K 320 14.73 -20.22 7.36
CA PRO K 320 14.05 -19.94 8.64
C PRO K 320 14.66 -20.70 9.81
N GLY K 321 14.41 -20.17 11.01
CA GLY K 321 14.88 -20.82 12.23
C GLY K 321 14.22 -22.15 12.52
N LEU K 322 13.02 -22.36 12.00
CA LEU K 322 12.32 -23.63 12.13
C LEU K 322 12.44 -24.39 10.82
N ILE K 323 12.88 -25.64 10.90
CA ILE K 323 12.98 -26.49 9.72
C ILE K 323 11.99 -27.64 9.85
N LYS K 324 11.44 -28.04 8.71
CA LYS K 324 10.48 -29.12 8.64
C LYS K 324 11.08 -30.30 7.89
N SER K 325 10.57 -31.49 8.20
CA SER K 325 10.98 -32.69 7.48
C SER K 325 10.69 -32.52 5.99
N GLY K 326 11.72 -32.72 5.18
CA GLY K 326 11.61 -32.54 3.75
C GLY K 326 12.15 -31.23 3.23
N ASP K 327 12.43 -30.27 4.10
CA ASP K 327 13.05 -29.02 3.66
C ASP K 327 14.46 -29.29 3.15
N CYS K 328 14.89 -28.47 2.20
CA CYS K 328 16.23 -28.61 1.63
C CYS K 328 17.22 -27.93 2.56
N VAL K 329 18.02 -28.74 3.27
CA VAL K 329 18.95 -28.22 4.29
C VAL K 329 19.91 -27.23 3.67
N ALA K 330 20.66 -27.68 2.66
CA ALA K 330 21.67 -26.85 2.00
C ALA K 330 21.99 -27.46 0.65
N VAL K 331 22.54 -26.63 -0.23
CA VAL K 331 22.93 -27.08 -1.56
C VAL K 331 24.37 -26.67 -1.82
N VAL K 332 25.15 -27.59 -2.40
CA VAL K 332 26.56 -27.38 -2.68
C VAL K 332 26.74 -27.25 -4.18
N GLY K 333 27.48 -26.24 -4.60
CA GLY K 333 27.92 -26.09 -5.98
C GLY K 333 29.39 -26.43 -6.09
N VAL K 334 29.76 -27.19 -7.11
CA VAL K 334 31.08 -27.77 -7.17
C VAL K 334 32.03 -26.85 -7.94
N THR K 335 33.32 -27.01 -7.66
CA THR K 335 34.39 -26.17 -8.21
C THR K 335 34.26 -24.72 -7.77
N GLN L 9 -71.04 48.91 -4.51
CA GLN L 9 -70.22 47.98 -3.74
C GLN L 9 -70.59 46.54 -4.03
N LYS L 10 -71.89 46.28 -4.17
CA LYS L 10 -72.36 44.91 -4.36
C LYS L 10 -72.01 44.42 -5.76
N ASN L 11 -71.16 43.39 -5.84
CA ASN L 11 -70.62 42.92 -7.11
C ASN L 11 -71.74 42.41 -8.02
N PRO L 12 -71.71 42.75 -9.32
CA PRO L 12 -72.80 42.36 -10.23
C PRO L 12 -72.82 40.90 -10.66
N ILE L 13 -71.86 40.07 -10.26
CA ILE L 13 -71.87 38.68 -10.68
C ILE L 13 -72.93 37.91 -9.91
N SER L 14 -73.70 37.08 -10.62
CA SER L 14 -74.71 36.23 -10.01
C SER L 14 -74.61 34.84 -10.64
N PRO L 15 -74.53 33.79 -9.83
CA PRO L 15 -74.50 32.43 -10.40
C PRO L 15 -75.83 32.06 -11.04
N THR L 16 -75.76 31.22 -12.06
CA THR L 16 -76.94 30.61 -12.67
C THR L 16 -77.36 29.33 -11.95
N ILE L 17 -76.63 28.92 -10.93
CA ILE L 17 -76.93 27.71 -10.18
C ILE L 17 -76.84 28.02 -8.69
N PRO L 18 -77.53 27.26 -7.85
CA PRO L 18 -77.40 27.47 -6.41
C PRO L 18 -76.04 27.03 -5.90
N LEU L 19 -75.57 27.73 -4.87
CA LEU L 19 -74.26 27.46 -4.27
C LEU L 19 -74.34 26.70 -2.95
N ASP L 20 -75.56 26.45 -2.44
CA ASP L 20 -75.68 25.95 -1.07
C ASP L 20 -76.74 24.85 -0.95
N ARG L 21 -76.94 24.05 -2.00
CA ARG L 21 -77.88 22.94 -1.96
C ARG L 21 -77.18 21.66 -2.41
N ASP L 22 -77.66 20.54 -1.89
CA ASP L 22 -77.06 19.25 -2.22
C ASP L 22 -77.35 18.87 -3.67
N GLY L 23 -76.44 18.10 -4.24
CA GLY L 23 -76.56 17.61 -5.60
C GLY L 23 -75.46 18.15 -6.51
N VAL L 24 -75.54 17.76 -7.77
CA VAL L 24 -74.62 18.22 -8.80
C VAL L 24 -75.29 19.36 -9.56
N PHE L 25 -74.56 20.46 -9.75
CA PHE L 25 -75.11 21.64 -10.40
C PHE L 25 -74.07 22.22 -11.33
N HIS L 26 -74.40 22.30 -12.61
CA HIS L 26 -73.52 22.86 -13.63
C HIS L 26 -74.15 24.13 -14.19
N GLY L 27 -73.40 25.21 -14.17
CA GLY L 27 -73.92 26.50 -14.59
C GLY L 27 -72.81 27.48 -14.85
N PHE L 28 -73.09 28.76 -14.60
CA PHE L 28 -72.18 29.83 -14.95
C PHE L 28 -72.23 30.95 -13.92
N LEU L 29 -71.10 31.62 -13.76
CA LEU L 29 -71.03 32.89 -13.04
C LEU L 29 -71.24 33.98 -14.08
N LYS L 30 -72.46 34.51 -14.16
CA LYS L 30 -72.79 35.52 -15.16
C LYS L 30 -72.29 36.88 -14.69
N LEU L 31 -71.28 37.41 -15.39
CA LEU L 31 -70.79 38.75 -15.13
C LEU L 31 -71.29 39.66 -16.24
N PRO L 32 -72.17 40.63 -15.95
CA PRO L 32 -72.66 41.52 -17.00
C PRO L 32 -71.50 42.27 -17.66
N HIS L 33 -71.39 42.10 -18.97
CA HIS L 33 -70.32 42.72 -19.76
C HIS L 33 -70.94 43.36 -21.00
N SER L 34 -71.08 44.68 -20.98
CA SER L 34 -71.68 45.41 -22.08
C SER L 34 -70.56 45.92 -23.00
N ARG L 35 -70.62 45.52 -24.27
CA ARG L 35 -69.49 45.67 -25.18
C ARG L 35 -70.01 45.84 -26.60
N ASP L 36 -69.09 46.15 -27.52
CA ASP L 36 -69.46 46.44 -28.90
C ASP L 36 -70.18 45.25 -29.55
N ASP L 37 -69.70 44.03 -29.30
CA ASP L 37 -70.31 42.86 -29.90
C ASP L 37 -71.53 42.36 -29.14
N SER L 38 -71.81 42.91 -27.96
CA SER L 38 -72.96 42.46 -27.15
C SER L 38 -73.33 43.59 -26.19
N ALA L 39 -74.46 44.25 -26.44
CA ALA L 39 -74.84 45.40 -25.64
C ALA L 39 -75.35 45.00 -24.26
N TRP L 40 -76.22 43.98 -24.21
CA TRP L 40 -76.71 43.41 -22.96
C TRP L 40 -76.00 42.10 -22.62
N GLY L 41 -74.77 41.94 -23.11
CA GLY L 41 -74.07 40.67 -23.00
C GLY L 41 -73.52 40.39 -21.63
N SER L 42 -72.84 39.25 -21.52
CA SER L 42 -72.32 38.81 -20.24
C SER L 42 -71.14 37.87 -20.47
N VAL L 43 -70.22 37.87 -19.50
CA VAL L 43 -69.17 36.86 -19.43
C VAL L 43 -69.72 35.69 -18.62
N MET L 44 -69.79 34.52 -19.24
CA MET L 44 -70.40 33.34 -18.63
C MET L 44 -69.28 32.41 -18.18
N ILE L 45 -68.79 32.62 -16.96
CA ILE L 45 -67.72 31.81 -16.39
C ILE L 45 -68.27 30.45 -15.98
N PRO L 46 -67.85 29.36 -16.62
CA PRO L 46 -68.36 28.04 -16.23
C PRO L 46 -67.91 27.64 -14.84
N LEU L 47 -68.82 27.00 -14.10
CA LEU L 47 -68.49 26.46 -12.79
C LEU L 47 -69.43 25.31 -12.46
N THR L 48 -68.94 24.41 -11.60
CA THR L 48 -69.71 23.29 -11.06
C THR L 48 -69.73 23.40 -9.54
N VAL L 49 -70.91 23.17 -8.95
CA VAL L 49 -71.06 23.11 -7.51
C VAL L 49 -71.53 21.71 -7.14
N ILE L 50 -70.72 21.00 -6.36
CA ILE L 50 -71.07 19.70 -5.82
C ILE L 50 -71.21 19.86 -4.32
N LYS L 51 -72.37 19.49 -3.78
CA LYS L 51 -72.61 19.61 -2.36
C LYS L 51 -73.31 18.37 -1.84
N ASN L 52 -72.92 17.93 -0.64
CA ASN L 52 -73.58 16.80 0.01
C ASN L 52 -73.33 16.93 1.50
N GLY L 53 -74.38 17.19 2.27
CA GLY L 53 -74.28 17.26 3.71
C GLY L 53 -73.45 18.44 4.20
N ALA L 54 -73.02 18.33 5.45
CA ALA L 54 -72.21 19.34 6.11
C ALA L 54 -70.75 18.94 6.08
N GLY L 55 -69.89 19.90 5.76
CA GLY L 55 -68.47 19.66 5.68
C GLY L 55 -67.73 20.84 5.12
N PRO L 56 -66.39 20.76 5.10
CA PRO L 56 -65.60 21.87 4.56
C PRO L 56 -65.88 22.10 3.09
N THR L 57 -65.56 23.31 2.64
CA THR L 57 -65.84 23.74 1.27
C THR L 57 -64.55 24.11 0.59
N ALA L 58 -64.34 23.59 -0.62
CA ALA L 58 -63.10 23.77 -1.37
C ALA L 58 -63.37 24.61 -2.61
N LEU L 59 -62.65 25.72 -2.73
CA LEU L 59 -62.70 26.59 -3.90
C LEU L 59 -61.58 26.20 -4.85
N LEU L 60 -61.93 25.71 -6.02
CA LEU L 60 -60.98 25.14 -6.97
C LEU L 60 -60.96 25.98 -8.23
N THR L 61 -59.80 26.52 -8.57
CA THR L 61 -59.63 27.32 -9.77
C THR L 61 -58.46 26.81 -10.60
N GLY L 62 -58.68 26.76 -11.92
CA GLY L 62 -57.62 26.61 -12.88
C GLY L 62 -57.67 27.79 -13.83
N ALA L 63 -56.60 27.93 -14.61
CA ALA L 63 -56.51 28.98 -15.64
C ALA L 63 -56.66 30.37 -15.03
N ASN L 64 -56.04 30.57 -13.86
CA ASN L 64 -55.82 31.92 -13.37
C ASN L 64 -55.12 32.76 -14.43
N HIS L 65 -54.10 32.20 -15.07
CA HIS L 65 -53.61 32.66 -16.35
C HIS L 65 -54.11 31.69 -17.43
N GLY L 66 -54.49 32.24 -18.58
CA GLY L 66 -55.27 31.47 -19.53
C GLY L 66 -54.53 30.33 -20.20
N ASP L 67 -53.22 30.48 -20.39
CA ASP L 67 -52.43 29.51 -21.15
C ASP L 67 -51.76 28.47 -20.27
N GLU L 68 -52.41 28.09 -19.17
CA GLU L 68 -51.87 27.13 -18.22
C GLU L 68 -52.93 26.07 -17.97
N TYR L 69 -52.65 24.82 -18.36
CA TYR L 69 -53.70 23.86 -18.66
C TYR L 69 -53.76 22.63 -17.77
N GLU L 70 -52.74 22.34 -16.97
CA GLU L 70 -52.79 21.15 -16.13
C GLU L 70 -53.98 21.20 -15.17
N GLY L 71 -54.20 22.34 -14.54
CA GLY L 71 -55.30 22.52 -13.64
C GLY L 71 -56.66 22.43 -14.27
N PRO L 72 -56.90 23.19 -15.35
CA PRO L 72 -58.18 23.06 -16.06
C PRO L 72 -58.52 21.64 -16.46
N VAL L 73 -57.54 20.85 -16.87
CA VAL L 73 -57.80 19.45 -17.22
C VAL L 73 -58.28 18.68 -16.00
N ALA L 74 -57.53 18.76 -14.90
CA ALA L 74 -57.90 18.03 -13.70
C ALA L 74 -59.25 18.47 -13.15
N LEU L 75 -59.62 19.75 -13.35
CA LEU L 75 -60.87 20.24 -12.79
C LEU L 75 -62.08 19.86 -13.65
N HIS L 76 -61.91 19.81 -14.97
CA HIS L 76 -63.02 19.39 -15.83
C HIS L 76 -63.39 17.93 -15.57
N GLU L 77 -62.39 17.06 -15.42
CA GLU L 77 -62.68 15.68 -15.04
C GLU L 77 -63.34 15.61 -13.66
N LEU L 78 -62.88 16.44 -12.73
CA LEU L 78 -63.49 16.47 -11.40
C LEU L 78 -64.94 16.95 -11.47
N ALA L 79 -65.21 17.95 -12.31
CA ALA L 79 -66.57 18.47 -12.42
C ALA L 79 -67.52 17.46 -13.03
N ALA L 80 -67.02 16.56 -13.87
CA ALA L 80 -67.88 15.66 -14.64
C ALA L 80 -67.92 14.23 -14.10
N THR L 81 -66.92 13.80 -13.33
CA THR L 81 -66.86 12.42 -12.85
C THR L 81 -67.02 12.32 -11.33
N THR L 82 -67.53 13.37 -10.70
CA THR L 82 -67.78 13.37 -9.26
C THR L 82 -69.27 13.35 -9.00
N SER L 83 -69.72 12.41 -8.18
CA SER L 83 -71.11 12.34 -7.76
C SER L 83 -71.25 12.84 -6.33
N ALA L 84 -72.45 13.34 -6.01
CA ALA L 84 -72.69 13.94 -4.70
C ALA L 84 -72.50 12.91 -3.59
N GLU L 85 -72.90 11.67 -3.84
CA GLU L 85 -72.73 10.60 -2.87
C GLU L 85 -71.26 10.40 -2.47
N ASP L 86 -70.32 10.94 -3.24
CA ASP L 86 -68.90 10.79 -2.99
C ASP L 86 -68.31 11.90 -2.11
N VAL L 87 -69.08 12.94 -1.83
CA VAL L 87 -68.56 14.19 -1.30
C VAL L 87 -69.11 14.43 0.10
N THR L 88 -68.22 14.85 1.00
CA THR L 88 -68.57 15.25 2.37
C THR L 88 -68.23 16.73 2.49
N GLY L 89 -69.16 17.59 2.09
CA GLY L 89 -68.90 19.02 2.10
C GLY L 89 -69.41 19.72 0.87
N ARG L 90 -68.58 20.56 0.25
CA ARG L 90 -68.98 21.28 -0.94
C ARG L 90 -67.77 21.62 -1.79
N LEU L 91 -67.90 21.39 -3.11
CA LEU L 91 -66.89 21.76 -4.09
C LEU L 91 -67.41 22.88 -4.97
N ILE L 92 -66.64 23.94 -5.10
CA ILE L 92 -66.91 25.02 -6.04
C ILE L 92 -65.81 24.97 -7.09
N ILE L 93 -66.12 24.43 -8.26
CA ILE L 93 -65.11 24.11 -9.26
C ILE L 93 -65.22 25.12 -10.40
N VAL L 94 -64.21 25.96 -10.53
CA VAL L 94 -64.09 26.91 -11.64
C VAL L 94 -62.86 26.52 -12.45
N PRO L 95 -63.00 25.67 -13.47
CA PRO L 95 -61.80 25.22 -14.21
C PRO L 95 -61.10 26.32 -14.97
N ALA L 96 -61.80 27.39 -15.35
CA ALA L 96 -61.21 28.53 -16.04
C ALA L 96 -61.50 29.78 -15.21
N PHE L 97 -60.48 30.29 -14.52
CA PHE L 97 -60.65 31.35 -13.53
C PHE L 97 -60.70 32.72 -14.18
N ASN L 98 -59.64 33.09 -14.90
CA ASN L 98 -59.69 34.25 -15.80
C ASN L 98 -60.26 33.74 -17.12
N TYR L 99 -61.57 33.53 -17.12
CA TYR L 99 -62.22 32.89 -18.26
C TYR L 99 -61.97 33.59 -19.60
N PRO L 100 -62.02 34.92 -19.71
CA PRO L 100 -61.69 35.53 -21.00
C PRO L 100 -60.28 35.22 -21.47
N ALA L 101 -59.31 35.20 -20.57
CA ALA L 101 -57.94 34.85 -20.95
C ALA L 101 -57.85 33.40 -21.40
N PHE L 102 -58.57 32.50 -20.71
CA PHE L 102 -58.55 31.09 -21.08
C PHE L 102 -59.08 30.89 -22.49
N ARG L 103 -60.22 31.50 -22.81
CA ARG L 103 -60.77 31.39 -24.15
C ARG L 103 -59.89 32.04 -25.20
N ALA L 104 -59.06 33.01 -24.81
CA ALA L 104 -58.13 33.66 -25.72
C ALA L 104 -56.80 32.91 -25.81
N GLY L 105 -56.59 31.89 -24.98
CA GLY L 105 -55.33 31.17 -24.99
C GLY L 105 -54.13 31.99 -24.57
N SER L 106 -54.35 33.06 -23.80
CA SER L 106 -53.29 33.99 -23.43
C SER L 106 -53.24 34.14 -21.92
N ARG L 107 -52.09 34.61 -21.42
CA ARG L 107 -51.92 34.82 -20.00
C ARG L 107 -52.94 35.81 -19.46
N THR L 108 -53.11 36.93 -20.14
CA THR L 108 -53.97 38.01 -19.70
C THR L 108 -55.19 38.11 -20.61
N SER L 109 -56.18 38.89 -20.17
CA SER L 109 -57.46 38.92 -20.85
C SER L 109 -57.42 39.82 -22.09
N PRO L 110 -58.17 39.47 -23.14
CA PRO L 110 -58.31 40.36 -24.31
C PRO L 110 -59.26 41.51 -24.04
N ILE L 111 -60.33 41.28 -23.27
CA ILE L 111 -60.96 42.39 -22.58
C ILE L 111 -59.89 43.04 -21.73
N ASP L 112 -60.07 44.33 -21.44
CA ASP L 112 -59.19 45.11 -20.57
C ASP L 112 -57.75 45.04 -21.07
N ARG L 113 -57.58 44.44 -22.26
CA ARG L 113 -56.34 44.38 -23.01
C ARG L 113 -55.14 44.06 -22.13
N GLY L 114 -55.10 42.86 -21.56
CA GLY L 114 -53.91 42.47 -20.84
C GLY L 114 -53.98 42.61 -19.33
N ASN L 115 -54.99 42.03 -18.68
CA ASN L 115 -55.00 42.04 -17.23
C ASN L 115 -54.60 40.68 -16.68
N LEU L 116 -53.48 40.66 -15.97
CA LEU L 116 -53.17 39.59 -15.06
C LEU L 116 -54.23 39.57 -13.95
N ASN L 117 -54.78 38.38 -13.71
CA ASN L 117 -55.75 38.17 -12.64
C ASN L 117 -55.12 38.38 -11.27
N ARG L 118 -53.86 38.84 -11.25
CA ARG L 118 -53.24 39.39 -10.05
C ARG L 118 -53.70 40.83 -9.88
N SER L 119 -55.02 41.02 -9.88
CA SER L 119 -55.66 42.33 -9.71
C SER L 119 -56.50 42.34 -8.44
N PHE L 120 -56.12 41.55 -7.45
CA PHE L 120 -56.88 41.54 -6.21
C PHE L 120 -56.46 42.71 -5.33
N PRO L 121 -57.36 43.21 -4.47
CA PRO L 121 -58.71 42.75 -4.19
C PRO L 121 -59.71 42.98 -5.32
N GLY L 122 -59.31 43.69 -6.36
CA GLY L 122 -60.24 44.05 -7.40
C GLY L 122 -61.29 45.01 -6.85
N ARG L 123 -62.34 45.22 -7.65
CA ARG L 123 -63.42 46.10 -7.24
C ARG L 123 -64.63 45.83 -8.12
N PRO L 124 -65.84 46.02 -7.60
CA PRO L 124 -67.04 45.69 -8.38
C PRO L 124 -67.38 46.67 -9.48
N ASP L 125 -66.68 47.81 -9.57
CA ASP L 125 -66.97 48.84 -10.55
C ASP L 125 -65.89 48.99 -11.60
N GLY L 126 -64.89 48.11 -11.61
CA GLY L 126 -63.73 48.27 -12.47
C GLY L 126 -63.81 47.45 -13.73
N THR L 127 -62.66 46.92 -14.15
CA THR L 127 -62.59 46.11 -15.36
C THR L 127 -63.32 44.77 -15.14
N VAL L 128 -63.50 44.04 -16.25
CA VAL L 128 -64.07 42.70 -16.18
C VAL L 128 -63.28 41.85 -15.18
N THR L 129 -61.96 42.00 -15.22
CA THR L 129 -61.03 41.23 -14.40
C THR L 129 -61.08 41.65 -12.93
N GLU L 130 -61.13 42.96 -12.69
CA GLU L 130 -61.28 43.46 -11.34
C GLU L 130 -62.63 43.05 -10.75
N LYS L 131 -63.64 42.89 -11.61
CA LYS L 131 -64.93 42.39 -11.15
C LYS L 131 -64.87 40.90 -10.83
N ILE L 132 -64.08 40.13 -11.58
CA ILE L 132 -63.87 38.73 -11.25
C ILE L 132 -63.06 38.60 -9.97
N ALA L 133 -61.96 39.36 -9.88
CA ALA L 133 -61.17 39.39 -8.66
C ALA L 133 -62.01 39.81 -7.46
N ASP L 134 -62.92 40.76 -7.65
CA ASP L 134 -63.75 41.24 -6.55
C ASP L 134 -64.74 40.18 -6.10
N TYR L 135 -65.31 39.42 -7.04
CA TYR L 135 -66.30 38.42 -6.67
C TYR L 135 -65.69 37.30 -5.85
N PHE L 136 -64.48 36.84 -6.22
CA PHE L 136 -63.83 35.83 -5.40
C PHE L 136 -63.34 36.41 -4.08
N GLN L 137 -62.90 37.67 -4.09
CA GLN L 137 -62.32 38.25 -2.88
C GLN L 137 -63.31 38.25 -1.72
N ARG L 138 -64.53 38.73 -1.96
CA ARG L 138 -65.46 38.97 -0.86
C ARG L 138 -66.76 38.18 -0.95
N THR L 139 -66.97 37.37 -2.00
CA THR L 139 -68.17 36.57 -2.09
C THR L 139 -67.89 35.08 -2.05
N LEU L 140 -66.91 34.59 -2.83
CA LEU L 140 -66.64 33.16 -2.88
C LEU L 140 -65.58 32.73 -1.88
N LEU L 141 -64.49 33.47 -1.76
CA LEU L 141 -63.42 33.07 -0.84
C LEU L 141 -63.86 33.02 0.63
N PRO L 142 -64.70 33.92 1.14
CA PRO L 142 -65.24 33.71 2.49
C PRO L 142 -66.04 32.41 2.63
N MET L 143 -66.65 31.94 1.54
CA MET L 143 -67.42 30.70 1.60
C MET L 143 -66.53 29.47 1.70
N ALA L 144 -65.25 29.57 1.34
CA ALA L 144 -64.39 28.41 1.21
C ALA L 144 -63.54 28.22 2.47
N ASP L 145 -63.15 26.96 2.70
CA ASP L 145 -62.13 26.62 3.69
C ASP L 145 -60.78 26.37 3.05
N LEU L 146 -60.77 25.91 1.81
CA LEU L 146 -59.58 25.50 1.10
C LEU L 146 -59.59 26.11 -0.30
N ALA L 147 -58.46 26.65 -0.74
CA ALA L 147 -58.35 27.27 -2.04
C ALA L 147 -57.22 26.60 -2.81
N VAL L 148 -57.57 25.96 -3.92
CA VAL L 148 -56.60 25.36 -4.82
C VAL L 148 -56.61 26.16 -6.11
N ASP L 149 -55.48 26.77 -6.44
CA ASP L 149 -55.35 27.67 -7.59
C ASP L 149 -54.18 27.16 -8.46
N PHE L 150 -54.52 26.48 -9.56
CA PHE L 150 -53.51 25.84 -10.39
C PHE L 150 -52.76 26.84 -11.25
N HIS L 151 -51.45 26.64 -11.36
CA HIS L 151 -50.61 27.46 -12.22
C HIS L 151 -49.57 26.58 -12.91
N SER L 152 -49.12 27.04 -14.07
CA SER L 152 -47.99 26.43 -14.78
C SER L 152 -47.22 27.54 -15.48
N GLY L 153 -46.21 27.17 -16.25
CA GLY L 153 -45.34 28.16 -16.86
C GLY L 153 -46.02 29.06 -17.87
N GLY L 154 -47.05 28.56 -18.53
CA GLY L 154 -47.63 29.30 -19.63
C GLY L 154 -46.77 29.17 -20.88
N LYS L 155 -47.03 30.06 -21.84
CA LYS L 155 -46.35 29.97 -23.13
C LYS L 155 -44.91 30.43 -23.10
N THR L 156 -44.51 31.18 -22.07
CA THR L 156 -43.17 31.77 -22.05
C THR L 156 -42.25 31.13 -21.02
N LEU L 157 -42.76 30.28 -20.14
CA LEU L 157 -41.93 29.65 -19.12
C LEU L 157 -42.27 28.17 -19.02
N ASP L 158 -41.30 27.39 -18.58
CA ASP L 158 -41.46 25.97 -18.30
C ASP L 158 -40.91 25.68 -16.92
N PHE L 159 -41.60 24.85 -16.16
CA PHE L 159 -41.23 24.56 -14.78
C PHE L 159 -41.09 23.05 -14.57
N VAL L 160 -40.32 22.69 -13.56
CA VAL L 160 -40.46 21.34 -13.01
C VAL L 160 -41.79 21.27 -12.25
N PRO L 161 -42.53 20.17 -12.32
CA PRO L 161 -43.86 20.15 -11.68
C PRO L 161 -43.73 20.16 -10.17
N PHE L 162 -44.38 21.14 -9.53
CA PHE L 162 -44.19 21.28 -8.09
C PHE L 162 -45.37 22.03 -7.47
N ALA L 163 -45.62 21.71 -6.21
CA ALA L 163 -46.55 22.45 -5.36
C ALA L 163 -45.77 23.46 -4.54
N ALA L 164 -46.42 24.55 -4.17
CA ALA L 164 -45.70 25.68 -3.59
C ALA L 164 -46.47 26.27 -2.43
N ALA L 165 -45.72 26.91 -1.53
CA ALA L 165 -46.28 27.63 -0.39
C ALA L 165 -45.26 28.67 0.05
N HIS L 166 -45.75 29.75 0.63
CA HIS L 166 -44.89 30.89 0.98
C HIS L 166 -44.42 30.83 2.43
N ASP L 170 -48.20 34.82 11.22
CA ASP L 170 -48.77 34.26 9.99
C ASP L 170 -48.45 32.77 9.87
N LYS L 171 -48.02 32.16 10.98
CA LYS L 171 -47.43 30.83 10.94
C LYS L 171 -48.45 29.71 11.12
N ALA L 172 -49.62 30.00 11.71
CA ALA L 172 -50.65 28.96 11.82
C ALA L 172 -51.27 28.66 10.46
N THR L 173 -51.57 29.70 9.68
CA THR L 173 -52.06 29.48 8.33
C THR L 173 -50.96 28.92 7.43
N GLN L 174 -49.71 29.35 7.64
CA GLN L 174 -48.60 28.81 6.85
C GLN L 174 -48.44 27.30 7.09
N ALA L 175 -48.54 26.86 8.34
CA ALA L 175 -48.41 25.44 8.65
C ALA L 175 -49.51 24.63 7.98
N ALA L 176 -50.73 25.17 7.93
CA ALA L 176 -51.85 24.44 7.35
C ALA L 176 -51.67 24.25 5.85
N CYS L 177 -51.17 25.27 5.15
CA CYS L 177 -50.98 25.14 3.70
C CYS L 177 -49.78 24.26 3.37
N PHE L 178 -48.72 24.30 4.20
CA PHE L 178 -47.64 23.33 4.03
C PHE L 178 -48.18 21.91 4.11
N ALA L 179 -48.99 21.62 5.13
CA ALA L 179 -49.62 20.31 5.26
C ALA L 179 -50.43 19.97 4.01
N ALA L 180 -51.18 20.94 3.48
CA ALA L 180 -51.88 20.72 2.22
C ALA L 180 -50.89 20.63 1.06
N MET L 181 -49.81 21.41 1.12
CA MET L 181 -48.80 21.33 0.06
C MET L 181 -48.08 19.99 0.10
N LYS L 182 -47.76 19.50 1.30
CA LYS L 182 -47.25 18.14 1.42
C LYS L 182 -48.29 17.13 0.98
N ALA L 183 -49.57 17.43 1.18
CA ALA L 183 -50.64 16.54 0.71
C ALA L 183 -50.66 16.48 -0.82
N PHE L 184 -50.58 17.63 -1.48
CA PHE L 184 -50.48 17.68 -2.94
C PHE L 184 -49.07 17.21 -3.30
N ASN L 185 -48.93 15.91 -3.48
CA ASN L 185 -47.63 15.24 -3.54
C ASN L 185 -47.00 15.37 -4.92
N ALA L 186 -46.67 16.61 -5.28
CA ALA L 186 -45.98 16.86 -6.54
C ALA L 186 -44.56 16.29 -6.48
N PRO L 187 -43.97 15.95 -7.64
CA PRO L 187 -42.59 15.46 -7.63
C PRO L 187 -41.60 16.41 -6.98
N TYR L 188 -41.90 17.71 -6.97
CA TYR L 188 -41.10 18.69 -6.27
C TYR L 188 -42.01 19.48 -5.32
N SER L 189 -41.41 20.00 -4.25
CA SER L 189 -42.10 20.87 -3.31
C SER L 189 -41.23 22.09 -3.07
N VAL L 190 -41.77 23.27 -3.36
CA VAL L 190 -40.97 24.49 -3.44
C VAL L 190 -41.50 25.54 -2.48
N GLU L 191 -40.59 26.13 -1.71
CA GLU L 191 -40.88 27.28 -0.86
C GLU L 191 -40.66 28.53 -1.71
N LEU L 192 -41.75 29.12 -2.19
CA LEU L 192 -41.67 30.17 -3.20
C LEU L 192 -41.15 31.47 -2.61
N LEU L 193 -40.45 32.23 -3.44
CA LEU L 193 -40.02 33.59 -3.12
C LEU L 193 -40.80 34.55 -4.00
N GLU L 194 -41.64 35.37 -3.37
CA GLU L 194 -42.42 36.39 -4.07
C GLU L 194 -41.60 37.11 -5.13
N ILE L 195 -42.20 37.32 -6.29
CA ILE L 195 -41.79 38.46 -7.11
C ILE L 195 -42.23 39.75 -6.45
N ASP L 196 -43.54 39.94 -6.36
CA ASP L 196 -44.15 40.97 -5.51
C ASP L 196 -45.57 40.53 -5.20
N SER L 197 -45.83 40.18 -3.94
CA SER L 197 -47.07 39.55 -3.52
C SER L 197 -48.27 40.50 -3.50
N ALA L 198 -48.11 41.76 -3.88
CA ALA L 198 -49.24 42.67 -3.94
C ALA L 198 -50.16 42.28 -5.10
N GLY L 199 -51.46 42.22 -4.83
CA GLY L 199 -52.45 41.96 -5.85
C GLY L 199 -52.69 40.49 -6.16
N MET L 200 -51.91 39.58 -5.61
CA MET L 200 -52.01 38.18 -5.96
C MET L 200 -53.23 37.53 -5.31
N TYR L 201 -53.76 36.50 -5.98
CA TYR L 201 -54.76 35.64 -5.37
C TYR L 201 -54.17 34.84 -4.22
N ASP L 202 -52.92 34.38 -4.38
CA ASP L 202 -52.25 33.69 -3.29
C ASP L 202 -51.81 34.64 -2.18
N THR L 203 -52.23 35.91 -2.20
CA THR L 203 -52.15 36.77 -1.04
C THR L 203 -53.51 37.02 -0.40
N ALA L 204 -54.57 37.07 -1.21
CA ALA L 204 -55.91 37.25 -0.66
C ALA L 204 -56.34 36.06 0.19
N VAL L 205 -56.01 34.85 -0.27
CA VAL L 205 -56.36 33.65 0.48
C VAL L 205 -55.55 33.57 1.77
N GLU L 206 -54.27 33.91 1.70
CA GLU L 206 -53.41 33.82 2.88
C GLU L 206 -53.80 34.84 3.94
N GLU L 207 -54.07 36.08 3.52
CA GLU L 207 -54.30 37.16 4.48
C GLU L 207 -55.59 36.97 5.26
N MET L 208 -56.61 36.35 4.67
CA MET L 208 -57.82 36.04 5.41
C MET L 208 -57.72 34.69 6.13
N GLY L 209 -56.52 34.12 6.22
CA GLY L 209 -56.27 32.99 7.10
C GLY L 209 -56.74 31.64 6.62
N LYS L 210 -56.88 31.44 5.31
CA LYS L 210 -57.40 30.19 4.78
C LYS L 210 -56.33 29.44 4.01
N VAL L 211 -56.55 28.13 3.87
CA VAL L 211 -55.54 27.24 3.31
C VAL L 211 -55.48 27.43 1.80
N LEU L 212 -54.28 27.66 1.28
CA LEU L 212 -54.08 27.85 -0.15
C LEU L 212 -53.14 26.78 -0.70
N VAL L 213 -53.52 26.18 -1.82
CA VAL L 213 -52.65 25.34 -2.62
C VAL L 213 -52.38 26.07 -3.92
N THR L 214 -51.10 26.18 -4.29
CA THR L 214 -50.73 26.74 -5.58
C THR L 214 -49.58 25.94 -6.17
N THR L 215 -49.56 25.83 -7.49
CA THR L 215 -48.67 24.93 -8.21
C THR L 215 -47.91 25.67 -9.29
N GLU L 216 -46.83 25.04 -9.77
CA GLU L 216 -46.23 25.34 -11.07
C GLU L 216 -46.05 23.97 -11.71
N LEU L 217 -46.97 23.58 -12.59
CA LEU L 217 -46.96 22.23 -13.18
C LEU L 217 -46.59 22.35 -14.66
N GLY L 218 -45.29 22.33 -14.94
CA GLY L 218 -44.85 22.39 -16.33
C GLY L 218 -45.09 23.76 -16.95
N GLY L 219 -45.32 23.75 -18.27
CA GLY L 219 -45.55 25.00 -18.97
C GLY L 219 -45.53 24.80 -20.47
N GLY L 220 -45.12 25.86 -21.18
CA GLY L 220 -45.09 25.83 -22.62
C GLY L 220 -46.42 26.03 -23.30
N GLY L 221 -47.48 26.31 -22.56
CA GLY L 221 -48.80 26.41 -23.17
C GLY L 221 -49.40 25.07 -23.52
N SER L 222 -49.01 24.01 -22.81
CA SER L 222 -49.49 22.68 -23.10
C SER L 222 -49.28 21.80 -21.88
N SER L 223 -50.09 20.75 -21.78
CA SER L 223 -49.97 19.76 -20.72
C SER L 223 -49.84 18.38 -21.35
N SER L 224 -49.00 17.55 -20.75
CA SER L 224 -48.82 16.17 -21.17
C SER L 224 -49.72 15.25 -20.34
N ALA L 225 -49.75 13.97 -20.72
CA ALA L 225 -50.43 12.99 -19.88
C ALA L 225 -49.75 12.89 -18.52
N ARG L 226 -48.44 13.08 -18.48
CA ARG L 226 -47.68 12.91 -17.24
C ARG L 226 -47.99 14.02 -16.23
N SER L 227 -48.10 15.26 -16.68
CA SER L 227 -48.35 16.35 -15.75
C SER L 227 -49.84 16.55 -15.49
N ASN L 228 -50.70 16.20 -16.45
CA ASN L 228 -52.13 16.11 -16.16
C ASN L 228 -52.38 15.17 -15.00
N ALA L 229 -51.69 14.02 -14.98
CA ALA L 229 -51.85 13.06 -13.90
C ALA L 229 -51.38 13.63 -12.57
N ILE L 230 -50.32 14.46 -12.60
CA ILE L 230 -49.84 15.07 -11.37
C ILE L 230 -50.88 16.01 -10.78
N ALA L 231 -51.50 16.83 -11.63
CA ALA L 231 -52.47 17.81 -11.15
C ALA L 231 -53.68 17.13 -10.50
N LYS L 232 -54.23 16.10 -11.15
CA LYS L 232 -55.40 15.43 -10.59
C LYS L 232 -55.04 14.53 -9.42
N LYS L 233 -53.79 14.03 -9.37
CA LYS L 233 -53.35 13.29 -8.19
C LYS L 233 -53.40 14.18 -6.95
N GLY L 234 -52.76 15.36 -7.03
CA GLY L 234 -52.75 16.25 -5.89
C GLY L 234 -54.10 16.84 -5.59
N LEU L 235 -54.92 17.11 -6.62
CA LEU L 235 -56.28 17.57 -6.40
C LEU L 235 -57.07 16.58 -5.56
N ARG L 236 -56.91 15.28 -5.83
CA ARG L 236 -57.60 14.26 -5.06
C ARG L 236 -56.99 14.12 -3.66
N ASN L 237 -55.67 14.29 -3.56
CA ASN L 237 -55.00 14.17 -2.27
C ASN L 237 -55.47 15.26 -1.31
N VAL L 238 -55.36 16.52 -1.71
CA VAL L 238 -55.70 17.61 -0.79
C VAL L 238 -57.17 17.59 -0.44
N LEU L 239 -58.03 17.14 -1.36
CA LEU L 239 -59.45 17.03 -1.03
C LEU L 239 -59.72 15.89 -0.07
N ILE L 240 -58.88 14.84 -0.09
CA ILE L 240 -58.96 13.81 0.94
C ILE L 240 -58.34 14.31 2.24
N HIS L 241 -57.23 15.05 2.14
CA HIS L 241 -56.62 15.65 3.31
C HIS L 241 -57.56 16.63 4.00
N ALA L 242 -58.43 17.29 3.24
CA ALA L 242 -59.36 18.27 3.80
C ALA L 242 -60.65 17.65 4.30
N GLY L 243 -60.95 16.41 3.92
CA GLY L 243 -62.10 15.72 4.44
C GLY L 243 -63.36 15.79 3.62
N ILE L 244 -63.29 16.27 2.39
CA ILE L 244 -64.48 16.35 1.54
C ILE L 244 -64.67 15.08 0.73
N LEU L 245 -63.59 14.51 0.22
CA LEU L 245 -63.60 13.15 -0.30
C LEU L 245 -62.74 12.27 0.60
N LYS L 246 -63.08 10.99 0.62
CA LYS L 246 -62.18 10.00 1.20
C LYS L 246 -61.87 8.94 0.15
N GLY L 247 -61.15 7.92 0.60
CA GLY L 247 -60.22 7.17 -0.21
C GLY L 247 -58.80 7.43 0.25
N GLU L 248 -57.88 6.58 -0.21
CA GLU L 248 -56.52 6.63 0.29
C GLU L 248 -55.61 7.38 -0.67
N MET L 249 -54.68 8.14 -0.11
CA MET L 249 -53.86 9.08 -0.87
C MET L 249 -52.67 8.39 -1.49
N GLN L 250 -52.38 8.75 -2.75
CA GLN L 250 -51.10 8.42 -3.35
C GLN L 250 -50.01 9.24 -2.68
N LEU L 251 -49.01 8.58 -2.12
CA LEU L 251 -47.80 9.26 -1.69
C LEU L 251 -46.63 8.68 -2.46
N ASP L 252 -45.96 9.53 -3.22
CA ASP L 252 -44.71 9.21 -3.88
C ASP L 252 -43.62 10.16 -3.37
N GLU L 253 -42.40 9.97 -3.89
CA GLU L 253 -41.26 10.76 -3.48
C GLU L 253 -41.42 12.21 -3.96
N THR L 254 -40.89 13.15 -3.18
CA THR L 254 -40.85 14.55 -3.56
C THR L 254 -39.51 15.14 -3.15
N VAL L 255 -39.03 16.10 -3.93
CA VAL L 255 -37.76 16.77 -3.66
C VAL L 255 -38.05 18.21 -3.26
N ASN L 256 -37.67 18.56 -2.04
CA ASN L 256 -37.94 19.88 -1.49
C ASN L 256 -36.90 20.88 -1.96
N LEU L 257 -37.36 22.09 -2.26
CA LEU L 257 -36.49 23.17 -2.75
C LEU L 257 -36.93 24.48 -2.12
N THR L 258 -36.00 25.41 -1.98
CA THR L 258 -36.32 26.75 -1.55
C THR L 258 -35.83 27.76 -2.60
N MET L 259 -36.29 28.99 -2.45
CA MET L 259 -35.83 30.13 -3.24
C MET L 259 -35.45 31.21 -2.23
N PRO L 260 -34.24 31.16 -1.67
CA PRO L 260 -33.90 32.06 -0.57
C PRO L 260 -33.47 33.46 -1.01
N ASP L 261 -32.98 33.62 -2.23
CA ASP L 261 -32.30 34.85 -2.61
C ASP L 261 -32.75 35.29 -3.99
N ASP L 262 -32.44 36.55 -4.33
CA ASP L 262 -32.64 37.04 -5.69
C ASP L 262 -31.64 36.44 -6.66
N ASP L 263 -30.53 35.90 -6.16
CA ASP L 263 -29.50 35.30 -7.01
C ASP L 263 -29.97 34.05 -7.73
N CYS L 264 -31.15 33.53 -7.40
CA CYS L 264 -31.67 32.36 -8.10
C CYS L 264 -32.11 32.72 -9.52
N PHE L 265 -32.69 33.91 -9.69
CA PHE L 265 -33.17 34.33 -10.99
C PHE L 265 -32.03 34.87 -11.84
N VAL L 266 -32.09 34.60 -13.14
CA VAL L 266 -31.16 35.16 -14.12
C VAL L 266 -31.98 35.70 -15.28
N PHE L 267 -31.84 37.00 -15.54
CA PHE L 267 -32.63 37.69 -16.56
C PHE L 267 -31.77 38.00 -17.78
N SER L 268 -32.43 38.11 -18.92
CA SER L 268 -31.74 38.46 -20.16
C SER L 268 -31.54 39.97 -20.26
N GLU L 269 -30.52 40.36 -21.00
CA GLU L 269 -30.25 41.77 -21.27
C GLU L 269 -30.26 42.11 -22.76
N GLY L 270 -30.76 41.20 -23.59
CA GLY L 270 -30.85 41.47 -25.02
C GLY L 270 -31.76 40.47 -25.69
N ASP L 271 -32.15 40.80 -26.93
CA ASP L 271 -32.98 39.94 -27.75
C ASP L 271 -32.12 39.02 -28.58
N GLY L 272 -32.62 37.81 -28.83
CA GLY L 272 -31.90 36.87 -29.66
C GLY L 272 -32.54 35.50 -29.67
N LEU L 273 -31.86 34.60 -30.37
CA LEU L 273 -32.27 33.19 -30.40
C LEU L 273 -31.79 32.50 -29.14
N PHE L 274 -32.69 31.76 -28.50
CA PHE L 274 -32.44 31.22 -27.17
C PHE L 274 -31.97 29.77 -27.28
N GLU L 275 -30.77 29.51 -26.79
CA GLU L 275 -30.25 28.14 -26.65
C GLU L 275 -30.06 27.86 -25.16
N MET L 276 -30.90 26.96 -24.64
CA MET L 276 -30.73 26.49 -23.28
C MET L 276 -29.63 25.42 -23.24
N MET L 277 -28.69 25.58 -22.30
CA MET L 277 -27.55 24.68 -22.21
C MET L 277 -27.77 23.52 -21.26
N ILE L 278 -28.57 23.73 -20.21
CA ILE L 278 -28.90 22.72 -19.24
C ILE L 278 -30.34 22.29 -19.51
N ASP L 279 -30.75 21.15 -18.95
CA ASP L 279 -32.14 20.74 -19.06
C ASP L 279 -32.87 21.03 -17.75
N LEU L 280 -34.20 21.09 -17.84
CA LEU L 280 -35.02 21.35 -16.67
C LEU L 280 -34.78 20.27 -15.62
N GLY L 281 -34.65 20.70 -14.36
CA GLY L 281 -34.42 19.80 -13.26
C GLY L 281 -32.99 19.33 -13.11
N ALA L 282 -32.11 19.61 -14.07
CA ALA L 282 -30.76 19.09 -13.99
C ALA L 282 -29.96 19.85 -12.94
N PRO L 283 -29.05 19.18 -12.24
CA PRO L 283 -28.23 19.88 -11.24
C PRO L 283 -27.32 20.91 -11.90
N VAL L 284 -27.08 22.00 -11.18
CA VAL L 284 -26.25 23.09 -11.66
C VAL L 284 -25.42 23.64 -10.52
N ALA L 285 -24.14 23.88 -10.78
CA ALA L 285 -23.28 24.55 -9.84
C ALA L 285 -23.25 26.05 -10.13
N LYS L 286 -22.79 26.83 -9.15
CA LYS L 286 -22.69 28.27 -9.36
C LYS L 286 -21.65 28.56 -10.42
N GLY L 287 -22.04 29.36 -11.40
CA GLY L 287 -21.15 29.70 -12.50
C GLY L 287 -21.24 28.81 -13.70
N ASP L 288 -22.09 27.78 -13.66
CA ASP L 288 -22.28 26.92 -14.82
C ASP L 288 -23.03 27.66 -15.92
N LEU L 289 -22.77 27.27 -17.17
CA LEU L 289 -23.42 27.89 -18.31
C LEU L 289 -24.88 27.47 -18.37
N LEU L 290 -25.80 28.41 -18.14
CA LEU L 290 -27.22 28.09 -18.23
C LEU L 290 -27.70 28.14 -19.67
N ALA L 291 -27.37 29.20 -20.41
CA ALA L 291 -27.88 29.38 -21.75
C ALA L 291 -27.01 30.36 -22.52
N ARG L 292 -26.92 30.16 -23.83
CA ARG L 292 -26.40 31.15 -24.75
C ARG L 292 -27.55 31.75 -25.54
N VAL L 293 -27.34 32.98 -26.02
CA VAL L 293 -28.32 33.69 -26.82
C VAL L 293 -27.62 34.19 -28.08
N TRP L 294 -28.13 33.79 -29.25
CA TRP L 294 -27.59 34.10 -30.56
C TRP L 294 -28.31 35.29 -31.17
N PRO L 295 -27.63 36.09 -31.99
CA PRO L 295 -28.26 37.29 -32.54
C PRO L 295 -29.37 36.94 -33.53
N LEU L 296 -30.37 37.81 -33.57
CA LEU L 296 -31.50 37.61 -34.48
C LEU L 296 -31.17 38.05 -35.89
N ASP L 297 -30.23 38.96 -36.05
CA ASP L 297 -30.03 39.65 -37.32
C ASP L 297 -28.69 39.34 -37.98
N ARG L 298 -27.92 38.37 -37.47
CA ARG L 298 -26.60 38.14 -38.05
C ARG L 298 -26.08 36.76 -37.65
N THR L 299 -25.02 36.36 -38.35
CA THR L 299 -24.29 35.13 -38.09
C THR L 299 -22.83 35.47 -37.82
N GLY L 300 -22.14 34.54 -37.18
CA GLY L 300 -20.71 34.66 -36.96
C GLY L 300 -20.28 35.43 -35.74
N GLN L 301 -21.21 35.88 -34.92
CA GLN L 301 -20.71 36.57 -33.74
C GLN L 301 -20.84 35.68 -32.51
N PRO L 302 -19.98 35.85 -31.52
CA PRO L 302 -20.05 35.04 -30.30
C PRO L 302 -21.37 35.27 -29.58
N PRO L 303 -21.97 34.22 -29.05
CA PRO L 303 -23.25 34.36 -28.36
C PRO L 303 -23.09 34.98 -26.98
N VAL L 304 -24.19 35.55 -26.50
CA VAL L 304 -24.24 36.10 -25.15
C VAL L 304 -24.54 34.98 -24.18
N GLU L 305 -23.72 34.85 -23.14
CA GLU L 305 -23.79 33.73 -22.22
C GLU L 305 -24.38 34.17 -20.88
N TYR L 306 -25.18 33.29 -20.29
CA TYR L 306 -25.83 33.53 -19.00
C TYR L 306 -25.52 32.36 -18.09
N ARG L 307 -24.87 32.65 -16.96
CA ARG L 307 -24.39 31.61 -16.06
C ARG L 307 -25.11 31.69 -14.72
N ALA L 308 -25.25 30.54 -14.07
CA ALA L 308 -25.99 30.45 -12.82
C ALA L 308 -25.25 31.16 -11.71
N ARG L 309 -26.00 31.90 -10.90
CA ARG L 309 -25.43 32.64 -9.78
C ARG L 309 -25.71 31.98 -8.44
N ARG L 310 -26.39 30.84 -8.43
CA ARG L 310 -26.52 29.98 -7.26
C ARG L 310 -26.54 28.54 -7.72
N ALA L 311 -26.11 27.64 -6.84
CA ALA L 311 -26.14 26.21 -7.13
C ALA L 311 -27.49 25.62 -6.73
N GLY L 312 -27.85 24.53 -7.39
CA GLY L 312 -29.08 23.83 -7.08
C GLY L 312 -29.62 23.12 -8.31
N LEU L 313 -30.95 23.13 -8.42
CA LEU L 313 -31.64 22.52 -9.55
C LEU L 313 -32.23 23.60 -10.44
N VAL L 314 -32.37 23.30 -11.72
CA VAL L 314 -32.97 24.21 -12.69
C VAL L 314 -34.47 23.93 -12.70
N ILE L 315 -35.23 24.76 -11.99
CA ILE L 315 -36.66 24.52 -11.79
C ILE L 315 -37.54 25.31 -12.75
N SER L 316 -36.98 26.27 -13.49
CA SER L 316 -37.75 26.98 -14.49
C SER L 316 -36.80 27.54 -15.54
N ARG L 317 -37.36 27.83 -16.71
CA ARG L 317 -36.57 28.35 -17.81
C ARG L 317 -37.46 29.11 -18.78
N HIS L 318 -36.85 30.04 -19.49
CA HIS L 318 -37.52 30.69 -20.62
C HIS L 318 -37.83 29.65 -21.70
N PHE L 319 -39.10 29.54 -22.06
CA PHE L 319 -39.55 28.53 -23.00
C PHE L 319 -39.29 28.90 -24.46
N PRO L 320 -39.76 30.05 -24.96
CA PRO L 320 -39.75 30.28 -26.42
C PRO L 320 -38.35 30.37 -27.00
N GLY L 321 -38.25 30.03 -28.29
CA GLY L 321 -36.97 30.09 -28.98
C GLY L 321 -36.45 31.50 -29.14
N LEU L 322 -37.34 32.49 -29.17
CA LEU L 322 -36.96 33.90 -29.19
C LEU L 322 -37.05 34.44 -27.78
N ILE L 323 -35.94 34.96 -27.26
CA ILE L 323 -35.92 35.58 -25.95
C ILE L 323 -35.77 37.09 -26.14
N LYS L 324 -36.40 37.85 -25.25
CA LYS L 324 -36.36 39.30 -25.28
C LYS L 324 -35.59 39.84 -24.08
N SER L 325 -35.10 41.07 -24.25
CA SER L 325 -34.49 41.80 -23.15
C SER L 325 -35.44 41.87 -21.97
N GLY L 326 -34.98 41.40 -20.82
CA GLY L 326 -35.77 41.40 -19.61
C GLY L 326 -36.43 40.08 -19.26
N ASP L 327 -36.45 39.12 -20.19
CA ASP L 327 -37.05 37.82 -19.88
C ASP L 327 -36.17 37.05 -18.91
N CYS L 328 -36.81 36.28 -18.03
CA CYS L 328 -36.10 35.47 -17.05
C CYS L 328 -35.57 34.22 -17.74
N VAL L 329 -34.24 34.17 -17.93
CA VAL L 329 -33.61 33.02 -18.58
C VAL L 329 -33.97 31.74 -17.84
N ALA L 330 -33.63 31.67 -16.56
CA ALA L 330 -33.93 30.51 -15.74
C ALA L 330 -33.95 30.95 -14.28
N VAL L 331 -34.35 30.04 -13.41
CA VAL L 331 -34.23 30.25 -11.97
C VAL L 331 -33.80 28.93 -11.32
N VAL L 332 -32.92 29.05 -10.33
CA VAL L 332 -32.32 27.90 -9.67
C VAL L 332 -33.02 27.70 -8.33
N GLY L 333 -33.39 26.46 -8.05
CA GLY L 333 -33.90 26.08 -6.74
C GLY L 333 -32.80 25.39 -5.95
N VAL L 334 -32.75 25.66 -4.65
CA VAL L 334 -31.68 25.12 -3.82
C VAL L 334 -32.08 23.74 -3.32
N THR L 335 -31.07 22.88 -3.19
CA THR L 335 -31.17 21.57 -2.53
C THR L 335 -32.46 20.81 -2.84
#